data_3M1A
#
_entry.id   3M1A
#
_cell.length_a   136.638
_cell.length_b   202.779
_cell.length_c   106.339
_cell.angle_alpha   90.00
_cell.angle_beta   90.00
_cell.angle_gamma   90.00
#
_symmetry.space_group_name_H-M   'P 21 21 2'
#
loop_
_entity.id
_entity.type
_entity.pdbx_description
1 polymer 'Putative dehydrogenase'
2 non-polymer 'SODIUM ION'
3 non-polymer 'ACETATE ION'
4 water water
#
_entity_poly.entity_id   1
_entity_poly.type   'polypeptide(L)'
_entity_poly.pdbx_seq_one_letter_code
;(MSE)SESAKVWLVTGASSGFGRAIAEAAVAAGDTVIGTARRTEALDDLVAAYPDRAEAISLDVTDGERIDVVAADVLAR
YGRVDVLVNNAGRTQVGAFEETTERELRDLFELHVFGPARLTRALLPQ(MSE)RERGSGSVVNISSFGGQLSFAGFSAYS
ATKAALEQLSEGLADEVAPFGIKVLIVEPGAFRTNLFGKGAAYFSEENPAYAEKVGPTRQLVQGSDGSQPGDPAKAAAAI
RLALDTEKTPLRLALGGDAVDFLTGHLDSVRAELTEWEKVSRGTDFDTE
;
_entity_poly.pdbx_strand_id   A,B,C,D,E,F,G,H,I,J
#
loop_
_chem_comp.id
_chem_comp.type
_chem_comp.name
_chem_comp.formula
ACT non-polymer 'ACETATE ION' 'C2 H3 O2 -1'
NA non-polymer 'SODIUM ION' 'Na 1'
#
# COMPACT_ATOMS: atom_id res chain seq x y z
N SER A 4 -27.99 -14.24 -45.81
CA SER A 4 -28.11 -13.64 -44.45
C SER A 4 -26.77 -13.62 -43.66
N ALA A 5 -26.15 -12.44 -43.59
CA ALA A 5 -24.81 -12.27 -43.00
C ALA A 5 -24.75 -12.50 -41.48
N LYS A 6 -23.67 -13.13 -41.03
CA LYS A 6 -23.50 -13.44 -39.62
C LYS A 6 -22.33 -12.64 -39.06
N VAL A 7 -22.43 -12.29 -37.80
CA VAL A 7 -21.35 -11.61 -37.11
C VAL A 7 -20.49 -12.62 -36.32
N TRP A 8 -19.22 -12.74 -36.72
CA TRP A 8 -18.21 -13.55 -36.06
C TRP A 8 -17.28 -12.69 -35.18
N LEU A 9 -17.04 -13.15 -33.95
CA LEU A 9 -16.01 -12.58 -33.11
C LEU A 9 -14.96 -13.68 -32.93
N VAL A 10 -13.76 -13.42 -33.41
CA VAL A 10 -12.65 -14.39 -33.30
C VAL A 10 -11.50 -13.79 -32.47
N THR A 11 -11.24 -14.36 -31.29
CA THR A 11 -10.09 -13.99 -30.49
C THR A 11 -8.79 -14.57 -31.10
N GLY A 12 -7.68 -13.88 -30.94
CA GLY A 12 -6.41 -14.34 -31.48
C GLY A 12 -6.46 -14.57 -32.99
N ALA A 13 -7.07 -13.62 -33.70
CA ALA A 13 -7.37 -13.76 -35.13
C ALA A 13 -6.22 -13.36 -36.06
N SER A 14 -5.11 -12.86 -35.53
CA SER A 14 -4.07 -12.28 -36.41
C SER A 14 -3.15 -13.28 -37.09
N SER A 15 -3.05 -14.48 -36.55
CA SER A 15 -2.13 -15.46 -37.10
C SER A 15 -2.67 -16.88 -37.07
N GLY A 16 -2.02 -17.79 -37.80
CA GLY A 16 -2.37 -19.22 -37.83
C GLY A 16 -3.85 -19.50 -37.96
N PHE A 17 -4.32 -20.53 -37.24
CA PHE A 17 -5.70 -21.03 -37.34
C PHE A 17 -6.80 -19.96 -37.21
N GLY A 18 -6.68 -19.08 -36.22
CA GLY A 18 -7.67 -18.01 -36.06
C GLY A 18 -7.80 -17.12 -37.29
N ARG A 19 -6.68 -16.81 -37.93
CA ARG A 19 -6.66 -15.94 -39.11
C ARG A 19 -7.34 -16.64 -40.30
N ALA A 20 -7.16 -17.95 -40.40
CA ALA A 20 -7.80 -18.76 -41.44
C ALA A 20 -9.32 -18.79 -41.23
N ILE A 21 -9.73 -18.84 -39.97
CA ILE A 21 -11.15 -18.82 -39.60
C ILE A 21 -11.75 -17.45 -39.94
N ALA A 22 -11.01 -16.39 -39.64
CA ALA A 22 -11.43 -15.02 -39.97
C ALA A 22 -11.54 -14.86 -41.47
N GLU A 23 -10.52 -15.34 -42.20
CA GLU A 23 -10.51 -15.28 -43.65
C GLU A 23 -11.77 -15.94 -44.29
N ALA A 24 -12.05 -17.15 -43.80
CA ALA A 24 -13.16 -17.96 -44.32
C ALA A 24 -14.49 -17.21 -44.15
N ALA A 25 -14.69 -16.63 -42.96
CA ALA A 25 -15.87 -15.83 -42.63
C ALA A 25 -16.06 -14.61 -43.58
N VAL A 26 -15.03 -13.79 -43.74
CA VAL A 26 -15.16 -12.61 -44.58
C VAL A 26 -15.28 -12.98 -46.05
N ALA A 27 -14.57 -14.02 -46.47
CA ALA A 27 -14.69 -14.50 -47.83
C ALA A 27 -16.11 -14.94 -48.14
N ALA A 28 -16.82 -15.50 -47.16
CA ALA A 28 -18.21 -15.95 -47.34
C ALA A 28 -19.28 -14.86 -47.13
N GLY A 29 -18.85 -13.62 -46.89
CA GLY A 29 -19.78 -12.51 -46.77
C GLY A 29 -20.21 -12.16 -45.34
N ASP A 30 -19.67 -12.87 -44.35
CA ASP A 30 -19.98 -12.51 -42.97
C ASP A 30 -19.14 -11.35 -42.51
N THR A 31 -19.57 -10.76 -41.38
CA THR A 31 -18.82 -9.72 -40.69
C THR A 31 -17.87 -10.36 -39.65
N VAL A 32 -16.65 -9.85 -39.56
CA VAL A 32 -15.68 -10.39 -38.61
C VAL A 32 -15.13 -9.29 -37.75
N ILE A 33 -15.18 -9.52 -36.43
CA ILE A 33 -14.38 -8.77 -35.50
C ILE A 33 -13.26 -9.69 -35.06
N GLY A 34 -12.02 -9.36 -35.41
CA GLY A 34 -10.88 -10.16 -34.95
C GLY A 34 -10.21 -9.43 -33.81
N THR A 35 -9.72 -10.18 -32.82
CA THR A 35 -9.02 -9.54 -31.71
C THR A 35 -7.56 -9.95 -31.69
N ALA A 36 -6.73 -9.05 -31.18
CA ALA A 36 -5.31 -9.32 -30.95
C ALA A 36 -4.83 -8.39 -29.87
N ARG A 37 -3.67 -8.69 -29.29
CA ARG A 37 -3.17 -7.83 -28.20
C ARG A 37 -2.94 -6.43 -28.76
N ARG A 38 -2.48 -6.36 -30.00
CA ARG A 38 -2.38 -5.10 -30.68
C ARG A 38 -3.28 -5.08 -31.94
N THR A 39 -4.12 -4.06 -32.08
CA THR A 39 -4.97 -3.97 -33.29
C THR A 39 -4.14 -4.04 -34.58
N GLU A 40 -2.95 -3.45 -34.54
CA GLU A 40 -2.06 -3.39 -35.71
C GLU A 40 -1.65 -4.76 -36.26
N ALA A 41 -1.66 -5.78 -35.41
CA ALA A 41 -1.35 -7.14 -35.86
C ALA A 41 -2.30 -7.60 -36.99
N LEU A 42 -3.50 -7.01 -37.02
CA LEU A 42 -4.57 -7.37 -37.96
C LEU A 42 -4.70 -6.46 -39.18
N ASP A 43 -3.73 -5.56 -39.38
CA ASP A 43 -3.81 -4.56 -40.47
C ASP A 43 -4.09 -5.18 -41.83
N ASP A 44 -3.49 -6.33 -42.08
CA ASP A 44 -3.57 -6.97 -43.40
C ASP A 44 -4.99 -7.49 -43.68
N LEU A 45 -5.68 -7.97 -42.66
CA LEU A 45 -7.04 -8.46 -42.80
C LEU A 45 -8.01 -7.28 -43.05
N VAL A 46 -7.83 -6.21 -42.28
CA VAL A 46 -8.66 -5.02 -42.46
C VAL A 46 -8.41 -4.36 -43.84
N ALA A 47 -7.14 -4.25 -44.24
CA ALA A 47 -6.80 -3.79 -45.59
C ALA A 47 -7.50 -4.59 -46.68
N ALA A 48 -7.44 -5.91 -46.60
CA ALA A 48 -8.07 -6.80 -47.58
C ALA A 48 -9.60 -6.79 -47.60
N TYR A 49 -10.20 -6.46 -46.45
CA TYR A 49 -11.66 -6.51 -46.29
C TYR A 49 -12.14 -5.33 -45.46
N PRO A 50 -11.99 -4.10 -45.99
CA PRO A 50 -12.27 -2.87 -45.26
C PRO A 50 -13.71 -2.78 -44.77
N ASP A 51 -14.64 -3.36 -45.52
CA ASP A 51 -16.08 -3.21 -45.22
C ASP A 51 -16.65 -4.30 -44.32
N ARG A 52 -15.92 -5.41 -44.15
CA ARG A 52 -16.44 -6.54 -43.37
C ARG A 52 -15.60 -6.97 -42.15
N ALA A 53 -14.38 -6.44 -42.05
CA ALA A 53 -13.47 -6.79 -40.95
C ALA A 53 -13.14 -5.58 -40.10
N GLU A 54 -13.11 -5.79 -38.78
CA GLU A 54 -12.58 -4.83 -37.83
C GLU A 54 -11.60 -5.50 -36.87
N ALA A 55 -10.54 -4.78 -36.51
CA ALA A 55 -9.56 -5.22 -35.53
C ALA A 55 -9.79 -4.51 -34.21
N ILE A 56 -9.86 -5.29 -33.13
CA ILE A 56 -9.99 -4.72 -31.77
C ILE A 56 -8.92 -5.29 -30.84
N SER A 57 -8.29 -4.41 -30.07
CA SER A 57 -7.29 -4.80 -29.10
C SER A 57 -7.95 -5.54 -27.93
N LEU A 58 -7.51 -6.77 -27.70
CA LEU A 58 -7.95 -7.55 -26.54
C LEU A 58 -6.86 -8.50 -26.05
N ASP A 59 -6.52 -8.36 -24.78
CA ASP A 59 -5.73 -9.33 -24.05
C ASP A 59 -6.72 -10.13 -23.22
N VAL A 60 -6.92 -11.38 -23.61
CA VAL A 60 -7.93 -12.27 -23.03
C VAL A 60 -7.59 -12.65 -21.55
N THR A 61 -6.36 -12.36 -21.11
CA THR A 61 -6.02 -12.53 -19.70
C THR A 61 -6.54 -11.35 -18.88
N ASP A 62 -7.15 -10.35 -19.54
CA ASP A 62 -7.61 -9.14 -18.84
C ASP A 62 -9.14 -9.15 -18.81
N GLY A 63 -9.71 -9.58 -17.69
CA GLY A 63 -11.15 -9.86 -17.59
C GLY A 63 -12.01 -8.62 -17.79
N GLU A 64 -11.60 -7.52 -17.19
CA GLU A 64 -12.27 -6.22 -17.40
C GLU A 64 -12.26 -5.76 -18.85
N ARG A 65 -11.16 -5.99 -19.57
CA ARG A 65 -11.11 -5.65 -20.99
C ARG A 65 -12.06 -6.55 -21.80
N ILE A 66 -12.20 -7.81 -21.37
CA ILE A 66 -13.14 -8.72 -22.03
C ILE A 66 -14.57 -8.14 -21.96
N ASP A 67 -15.04 -7.76 -20.77
CA ASP A 67 -16.37 -7.14 -20.61
C ASP A 67 -16.56 -5.89 -21.51
N VAL A 68 -15.55 -5.03 -21.54
CA VAL A 68 -15.58 -3.80 -22.32
C VAL A 68 -15.73 -4.10 -23.82
N VAL A 69 -14.88 -5.00 -24.31
CA VAL A 69 -14.85 -5.36 -25.74
C VAL A 69 -16.13 -6.05 -26.20
N ALA A 70 -16.61 -7.03 -25.42
CA ALA A 70 -17.91 -7.65 -25.68
C ALA A 70 -19.07 -6.65 -25.70
N ALA A 71 -19.15 -5.77 -24.70
CA ALA A 71 -20.21 -4.76 -24.68
C ALA A 71 -20.11 -3.84 -25.91
N ASP A 72 -18.89 -3.45 -26.25
CA ASP A 72 -18.66 -2.51 -27.35
C ASP A 72 -19.06 -3.12 -28.69
N VAL A 73 -18.65 -4.37 -28.90
CA VAL A 73 -19.06 -5.08 -30.09
C VAL A 73 -20.60 -5.19 -30.19
N LEU A 74 -21.26 -5.52 -29.08
CA LEU A 74 -22.73 -5.57 -29.07
C LEU A 74 -23.34 -4.19 -29.37
N ALA A 75 -22.77 -3.15 -28.74
CA ALA A 75 -23.27 -1.79 -28.95
C ALA A 75 -23.23 -1.34 -30.41
N ARG A 76 -22.23 -1.80 -31.16
CA ARG A 76 -21.98 -1.31 -32.52
C ARG A 76 -22.39 -2.28 -33.64
N TYR A 77 -22.41 -3.57 -33.35
CA TYR A 77 -22.84 -4.56 -34.34
C TYR A 77 -24.21 -5.09 -33.99
N GLY A 78 -24.61 -4.90 -32.74
CA GLY A 78 -25.98 -5.25 -32.34
C GLY A 78 -26.11 -6.71 -31.94
N ARG A 79 -25.11 -7.52 -32.26
CA ARG A 79 -25.15 -8.95 -31.95
C ARG A 79 -23.82 -9.65 -32.24
N VAL A 80 -23.60 -10.82 -31.65
CA VAL A 80 -22.55 -11.72 -32.09
C VAL A 80 -23.22 -13.07 -32.37
N ASP A 81 -23.12 -13.56 -33.61
CA ASP A 81 -23.74 -14.84 -34.00
C ASP A 81 -22.82 -16.00 -33.71
N VAL A 82 -21.54 -15.82 -33.96
CA VAL A 82 -20.54 -16.86 -33.73
C VAL A 82 -19.38 -16.29 -32.92
N LEU A 83 -19.15 -16.89 -31.76
CA LEU A 83 -17.95 -16.63 -31.00
C LEU A 83 -16.94 -17.76 -31.16
N VAL A 84 -15.72 -17.41 -31.55
CA VAL A 84 -14.64 -18.36 -31.64
C VAL A 84 -13.55 -18.02 -30.60
N ASN A 85 -13.47 -18.84 -29.56
CA ASN A 85 -12.37 -18.75 -28.57
C ASN A 85 -11.15 -19.43 -29.12
N ASN A 86 -10.29 -18.61 -29.73
CA ASN A 86 -9.10 -19.09 -30.40
C ASN A 86 -7.78 -18.65 -29.77
N ALA A 87 -7.79 -17.53 -29.04
CA ALA A 87 -6.54 -17.02 -28.48
C ALA A 87 -5.83 -18.07 -27.62
N GLY A 88 -4.51 -18.11 -27.70
CA GLY A 88 -3.75 -19.04 -26.87
C GLY A 88 -2.31 -19.15 -27.31
N ARG A 89 -1.61 -20.14 -26.77
CA ARG A 89 -0.26 -20.41 -27.18
C ARG A 89 0.03 -21.88 -27.00
N THR A 90 1.06 -22.37 -27.69
CA THR A 90 1.60 -23.68 -27.48
CA THR A 90 1.52 -23.71 -27.41
C THR A 90 2.52 -23.64 -26.27
N GLN A 91 2.53 -24.68 -25.46
CA GLN A 91 3.42 -24.73 -24.32
C GLN A 91 3.88 -26.14 -24.08
N VAL A 92 5.19 -26.29 -23.94
CA VAL A 92 5.82 -27.59 -23.77
C VAL A 92 6.77 -27.51 -22.59
N GLY A 93 6.64 -28.50 -21.70
CA GLY A 93 7.56 -28.67 -20.58
C GLY A 93 7.12 -29.76 -19.61
N ALA A 94 8.10 -30.38 -18.95
CA ALA A 94 7.87 -31.39 -17.93
C ALA A 94 7.06 -30.76 -16.80
N PHE A 95 6.22 -31.60 -16.19
CA PHE A 95 5.37 -31.18 -15.07
C PHE A 95 6.24 -30.56 -13.97
N GLU A 96 7.35 -31.22 -13.66
CA GLU A 96 8.27 -30.76 -12.62
C GLU A 96 8.91 -29.40 -12.96
N GLU A 97 9.16 -29.13 -14.25
CA GLU A 97 9.77 -27.85 -14.63
C GLU A 97 8.79 -26.68 -14.79
N THR A 98 7.49 -26.97 -14.88
CA THR A 98 6.49 -25.93 -15.09
C THR A 98 6.31 -25.10 -13.83
N THR A 99 6.51 -23.79 -13.93
CA THR A 99 6.36 -22.91 -12.74
C THR A 99 4.87 -22.63 -12.57
N GLU A 100 4.46 -22.30 -11.35
CA GLU A 100 3.06 -21.99 -11.07
C GLU A 100 2.59 -20.79 -11.91
N ARG A 101 3.44 -19.81 -12.09
CA ARG A 101 3.17 -18.69 -12.91
C ARG A 101 2.84 -19.10 -14.36
N GLU A 102 3.70 -19.93 -14.92
CA GLU A 102 3.46 -20.44 -16.27
C GLU A 102 2.16 -21.23 -16.37
N LEU A 103 1.84 -22.01 -15.33
CA LEU A 103 0.61 -22.77 -15.31
C LEU A 103 -0.60 -21.84 -15.23
N ARG A 104 -0.56 -20.87 -14.32
CA ARG A 104 -1.67 -19.92 -14.17
C ARG A 104 -1.94 -19.09 -15.43
N ASP A 105 -0.86 -18.62 -16.07
CA ASP A 105 -0.94 -17.79 -17.30
C ASP A 105 -1.63 -18.58 -18.43
N LEU A 106 -1.29 -19.85 -18.57
CA LEU A 106 -1.92 -20.72 -19.58
C LEU A 106 -3.41 -20.98 -19.30
N PHE A 107 -3.77 -21.26 -18.04
CA PHE A 107 -5.19 -21.31 -17.66
C PHE A 107 -5.94 -20.00 -17.95
N GLU A 108 -5.27 -18.85 -17.76
CA GLU A 108 -5.89 -17.55 -18.01
C GLU A 108 -6.27 -17.44 -19.51
N LEU A 109 -5.33 -17.79 -20.39
CA LEU A 109 -5.50 -17.66 -21.83
C LEU A 109 -6.53 -18.63 -22.37
N HIS A 110 -6.47 -19.87 -21.87
CA HIS A 110 -7.18 -20.99 -22.51
C HIS A 110 -8.46 -21.35 -21.83
N VAL A 111 -8.64 -20.91 -20.59
CA VAL A 111 -9.82 -21.27 -19.79
C VAL A 111 -10.57 -20.05 -19.27
N PHE A 112 -9.96 -19.28 -18.36
CA PHE A 112 -10.71 -18.21 -17.69
C PHE A 112 -11.16 -17.11 -18.66
N GLY A 113 -10.30 -16.71 -19.58
CA GLY A 113 -10.67 -15.70 -20.55
C GLY A 113 -11.82 -16.16 -21.43
N PRO A 114 -11.69 -17.33 -22.07
CA PRO A 114 -12.81 -17.90 -22.81
C PRO A 114 -14.11 -18.04 -22.01
N ALA A 115 -14.03 -18.40 -20.72
CA ALA A 115 -15.23 -18.55 -19.91
C ALA A 115 -15.93 -17.21 -19.72
N ARG A 116 -15.15 -16.18 -19.40
CA ARG A 116 -15.68 -14.83 -19.17
C ARG A 116 -16.30 -14.27 -20.45
N LEU A 117 -15.63 -14.48 -21.57
CA LEU A 117 -16.09 -13.95 -22.85
C LEU A 117 -17.40 -14.62 -23.30
N THR A 118 -17.43 -15.96 -23.17
CA THR A 118 -18.63 -16.75 -23.42
C THR A 118 -19.82 -16.25 -22.55
N ARG A 119 -19.55 -16.02 -21.28
CA ARG A 119 -20.60 -15.53 -20.39
C ARG A 119 -21.15 -14.17 -20.83
N ALA A 120 -20.25 -13.30 -21.27
CA ALA A 120 -20.58 -11.96 -21.73
C ALA A 120 -21.56 -11.97 -22.91
N LEU A 121 -21.46 -13.00 -23.75
CA LEU A 121 -22.10 -13.02 -25.06
C LEU A 121 -23.28 -13.99 -25.18
N LEU A 122 -23.42 -14.86 -24.17
CA LEU A 122 -24.51 -15.81 -24.11
C LEU A 122 -25.89 -15.14 -24.01
N PRO A 123 -26.05 -14.12 -23.12
CA PRO A 123 -27.41 -13.57 -22.98
C PRO A 123 -28.05 -13.19 -24.35
N GLN A 124 -27.32 -12.44 -25.18
CA GLN A 124 -27.85 -12.02 -26.47
C GLN A 124 -28.14 -13.18 -27.44
N MSE A 125 -27.39 -14.29 -27.34
CA MSE A 125 -27.71 -15.49 -28.11
C MSE A 125 -29.01 -16.13 -27.61
O MSE A 125 -29.81 -16.62 -28.41
CB MSE A 125 -26.59 -16.54 -28.03
CG MSE A 125 -25.27 -16.07 -28.60
SE MSE A 125 -23.95 -17.52 -28.52
CE MSE A 125 -22.46 -16.56 -29.46
N ARG A 126 -29.20 -16.16 -26.29
CA ARG A 126 -30.43 -16.72 -25.70
C ARG A 126 -31.62 -15.90 -26.12
N GLU A 127 -31.46 -14.57 -26.04
CA GLU A 127 -32.48 -13.60 -26.42
C GLU A 127 -32.93 -13.76 -27.88
N ARG A 128 -31.97 -14.00 -28.75
CA ARG A 128 -32.25 -14.25 -30.15
C ARG A 128 -32.86 -15.64 -30.33
N GLY A 129 -32.38 -16.59 -29.54
CA GLY A 129 -32.68 -17.99 -29.77
C GLY A 129 -31.78 -18.60 -30.85
N SER A 130 -30.63 -17.97 -31.12
CA SER A 130 -29.61 -18.63 -31.98
C SER A 130 -28.21 -18.13 -31.66
N GLY A 131 -27.21 -18.90 -32.06
CA GLY A 131 -25.79 -18.56 -31.90
C GLY A 131 -24.91 -19.80 -31.84
N SER A 132 -23.61 -19.61 -32.08
CA SER A 132 -22.62 -20.69 -31.94
C SER A 132 -21.43 -20.24 -31.11
N VAL A 133 -21.01 -21.13 -30.21
CA VAL A 133 -19.80 -20.94 -29.46
C VAL A 133 -18.83 -22.01 -29.95
N VAL A 134 -17.70 -21.56 -30.49
CA VAL A 134 -16.74 -22.46 -31.14
C VAL A 134 -15.45 -22.39 -30.33
N ASN A 135 -15.14 -23.46 -29.63
CA ASN A 135 -13.96 -23.45 -28.78
C ASN A 135 -12.82 -24.22 -29.42
N ILE A 136 -11.72 -23.54 -29.70
CA ILE A 136 -10.54 -24.19 -30.31
C ILE A 136 -9.70 -24.89 -29.26
N SER A 137 -9.89 -26.21 -29.24
CA SER A 137 -9.18 -27.12 -28.39
C SER A 137 -8.04 -27.81 -29.17
N SER A 138 -7.92 -29.11 -29.00
CA SER A 138 -6.79 -29.89 -29.58
C SER A 138 -7.10 -31.37 -29.34
N PHE A 139 -6.40 -32.30 -29.98
CA PHE A 139 -6.49 -33.69 -29.52
C PHE A 139 -6.10 -33.73 -28.03
N GLY A 140 -5.29 -32.77 -27.58
CA GLY A 140 -4.82 -32.69 -26.20
C GLY A 140 -5.90 -32.32 -25.21
N GLY A 141 -7.09 -31.96 -25.70
CA GLY A 141 -8.23 -31.75 -24.80
C GLY A 141 -8.79 -33.04 -24.21
N GLN A 142 -8.39 -34.19 -24.76
CA GLN A 142 -8.85 -35.50 -24.28
CA GLN A 142 -8.85 -35.50 -24.29
C GLN A 142 -7.71 -36.39 -23.73
N LEU A 143 -6.47 -35.96 -23.92
CA LEU A 143 -5.32 -36.83 -23.61
C LEU A 143 -4.03 -36.04 -23.42
N SER A 144 -3.06 -36.65 -22.75
CA SER A 144 -1.76 -35.99 -22.58
C SER A 144 -0.66 -37.01 -22.61
N PHE A 145 0.57 -36.51 -22.57
CA PHE A 145 1.79 -37.30 -22.58
C PHE A 145 2.93 -36.37 -22.16
N ALA A 146 4.14 -36.88 -22.16
CA ALA A 146 5.31 -36.15 -21.65
C ALA A 146 5.44 -34.77 -22.30
N GLY A 147 5.65 -33.77 -21.47
CA GLY A 147 5.79 -32.37 -21.89
C GLY A 147 4.52 -31.61 -22.21
N PHE A 148 3.37 -32.27 -22.18
CA PHE A 148 2.12 -31.67 -22.62
C PHE A 148 1.12 -31.49 -21.48
N SER A 149 1.58 -31.67 -20.25
CA SER A 149 0.66 -31.69 -19.12
C SER A 149 -0.13 -30.40 -18.93
N ALA A 150 0.56 -29.25 -18.93
CA ALA A 150 -0.11 -27.96 -18.74
C ALA A 150 -1.07 -27.66 -19.89
N TYR A 151 -0.61 -27.93 -21.12
CA TYR A 151 -1.42 -27.70 -22.32
C TYR A 151 -2.70 -28.55 -22.32
N SER A 152 -2.54 -29.86 -22.15
CA SER A 152 -3.67 -30.76 -22.09
C SER A 152 -4.64 -30.35 -20.93
N ALA A 153 -4.08 -30.06 -19.77
CA ALA A 153 -4.90 -29.65 -18.65
C ALA A 153 -5.82 -28.47 -18.98
N THR A 154 -5.29 -27.44 -19.64
CA THR A 154 -6.11 -26.25 -20.00
C THR A 154 -7.13 -26.60 -21.08
N LYS A 155 -6.75 -27.40 -22.07
CA LYS A 155 -7.68 -27.75 -23.16
C LYS A 155 -8.81 -28.67 -22.66
N ALA A 156 -8.49 -29.61 -21.78
CA ALA A 156 -9.49 -30.49 -21.23
C ALA A 156 -10.48 -29.69 -20.38
N ALA A 157 -9.99 -28.69 -19.63
CA ALA A 157 -10.88 -27.87 -18.82
C ALA A 157 -11.84 -27.15 -19.75
N LEU A 158 -11.32 -26.53 -20.81
CA LEU A 158 -12.15 -25.87 -21.82
C LEU A 158 -13.19 -26.83 -22.44
N GLU A 159 -12.76 -28.06 -22.72
CA GLU A 159 -13.68 -29.09 -23.25
C GLU A 159 -14.84 -29.41 -22.31
N GLN A 160 -14.55 -29.52 -21.01
CA GLN A 160 -15.60 -29.91 -20.07
C GLN A 160 -16.52 -28.74 -19.77
N LEU A 161 -15.98 -27.51 -19.76
CA LEU A 161 -16.87 -26.34 -19.72
C LEU A 161 -17.82 -26.40 -20.91
N SER A 162 -17.26 -26.69 -22.06
CA SER A 162 -18.00 -26.77 -23.29
C SER A 162 -19.06 -27.88 -23.21
N GLU A 163 -18.68 -29.08 -22.73
CA GLU A 163 -19.65 -30.22 -22.69
C GLU A 163 -20.82 -29.88 -21.81
N GLY A 164 -20.53 -29.32 -20.64
CA GLY A 164 -21.58 -28.92 -19.71
C GLY A 164 -22.46 -27.80 -20.29
N LEU A 165 -21.83 -26.80 -20.90
CA LEU A 165 -22.57 -25.71 -21.54
C LEU A 165 -23.46 -26.21 -22.67
N ALA A 166 -22.91 -27.05 -23.56
CA ALA A 166 -23.67 -27.55 -24.71
C ALA A 166 -25.00 -28.18 -24.31
N ASP A 167 -24.95 -28.97 -23.23
CA ASP A 167 -26.09 -29.73 -22.72
C ASP A 167 -27.14 -28.72 -22.20
N GLU A 168 -26.67 -27.60 -21.69
CA GLU A 168 -27.58 -26.58 -21.10
C GLU A 168 -28.28 -25.66 -22.12
N VAL A 169 -27.58 -25.32 -23.19
CA VAL A 169 -28.04 -24.30 -24.12
C VAL A 169 -28.65 -24.84 -25.40
N ALA A 170 -28.58 -26.15 -25.58
CA ALA A 170 -29.29 -26.79 -26.70
C ALA A 170 -30.79 -26.37 -26.79
N PRO A 171 -31.52 -26.34 -25.65
CA PRO A 171 -32.91 -25.87 -25.71
C PRO A 171 -33.10 -24.42 -26.16
N PHE A 172 -32.05 -23.60 -26.08
CA PHE A 172 -32.12 -22.21 -26.51
C PHE A 172 -31.80 -22.01 -28.01
N GLY A 173 -31.46 -23.09 -28.69
CA GLY A 173 -31.06 -23.06 -30.12
C GLY A 173 -29.61 -22.63 -30.30
N ILE A 174 -28.83 -22.69 -29.22
CA ILE A 174 -27.40 -22.34 -29.26
C ILE A 174 -26.54 -23.58 -29.52
N LYS A 175 -25.61 -23.45 -30.46
CA LYS A 175 -24.67 -24.52 -30.81
C LYS A 175 -23.33 -24.35 -30.09
N VAL A 176 -22.76 -25.46 -29.62
CA VAL A 176 -21.45 -25.41 -28.98
C VAL A 176 -20.58 -26.43 -29.71
N LEU A 177 -19.46 -25.98 -30.26
CA LEU A 177 -18.56 -26.85 -31.06
C LEU A 177 -17.15 -26.84 -30.47
N ILE A 178 -16.64 -28.01 -30.10
CA ILE A 178 -15.25 -28.15 -29.67
C ILE A 178 -14.42 -28.63 -30.85
N VAL A 179 -13.44 -27.84 -31.28
CA VAL A 179 -12.66 -28.17 -32.48
C VAL A 179 -11.36 -28.74 -31.92
N GLU A 180 -10.93 -29.87 -32.46
CA GLU A 180 -9.74 -30.61 -31.94
C GLU A 180 -8.73 -30.84 -33.08
N PRO A 181 -7.99 -29.79 -33.44
CA PRO A 181 -7.09 -29.87 -34.57
C PRO A 181 -5.78 -30.55 -34.23
N GLY A 182 -5.17 -31.19 -35.22
CA GLY A 182 -3.78 -31.64 -35.14
C GLY A 182 -2.88 -30.53 -35.68
N ALA A 183 -1.79 -30.93 -36.35
CA ALA A 183 -0.84 -29.96 -36.89
C ALA A 183 -1.24 -29.40 -38.27
N PHE A 184 -1.32 -28.07 -38.33
CA PHE A 184 -1.63 -27.36 -39.59
C PHE A 184 -0.43 -26.59 -40.14
N ARG A 185 -0.38 -26.44 -41.46
CA ARG A 185 0.65 -25.61 -42.10
C ARG A 185 0.50 -24.15 -41.71
N THR A 186 1.63 -23.49 -41.50
CA THR A 186 1.65 -22.12 -40.97
C THR A 186 2.24 -21.12 -41.96
N ASN A 187 2.37 -21.55 -43.22
CA ASN A 187 3.07 -20.79 -44.25
C ASN A 187 2.36 -19.54 -44.78
N LEU A 188 1.04 -19.48 -44.67
CA LEU A 188 0.29 -18.30 -45.15
C LEU A 188 -0.05 -17.28 -44.05
N PHE A 189 -0.49 -17.76 -42.89
CA PHE A 189 -0.97 -16.82 -41.87
C PHE A 189 -0.15 -16.78 -40.59
N GLY A 190 1.09 -17.29 -40.68
CA GLY A 190 2.02 -17.25 -39.56
C GLY A 190 1.65 -18.26 -38.50
N LYS A 191 2.49 -18.38 -37.48
CA LYS A 191 2.26 -19.34 -36.42
C LYS A 191 2.02 -18.58 -35.13
N GLY A 192 1.27 -19.20 -34.22
CA GLY A 192 1.03 -18.64 -32.90
C GLY A 192 2.29 -18.63 -32.03
N ALA A 193 2.19 -18.00 -30.88
CA ALA A 193 3.25 -18.00 -29.90
C ALA A 193 3.49 -19.40 -29.29
N ALA A 194 4.71 -19.65 -28.86
CA ALA A 194 5.07 -20.96 -28.28
C ALA A 194 6.15 -20.75 -27.24
N TYR A 195 5.98 -21.42 -26.10
CA TYR A 195 6.97 -21.42 -25.03
C TYR A 195 7.41 -22.83 -24.73
N PHE A 196 8.71 -23.04 -24.69
CA PHE A 196 9.31 -24.32 -24.35
C PHE A 196 10.14 -24.17 -23.09
N SER A 197 9.82 -24.99 -22.09
CA SER A 197 10.60 -25.02 -20.88
C SER A 197 11.97 -25.60 -21.14
N GLU A 198 12.90 -25.24 -20.27
CA GLU A 198 14.14 -25.98 -20.20
C GLU A 198 13.84 -27.50 -20.11
N GLU A 199 14.62 -28.27 -20.87
CA GLU A 199 14.52 -29.73 -20.90
C GLU A 199 15.74 -30.31 -20.25
N ASN A 200 15.60 -30.78 -19.01
CA ASN A 200 16.77 -31.27 -18.28
C ASN A 200 17.00 -32.76 -18.59
N PRO A 201 18.24 -33.27 -18.35
CA PRO A 201 18.61 -34.65 -18.70
C PRO A 201 17.63 -35.70 -18.18
N ALA A 202 17.08 -35.47 -16.99
CA ALA A 202 16.10 -36.38 -16.41
C ALA A 202 14.81 -36.52 -17.25
N TYR A 203 14.47 -35.49 -18.03
CA TYR A 203 13.23 -35.50 -18.85
C TYR A 203 13.45 -35.43 -20.37
N ALA A 204 14.68 -35.22 -20.81
CA ALA A 204 14.93 -35.01 -22.26
C ALA A 204 14.41 -36.13 -23.18
N GLU A 205 14.61 -37.40 -22.81
CA GLU A 205 14.18 -38.51 -23.68
C GLU A 205 12.65 -38.51 -23.90
N LYS A 206 11.89 -38.22 -22.87
CA LYS A 206 10.43 -38.22 -22.97
C LYS A 206 9.89 -36.93 -23.58
N VAL A 207 10.43 -35.77 -23.16
CA VAL A 207 9.93 -34.46 -23.56
C VAL A 207 10.45 -33.99 -24.91
N GLY A 208 11.67 -34.39 -25.26
CA GLY A 208 12.24 -34.09 -26.58
C GLY A 208 11.28 -34.32 -27.73
N PRO A 209 10.75 -35.56 -27.85
CA PRO A 209 9.85 -35.83 -28.96
C PRO A 209 8.58 -34.98 -28.97
N THR A 210 8.13 -34.50 -27.82
CA THR A 210 6.96 -33.61 -27.79
C THR A 210 7.34 -32.24 -28.36
N ARG A 211 8.52 -31.71 -28.01
CA ARG A 211 8.95 -30.43 -28.59
C ARG A 211 8.90 -30.52 -30.10
N GLN A 212 9.43 -31.63 -30.64
CA GLN A 212 9.48 -31.84 -32.08
C GLN A 212 8.09 -31.88 -32.72
N LEU A 213 7.15 -32.49 -32.01
CA LEU A 213 5.80 -32.70 -32.49
C LEU A 213 5.08 -31.36 -32.66
N VAL A 214 5.17 -30.48 -31.66
CA VAL A 214 4.55 -29.16 -31.78
C VAL A 214 5.35 -28.18 -32.69
N GLN A 215 6.63 -28.47 -32.92
CA GLN A 215 7.48 -27.64 -33.79
C GLN A 215 7.34 -27.98 -35.26
N GLY A 216 6.91 -29.21 -35.56
CA GLY A 216 6.68 -29.66 -36.93
C GLY A 216 7.89 -30.29 -37.59
N PRO A 222 1.39 -30.94 -42.20
CA PRO A 222 0.62 -31.92 -42.97
C PRO A 222 -0.87 -31.54 -43.11
N GLY A 223 -1.32 -30.50 -42.39
CA GLY A 223 -2.72 -30.05 -42.45
C GLY A 223 -3.01 -28.71 -43.13
N ASP A 224 -4.18 -28.63 -43.80
CA ASP A 224 -4.60 -27.44 -44.53
C ASP A 224 -5.54 -26.57 -43.67
N PRO A 225 -5.04 -25.43 -43.15
CA PRO A 225 -5.88 -24.63 -42.29
C PRO A 225 -7.11 -24.05 -43.02
N ALA A 226 -7.00 -23.79 -44.32
CA ALA A 226 -8.18 -23.41 -45.11
C ALA A 226 -9.27 -24.50 -45.14
N LYS A 227 -8.87 -25.75 -45.36
CA LYS A 227 -9.83 -26.87 -45.27
C LYS A 227 -10.39 -27.02 -43.85
N ALA A 228 -9.57 -26.73 -42.85
CA ALA A 228 -9.99 -26.84 -41.46
C ALA A 228 -11.09 -25.80 -41.18
N ALA A 229 -10.87 -24.57 -41.64
CA ALA A 229 -11.90 -23.51 -41.49
C ALA A 229 -13.18 -23.85 -42.23
N ALA A 230 -13.09 -24.40 -43.44
CA ALA A 230 -14.30 -24.87 -44.14
C ALA A 230 -15.07 -25.96 -43.35
N ALA A 231 -14.33 -26.84 -42.68
CA ALA A 231 -14.95 -27.95 -41.98
C ALA A 231 -15.73 -27.41 -40.78
N ILE A 232 -15.17 -26.42 -40.10
CA ILE A 232 -15.89 -25.78 -39.00
C ILE A 232 -17.21 -25.18 -39.49
N ARG A 233 -17.15 -24.39 -40.56
CA ARG A 233 -18.36 -23.78 -41.12
C ARG A 233 -19.42 -24.85 -41.50
N LEU A 234 -18.96 -25.95 -42.11
CA LEU A 234 -19.85 -27.06 -42.45
C LEU A 234 -20.48 -27.66 -41.22
N ALA A 235 -19.70 -27.82 -40.14
CA ALA A 235 -20.20 -28.46 -38.95
C ALA A 235 -21.30 -27.57 -38.32
N LEU A 236 -21.12 -26.26 -38.43
CA LEU A 236 -22.14 -25.33 -37.90
C LEU A 236 -23.37 -25.20 -38.81
N ASP A 237 -23.18 -25.39 -40.11
CA ASP A 237 -24.30 -25.27 -41.05
C ASP A 237 -25.17 -26.53 -41.00
N THR A 238 -24.71 -27.53 -40.28
CA THR A 238 -25.39 -28.80 -40.21
C THR A 238 -26.43 -28.78 -39.10
N GLU A 239 -27.66 -29.22 -39.45
CA GLU A 239 -28.77 -29.30 -38.51
C GLU A 239 -28.32 -29.84 -37.14
N LYS A 240 -27.73 -31.04 -37.12
CA LYS A 240 -27.12 -31.60 -35.91
C LYS A 240 -25.59 -31.36 -35.92
N THR A 241 -25.20 -30.25 -35.31
CA THR A 241 -23.79 -29.89 -35.16
C THR A 241 -23.10 -30.84 -34.13
N PRO A 242 -22.02 -31.52 -34.56
CA PRO A 242 -21.38 -32.42 -33.60
C PRO A 242 -20.84 -31.62 -32.38
N LEU A 243 -20.77 -32.23 -31.20
CA LEU A 243 -20.09 -31.59 -30.06
C LEU A 243 -18.58 -31.41 -30.30
N ARG A 244 -17.94 -32.39 -30.94
CA ARG A 244 -16.50 -32.35 -31.19
C ARG A 244 -16.21 -32.53 -32.67
N LEU A 245 -15.27 -31.75 -33.19
CA LEU A 245 -14.82 -31.90 -34.57
C LEU A 245 -13.29 -32.00 -34.56
N ALA A 246 -12.81 -33.23 -34.59
CA ALA A 246 -11.38 -33.54 -34.84
C ALA A 246 -11.04 -33.05 -36.24
N LEU A 247 -9.85 -32.48 -36.37
CA LEU A 247 -9.39 -32.04 -37.67
C LEU A 247 -7.97 -32.56 -37.89
N GLY A 248 -7.81 -33.35 -38.95
CA GLY A 248 -6.52 -33.93 -39.33
C GLY A 248 -6.43 -35.39 -38.93
N GLY A 249 -5.79 -36.19 -39.78
CA GLY A 249 -5.56 -37.60 -39.51
C GLY A 249 -4.79 -37.83 -38.22
N ASP A 250 -3.77 -37.01 -37.98
CA ASP A 250 -2.99 -37.11 -36.74
C ASP A 250 -3.89 -36.97 -35.49
N ALA A 251 -4.78 -35.99 -35.50
CA ALA A 251 -5.77 -35.82 -34.41
C ALA A 251 -6.64 -37.06 -34.23
N VAL A 252 -7.25 -37.55 -35.31
CA VAL A 252 -8.07 -38.77 -35.28
C VAL A 252 -7.30 -39.94 -34.64
N ASP A 253 -6.04 -40.14 -35.05
CA ASP A 253 -5.23 -41.25 -34.54
C ASP A 253 -4.95 -41.11 -33.05
N PHE A 254 -4.52 -39.92 -32.62
CA PHE A 254 -4.30 -39.68 -31.20
C PHE A 254 -5.56 -40.02 -30.43
N LEU A 255 -6.69 -39.50 -30.89
CA LEU A 255 -7.96 -39.64 -30.17
C LEU A 255 -8.41 -41.07 -30.08
N THR A 256 -8.29 -41.83 -31.19
CA THR A 256 -8.64 -43.24 -31.24
CA THR A 256 -8.67 -43.23 -31.20
C THR A 256 -7.76 -44.07 -30.31
N GLY A 257 -6.46 -43.74 -30.28
CA GLY A 257 -5.51 -44.46 -29.43
C GLY A 257 -5.89 -44.33 -27.97
N HIS A 258 -6.19 -43.09 -27.56
CA HIS A 258 -6.62 -42.82 -26.19
C HIS A 258 -7.97 -43.44 -25.81
N LEU A 259 -8.97 -43.34 -26.68
CA LEU A 259 -10.24 -44.10 -26.49
C LEU A 259 -10.01 -45.59 -26.26
N ASP A 260 -9.22 -46.21 -27.13
CA ASP A 260 -8.86 -47.61 -27.01
C ASP A 260 -8.23 -47.94 -25.65
N SER A 261 -7.27 -47.14 -25.21
CA SER A 261 -6.50 -47.41 -24.00
CA SER A 261 -6.51 -47.44 -24.00
C SER A 261 -7.33 -47.14 -22.73
N VAL A 262 -8.13 -46.08 -22.78
CA VAL A 262 -9.05 -45.82 -21.65
C VAL A 262 -10.10 -46.96 -21.53
N ARG A 263 -10.60 -47.45 -22.65
CA ARG A 263 -11.59 -48.52 -22.62
C ARG A 263 -10.97 -49.83 -22.14
N ALA A 264 -9.75 -50.13 -22.60
CA ALA A 264 -9.07 -51.38 -22.24
C ALA A 264 -8.86 -51.39 -20.72
N GLU A 265 -8.44 -50.25 -20.19
CA GLU A 265 -8.12 -50.16 -18.76
C GLU A 265 -9.38 -50.19 -17.88
N LEU A 266 -10.45 -49.56 -18.35
CA LEU A 266 -11.74 -49.61 -17.66
C LEU A 266 -12.20 -51.08 -17.51
N THR A 267 -12.06 -51.84 -18.60
CA THR A 267 -12.49 -53.23 -18.65
C THR A 267 -11.62 -54.13 -17.78
N GLU A 268 -10.29 -53.96 -17.87
CA GLU A 268 -9.33 -54.73 -17.08
C GLU A 268 -9.68 -54.66 -15.59
N TRP A 269 -10.02 -53.47 -15.14
CA TRP A 269 -10.28 -53.18 -13.72
C TRP A 269 -11.76 -53.16 -13.33
N GLU A 270 -12.63 -53.50 -14.28
CA GLU A 270 -14.07 -53.36 -14.06
C GLU A 270 -14.58 -54.13 -12.83
N LYS A 271 -14.12 -55.37 -12.65
CA LYS A 271 -14.56 -56.20 -11.54
C LYS A 271 -14.25 -55.54 -10.21
N VAL A 272 -13.04 -54.98 -10.08
CA VAL A 272 -12.68 -54.18 -8.90
C VAL A 272 -13.56 -52.91 -8.78
N SER A 273 -13.74 -52.19 -9.89
CA SER A 273 -14.59 -51.00 -9.92
C SER A 273 -16.02 -51.26 -9.41
N ARG A 274 -16.59 -52.38 -9.85
CA ARG A 274 -17.97 -52.71 -9.50
C ARG A 274 -18.13 -53.30 -8.08
N GLY A 275 -17.04 -53.72 -7.45
CA GLY A 275 -17.13 -54.39 -6.16
C GLY A 275 -17.11 -53.49 -4.93
N THR A 276 -17.21 -52.18 -5.13
CA THR A 276 -17.20 -51.22 -4.03
C THR A 276 -18.58 -50.88 -3.45
N ASP A 277 -19.64 -51.48 -3.99
CA ASP A 277 -21.01 -51.27 -3.44
C ASP A 277 -21.19 -51.69 -1.98
N PHE A 278 -21.82 -50.81 -1.21
CA PHE A 278 -22.15 -51.05 0.19
C PHE A 278 -23.23 -52.12 0.29
N SER B 4 8.10 -52.62 3.42
CA SER B 4 8.32 -51.72 4.60
C SER B 4 7.15 -50.75 4.75
N ALA B 5 7.11 -50.04 5.87
CA ALA B 5 6.08 -49.03 6.15
C ALA B 5 6.20 -47.76 5.30
N LYS B 6 5.07 -47.32 4.76
CA LYS B 6 5.04 -46.17 3.86
CA LYS B 6 5.04 -46.17 3.86
C LYS B 6 4.56 -44.93 4.60
N VAL B 7 5.05 -43.78 4.17
CA VAL B 7 4.54 -42.50 4.68
C VAL B 7 3.48 -41.93 3.69
N TRP B 8 2.25 -41.76 4.18
CA TRP B 8 1.12 -41.21 3.41
C TRP B 8 0.88 -39.75 3.85
N LEU B 9 0.83 -38.82 2.90
CA LEU B 9 0.29 -37.47 3.15
C LEU B 9 -1.05 -37.34 2.43
N VAL B 10 -2.12 -37.14 3.18
CA VAL B 10 -3.46 -37.15 2.59
C VAL B 10 -4.08 -35.78 2.81
N THR B 11 -4.32 -35.01 1.73
CA THR B 11 -5.09 -33.76 1.88
C THR B 11 -6.60 -34.04 1.97
N GLY B 12 -7.35 -33.19 2.67
CA GLY B 12 -8.79 -33.40 2.82
C GLY B 12 -9.04 -34.70 3.55
N ALA B 13 -8.25 -34.93 4.59
CA ALA B 13 -8.27 -36.17 5.37
C ALA B 13 -9.46 -36.35 6.31
N SER B 14 -10.19 -35.28 6.60
CA SER B 14 -11.30 -35.37 7.55
C SER B 14 -12.62 -35.94 7.00
N SER B 15 -12.74 -36.12 5.68
CA SER B 15 -14.01 -36.54 5.11
C SER B 15 -13.83 -37.40 3.87
N GLY B 16 -14.88 -38.14 3.51
CA GLY B 16 -14.93 -38.85 2.23
C GLY B 16 -13.81 -39.86 2.04
N PHE B 17 -13.32 -39.94 0.80
CA PHE B 17 -12.18 -40.79 0.44
C PHE B 17 -10.91 -40.51 1.22
N GLY B 18 -10.65 -39.23 1.51
CA GLY B 18 -9.45 -38.88 2.27
C GLY B 18 -9.43 -39.56 3.63
N ARG B 19 -10.55 -39.45 4.36
CA ARG B 19 -10.74 -40.11 5.67
C ARG B 19 -10.63 -41.63 5.56
N ALA B 20 -11.34 -42.23 4.61
CA ALA B 20 -11.27 -43.68 4.39
C ALA B 20 -9.86 -44.16 4.01
N ILE B 21 -9.18 -43.40 3.17
CA ILE B 21 -7.83 -43.77 2.78
C ILE B 21 -6.86 -43.60 3.95
N ALA B 22 -7.01 -42.51 4.71
CA ALA B 22 -6.16 -42.32 5.87
C ALA B 22 -6.29 -43.44 6.92
N GLU B 23 -7.53 -43.88 7.16
CA GLU B 23 -7.82 -44.95 8.15
C GLU B 23 -7.29 -46.27 7.68
N ALA B 24 -7.42 -46.55 6.37
CA ALA B 24 -6.91 -47.80 5.79
C ALA B 24 -5.38 -47.89 5.83
N ALA B 25 -4.70 -46.78 5.59
CA ALA B 25 -3.23 -46.70 5.72
C ALA B 25 -2.75 -47.02 7.14
N VAL B 26 -3.32 -46.37 8.15
CA VAL B 26 -2.87 -46.61 9.51
C VAL B 26 -3.22 -48.03 9.97
N ALA B 27 -4.40 -48.54 9.58
CA ALA B 27 -4.79 -49.91 9.92
C ALA B 27 -3.83 -50.92 9.29
N ALA B 28 -3.26 -50.58 8.14
CA ALA B 28 -2.32 -51.48 7.47
C ALA B 28 -0.87 -51.34 7.97
N GLY B 29 -0.66 -50.47 8.96
CA GLY B 29 0.65 -50.32 9.60
C GLY B 29 1.49 -49.16 9.09
N ASP B 30 0.96 -48.44 8.09
CA ASP B 30 1.61 -47.25 7.54
C ASP B 30 1.52 -46.03 8.46
N THR B 31 2.29 -45.00 8.13
CA THR B 31 2.30 -43.72 8.84
C THR B 31 1.53 -42.70 8.02
N VAL B 32 0.67 -41.91 8.67
CA VAL B 32 -0.18 -40.97 7.94
C VAL B 32 -0.11 -39.56 8.49
N ILE B 33 0.05 -38.61 7.58
CA ILE B 33 -0.11 -37.22 7.88
C ILE B 33 -1.39 -36.82 7.17
N GLY B 34 -2.42 -36.44 7.92
CA GLY B 34 -3.64 -36.01 7.30
C GLY B 34 -3.74 -34.52 7.46
N THR B 35 -4.24 -33.85 6.43
CA THR B 35 -4.45 -32.42 6.48
C THR B 35 -5.93 -32.03 6.34
N ALA B 36 -6.27 -30.92 6.94
CA ALA B 36 -7.65 -30.41 6.96
C ALA B 36 -7.53 -28.96 7.32
N ARG B 37 -8.57 -28.16 7.06
CA ARG B 37 -8.49 -26.74 7.42
C ARG B 37 -8.53 -26.58 8.94
N ARG B 38 -9.29 -27.43 9.60
CA ARG B 38 -9.39 -27.46 11.06
CA ARG B 38 -9.36 -27.44 11.06
C ARG B 38 -8.81 -28.78 11.56
N THR B 39 -7.63 -28.73 12.20
CA THR B 39 -6.96 -29.95 12.67
C THR B 39 -7.82 -30.82 13.60
N GLU B 40 -8.69 -30.18 14.37
CA GLU B 40 -9.61 -30.89 15.27
C GLU B 40 -10.47 -31.94 14.58
N ALA B 41 -10.77 -31.71 13.31
CA ALA B 41 -11.55 -32.67 12.53
C ALA B 41 -10.88 -34.05 12.50
N LEU B 42 -9.57 -34.09 12.74
CA LEU B 42 -8.83 -35.36 12.76
C LEU B 42 -8.51 -35.93 14.15
N ASP B 43 -9.06 -35.32 15.20
CA ASP B 43 -8.89 -35.83 16.56
C ASP B 43 -9.05 -37.35 16.78
N ASP B 44 -10.08 -37.96 16.18
CA ASP B 44 -10.35 -39.41 16.32
C ASP B 44 -9.20 -40.26 15.76
N LEU B 45 -8.77 -39.92 14.55
CA LEU B 45 -7.63 -40.59 13.95
C LEU B 45 -6.38 -40.53 14.84
N VAL B 46 -6.03 -39.33 15.28
CA VAL B 46 -4.83 -39.13 16.10
C VAL B 46 -4.96 -39.85 17.47
N ALA B 47 -6.15 -39.88 18.04
CA ALA B 47 -6.39 -40.58 19.32
C ALA B 47 -6.29 -42.10 19.15
N ALA B 48 -6.75 -42.62 18.00
CA ALA B 48 -6.65 -44.06 17.71
C ALA B 48 -5.22 -44.52 17.39
N TYR B 49 -4.43 -43.66 16.76
CA TYR B 49 -3.07 -44.02 16.39
C TYR B 49 -2.09 -42.93 16.78
N PRO B 50 -1.83 -42.76 18.09
CA PRO B 50 -1.07 -41.58 18.51
C PRO B 50 0.34 -41.53 17.92
N ASP B 51 0.89 -42.69 17.59
CA ASP B 51 2.28 -42.79 17.12
C ASP B 51 2.47 -42.79 15.59
N ARG B 52 1.41 -43.05 14.84
CA ARG B 52 1.53 -43.19 13.38
C ARG B 52 0.62 -42.24 12.55
N ALA B 53 -0.13 -41.38 13.23
CA ALA B 53 -0.98 -40.40 12.59
C ALA B 53 -0.67 -39.03 13.16
N GLU B 54 -0.68 -38.01 12.28
CA GLU B 54 -0.52 -36.62 12.68
C GLU B 54 -1.48 -35.81 11.85
N ALA B 55 -2.10 -34.81 12.48
CA ALA B 55 -2.98 -33.85 11.81
C ALA B 55 -2.24 -32.55 11.60
N ILE B 56 -2.29 -32.03 10.38
CA ILE B 56 -1.66 -30.74 10.07
C ILE B 56 -2.70 -29.87 9.39
N SER B 57 -2.78 -28.63 9.85
CA SER B 57 -3.66 -27.65 9.23
C SER B 57 -3.18 -27.15 7.88
N LEU B 58 -4.05 -27.26 6.89
CA LEU B 58 -3.68 -26.85 5.54
C LEU B 58 -4.91 -26.45 4.76
N ASP B 59 -4.88 -25.21 4.29
CA ASP B 59 -5.75 -24.75 3.24
C ASP B 59 -4.99 -24.87 1.89
N VAL B 60 -5.47 -25.76 1.03
CA VAL B 60 -4.82 -26.05 -0.24
C VAL B 60 -4.86 -24.87 -1.26
N THR B 61 -5.67 -23.86 -0.95
CA THR B 61 -5.77 -22.62 -1.73
CA THR B 61 -5.72 -22.64 -1.77
C THR B 61 -4.64 -21.62 -1.36
N ASP B 62 -3.84 -21.96 -0.35
CA ASP B 62 -2.75 -21.10 0.12
C ASP B 62 -1.40 -21.73 -0.25
N GLY B 63 -0.85 -21.31 -1.38
CA GLY B 63 0.43 -21.84 -1.88
C GLY B 63 1.60 -21.70 -0.92
N GLU B 64 1.67 -20.59 -0.19
CA GLU B 64 2.63 -20.39 0.91
C GLU B 64 2.56 -21.49 1.95
N ARG B 65 1.35 -21.73 2.45
CA ARG B 65 1.13 -22.79 3.42
C ARG B 65 1.43 -24.18 2.83
N ILE B 66 1.08 -24.39 1.56
CA ILE B 66 1.49 -25.64 0.90
C ILE B 66 3.00 -25.86 0.98
N ASP B 67 3.78 -24.81 0.73
CA ASP B 67 5.24 -24.92 0.74
C ASP B 67 5.77 -25.27 2.12
N VAL B 68 5.31 -24.53 3.14
CA VAL B 68 5.66 -24.77 4.54
C VAL B 68 5.35 -26.22 4.99
N VAL B 69 4.12 -26.68 4.73
CA VAL B 69 3.70 -28.03 5.15
C VAL B 69 4.50 -29.12 4.45
N ALA B 70 4.66 -29.00 3.12
CA ALA B 70 5.44 -29.99 2.38
C ALA B 70 6.85 -30.10 2.97
N ALA B 71 7.50 -28.96 3.23
CA ALA B 71 8.87 -28.96 3.75
C ALA B 71 8.95 -29.53 5.18
N ASP B 72 8.00 -29.15 6.03
CA ASP B 72 7.90 -29.64 7.39
C ASP B 72 7.73 -31.16 7.44
N VAL B 73 6.87 -31.68 6.58
CA VAL B 73 6.62 -33.13 6.53
C VAL B 73 7.88 -33.88 6.04
N LEU B 74 8.47 -33.40 4.95
CA LEU B 74 9.76 -33.97 4.48
C LEU B 74 10.86 -33.84 5.53
N ALA B 75 10.89 -32.72 6.28
CA ALA B 75 11.94 -32.56 7.28
C ALA B 75 11.79 -33.54 8.43
N ARG B 76 10.57 -33.76 8.88
CA ARG B 76 10.36 -34.56 10.11
C ARG B 76 10.17 -36.04 9.83
N TYR B 77 9.60 -36.38 8.67
CA TYR B 77 9.41 -37.80 8.32
C TYR B 77 10.51 -38.31 7.41
N GLY B 78 11.19 -37.40 6.72
CA GLY B 78 12.33 -37.74 5.89
C GLY B 78 11.93 -38.05 4.45
N ARG B 79 10.63 -38.20 4.22
CA ARG B 79 10.12 -38.67 2.93
C ARG B 79 8.60 -38.64 2.94
N VAL B 80 8.01 -38.65 1.73
CA VAL B 80 6.61 -38.99 1.52
C VAL B 80 6.58 -40.07 0.45
N ASP B 81 5.96 -41.21 0.77
CA ASP B 81 5.84 -42.29 -0.19
C ASP B 81 4.62 -42.14 -1.08
N VAL B 82 3.51 -41.73 -0.48
CA VAL B 82 2.23 -41.65 -1.19
C VAL B 82 1.62 -40.30 -0.87
N LEU B 83 1.33 -39.56 -1.93
CA LEU B 83 0.59 -38.32 -1.82
C LEU B 83 -0.84 -38.58 -2.27
N VAL B 84 -1.82 -38.25 -1.44
CA VAL B 84 -3.21 -38.35 -1.88
C VAL B 84 -3.86 -36.96 -1.86
N ASN B 85 -4.29 -36.47 -3.02
CA ASN B 85 -5.00 -35.18 -3.12
C ASN B 85 -6.52 -35.39 -3.07
N ASN B 86 -7.13 -35.17 -1.92
CA ASN B 86 -8.58 -35.29 -1.73
C ASN B 86 -9.24 -33.96 -1.34
N ALA B 87 -8.45 -32.95 -1.00
CA ALA B 87 -9.02 -31.61 -0.75
C ALA B 87 -9.92 -31.21 -1.92
N GLY B 88 -11.04 -30.60 -1.61
CA GLY B 88 -12.03 -30.23 -2.63
C GLY B 88 -13.41 -29.90 -2.10
N ARG B 89 -14.28 -29.53 -3.01
CA ARG B 89 -15.69 -29.26 -2.67
C ARG B 89 -16.48 -29.63 -3.90
N THR B 90 -17.80 -29.64 -3.77
CA THR B 90 -18.70 -29.94 -4.89
CA THR B 90 -18.62 -29.88 -4.96
C THR B 90 -19.51 -28.69 -5.24
N GLN B 91 -19.77 -28.48 -6.51
CA GLN B 91 -20.60 -27.41 -6.97
C GLN B 91 -21.43 -27.88 -8.16
N VAL B 92 -22.70 -27.51 -8.15
CA VAL B 92 -23.65 -27.73 -9.25
C VAL B 92 -24.32 -26.40 -9.57
N GLY B 93 -24.35 -26.05 -10.85
CA GLY B 93 -25.05 -24.87 -11.29
C GLY B 93 -24.79 -24.65 -12.75
N ALA B 94 -25.74 -23.99 -13.43
CA ALA B 94 -25.64 -23.65 -14.84
C ALA B 94 -24.36 -22.87 -15.07
N PHE B 95 -23.76 -23.11 -16.23
CA PHE B 95 -22.56 -22.36 -16.64
C PHE B 95 -22.72 -20.83 -16.39
N GLU B 96 -23.82 -20.24 -16.84
CA GLU B 96 -24.06 -18.80 -16.65
C GLU B 96 -24.27 -18.39 -15.19
N GLU B 97 -24.72 -19.31 -14.35
CA GLU B 97 -24.88 -19.02 -12.92
C GLU B 97 -23.56 -19.01 -12.13
N THR B 98 -22.53 -19.72 -12.64
CA THR B 98 -21.26 -19.86 -11.92
C THR B 98 -20.46 -18.55 -11.97
N THR B 99 -20.18 -17.93 -10.80
CA THR B 99 -19.43 -16.67 -10.78
C THR B 99 -17.96 -16.96 -11.14
N GLU B 100 -17.23 -15.94 -11.58
CA GLU B 100 -15.80 -16.16 -11.87
C GLU B 100 -15.06 -16.56 -10.58
N ARG B 101 -15.47 -15.96 -9.48
CA ARG B 101 -14.92 -16.27 -8.20
C ARG B 101 -15.10 -17.73 -7.79
N GLU B 102 -16.29 -18.27 -7.94
CA GLU B 102 -16.57 -19.67 -7.65
C GLU B 102 -15.73 -20.56 -8.58
N LEU B 103 -15.63 -20.15 -9.83
CA LEU B 103 -14.88 -20.90 -10.84
C LEU B 103 -13.39 -20.95 -10.45
N ARG B 104 -12.80 -19.79 -10.19
CA ARG B 104 -11.39 -19.73 -9.76
C ARG B 104 -11.12 -20.53 -8.46
N ASP B 105 -12.03 -20.42 -7.49
CA ASP B 105 -11.87 -21.13 -6.22
C ASP B 105 -11.86 -22.64 -6.46
N LEU B 106 -12.80 -23.15 -7.26
CA LEU B 106 -12.77 -24.57 -7.61
C LEU B 106 -11.44 -24.99 -8.25
N PHE B 107 -10.90 -24.16 -9.15
CA PHE B 107 -9.60 -24.46 -9.81
C PHE B 107 -8.42 -24.44 -8.82
N GLU B 108 -8.48 -23.54 -7.85
CA GLU B 108 -7.48 -23.50 -6.82
C GLU B 108 -7.47 -24.82 -5.99
N LEU B 109 -8.67 -25.32 -5.65
CA LEU B 109 -8.79 -26.50 -4.78
C LEU B 109 -8.42 -27.78 -5.54
N HIS B 110 -8.81 -27.83 -6.81
CA HIS B 110 -8.78 -29.11 -7.52
C HIS B 110 -7.60 -29.24 -8.45
N VAL B 111 -7.00 -28.11 -8.79
CA VAL B 111 -5.97 -28.06 -9.78
C VAL B 111 -4.68 -27.40 -9.25
N PHE B 112 -4.71 -26.11 -8.95
CA PHE B 112 -3.46 -25.38 -8.61
C PHE B 112 -2.83 -25.83 -7.31
N GLY B 113 -3.64 -26.00 -6.28
CA GLY B 113 -3.15 -26.51 -4.99
C GLY B 113 -2.49 -27.89 -5.10
N PRO B 114 -3.22 -28.89 -5.63
CA PRO B 114 -2.64 -30.22 -5.85
C PRO B 114 -1.41 -30.21 -6.74
N ALA B 115 -1.40 -29.39 -7.78
CA ALA B 115 -0.21 -29.28 -8.64
C ALA B 115 0.99 -28.77 -7.85
N ARG B 116 0.78 -27.75 -7.04
CA ARG B 116 1.90 -27.19 -6.29
C ARG B 116 2.46 -28.18 -5.25
N LEU B 117 1.56 -28.89 -4.56
CA LEU B 117 1.95 -29.87 -3.55
C LEU B 117 2.67 -31.04 -4.24
N THR B 118 2.11 -31.50 -5.35
CA THR B 118 2.74 -32.57 -6.14
C THR B 118 4.15 -32.20 -6.58
N ARG B 119 4.32 -31.00 -7.16
CA ARG B 119 5.64 -30.52 -7.57
C ARG B 119 6.60 -30.46 -6.40
N ALA B 120 6.10 -30.11 -5.23
CA ALA B 120 6.95 -30.01 -4.03
C ALA B 120 7.48 -31.39 -3.57
N LEU B 121 6.71 -32.45 -3.82
CA LEU B 121 7.07 -33.79 -3.33
C LEU B 121 7.63 -34.71 -4.41
N LEU B 122 7.57 -34.28 -5.66
CA LEU B 122 8.05 -35.12 -6.75
C LEU B 122 9.58 -35.35 -6.73
N PRO B 123 10.38 -34.30 -6.45
CA PRO B 123 11.79 -34.57 -6.54
C PRO B 123 12.29 -35.69 -5.63
N GLN B 124 11.87 -35.73 -4.37
CA GLN B 124 12.31 -36.83 -3.48
C GLN B 124 11.81 -38.22 -3.90
N MSE B 125 10.67 -38.28 -4.59
CA MSE B 125 10.20 -39.52 -5.19
C MSE B 125 11.13 -39.92 -6.35
O MSE B 125 11.52 -41.10 -6.48
CB MSE B 125 8.76 -39.42 -5.69
CG MSE B 125 7.74 -39.06 -4.61
SE MSE B 125 5.96 -39.19 -5.37
CE MSE B 125 4.89 -38.75 -3.76
N ARG B 126 11.45 -38.93 -7.19
CA ARG B 126 12.29 -39.17 -8.36
C ARG B 126 13.68 -39.63 -7.94
N GLU B 127 14.21 -38.99 -6.91
CA GLU B 127 15.52 -39.28 -6.36
C GLU B 127 15.60 -40.67 -5.72
N ARG B 128 14.57 -41.04 -4.95
CA ARG B 128 14.46 -42.39 -4.36
C ARG B 128 14.20 -43.49 -5.40
N GLY B 129 13.46 -43.14 -6.46
CA GLY B 129 13.09 -44.14 -7.44
C GLY B 129 11.83 -44.91 -7.07
N SER B 130 11.04 -44.37 -6.15
CA SER B 130 9.73 -44.95 -5.80
C SER B 130 8.77 -43.87 -5.31
N GLY B 131 7.46 -44.15 -5.39
CA GLY B 131 6.45 -43.20 -4.90
C GLY B 131 5.13 -43.30 -5.65
N SER B 132 4.07 -42.80 -5.01
CA SER B 132 2.73 -42.78 -5.63
C SER B 132 2.07 -41.43 -5.47
N VAL B 133 1.37 -40.99 -6.52
CA VAL B 133 0.55 -39.80 -6.49
C VAL B 133 -0.89 -40.26 -6.79
N VAL B 134 -1.77 -39.99 -5.84
CA VAL B 134 -3.14 -40.46 -5.94
C VAL B 134 -4.05 -39.26 -5.99
N ASN B 135 -4.67 -39.06 -7.15
CA ASN B 135 -5.51 -37.92 -7.33
C ASN B 135 -6.96 -38.33 -7.36
N ILE B 136 -7.75 -37.80 -6.43
CA ILE B 136 -9.18 -38.14 -6.37
C ILE B 136 -9.87 -37.23 -7.40
N SER B 137 -10.24 -37.83 -8.52
CA SER B 137 -11.02 -37.17 -9.55
C SER B 137 -12.50 -37.57 -9.40
N SER B 138 -13.11 -38.00 -10.51
CA SER B 138 -14.55 -38.28 -10.61
C SER B 138 -14.77 -38.84 -12.01
N PHE B 139 -15.90 -39.49 -12.27
CA PHE B 139 -16.25 -39.81 -13.66
C PHE B 139 -16.28 -38.44 -14.40
N GLY B 140 -16.69 -37.37 -13.68
CA GLY B 140 -16.66 -35.99 -14.20
C GLY B 140 -15.29 -35.50 -14.73
N GLY B 141 -14.22 -36.23 -14.45
CA GLY B 141 -12.91 -35.84 -14.99
C GLY B 141 -12.76 -36.20 -16.46
N GLN B 142 -13.72 -36.94 -16.99
CA GLN B 142 -13.70 -37.29 -18.40
C GLN B 142 -14.95 -36.82 -19.17
N LEU B 143 -15.91 -36.20 -18.47
CA LEU B 143 -17.21 -35.92 -19.13
C LEU B 143 -17.99 -34.91 -18.33
N SER B 144 -18.97 -34.27 -18.95
CA SER B 144 -19.80 -33.31 -18.24
C SER B 144 -21.20 -33.34 -18.80
N PHE B 145 -22.07 -32.58 -18.15
CA PHE B 145 -23.47 -32.42 -18.56
C PHE B 145 -24.05 -31.25 -17.73
N ALA B 146 -25.31 -30.92 -17.98
CA ALA B 146 -25.88 -29.70 -17.40
C ALA B 146 -25.65 -29.64 -15.89
N GLY B 147 -25.22 -28.47 -15.40
CA GLY B 147 -25.03 -28.23 -13.97
C GLY B 147 -23.64 -28.60 -13.44
N PHE B 148 -22.82 -29.22 -14.27
CA PHE B 148 -21.57 -29.84 -13.85
C PHE B 148 -20.37 -29.30 -14.62
N SER B 149 -20.55 -28.22 -15.39
CA SER B 149 -19.44 -27.64 -16.18
C SER B 149 -18.20 -27.25 -15.36
N ALA B 150 -18.39 -26.50 -14.26
CA ALA B 150 -17.25 -26.02 -13.48
C ALA B 150 -16.49 -27.22 -12.85
N TYR B 151 -17.25 -28.08 -12.17
CA TYR B 151 -16.70 -29.26 -11.53
C TYR B 151 -15.91 -30.13 -12.51
N SER B 152 -16.52 -30.44 -13.64
CA SER B 152 -15.90 -31.33 -14.62
C SER B 152 -14.68 -30.66 -15.19
N ALA B 153 -14.75 -29.34 -15.39
CA ALA B 153 -13.58 -28.66 -15.97
C ALA B 153 -12.38 -28.76 -15.03
N THR B 154 -12.60 -28.65 -13.72
CA THR B 154 -11.48 -28.78 -12.79
C THR B 154 -10.97 -30.20 -12.67
N LYS B 155 -11.87 -31.18 -12.68
CA LYS B 155 -11.44 -32.57 -12.53
C LYS B 155 -10.67 -33.05 -13.78
N ALA B 156 -11.10 -32.60 -14.94
CA ALA B 156 -10.48 -32.94 -16.24
C ALA B 156 -9.07 -32.33 -16.34
N ALA B 157 -8.94 -31.07 -15.94
CA ALA B 157 -7.64 -30.42 -15.77
C ALA B 157 -6.68 -31.25 -14.91
N LEU B 158 -7.12 -31.65 -13.73
CA LEU B 158 -6.37 -32.61 -12.89
C LEU B 158 -6.03 -33.93 -13.57
N GLU B 159 -7.01 -34.52 -14.28
CA GLU B 159 -6.74 -35.78 -14.98
C GLU B 159 -5.63 -35.64 -16.00
N GLN B 160 -5.66 -34.57 -16.77
CA GLN B 160 -4.67 -34.35 -17.83
C GLN B 160 -3.28 -33.99 -17.32
N LEU B 161 -3.20 -33.21 -16.25
CA LEU B 161 -1.96 -33.04 -15.53
C LEU B 161 -1.40 -34.38 -15.07
N SER B 162 -2.29 -35.23 -14.54
CA SER B 162 -1.89 -36.57 -14.17
C SER B 162 -1.41 -37.41 -15.35
N GLU B 163 -2.12 -37.40 -16.48
CA GLU B 163 -1.69 -38.19 -17.65
C GLU B 163 -0.27 -37.83 -18.07
N GLY B 164 -0.05 -36.54 -18.34
CA GLY B 164 1.27 -36.06 -18.75
C GLY B 164 2.36 -36.37 -17.73
N LEU B 165 2.09 -36.10 -16.46
CA LEU B 165 3.01 -36.49 -15.38
C LEU B 165 3.35 -38.00 -15.37
N ALA B 166 2.32 -38.85 -15.44
CA ALA B 166 2.51 -40.30 -15.35
C ALA B 166 3.50 -40.77 -16.41
N ASP B 167 3.37 -40.19 -17.60
CA ASP B 167 4.21 -40.56 -18.76
C ASP B 167 5.66 -40.15 -18.46
N GLU B 168 5.80 -39.02 -17.80
CA GLU B 168 7.13 -38.45 -17.49
C GLU B 168 7.89 -39.21 -16.41
N VAL B 169 7.18 -39.71 -15.41
CA VAL B 169 7.83 -40.27 -14.24
C VAL B 169 7.77 -41.80 -14.15
N ALA B 170 7.10 -42.45 -15.10
CA ALA B 170 7.15 -43.92 -15.24
C ALA B 170 8.59 -44.46 -15.23
N PRO B 171 9.52 -43.83 -15.97
CA PRO B 171 10.96 -44.20 -15.90
C PRO B 171 11.57 -44.14 -14.49
N PHE B 172 11.01 -43.37 -13.56
CA PHE B 172 11.60 -43.33 -12.21
C PHE B 172 10.87 -44.27 -11.27
N GLY B 173 9.96 -45.08 -11.79
CA GLY B 173 9.14 -46.00 -10.99
C GLY B 173 8.07 -45.37 -10.13
N ILE B 174 7.64 -44.16 -10.47
CA ILE B 174 6.62 -43.44 -9.72
C ILE B 174 5.23 -43.81 -10.28
N LYS B 175 4.28 -44.11 -9.40
CA LYS B 175 2.92 -44.48 -9.82
C LYS B 175 2.02 -43.26 -9.72
N VAL B 176 1.23 -43.03 -10.78
CA VAL B 176 0.20 -42.00 -10.80
C VAL B 176 -1.17 -42.66 -10.98
N LEU B 177 -2.07 -42.43 -10.02
CA LEU B 177 -3.35 -43.10 -9.99
C LEU B 177 -4.47 -42.05 -9.92
N ILE B 178 -5.27 -42.01 -10.99
CA ILE B 178 -6.44 -41.14 -11.10
C ILE B 178 -7.65 -41.97 -10.67
N VAL B 179 -8.25 -41.58 -9.56
CA VAL B 179 -9.35 -42.32 -8.98
C VAL B 179 -10.65 -41.66 -9.41
N GLU B 180 -11.57 -42.43 -9.99
CA GLU B 180 -12.79 -41.85 -10.58
C GLU B 180 -14.06 -42.40 -9.92
N PRO B 181 -14.41 -41.89 -8.73
CA PRO B 181 -15.55 -42.46 -8.03
C PRO B 181 -16.91 -41.97 -8.50
N GLY B 182 -17.91 -42.83 -8.33
CA GLY B 182 -19.29 -42.47 -8.54
C GLY B 182 -19.87 -42.07 -7.19
N ALA B 183 -21.08 -42.53 -6.89
CA ALA B 183 -21.78 -42.06 -5.69
C ALA B 183 -21.46 -42.92 -4.46
N PHE B 184 -21.01 -42.27 -3.39
CA PHE B 184 -20.59 -42.96 -2.15
C PHE B 184 -21.36 -42.51 -0.91
N ARG B 185 -21.62 -43.46 -0.01
CA ARG B 185 -22.32 -43.17 1.26
C ARG B 185 -21.50 -42.18 2.04
N THR B 186 -22.17 -41.29 2.77
CA THR B 186 -21.48 -40.26 3.51
C THR B 186 -21.75 -40.30 5.02
N ASN B 187 -22.62 -41.20 5.46
CA ASN B 187 -23.00 -41.23 6.88
C ASN B 187 -21.87 -41.70 7.83
N LEU B 188 -20.93 -42.51 7.31
CA LEU B 188 -19.81 -42.96 8.16
C LEU B 188 -18.49 -42.21 7.92
N PHE B 189 -18.29 -41.70 6.71
CA PHE B 189 -17.05 -40.99 6.37
C PHE B 189 -17.27 -39.50 6.13
N GLY B 190 -18.53 -39.08 5.99
CA GLY B 190 -18.86 -37.67 5.72
C GLY B 190 -18.47 -37.26 4.32
N LYS B 191 -18.44 -35.97 4.06
CA LYS B 191 -18.05 -35.48 2.74
C LYS B 191 -17.78 -33.99 2.74
N GLY B 192 -17.26 -33.50 1.61
CA GLY B 192 -16.92 -32.10 1.42
C GLY B 192 -18.17 -31.25 1.37
N ALA B 193 -17.97 -29.92 1.49
CA ALA B 193 -19.03 -28.94 1.28
C ALA B 193 -19.60 -29.02 -0.14
N ALA B 194 -20.85 -28.60 -0.29
CA ALA B 194 -21.53 -28.65 -1.55
C ALA B 194 -22.36 -27.39 -1.72
N TYR B 195 -22.22 -26.75 -2.89
CA TYR B 195 -23.04 -25.59 -3.19
C TYR B 195 -23.85 -25.81 -4.45
N PHE B 196 -25.11 -25.38 -4.43
CA PHE B 196 -25.97 -25.52 -5.58
C PHE B 196 -26.49 -24.15 -5.94
N SER B 197 -26.20 -23.72 -7.17
CA SER B 197 -26.71 -22.43 -7.65
C SER B 197 -28.22 -22.47 -7.76
N GLU B 198 -28.81 -21.28 -7.69
CA GLU B 198 -30.19 -21.04 -8.12
C GLU B 198 -30.48 -21.76 -9.45
N GLU B 199 -31.65 -22.37 -9.50
CA GLU B 199 -32.08 -23.20 -10.60
C GLU B 199 -33.42 -22.69 -11.16
N ASN B 200 -33.34 -21.76 -12.11
CA ASN B 200 -34.54 -21.15 -12.68
CA ASN B 200 -34.53 -21.15 -12.71
C ASN B 200 -35.26 -22.06 -13.71
N PRO B 201 -36.58 -21.87 -13.90
CA PRO B 201 -37.34 -22.75 -14.79
C PRO B 201 -36.68 -23.01 -16.16
N ALA B 202 -35.88 -22.06 -16.65
CA ALA B 202 -35.26 -22.20 -17.96
C ALA B 202 -34.15 -23.25 -17.97
N TYR B 203 -33.61 -23.57 -16.81
CA TYR B 203 -32.52 -24.52 -16.67
C TYR B 203 -32.92 -25.74 -15.81
N ALA B 204 -34.12 -25.72 -15.24
CA ALA B 204 -34.49 -26.72 -14.25
C ALA B 204 -34.55 -28.15 -14.82
N GLU B 205 -35.11 -28.32 -16.01
CA GLU B 205 -35.22 -29.64 -16.66
C GLU B 205 -33.86 -30.32 -16.87
N LYS B 206 -32.84 -29.53 -17.20
CA LYS B 206 -31.49 -30.01 -17.43
C LYS B 206 -30.65 -30.09 -16.16
N VAL B 207 -30.71 -29.05 -15.33
CA VAL B 207 -29.85 -29.01 -14.16
C VAL B 207 -30.41 -29.83 -13.01
N GLY B 208 -31.73 -29.82 -12.87
CA GLY B 208 -32.42 -30.55 -11.79
C GLY B 208 -31.91 -31.94 -11.52
N PRO B 209 -31.86 -32.79 -12.56
CA PRO B 209 -31.32 -34.16 -12.46
C PRO B 209 -29.89 -34.25 -11.93
N THR B 210 -29.05 -33.26 -12.23
CA THR B 210 -27.67 -33.24 -11.76
C THR B 210 -27.60 -32.96 -10.26
N ARG B 211 -28.42 -32.03 -9.77
CA ARG B 211 -28.56 -31.78 -8.33
C ARG B 211 -29.02 -33.02 -7.56
N GLN B 212 -29.99 -33.73 -8.14
CA GLN B 212 -30.55 -34.94 -7.55
C GLN B 212 -29.49 -36.04 -7.43
N LEU B 213 -28.70 -36.16 -8.49
CA LEU B 213 -27.63 -37.14 -8.59
C LEU B 213 -26.53 -36.91 -7.54
N VAL B 214 -26.12 -35.66 -7.32
CA VAL B 214 -25.02 -35.47 -6.37
C VAL B 214 -25.48 -35.42 -4.91
N GLN B 215 -26.75 -35.11 -4.68
CA GLN B 215 -27.29 -35.10 -3.31
C GLN B 215 -27.70 -36.48 -2.84
N GLY B 216 -27.98 -37.40 -3.76
CA GLY B 216 -28.61 -38.67 -3.41
C GLY B 216 -30.11 -38.45 -3.20
N GLN B 221 -24.82 -42.86 -2.20
CA GLN B 221 -25.68 -43.97 -1.79
C GLN B 221 -25.18 -45.39 -2.08
N PRO B 222 -24.89 -45.76 -3.34
CA PRO B 222 -24.46 -47.18 -3.45
C PRO B 222 -23.09 -47.53 -2.87
N GLY B 223 -22.14 -46.59 -2.89
CA GLY B 223 -20.72 -46.93 -2.66
C GLY B 223 -20.23 -46.93 -1.23
N ASP B 224 -19.37 -47.90 -0.89
CA ASP B 224 -18.75 -47.99 0.43
C ASP B 224 -17.34 -47.38 0.35
N PRO B 225 -17.09 -46.25 1.04
CA PRO B 225 -15.74 -45.63 0.97
C PRO B 225 -14.61 -46.50 1.54
N ALA B 226 -14.92 -47.40 2.48
CA ALA B 226 -13.90 -48.32 3.02
C ALA B 226 -13.45 -49.28 1.93
N LYS B 227 -14.40 -49.78 1.14
CA LYS B 227 -14.07 -50.63 -0.01
C LYS B 227 -13.34 -49.87 -1.12
N ALA B 228 -13.66 -48.59 -1.29
CA ALA B 228 -12.94 -47.78 -2.27
C ALA B 228 -11.48 -47.63 -1.82
N ALA B 229 -11.27 -47.39 -0.53
CA ALA B 229 -9.92 -47.32 0.01
C ALA B 229 -9.09 -48.59 -0.21
N ALA B 230 -9.74 -49.76 -0.06
CA ALA B 230 -9.07 -51.04 -0.26
C ALA B 230 -8.71 -51.27 -1.73
N ALA B 231 -9.61 -50.85 -2.62
CA ALA B 231 -9.38 -50.97 -4.05
C ALA B 231 -8.23 -50.09 -4.51
N ILE B 232 -8.15 -48.89 -3.95
CA ILE B 232 -6.99 -48.02 -4.19
C ILE B 232 -5.67 -48.66 -3.77
N ARG B 233 -5.64 -49.23 -2.56
CA ARG B 233 -4.40 -49.83 -2.04
C ARG B 233 -4.04 -51.06 -2.90
N LEU B 234 -5.06 -51.79 -3.32
CA LEU B 234 -4.90 -52.91 -4.27
C LEU B 234 -4.28 -52.46 -5.60
N ALA B 235 -4.84 -51.43 -6.24
CA ALA B 235 -4.24 -50.85 -7.45
C ALA B 235 -2.77 -50.42 -7.23
N LEU B 236 -2.48 -49.74 -6.12
CA LEU B 236 -1.10 -49.35 -5.80
C LEU B 236 -0.16 -50.53 -5.55
N ASP B 237 -0.69 -51.63 -5.00
CA ASP B 237 0.15 -52.80 -4.70
C ASP B 237 0.35 -53.77 -5.89
N THR B 238 -0.36 -53.55 -6.98
CA THR B 238 -0.29 -54.40 -8.17
C THR B 238 0.86 -53.99 -9.09
N GLU B 239 1.51 -54.99 -9.70
CA GLU B 239 2.67 -54.82 -10.60
C GLU B 239 2.49 -53.67 -11.60
N LYS B 240 1.48 -53.76 -12.45
CA LYS B 240 1.10 -52.62 -13.29
C LYS B 240 -0.03 -51.91 -12.57
N THR B 241 0.21 -50.71 -12.07
CA THR B 241 -0.87 -49.90 -11.53
C THR B 241 -1.56 -49.22 -12.73
N PRO B 242 -2.90 -49.34 -12.85
CA PRO B 242 -3.66 -48.59 -13.86
C PRO B 242 -3.49 -47.09 -13.70
N LEU B 243 -3.55 -46.35 -14.79
CA LEU B 243 -3.54 -44.89 -14.70
C LEU B 243 -4.86 -44.40 -14.07
N ARG B 244 -5.96 -45.08 -14.40
CA ARG B 244 -7.27 -44.72 -13.87
C ARG B 244 -7.91 -45.88 -13.14
N LEU B 245 -8.55 -45.60 -12.01
CA LEU B 245 -9.37 -46.58 -11.33
C LEU B 245 -10.78 -46.02 -11.15
N ALA B 246 -11.74 -46.45 -11.97
CA ALA B 246 -13.13 -46.04 -11.68
C ALA B 246 -13.59 -46.75 -10.41
N LEU B 247 -14.47 -46.13 -9.62
CA LEU B 247 -15.04 -46.86 -8.50
C LEU B 247 -16.54 -46.67 -8.48
N GLY B 248 -17.26 -47.79 -8.51
CA GLY B 248 -18.72 -47.77 -8.51
C GLY B 248 -19.19 -48.12 -9.89
N GLY B 249 -20.22 -48.97 -9.97
CA GLY B 249 -20.81 -49.37 -11.26
C GLY B 249 -21.41 -48.15 -11.96
N ASP B 250 -21.91 -47.20 -11.16
CA ASP B 250 -22.43 -45.95 -11.72
C ASP B 250 -21.34 -45.14 -12.49
N ALA B 251 -20.15 -45.00 -11.92
CA ALA B 251 -19.04 -44.35 -12.65
C ALA B 251 -18.66 -45.11 -13.92
N VAL B 252 -18.65 -46.44 -13.82
CA VAL B 252 -18.31 -47.29 -14.95
C VAL B 252 -19.31 -47.07 -16.11
N ASP B 253 -20.61 -46.99 -15.79
CA ASP B 253 -21.60 -46.77 -16.84
C ASP B 253 -21.48 -45.36 -17.45
N PHE B 254 -21.23 -44.35 -16.61
CA PHE B 254 -21.02 -42.97 -17.09
C PHE B 254 -19.87 -42.91 -18.09
N LEU B 255 -18.76 -43.53 -17.72
CA LEU B 255 -17.52 -43.51 -18.49
C LEU B 255 -17.66 -44.25 -19.81
N THR B 256 -18.34 -45.41 -19.77
CA THR B 256 -18.56 -46.20 -20.99
CA THR B 256 -18.59 -46.23 -20.96
C THR B 256 -19.45 -45.47 -21.97
N GLY B 257 -20.52 -44.88 -21.46
CA GLY B 257 -21.48 -44.14 -22.28
C GLY B 257 -20.79 -42.99 -22.98
N HIS B 258 -19.93 -42.29 -22.24
CA HIS B 258 -19.15 -41.23 -22.82
C HIS B 258 -18.12 -41.71 -23.86
N LEU B 259 -17.34 -42.74 -23.54
CA LEU B 259 -16.48 -43.39 -24.57
C LEU B 259 -17.24 -43.77 -25.85
N ASP B 260 -18.41 -44.38 -25.68
CA ASP B 260 -19.23 -44.79 -26.84
C ASP B 260 -19.64 -43.58 -27.68
N SER B 261 -20.10 -42.50 -27.03
CA SER B 261 -20.61 -41.37 -27.84
C SER B 261 -19.49 -40.57 -28.49
N VAL B 262 -18.38 -40.43 -27.78
CA VAL B 262 -17.20 -39.74 -28.34
C VAL B 262 -16.67 -40.52 -29.54
N ARG B 263 -16.53 -41.84 -29.39
CA ARG B 263 -16.10 -42.70 -30.52
C ARG B 263 -17.07 -42.68 -31.70
N ALA B 264 -18.37 -42.69 -31.39
CA ALA B 264 -19.41 -42.64 -32.42
C ALA B 264 -19.33 -41.37 -33.24
N GLU B 265 -19.12 -40.23 -32.56
CA GLU B 265 -19.10 -38.94 -33.20
C GLU B 265 -17.80 -38.75 -34.00
N LEU B 266 -16.71 -39.29 -33.47
CA LEU B 266 -15.43 -39.28 -34.18
C LEU B 266 -15.61 -39.98 -35.52
N THR B 267 -16.20 -41.17 -35.48
CA THR B 267 -16.45 -42.00 -36.67
C THR B 267 -17.42 -41.31 -37.65
N GLU B 268 -18.50 -40.74 -37.10
CA GLU B 268 -19.50 -40.01 -37.87
C GLU B 268 -18.84 -38.95 -38.76
N TRP B 269 -17.99 -38.10 -38.15
CA TRP B 269 -17.37 -36.97 -38.86
C TRP B 269 -15.99 -37.26 -39.43
N GLU B 270 -15.58 -38.53 -39.39
CA GLU B 270 -14.20 -38.89 -39.72
C GLU B 270 -13.71 -38.47 -41.11
N LYS B 271 -14.57 -38.58 -42.12
CA LYS B 271 -14.18 -38.21 -43.49
C LYS B 271 -13.84 -36.71 -43.59
N VAL B 272 -14.66 -35.85 -42.99
CA VAL B 272 -14.37 -34.42 -42.93
C VAL B 272 -13.05 -34.19 -42.16
N SER B 273 -12.87 -34.92 -41.06
CA SER B 273 -11.63 -34.82 -40.25
C SER B 273 -10.38 -35.09 -41.05
N ARG B 274 -10.39 -36.23 -41.75
CA ARG B 274 -9.23 -36.66 -42.53
C ARG B 274 -9.09 -35.82 -43.80
N GLY B 275 -10.18 -35.19 -44.23
CA GLY B 275 -10.16 -34.36 -45.44
C GLY B 275 -9.34 -33.08 -45.38
N THR B 276 -8.91 -32.67 -44.17
CA THR B 276 -8.08 -31.48 -44.01
C THR B 276 -6.60 -31.75 -44.27
N ASP B 277 -6.24 -33.03 -44.35
CA ASP B 277 -4.86 -33.42 -44.67
C ASP B 277 -4.55 -33.08 -46.12
N PHE B 278 -3.37 -32.53 -46.34
CA PHE B 278 -2.81 -32.26 -47.69
C PHE B 278 -2.45 -33.56 -48.43
N SER C 2 50.79 -31.70 -4.32
CA SER C 2 49.33 -31.43 -4.42
C SER C 2 49.01 -29.98 -4.79
N GLU C 3 47.94 -29.82 -5.54
CA GLU C 3 47.51 -28.52 -6.02
C GLU C 3 46.04 -28.37 -5.68
N SER C 4 45.64 -27.14 -5.37
CA SER C 4 44.24 -26.82 -5.22
C SER C 4 43.56 -26.94 -6.58
N ALA C 5 42.38 -27.58 -6.62
CA ALA C 5 41.65 -27.70 -7.89
C ALA C 5 41.00 -26.36 -8.25
N LYS C 6 40.97 -26.03 -9.54
CA LYS C 6 40.27 -24.84 -9.99
C LYS C 6 38.77 -24.90 -9.67
N VAL C 7 38.24 -23.76 -9.26
CA VAL C 7 36.85 -23.66 -8.85
C VAL C 7 36.05 -22.94 -9.95
N TRP C 8 35.12 -23.68 -10.56
CA TRP C 8 34.30 -23.19 -11.66
C TRP C 8 32.91 -22.90 -11.11
N LEU C 9 32.35 -21.75 -11.50
CA LEU C 9 30.97 -21.45 -11.17
C LEU C 9 30.24 -21.31 -12.48
N VAL C 10 29.33 -22.24 -12.75
CA VAL C 10 28.57 -22.25 -14.01
C VAL C 10 27.07 -21.95 -13.82
N THR C 11 26.60 -20.81 -14.36
CA THR C 11 25.17 -20.49 -14.28
C THR C 11 24.37 -21.19 -15.38
N GLY C 12 23.13 -21.56 -15.07
CA GLY C 12 22.29 -22.29 -16.02
C GLY C 12 22.98 -23.57 -16.43
N ALA C 13 23.54 -24.29 -15.46
CA ALA C 13 24.31 -25.48 -15.74
C ALA C 13 23.45 -26.76 -15.84
N SER C 14 22.14 -26.69 -15.69
CA SER C 14 21.36 -27.93 -15.64
C SER C 14 21.09 -28.59 -17.01
N SER C 15 21.09 -27.81 -18.08
CA SER C 15 20.85 -28.41 -19.38
C SER C 15 21.77 -27.84 -20.45
N GLY C 16 21.78 -28.48 -21.62
CA GLY C 16 22.42 -27.91 -22.80
C GLY C 16 23.90 -27.62 -22.66
N PHE C 17 24.33 -26.53 -23.30
CA PHE C 17 25.74 -26.13 -23.35
C PHE C 17 26.37 -25.92 -21.97
N GLY C 18 25.64 -25.30 -21.05
CA GLY C 18 26.13 -25.17 -19.67
C GLY C 18 26.39 -26.51 -19.00
N ARG C 19 25.52 -27.49 -19.23
CA ARG C 19 25.71 -28.84 -18.63
C ARG C 19 26.94 -29.55 -19.21
N ALA C 20 27.18 -29.32 -20.50
CA ALA C 20 28.40 -29.78 -21.17
C ALA C 20 29.67 -29.13 -20.63
N ILE C 21 29.60 -27.84 -20.27
CA ILE C 21 30.76 -27.12 -19.75
C ILE C 21 31.07 -27.58 -18.33
N ALA C 22 30.01 -27.68 -17.52
CA ALA C 22 30.08 -28.24 -16.16
C ALA C 22 30.62 -29.67 -16.14
N GLU C 23 30.12 -30.50 -17.04
CA GLU C 23 30.58 -31.89 -17.21
C GLU C 23 32.07 -31.94 -17.56
N ALA C 24 32.47 -31.11 -18.52
CA ALA C 24 33.85 -31.00 -18.95
C ALA C 24 34.76 -30.67 -17.77
N ALA C 25 34.33 -29.74 -16.93
CA ALA C 25 35.14 -29.32 -15.79
C ALA C 25 35.29 -30.44 -14.75
N VAL C 26 34.19 -31.09 -14.36
CA VAL C 26 34.26 -32.16 -13.36
C VAL C 26 35.05 -33.40 -13.83
N ALA C 27 34.92 -33.74 -15.10
CA ALA C 27 35.63 -34.90 -15.63
C ALA C 27 37.13 -34.61 -15.74
N ALA C 28 37.50 -33.34 -15.78
CA ALA C 28 38.91 -32.95 -15.84
C ALA C 28 39.50 -32.76 -14.45
N GLY C 29 38.70 -32.98 -13.42
CA GLY C 29 39.19 -32.85 -12.05
C GLY C 29 38.87 -31.54 -11.34
N ASP C 30 38.19 -30.61 -12.02
CA ASP C 30 37.87 -29.31 -11.41
C ASP C 30 36.75 -29.43 -10.34
N THR C 31 36.65 -28.44 -9.46
CA THR C 31 35.50 -28.29 -8.57
C THR C 31 34.46 -27.38 -9.24
N VAL C 32 33.21 -27.84 -9.31
CA VAL C 32 32.15 -27.12 -10.04
C VAL C 32 30.96 -26.79 -9.15
N ILE C 33 30.58 -25.51 -9.11
CA ILE C 33 29.30 -25.11 -8.56
C ILE C 33 28.41 -24.79 -9.76
N GLY C 34 27.40 -25.61 -9.98
CA GLY C 34 26.45 -25.36 -11.06
C GLY C 34 25.23 -24.70 -10.45
N THR C 35 24.66 -23.71 -11.12
CA THR C 35 23.43 -23.09 -10.64
C THR C 35 22.25 -23.31 -11.58
N ALA C 36 21.03 -23.20 -11.01
CA ALA C 36 19.78 -23.41 -11.73
C ALA C 36 18.64 -22.87 -10.87
N ARG C 37 17.50 -22.55 -11.48
CA ARG C 37 16.42 -21.96 -10.69
C ARG C 37 16.00 -22.92 -9.57
N ARG C 38 16.04 -24.22 -9.89
CA ARG C 38 15.81 -25.27 -8.90
C ARG C 38 17.03 -26.20 -8.78
N THR C 39 17.58 -26.35 -7.57
CA THR C 39 18.77 -27.24 -7.41
C THR C 39 18.52 -28.64 -7.92
N GLU C 40 17.29 -29.11 -7.77
CA GLU C 40 16.92 -30.48 -8.17
C GLU C 40 17.10 -30.70 -9.66
N ALA C 41 17.14 -29.60 -10.42
CA ALA C 41 17.39 -29.64 -11.86
C ALA C 41 18.75 -30.27 -12.15
N LEU C 42 19.65 -30.20 -11.17
CA LEU C 42 21.03 -30.68 -11.28
C LEU C 42 21.35 -32.04 -10.60
N ASP C 43 20.31 -32.77 -10.18
CA ASP C 43 20.48 -34.04 -9.47
C ASP C 43 21.43 -35.03 -10.15
N ASP C 44 21.33 -35.14 -11.47
CA ASP C 44 22.14 -36.07 -12.26
C ASP C 44 23.63 -35.71 -12.18
N LEU C 45 23.95 -34.41 -12.15
CA LEU C 45 25.34 -33.97 -12.04
C LEU C 45 25.93 -34.30 -10.67
N VAL C 46 25.18 -33.95 -9.61
CA VAL C 46 25.64 -34.18 -8.26
C VAL C 46 25.72 -35.68 -7.96
N ALA C 47 24.77 -36.46 -8.48
CA ALA C 47 24.82 -37.92 -8.31
C ALA C 47 26.09 -38.48 -8.92
N ALA C 48 26.50 -37.93 -10.07
CA ALA C 48 27.70 -38.42 -10.74
C ALA C 48 29.00 -37.95 -10.07
N TYR C 49 29.00 -36.73 -9.52
CA TYR C 49 30.19 -36.15 -8.93
C TYR C 49 29.86 -35.57 -7.56
N PRO C 50 29.57 -36.45 -6.58
CA PRO C 50 29.10 -35.99 -5.29
C PRO C 50 30.17 -35.30 -4.45
N ASP C 51 31.43 -35.47 -4.85
CA ASP C 51 32.53 -34.87 -4.12
C ASP C 51 33.06 -33.57 -4.74
N ARG C 52 32.85 -33.40 -6.05
CA ARG C 52 33.40 -32.26 -6.78
C ARG C 52 32.36 -31.31 -7.38
N ALA C 53 31.08 -31.74 -7.38
CA ALA C 53 29.98 -30.91 -7.91
C ALA C 53 29.01 -30.49 -6.81
N GLU C 54 28.57 -29.23 -6.84
CA GLU C 54 27.49 -28.74 -5.95
C GLU C 54 26.44 -27.99 -6.77
N ALA C 55 25.17 -28.18 -6.43
CA ALA C 55 24.04 -27.49 -7.07
C ALA C 55 23.53 -26.39 -6.14
N ILE C 56 23.48 -25.16 -6.65
CA ILE C 56 22.93 -24.05 -5.86
C ILE C 56 21.82 -23.39 -6.64
N SER C 57 20.77 -23.00 -5.92
CA SER C 57 19.58 -22.39 -6.46
C SER C 57 19.87 -20.93 -6.78
N LEU C 58 19.65 -20.52 -8.03
CA LEU C 58 19.89 -19.14 -8.41
C LEU C 58 19.00 -18.74 -9.59
N ASP C 59 18.23 -17.69 -9.39
CA ASP C 59 17.54 -17.01 -10.47
C ASP C 59 18.40 -15.77 -10.81
N VAL C 60 19.01 -15.76 -11.98
CA VAL C 60 19.91 -14.66 -12.36
C VAL C 60 19.16 -13.33 -12.53
N THR C 61 17.83 -13.38 -12.56
CA THR C 61 16.96 -12.20 -12.62
CA THR C 61 17.06 -12.13 -12.64
C THR C 61 16.86 -11.52 -11.24
N ASP C 62 17.34 -12.23 -10.20
CA ASP C 62 17.22 -11.78 -8.81
C ASP C 62 18.57 -11.29 -8.30
N GLY C 63 18.76 -9.98 -8.32
CA GLY C 63 20.04 -9.36 -7.94
C GLY C 63 20.47 -9.64 -6.50
N GLU C 64 19.51 -9.63 -5.58
CA GLU C 64 19.80 -9.95 -4.17
C GLU C 64 20.33 -11.39 -4.04
N ARG C 65 19.76 -12.31 -4.80
CA ARG C 65 20.16 -13.72 -4.74
C ARG C 65 21.54 -13.94 -5.37
N ILE C 66 21.82 -13.23 -6.47
CA ILE C 66 23.15 -13.24 -7.07
C ILE C 66 24.21 -12.93 -5.98
N ASP C 67 23.97 -11.86 -5.24
CA ASP C 67 24.91 -11.40 -4.21
C ASP C 67 25.06 -12.44 -3.10
N VAL C 68 23.93 -13.00 -2.66
CA VAL C 68 23.96 -14.08 -1.66
C VAL C 68 24.77 -15.31 -2.13
N VAL C 69 24.53 -15.76 -3.36
CA VAL C 69 25.21 -16.95 -3.93
C VAL C 69 26.71 -16.72 -4.11
N ALA C 70 27.06 -15.55 -4.66
CA ALA C 70 28.44 -15.18 -4.84
C ALA C 70 29.17 -15.15 -3.49
N ALA C 71 28.58 -14.53 -2.48
CA ALA C 71 29.21 -14.45 -1.18
C ALA C 71 29.33 -15.84 -0.53
N ASP C 72 28.30 -16.68 -0.69
CA ASP C 72 28.24 -18.01 -0.11
C ASP C 72 29.31 -18.92 -0.72
N VAL C 73 29.43 -18.86 -2.05
CA VAL C 73 30.47 -19.61 -2.77
C VAL C 73 31.89 -19.22 -2.34
N LEU C 74 32.13 -17.92 -2.22
CA LEU C 74 33.43 -17.44 -1.69
C LEU C 74 33.67 -17.89 -0.26
N ALA C 75 32.62 -17.92 0.56
CA ALA C 75 32.78 -18.31 1.95
C ALA C 75 33.17 -19.78 2.14
N ARG C 76 32.75 -20.64 1.21
CA ARG C 76 32.90 -22.07 1.41
C ARG C 76 33.95 -22.70 0.50
N TYR C 77 34.25 -22.04 -0.61
CA TYR C 77 35.27 -22.51 -1.52
C TYR C 77 36.52 -21.63 -1.49
N GLY C 78 36.39 -20.43 -0.93
CA GLY C 78 37.52 -19.53 -0.74
C GLY C 78 37.80 -18.66 -1.96
N ARG C 79 37.31 -19.08 -3.13
CA ARG C 79 37.60 -18.41 -4.38
C ARG C 79 36.69 -18.91 -5.51
N VAL C 80 36.63 -18.14 -6.60
CA VAL C 80 36.15 -18.66 -7.87
C VAL C 80 37.23 -18.38 -8.92
N ASP C 81 37.69 -19.44 -9.57
CA ASP C 81 38.73 -19.30 -10.61
C ASP C 81 38.11 -19.02 -12.00
N VAL C 82 37.03 -19.73 -12.33
CA VAL C 82 36.38 -19.56 -13.62
C VAL C 82 34.89 -19.29 -13.39
N LEU C 83 34.44 -18.12 -13.86
CA LEU C 83 33.01 -17.81 -13.87
C LEU C 83 32.49 -17.97 -15.29
N VAL C 84 31.44 -18.78 -15.47
CA VAL C 84 30.80 -18.94 -16.75
C VAL C 84 29.40 -18.41 -16.64
N ASN C 85 29.14 -17.30 -17.32
CA ASN C 85 27.81 -16.71 -17.40
C ASN C 85 27.11 -17.35 -18.58
N ASN C 86 26.32 -18.38 -18.26
CA ASN C 86 25.65 -19.19 -19.25
C ASN C 86 24.14 -19.10 -19.20
N ALA C 87 23.59 -18.75 -18.05
CA ALA C 87 22.14 -18.72 -17.89
C ALA C 87 21.45 -17.87 -18.99
N GLY C 88 20.29 -18.31 -19.46
CA GLY C 88 19.60 -17.54 -20.48
C GLY C 88 18.62 -18.38 -21.26
N ARG C 89 18.09 -17.80 -22.33
CA ARG C 89 17.12 -18.49 -23.13
C ARG C 89 17.18 -18.06 -24.58
N THR C 90 16.54 -18.86 -25.42
CA THR C 90 16.32 -18.53 -26.80
C THR C 90 15.07 -17.66 -26.89
N GLN C 91 15.15 -16.61 -27.71
CA GLN C 91 14.00 -15.75 -27.96
C GLN C 91 13.92 -15.27 -29.40
N VAL C 92 12.75 -15.48 -29.98
CA VAL C 92 12.47 -15.13 -31.38
C VAL C 92 11.16 -14.37 -31.50
N GLY C 93 11.26 -13.19 -32.08
CA GLY C 93 10.06 -12.43 -32.44
C GLY C 93 10.39 -11.14 -33.18
N ALA C 94 9.50 -10.75 -34.07
CA ALA C 94 9.58 -9.45 -34.75
C ALA C 94 9.74 -8.33 -33.73
N PHE C 95 10.48 -7.30 -34.10
CA PHE C 95 10.70 -6.14 -33.25
C PHE C 95 9.36 -5.55 -32.80
N GLU C 96 8.46 -5.32 -33.75
CA GLU C 96 7.15 -4.74 -33.46
C GLU C 96 6.31 -5.63 -32.52
N GLU C 97 6.53 -6.94 -32.55
CA GLU C 97 5.76 -7.90 -31.75
C GLU C 97 6.29 -8.10 -30.31
N THR C 98 7.55 -7.73 -30.08
CA THR C 98 8.19 -7.91 -28.77
C THR C 98 7.64 -6.90 -27.76
N THR C 99 7.10 -7.39 -26.63
CA THR C 99 6.57 -6.52 -25.59
C THR C 99 7.75 -5.96 -24.79
N GLU C 100 7.55 -4.82 -24.14
CA GLU C 100 8.58 -4.24 -23.29
C GLU C 100 8.99 -5.20 -22.16
N ARG C 101 8.03 -5.90 -21.59
CA ARG C 101 8.32 -6.83 -20.55
C ARG C 101 9.22 -7.93 -21.07
N GLU C 102 8.92 -8.47 -22.23
CA GLU C 102 9.78 -9.49 -22.86
C GLU C 102 11.20 -9.00 -23.11
N LEU C 103 11.32 -7.77 -23.61
CA LEU C 103 12.62 -7.21 -23.86
C LEU C 103 13.40 -7.05 -22.55
N ARG C 104 12.76 -6.47 -21.53
CA ARG C 104 13.42 -6.23 -20.23
C ARG C 104 13.86 -7.52 -19.54
N ASP C 105 12.97 -8.51 -19.52
CA ASP C 105 13.24 -9.84 -18.95
C ASP C 105 14.47 -10.50 -19.65
N LEU C 106 14.60 -10.35 -20.96
CA LEU C 106 15.75 -10.89 -21.66
C LEU C 106 17.05 -10.14 -21.27
N PHE C 107 16.98 -8.82 -21.13
CA PHE C 107 18.15 -8.06 -20.66
C PHE C 107 18.54 -8.42 -19.22
N GLU C 108 17.59 -8.75 -18.35
CA GLU C 108 17.90 -9.18 -16.99
C GLU C 108 18.76 -10.42 -17.02
N LEU C 109 18.31 -11.39 -17.81
CA LEU C 109 18.92 -12.72 -17.86
C LEU C 109 20.29 -12.68 -18.51
N HIS C 110 20.39 -11.97 -19.64
CA HIS C 110 21.58 -11.98 -20.48
C HIS C 110 22.59 -10.84 -20.19
N VAL C 111 22.13 -9.78 -19.53
CA VAL C 111 23.00 -8.61 -19.31
C VAL C 111 23.11 -8.22 -17.85
N PHE C 112 21.99 -7.83 -17.21
CA PHE C 112 22.08 -7.31 -15.83
C PHE C 112 22.55 -8.34 -14.81
N GLY C 113 21.96 -9.53 -14.82
CA GLY C 113 22.42 -10.57 -13.95
C GLY C 113 23.91 -10.93 -14.08
N PRO C 114 24.34 -11.26 -15.31
CA PRO C 114 25.78 -11.53 -15.55
C PRO C 114 26.68 -10.34 -15.15
N ALA C 115 26.29 -9.11 -15.44
CA ALA C 115 27.06 -7.95 -14.97
C ALA C 115 27.21 -7.90 -13.45
N ARG C 116 26.11 -8.19 -12.75
CA ARG C 116 26.14 -8.16 -11.27
C ARG C 116 26.98 -9.29 -10.69
N LEU C 117 26.86 -10.48 -11.27
CA LEU C 117 27.59 -11.65 -10.78
CA LEU C 117 27.60 -11.63 -10.76
C LEU C 117 29.09 -11.44 -11.03
N THR C 118 29.40 -10.91 -12.21
CA THR C 118 30.80 -10.62 -12.55
C THR C 118 31.40 -9.58 -11.61
N ARG C 119 30.66 -8.50 -11.35
CA ARG C 119 31.17 -7.49 -10.39
C ARG C 119 31.44 -8.07 -9.01
N ALA C 120 30.61 -9.02 -8.60
CA ALA C 120 30.75 -9.62 -7.26
C ALA C 120 31.99 -10.51 -7.13
N LEU C 121 32.45 -11.08 -8.24
CA LEU C 121 33.54 -12.06 -8.20
C LEU C 121 34.87 -11.48 -8.71
N LEU C 122 34.83 -10.32 -9.34
CA LEU C 122 36.01 -9.65 -9.86
C LEU C 122 37.08 -9.34 -8.80
N PRO C 123 36.68 -8.81 -7.63
CA PRO C 123 37.69 -8.41 -6.67
C PRO C 123 38.63 -9.52 -6.19
N GLN C 124 38.10 -10.74 -5.96
CA GLN C 124 38.93 -11.87 -5.53
C GLN C 124 39.82 -12.42 -6.65
N MSE C 125 39.39 -12.27 -7.91
CA MSE C 125 40.28 -12.53 -9.06
C MSE C 125 41.44 -11.53 -9.09
O MSE C 125 42.60 -11.91 -9.31
CB MSE C 125 39.49 -12.45 -10.36
CG MSE C 125 38.37 -13.46 -10.44
SE MSE C 125 37.66 -13.52 -12.23
CE MSE C 125 36.47 -15.13 -12.05
N ARG C 126 41.10 -10.27 -8.88
CA ARG C 126 42.07 -9.17 -8.88
C ARG C 126 43.14 -9.35 -7.79
N GLU C 127 42.71 -9.62 -6.57
CA GLU C 127 43.64 -9.70 -5.44
C GLU C 127 44.56 -10.92 -5.57
N ARG C 128 44.06 -11.98 -6.22
CA ARG C 128 44.86 -13.18 -6.46
C ARG C 128 45.73 -13.00 -7.70
N GLY C 129 45.27 -12.21 -8.67
CA GLY C 129 46.00 -12.01 -9.92
C GLY C 129 45.83 -13.12 -10.95
N SER C 130 44.67 -13.81 -10.91
CA SER C 130 44.34 -14.83 -11.91
C SER C 130 42.82 -15.07 -11.91
N GLY C 131 42.30 -15.60 -13.01
CA GLY C 131 40.85 -15.80 -13.14
C GLY C 131 40.38 -15.72 -14.58
N SER C 132 39.23 -16.35 -14.82
CA SER C 132 38.61 -16.36 -16.13
C SER C 132 37.13 -16.02 -16.01
N VAL C 133 36.68 -15.12 -16.88
CA VAL C 133 35.27 -14.84 -17.05
C VAL C 133 34.92 -15.28 -18.47
N VAL C 134 34.05 -16.27 -18.55
CA VAL C 134 33.60 -16.85 -19.80
C VAL C 134 32.13 -16.41 -19.94
N ASN C 135 31.87 -15.60 -20.96
CA ASN C 135 30.53 -15.15 -21.24
C ASN C 135 29.99 -15.85 -22.48
N ILE C 136 28.93 -16.63 -22.30
CA ILE C 136 28.34 -17.36 -23.40
C ILE C 136 27.44 -16.42 -24.19
N SER C 137 27.93 -16.05 -25.37
CA SER C 137 27.22 -15.19 -26.28
C SER C 137 26.68 -16.02 -27.45
N SER C 138 26.89 -15.56 -28.67
CA SER C 138 26.31 -16.15 -29.87
C SER C 138 26.93 -15.39 -31.01
N PHE C 139 26.88 -15.97 -32.22
CA PHE C 139 27.18 -15.18 -33.41
C PHE C 139 26.29 -13.94 -33.41
N GLY C 140 25.13 -14.02 -32.73
CA GLY C 140 24.20 -12.91 -32.61
C GLY C 140 24.68 -11.78 -31.70
N GLY C 141 25.78 -11.99 -30.98
CA GLY C 141 26.43 -10.90 -30.26
C GLY C 141 27.13 -9.86 -31.12
N GLN C 142 27.22 -10.11 -32.44
CA GLN C 142 27.80 -9.17 -33.41
C GLN C 142 26.85 -8.76 -34.53
N LEU C 143 25.75 -9.49 -34.68
CA LEU C 143 24.86 -9.27 -35.83
C LEU C 143 23.43 -9.67 -35.52
N SER C 144 22.49 -9.14 -36.30
CA SER C 144 21.09 -9.53 -36.17
C SER C 144 20.41 -9.62 -37.54
N PHE C 145 19.18 -10.12 -37.54
CA PHE C 145 18.33 -10.28 -38.71
C PHE C 145 16.89 -10.48 -38.20
N ALA C 146 15.97 -10.69 -39.14
CA ALA C 146 14.54 -10.80 -38.80
C ALA C 146 14.26 -11.75 -37.63
N GLY C 147 13.48 -11.29 -36.67
CA GLY C 147 13.08 -12.06 -35.48
C GLY C 147 14.11 -12.21 -34.36
N PHE C 148 15.32 -11.71 -34.58
CA PHE C 148 16.42 -11.93 -33.66
C PHE C 148 16.82 -10.63 -32.92
N SER C 149 16.03 -9.56 -33.06
CA SER C 149 16.47 -8.23 -32.60
C SER C 149 16.77 -8.17 -31.09
N ALA C 150 15.85 -8.70 -30.28
CA ALA C 150 16.01 -8.67 -28.83
C ALA C 150 17.15 -9.56 -28.36
N TYR C 151 17.23 -10.76 -28.92
CA TYR C 151 18.31 -11.68 -28.57
C TYR C 151 19.68 -11.07 -28.91
N SER C 152 19.84 -10.62 -30.16
CA SER C 152 21.11 -10.03 -30.58
C SER C 152 21.46 -8.81 -29.73
N ALA C 153 20.47 -7.96 -29.45
CA ALA C 153 20.67 -6.79 -28.58
C ALA C 153 21.23 -7.17 -27.22
N THR C 154 20.70 -8.21 -26.59
CA THR C 154 21.23 -8.64 -25.29
C THR C 154 22.64 -9.21 -25.41
N LYS C 155 22.89 -10.00 -26.44
CA LYS C 155 24.21 -10.59 -26.55
C LYS C 155 25.31 -9.56 -26.91
N ALA C 156 24.97 -8.57 -27.76
CA ALA C 156 25.89 -7.50 -28.10
C ALA C 156 26.22 -6.65 -26.87
N ALA C 157 25.22 -6.38 -26.04
CA ALA C 157 25.47 -5.66 -24.79
C ALA C 157 26.48 -6.47 -23.94
N LEU C 158 26.25 -7.78 -23.82
CA LEU C 158 27.15 -8.63 -23.04
C LEU C 158 28.55 -8.65 -23.64
N GLU C 159 28.63 -8.70 -24.97
CA GLU C 159 29.92 -8.66 -25.65
C GLU C 159 30.65 -7.37 -25.40
N GLN C 160 29.95 -6.23 -25.40
CA GLN C 160 30.61 -4.94 -25.21
C GLN C 160 31.01 -4.69 -23.76
N LEU C 161 30.20 -5.16 -22.81
CA LEU C 161 30.62 -5.16 -21.41
C LEU C 161 31.92 -5.95 -21.31
N SER C 162 31.96 -7.10 -22.01
CA SER C 162 33.12 -7.97 -22.03
C SER C 162 34.37 -7.38 -22.67
N GLU C 163 34.21 -6.65 -23.78
CA GLU C 163 35.32 -5.98 -24.43
C GLU C 163 35.96 -4.96 -23.51
N GLY C 164 35.13 -4.07 -22.94
CA GLY C 164 35.60 -3.05 -21.99
C GLY C 164 36.34 -3.70 -20.82
N LEU C 165 35.67 -4.65 -20.16
CA LEU C 165 36.25 -5.35 -19.02
C LEU C 165 37.60 -5.99 -19.35
N ALA C 166 37.67 -6.74 -20.45
CA ALA C 166 38.92 -7.38 -20.87
C ALA C 166 40.08 -6.38 -20.89
N ASP C 167 39.87 -5.23 -21.51
CA ASP C 167 40.89 -4.20 -21.61
C ASP C 167 41.32 -3.73 -20.21
N GLU C 168 40.39 -3.69 -19.27
CA GLU C 168 40.65 -3.16 -17.93
C GLU C 168 41.35 -4.16 -16.99
N VAL C 169 41.15 -5.44 -17.22
CA VAL C 169 41.63 -6.46 -16.27
C VAL C 169 42.81 -7.27 -16.77
N ALA C 170 43.11 -7.13 -18.07
CA ALA C 170 44.33 -7.70 -18.60
C ALA C 170 45.57 -7.46 -17.70
N PRO C 171 45.74 -6.24 -17.13
CA PRO C 171 46.93 -6.00 -16.29
C PRO C 171 46.97 -6.85 -15.03
N PHE C 172 45.83 -7.44 -14.67
CA PHE C 172 45.69 -8.23 -13.45
C PHE C 172 45.81 -9.72 -13.73
N GLY C 173 46.01 -10.08 -14.99
CA GLY C 173 46.15 -11.49 -15.38
C GLY C 173 44.81 -12.19 -15.56
N ILE C 174 43.73 -11.42 -15.58
CA ILE C 174 42.38 -11.98 -15.69
C ILE C 174 42.02 -12.14 -17.15
N LYS C 175 41.54 -13.34 -17.48
CA LYS C 175 41.11 -13.68 -18.83
C LYS C 175 39.63 -13.45 -18.99
N VAL C 176 39.24 -12.83 -20.10
CA VAL C 176 37.84 -12.61 -20.42
C VAL C 176 37.60 -13.27 -21.79
N LEU C 177 36.67 -14.21 -21.86
CA LEU C 177 36.45 -14.96 -23.10
C LEU C 177 34.98 -14.88 -23.50
N ILE C 178 34.74 -14.33 -24.69
CA ILE C 178 33.41 -14.23 -25.26
C ILE C 178 33.24 -15.44 -26.19
N VAL C 179 32.27 -16.30 -25.90
CA VAL C 179 32.08 -17.53 -26.66
C VAL C 179 30.89 -17.35 -27.61
N GLU C 180 31.06 -17.70 -28.89
CA GLU C 180 30.00 -17.42 -29.87
C GLU C 180 29.59 -18.67 -30.64
N PRO C 181 28.71 -19.49 -30.05
CA PRO C 181 28.33 -20.75 -30.65
C PRO C 181 27.18 -20.63 -31.64
N GLY C 182 26.99 -21.67 -32.44
CA GLY C 182 25.80 -21.82 -33.25
C GLY C 182 24.86 -22.77 -32.51
N ALA C 183 24.05 -23.49 -33.27
CA ALA C 183 23.15 -24.47 -32.67
C ALA C 183 23.90 -25.76 -32.33
N PHE C 184 23.56 -26.37 -31.19
CA PHE C 184 24.15 -27.65 -30.77
C PHE C 184 23.08 -28.72 -30.71
N ARG C 185 23.52 -29.97 -30.93
CA ARG C 185 22.72 -31.16 -30.63
C ARG C 185 22.28 -31.15 -29.17
N THR C 186 21.04 -31.55 -28.93
CA THR C 186 20.43 -31.47 -27.61
C THR C 186 20.21 -32.86 -27.02
N ASN C 187 20.98 -33.82 -27.55
CA ASN C 187 20.78 -35.24 -27.32
C ASN C 187 20.79 -35.68 -25.85
N LEU C 188 21.95 -35.64 -25.18
CA LEU C 188 22.05 -36.11 -23.80
C LEU C 188 21.83 -35.00 -22.76
N PHE C 189 22.30 -33.80 -23.09
CA PHE C 189 22.33 -32.68 -22.14
C PHE C 189 21.00 -31.92 -22.04
N GLY C 190 20.08 -32.20 -22.95
CA GLY C 190 18.81 -31.48 -23.02
C GLY C 190 19.01 -30.11 -23.64
N LYS C 191 17.96 -29.29 -23.57
CA LYS C 191 17.91 -27.98 -24.22
C LYS C 191 17.44 -26.92 -23.22
N GLY C 192 17.84 -25.68 -23.47
CA GLY C 192 17.46 -24.54 -22.65
C GLY C 192 16.07 -24.07 -23.04
N ALA C 193 15.48 -23.21 -22.22
CA ALA C 193 14.17 -22.65 -22.51
C ALA C 193 14.14 -21.79 -23.79
N ALA C 194 13.00 -21.75 -24.47
CA ALA C 194 12.89 -20.94 -25.69
C ALA C 194 11.49 -20.30 -25.78
N TYR C 195 11.42 -19.05 -26.18
CA TYR C 195 10.15 -18.36 -26.38
C TYR C 195 10.03 -17.82 -27.80
N PHE C 196 8.90 -18.12 -28.43
CA PHE C 196 8.66 -17.66 -29.79
C PHE C 196 7.41 -16.82 -29.83
N SER C 197 7.59 -15.55 -30.20
CA SER C 197 6.48 -14.65 -30.37
C SER C 197 5.55 -15.13 -31.48
N GLU C 198 4.27 -14.81 -31.36
CA GLU C 198 3.33 -14.92 -32.46
C GLU C 198 3.94 -14.29 -33.73
N GLU C 199 3.82 -15.01 -34.84
CA GLU C 199 4.23 -14.51 -36.16
C GLU C 199 3.01 -14.12 -36.97
N ASN C 200 2.84 -12.84 -37.23
CA ASN C 200 1.73 -12.42 -38.09
C ASN C 200 2.16 -12.21 -39.57
N PRO C 201 1.18 -12.11 -40.49
CA PRO C 201 1.50 -12.20 -41.92
C PRO C 201 2.44 -11.10 -42.41
N ALA C 202 2.42 -9.92 -41.80
CA ALA C 202 3.37 -8.85 -42.12
C ALA C 202 4.84 -9.29 -41.98
N TYR C 203 5.13 -10.19 -41.03
CA TYR C 203 6.53 -10.58 -40.74
C TYR C 203 6.88 -12.07 -40.96
N ALA C 204 5.88 -12.88 -41.23
CA ALA C 204 6.06 -14.34 -41.28
C ALA C 204 7.14 -14.79 -42.25
N GLU C 205 7.23 -14.17 -43.44
CA GLU C 205 8.18 -14.64 -44.45
C GLU C 205 9.62 -14.42 -43.96
N LYS C 206 9.84 -13.33 -43.24
CA LYS C 206 11.18 -12.98 -42.69
C LYS C 206 11.49 -13.68 -41.37
N VAL C 207 10.54 -13.69 -40.44
CA VAL C 207 10.75 -14.23 -39.10
C VAL C 207 10.70 -15.78 -39.08
N GLY C 208 9.90 -16.34 -39.98
CA GLY C 208 9.72 -17.79 -40.09
C GLY C 208 11.03 -18.56 -40.13
N PRO C 209 11.91 -18.26 -41.09
CA PRO C 209 13.23 -18.94 -41.15
C PRO C 209 14.07 -18.81 -39.89
N THR C 210 13.91 -17.73 -39.16
CA THR C 210 14.69 -17.54 -37.94
C THR C 210 14.23 -18.52 -36.86
N ARG C 211 12.92 -18.75 -36.78
CA ARG C 211 12.34 -19.73 -35.87
CA ARG C 211 12.36 -19.74 -35.86
C ARG C 211 12.94 -21.11 -36.18
N GLN C 212 13.00 -21.44 -37.46
CA GLN C 212 13.55 -22.72 -37.89
C GLN C 212 15.04 -22.87 -37.56
N LEU C 213 15.81 -21.81 -37.80
CA LEU C 213 17.25 -21.74 -37.49
C LEU C 213 17.54 -22.03 -36.02
N VAL C 214 16.69 -21.49 -35.17
CA VAL C 214 16.89 -21.57 -33.74
C VAL C 214 16.41 -22.93 -33.20
N GLN C 215 15.56 -23.62 -33.96
CA GLN C 215 14.96 -24.89 -33.53
C GLN C 215 15.69 -26.14 -34.03
N GLY C 216 16.24 -26.09 -35.25
CA GLY C 216 16.99 -27.20 -35.81
C GLY C 216 16.37 -27.78 -37.08
N PRO C 222 23.77 -28.23 -35.79
CA PRO C 222 24.25 -29.53 -35.32
C PRO C 222 25.69 -29.46 -34.80
N GLY C 223 25.89 -28.76 -33.68
CA GLY C 223 27.18 -28.75 -32.99
C GLY C 223 27.35 -29.91 -32.01
N ASP C 224 28.58 -30.17 -31.60
CA ASP C 224 28.88 -31.15 -30.57
C ASP C 224 29.26 -30.41 -29.31
N PRO C 225 28.35 -30.38 -28.32
CA PRO C 225 28.56 -29.57 -27.11
C PRO C 225 29.81 -29.96 -26.30
N ALA C 226 30.20 -31.25 -26.34
CA ALA C 226 31.41 -31.72 -25.67
C ALA C 226 32.66 -31.14 -26.33
N LYS C 227 32.71 -31.22 -27.67
CA LYS C 227 33.78 -30.60 -28.46
C LYS C 227 33.83 -29.08 -28.20
N ALA C 228 32.64 -28.46 -28.14
CA ALA C 228 32.54 -27.03 -27.86
C ALA C 228 33.12 -26.75 -26.47
N ALA C 229 32.74 -27.57 -25.49
CA ALA C 229 33.27 -27.42 -24.14
C ALA C 229 34.80 -27.59 -24.05
N ALA C 230 35.36 -28.51 -24.84
CA ALA C 230 36.81 -28.70 -24.90
C ALA C 230 37.49 -27.48 -25.48
N ALA C 231 36.85 -26.84 -26.46
CA ALA C 231 37.47 -25.74 -27.18
C ALA C 231 37.56 -24.52 -26.28
N ILE C 232 36.55 -24.35 -25.43
CA ILE C 232 36.61 -23.34 -24.39
C ILE C 232 37.83 -23.57 -23.50
N ARG C 233 38.01 -24.80 -23.02
CA ARG C 233 39.12 -25.13 -22.12
C ARG C 233 40.48 -24.92 -22.80
N LEU C 234 40.56 -25.29 -24.07
CA LEU C 234 41.75 -25.05 -24.89
C LEU C 234 42.03 -23.54 -24.94
N ALA C 235 41.02 -22.75 -25.33
CA ALA C 235 41.13 -21.29 -25.36
C ALA C 235 41.66 -20.71 -24.04
N LEU C 236 41.17 -21.25 -22.93
CA LEU C 236 41.59 -20.83 -21.59
C LEU C 236 43.03 -21.28 -21.25
N ASP C 237 43.43 -22.44 -21.78
CA ASP C 237 44.75 -23.00 -21.48
C ASP C 237 45.87 -22.35 -22.33
N THR C 238 45.50 -21.82 -23.51
CA THR C 238 46.48 -21.20 -24.42
C THR C 238 47.11 -19.93 -23.83
N GLU C 239 48.37 -19.66 -24.18
CA GLU C 239 49.09 -18.47 -23.70
C GLU C 239 48.35 -17.16 -24.08
N LYS C 240 48.13 -16.95 -25.39
CA LYS C 240 47.32 -15.83 -25.87
C LYS C 240 45.84 -16.21 -25.97
N THR C 241 45.09 -15.98 -24.88
CA THR C 241 43.68 -16.33 -24.85
C THR C 241 42.92 -15.31 -25.72
N PRO C 242 42.17 -15.81 -26.72
CA PRO C 242 41.51 -14.89 -27.63
C PRO C 242 40.37 -14.18 -26.90
N LEU C 243 39.92 -13.05 -27.42
CA LEU C 243 38.75 -12.38 -26.85
C LEU C 243 37.45 -13.14 -27.24
N ARG C 244 37.42 -13.65 -28.46
CA ARG C 244 36.27 -14.34 -29.01
C ARG C 244 36.62 -15.72 -29.50
N LEU C 245 35.71 -16.66 -29.26
CA LEU C 245 35.85 -18.01 -29.74
C LEU C 245 34.50 -18.36 -30.32
N ALA C 246 34.39 -18.26 -31.64
CA ALA C 246 33.20 -18.76 -32.31
C ALA C 246 33.22 -20.29 -32.29
N LEU C 247 32.03 -20.89 -32.23
CA LEU C 247 31.95 -22.33 -32.25
C LEU C 247 31.01 -22.77 -33.33
N GLY C 248 31.54 -23.57 -34.26
CA GLY C 248 30.73 -24.22 -35.27
C GLY C 248 30.76 -23.48 -36.58
N GLY C 249 30.58 -24.23 -37.66
CA GLY C 249 30.57 -23.71 -39.02
C GLY C 249 29.60 -22.57 -39.23
N ASP C 250 28.34 -22.73 -38.81
CA ASP C 250 27.39 -21.64 -39.04
C ASP C 250 27.75 -20.32 -38.35
N ALA C 251 28.31 -20.42 -37.15
CA ALA C 251 28.73 -19.22 -36.43
C ALA C 251 29.81 -18.49 -37.24
N VAL C 252 30.80 -19.25 -37.71
CA VAL C 252 31.89 -18.67 -38.52
C VAL C 252 31.34 -18.01 -39.78
N ASP C 253 30.47 -18.70 -40.50
CA ASP C 253 29.86 -18.16 -41.73
C ASP C 253 29.06 -16.88 -41.47
N PHE C 254 28.24 -16.88 -40.42
CA PHE C 254 27.45 -15.71 -40.07
C PHE C 254 28.38 -14.54 -39.76
N LEU C 255 29.37 -14.79 -38.89
CA LEU C 255 30.34 -13.77 -38.49
C LEU C 255 31.14 -13.19 -39.64
N THR C 256 31.59 -14.05 -40.55
CA THR C 256 32.37 -13.58 -41.69
CA THR C 256 32.36 -13.62 -41.72
C THR C 256 31.51 -12.75 -42.64
N GLY C 257 30.27 -13.16 -42.85
CA GLY C 257 29.37 -12.44 -43.77
C GLY C 257 29.05 -11.05 -43.24
N HIS C 258 28.89 -10.95 -41.91
CA HIS C 258 28.64 -9.66 -41.28
C HIS C 258 29.88 -8.76 -41.35
N LEU C 259 31.05 -9.33 -41.06
CA LEU C 259 32.30 -8.57 -41.18
C LEU C 259 32.47 -7.96 -42.56
N ASP C 260 32.23 -8.78 -43.59
CA ASP C 260 32.32 -8.35 -44.98
C ASP C 260 31.34 -7.23 -45.32
N SER C 261 30.07 -7.44 -44.95
CA SER C 261 29.02 -6.46 -45.24
CA SER C 261 29.00 -6.48 -45.20
C SER C 261 29.32 -5.12 -44.56
N VAL C 262 29.76 -5.16 -43.30
CA VAL C 262 30.08 -3.94 -42.55
C VAL C 262 31.28 -3.23 -43.18
N ARG C 263 32.30 -4.00 -43.52
CA ARG C 263 33.50 -3.46 -44.14
C ARG C 263 33.19 -2.79 -45.48
N ALA C 264 32.37 -3.46 -46.30
CA ALA C 264 32.04 -2.97 -47.64
C ALA C 264 31.27 -1.66 -47.54
N GLU C 265 30.41 -1.55 -46.54
CA GLU C 265 29.59 -0.36 -46.33
C GLU C 265 30.42 0.81 -45.84
N LEU C 266 31.29 0.57 -44.88
CA LEU C 266 32.25 1.57 -44.41
C LEU C 266 33.12 2.14 -45.55
N THR C 267 33.64 1.24 -46.39
CA THR C 267 34.48 1.58 -47.54
C THR C 267 33.71 2.48 -48.50
N GLU C 268 32.51 2.06 -48.89
CA GLU C 268 31.66 2.82 -49.78
C GLU C 268 31.41 4.24 -49.26
N TRP C 269 31.14 4.35 -47.95
CA TRP C 269 30.69 5.61 -47.36
C TRP C 269 31.80 6.45 -46.72
N GLU C 270 33.04 6.01 -46.87
CA GLU C 270 34.19 6.60 -46.18
C GLU C 270 34.44 8.08 -46.51
N LYS C 271 34.35 8.44 -47.79
CA LYS C 271 34.46 9.84 -48.21
C LYS C 271 33.49 10.71 -47.40
N VAL C 272 32.21 10.33 -47.40
CA VAL C 272 31.19 11.06 -46.67
C VAL C 272 31.49 11.11 -45.16
N SER C 273 31.84 9.96 -44.58
CA SER C 273 32.27 9.87 -43.16
C SER C 273 33.40 10.84 -42.79
N ARG C 274 34.45 10.88 -43.60
CA ARG C 274 35.61 11.72 -43.32
C ARG C 274 35.40 13.21 -43.59
N GLY C 275 34.36 13.53 -44.36
CA GLY C 275 34.09 14.92 -44.78
C GLY C 275 33.46 15.81 -43.72
N THR C 276 33.17 15.26 -42.53
CA THR C 276 32.44 16.00 -41.50
C THR C 276 33.32 16.85 -40.56
N ASP C 277 34.62 16.88 -40.84
CA ASP C 277 35.57 17.71 -40.07
C ASP C 277 35.56 19.18 -40.51
N PHE C 278 36.11 20.04 -39.66
CA PHE C 278 36.37 21.42 -40.05
C PHE C 278 37.55 21.52 -41.03
N MSE D 1 -5.38 -29.22 40.64
CA MSE D 1 -6.77 -28.82 41.05
C MSE D 1 -7.43 -29.91 41.91
O MSE D 1 -7.12 -31.10 41.76
CB MSE D 1 -7.64 -28.59 39.82
CG MSE D 1 -7.26 -27.40 38.92
SE MSE D 1 -8.34 -27.48 37.25
CE MSE D 1 -10.14 -27.70 38.01
N SER D 2 -8.37 -29.52 42.76
CA SER D 2 -9.18 -30.49 43.50
C SER D 2 -9.94 -31.43 42.55
N GLU D 3 -10.22 -32.65 43.00
CA GLU D 3 -10.82 -33.71 42.16
C GLU D 3 -12.18 -33.31 41.53
N SER D 4 -12.95 -32.50 42.25
CA SER D 4 -14.31 -32.13 41.84
C SER D 4 -14.38 -30.75 41.16
N ALA D 5 -13.26 -30.05 41.09
CA ALA D 5 -13.25 -28.71 40.53
C ALA D 5 -13.37 -28.76 39.00
N LYS D 6 -14.03 -27.76 38.42
CA LYS D 6 -14.19 -27.67 36.95
C LYS D 6 -13.52 -26.43 36.46
N VAL D 7 -13.08 -26.44 35.20
CA VAL D 7 -12.45 -25.29 34.57
C VAL D 7 -13.51 -24.42 33.87
N TRP D 8 -13.69 -23.19 34.38
CA TRP D 8 -14.58 -22.17 33.79
C TRP D 8 -13.77 -21.12 33.00
N LEU D 9 -14.19 -20.86 31.77
CA LEU D 9 -13.66 -19.74 30.98
C LEU D 9 -14.80 -18.73 30.86
N VAL D 10 -14.63 -17.55 31.46
CA VAL D 10 -15.68 -16.53 31.40
C VAL D 10 -15.13 -15.30 30.68
N THR D 11 -15.78 -14.94 29.57
CA THR D 11 -15.38 -13.78 28.79
C THR D 11 -16.09 -12.56 29.39
N GLY D 12 -15.40 -11.42 29.40
CA GLY D 12 -15.93 -10.19 29.97
C GLY D 12 -16.20 -10.36 31.44
N ALA D 13 -15.23 -10.95 32.13
CA ALA D 13 -15.40 -11.41 33.50
C ALA D 13 -15.05 -10.31 34.49
N SER D 14 -14.62 -9.18 33.92
CA SER D 14 -14.09 -8.05 34.64
C SER D 14 -15.12 -7.39 35.54
N SER D 15 -16.33 -7.21 35.02
CA SER D 15 -17.37 -6.47 35.74
C SER D 15 -18.75 -7.02 35.44
N GLY D 16 -19.75 -6.50 36.15
CA GLY D 16 -21.14 -6.90 35.95
C GLY D 16 -21.46 -8.36 36.23
N PHE D 17 -22.44 -8.85 35.51
CA PHE D 17 -22.88 -10.22 35.59
C PHE D 17 -21.73 -11.22 35.37
N GLY D 18 -20.84 -10.95 34.42
CA GLY D 18 -19.65 -11.79 34.19
C GLY D 18 -18.74 -11.92 35.41
N ARG D 19 -18.59 -10.82 36.16
CA ARG D 19 -17.77 -10.84 37.37
C ARG D 19 -18.40 -11.72 38.46
N ALA D 20 -19.72 -11.60 38.62
CA ALA D 20 -20.46 -12.40 39.62
C ALA D 20 -20.39 -13.89 39.30
N ILE D 21 -20.51 -14.22 38.00
CA ILE D 21 -20.40 -15.61 37.53
C ILE D 21 -19.03 -16.21 37.87
N ALA D 22 -17.97 -15.45 37.55
CA ALA D 22 -16.60 -15.81 37.83
C ALA D 22 -16.40 -16.04 39.31
N GLU D 23 -16.88 -15.11 40.13
CA GLU D 23 -16.66 -15.22 41.54
C GLU D 23 -17.44 -16.36 42.16
N ALA D 24 -18.63 -16.62 41.62
CA ALA D 24 -19.46 -17.70 42.10
C ALA D 24 -18.71 -19.00 41.85
N ALA D 25 -18.07 -19.11 40.69
CA ALA D 25 -17.28 -20.30 40.36
C ALA D 25 -16.12 -20.50 41.34
N VAL D 26 -15.33 -19.44 41.58
CA VAL D 26 -14.21 -19.56 42.52
C VAL D 26 -14.66 -19.85 43.95
N ALA D 27 -15.79 -19.27 44.36
CA ALA D 27 -16.34 -19.52 45.70
C ALA D 27 -16.84 -20.97 45.81
N ALA D 28 -17.25 -21.56 44.70
CA ALA D 28 -17.67 -22.96 44.67
C ALA D 28 -16.48 -23.95 44.58
N GLY D 29 -15.26 -23.44 44.48
CA GLY D 29 -14.07 -24.28 44.43
C GLY D 29 -13.57 -24.54 43.01
N ASP D 30 -14.23 -23.98 42.01
CA ASP D 30 -13.81 -24.12 40.61
C ASP D 30 -12.57 -23.32 40.23
N THR D 31 -11.96 -23.68 39.10
CA THR D 31 -10.86 -22.92 38.52
C THR D 31 -11.45 -22.02 37.45
N VAL D 32 -11.04 -20.76 37.45
CA VAL D 32 -11.62 -19.77 36.56
C VAL D 32 -10.57 -19.04 35.73
N ILE D 33 -10.81 -18.98 34.43
CA ILE D 33 -10.07 -18.09 33.54
C ILE D 33 -11.03 -16.99 33.16
N GLY D 34 -10.73 -15.78 33.60
CA GLY D 34 -11.50 -14.62 33.22
C GLY D 34 -10.79 -13.90 32.10
N THR D 35 -11.55 -13.45 31.11
CA THR D 35 -11.01 -12.57 30.08
C THR D 35 -11.64 -11.19 30.16
N ALA D 36 -10.84 -10.20 29.79
CA ALA D 36 -11.24 -8.82 29.71
C ALA D 36 -10.38 -8.13 28.65
N ARG D 37 -10.76 -6.91 28.27
CA ARG D 37 -9.92 -6.12 27.37
C ARG D 37 -8.52 -5.93 27.96
N ARG D 38 -8.45 -5.52 29.23
CA ARG D 38 -7.16 -5.42 29.92
C ARG D 38 -7.09 -6.41 31.11
N THR D 39 -6.11 -7.31 31.11
CA THR D 39 -5.88 -8.20 32.28
C THR D 39 -5.99 -7.44 33.60
N GLU D 40 -5.41 -6.25 33.63
CA GLU D 40 -5.39 -5.39 34.82
C GLU D 40 -6.77 -5.13 35.43
N ALA D 41 -7.82 -5.15 34.60
CA ALA D 41 -9.17 -4.96 35.10
C ALA D 41 -9.62 -6.08 36.06
N LEU D 42 -8.98 -7.26 35.94
CA LEU D 42 -9.29 -8.41 36.80
C LEU D 42 -8.35 -8.61 37.98
N ASP D 43 -7.58 -7.58 38.35
CA ASP D 43 -6.55 -7.71 39.39
C ASP D 43 -7.07 -8.18 40.75
N ASP D 44 -8.20 -7.61 41.19
CA ASP D 44 -8.76 -7.92 42.50
C ASP D 44 -9.23 -9.38 42.65
N LEU D 45 -9.74 -9.96 41.55
CA LEU D 45 -10.17 -11.37 41.56
C LEU D 45 -8.95 -12.29 41.71
N VAL D 46 -7.91 -12.01 40.93
CA VAL D 46 -6.69 -12.81 40.94
C VAL D 46 -5.96 -12.68 42.28
N ALA D 47 -6.01 -11.49 42.89
CA ALA D 47 -5.36 -11.26 44.18
C ALA D 47 -6.06 -12.07 45.27
N ALA D 48 -7.40 -12.09 45.22
CA ALA D 48 -8.21 -12.83 46.19
C ALA D 48 -8.13 -14.36 46.05
N TYR D 49 -7.94 -14.86 44.83
CA TYR D 49 -7.80 -16.30 44.63
C TYR D 49 -6.63 -16.67 43.72
N PRO D 50 -5.40 -16.41 44.20
CA PRO D 50 -4.15 -16.49 43.44
C PRO D 50 -3.89 -17.83 42.74
N ASP D 51 -4.37 -18.93 43.33
CA ASP D 51 -4.14 -20.26 42.78
C ASP D 51 -5.21 -20.80 41.82
N ARG D 52 -6.38 -20.16 41.80
CA ARG D 52 -7.53 -20.69 41.06
C ARG D 52 -8.19 -19.69 40.09
N ALA D 53 -7.64 -18.49 40.04
CA ALA D 53 -8.12 -17.44 39.14
C ALA D 53 -6.95 -16.92 38.31
N GLU D 54 -7.19 -16.76 37.02
CA GLU D 54 -6.23 -16.16 36.10
C GLU D 54 -6.97 -15.18 35.20
N ALA D 55 -6.28 -14.10 34.86
CA ALA D 55 -6.80 -13.09 33.94
C ALA D 55 -6.10 -13.25 32.60
N ILE D 56 -6.87 -13.21 31.52
CA ILE D 56 -6.29 -13.19 30.19
C ILE D 56 -6.91 -12.08 29.38
N SER D 57 -6.06 -11.36 28.65
CA SER D 57 -6.47 -10.29 27.79
C SER D 57 -7.15 -10.87 26.55
N LEU D 58 -8.40 -10.47 26.31
CA LEU D 58 -9.10 -10.88 25.10
C LEU D 58 -10.10 -9.83 24.61
N ASP D 59 -9.99 -9.47 23.33
CA ASP D 59 -11.04 -8.76 22.64
C ASP D 59 -11.74 -9.77 21.71
N VAL D 60 -13.01 -10.03 22.03
CA VAL D 60 -13.82 -11.06 21.38
C VAL D 60 -14.13 -10.68 19.91
N THR D 61 -13.94 -9.40 19.56
CA THR D 61 -14.02 -8.93 18.17
CA THR D 61 -14.07 -9.03 18.15
C THR D 61 -12.81 -9.41 17.36
N ASP D 62 -11.74 -9.81 18.06
CA ASP D 62 -10.48 -10.19 17.38
C ASP D 62 -10.32 -11.71 17.25
N GLY D 63 -10.65 -12.24 16.05
CA GLY D 63 -10.73 -13.69 15.81
C GLY D 63 -9.40 -14.40 16.00
N GLU D 64 -8.33 -13.74 15.55
CA GLU D 64 -6.94 -14.20 15.77
C GLU D 64 -6.61 -14.43 17.24
N ARG D 65 -6.93 -13.44 18.07
CA ARG D 65 -6.72 -13.51 19.52
C ARG D 65 -7.57 -14.62 20.19
N ILE D 66 -8.81 -14.80 19.73
CA ILE D 66 -9.67 -15.91 20.21
C ILE D 66 -8.92 -17.23 20.02
N ASP D 67 -8.38 -17.44 18.82
CA ASP D 67 -7.66 -18.67 18.51
C ASP D 67 -6.47 -18.87 19.46
N VAL D 68 -5.69 -17.80 19.66
CA VAL D 68 -4.51 -17.88 20.53
C VAL D 68 -4.92 -18.20 21.97
N VAL D 69 -5.92 -17.50 22.48
CA VAL D 69 -6.36 -17.69 23.85
C VAL D 69 -6.92 -19.11 24.07
N ALA D 70 -7.82 -19.57 23.20
CA ALA D 70 -8.40 -20.90 23.35
C ALA D 70 -7.30 -21.99 23.37
N ALA D 71 -6.37 -21.91 22.43
CA ALA D 71 -5.27 -22.86 22.34
C ALA D 71 -4.40 -22.83 23.61
N ASP D 72 -4.14 -21.62 24.11
CA ASP D 72 -3.31 -21.44 25.30
C ASP D 72 -3.98 -22.02 26.56
N VAL D 73 -5.28 -21.82 26.67
CA VAL D 73 -6.00 -22.34 27.83
C VAL D 73 -6.02 -23.85 27.77
N LEU D 74 -6.29 -24.42 26.59
CA LEU D 74 -6.31 -25.87 26.44
C LEU D 74 -4.95 -26.50 26.75
N ALA D 75 -3.89 -25.82 26.33
CA ALA D 75 -2.52 -26.27 26.54
C ALA D 75 -2.11 -26.26 28.02
N ARG D 76 -2.52 -25.24 28.78
CA ARG D 76 -2.04 -25.11 30.15
C ARG D 76 -2.98 -25.74 31.19
N TYR D 77 -4.29 -25.75 30.90
CA TYR D 77 -5.26 -26.37 31.81
C TYR D 77 -5.67 -27.78 31.37
N GLY D 78 -5.40 -28.14 30.12
CA GLY D 78 -5.80 -29.46 29.60
C GLY D 78 -7.24 -29.52 29.10
N ARG D 79 -8.09 -28.59 29.57
CA ARG D 79 -9.52 -28.66 29.30
C ARG D 79 -10.23 -27.36 29.68
N VAL D 80 -11.44 -27.19 29.13
CA VAL D 80 -12.44 -26.25 29.65
C VAL D 80 -13.74 -27.01 29.84
N ASP D 81 -14.28 -26.98 31.04
CA ASP D 81 -15.50 -27.72 31.28
C ASP D 81 -16.70 -26.83 30.97
N VAL D 82 -16.63 -25.57 31.40
CA VAL D 82 -17.72 -24.63 31.17
C VAL D 82 -17.23 -23.40 30.43
N LEU D 83 -17.88 -23.07 29.32
CA LEU D 83 -17.61 -21.83 28.61
C LEU D 83 -18.77 -20.87 28.84
N VAL D 84 -18.48 -19.66 29.28
CA VAL D 84 -19.53 -18.66 29.44
C VAL D 84 -19.23 -17.52 28.47
N ASN D 85 -20.07 -17.38 27.44
CA ASN D 85 -19.92 -16.27 26.51
C ASN D 85 -20.70 -15.09 27.07
N ASN D 86 -19.98 -14.23 27.78
CA ASN D 86 -20.62 -13.12 28.48
C ASN D 86 -20.22 -11.78 27.91
N ALA D 87 -19.09 -11.74 27.19
CA ALA D 87 -18.56 -10.46 26.65
C ALA D 87 -19.68 -9.80 25.86
N GLY D 88 -19.83 -8.50 26.03
CA GLY D 88 -20.95 -7.82 25.44
C GLY D 88 -21.01 -6.36 25.76
N ARG D 89 -21.97 -5.67 25.15
CA ARG D 89 -22.27 -4.29 25.49
C ARG D 89 -23.75 -3.99 25.24
N THR D 90 -24.29 -3.10 26.06
CA THR D 90 -25.67 -2.67 25.89
C THR D 90 -25.71 -1.62 24.79
N GLN D 91 -26.79 -1.59 24.01
CA GLN D 91 -26.87 -0.65 22.92
C GLN D 91 -28.29 -0.27 22.57
N VAL D 92 -28.56 1.03 22.59
CA VAL D 92 -29.88 1.56 22.32
C VAL D 92 -29.79 2.59 21.21
N GLY D 93 -30.71 2.49 20.26
CA GLY D 93 -30.82 3.50 19.20
C GLY D 93 -31.88 3.08 18.19
N ALA D 94 -32.54 4.06 17.59
CA ALA D 94 -33.59 3.78 16.59
C ALA D 94 -32.91 3.07 15.42
N PHE D 95 -33.67 2.23 14.73
CA PHE D 95 -33.16 1.48 13.57
C PHE D 95 -32.50 2.43 12.56
N GLU D 96 -33.20 3.51 12.24
CA GLU D 96 -32.75 4.46 11.22
C GLU D 96 -31.47 5.19 11.65
N GLU D 97 -31.28 5.33 12.96
CA GLU D 97 -30.12 6.01 13.55
C GLU D 97 -28.84 5.14 13.64
N THR D 98 -29.02 3.83 13.63
CA THR D 98 -27.91 2.88 13.77
C THR D 98 -27.11 2.79 12.47
N THR D 99 -25.80 3.02 12.56
CA THR D 99 -24.95 2.97 11.36
C THR D 99 -24.61 1.53 11.02
N GLU D 100 -24.21 1.26 9.78
CA GLU D 100 -23.75 -0.08 9.44
C GLU D 100 -22.59 -0.54 10.35
N ARG D 101 -21.65 0.34 10.61
CA ARG D 101 -20.55 0.04 11.50
C ARG D 101 -20.95 -0.37 12.90
N GLU D 102 -21.86 0.37 13.53
CA GLU D 102 -22.41 0.01 14.85
C GLU D 102 -23.12 -1.35 14.83
N LEU D 103 -23.89 -1.60 13.79
CA LEU D 103 -24.55 -2.88 13.63
C LEU D 103 -23.53 -4.02 13.54
N ARG D 104 -22.58 -3.92 12.62
CA ARG D 104 -21.54 -4.92 12.47
C ARG D 104 -20.75 -5.15 13.76
N ASP D 105 -20.30 -4.10 14.39
CA ASP D 105 -19.54 -4.22 15.64
C ASP D 105 -20.32 -4.98 16.72
N LEU D 106 -21.63 -4.71 16.87
CA LEU D 106 -22.43 -5.47 17.85
C LEU D 106 -22.55 -6.93 17.48
N PHE D 107 -22.71 -7.25 16.19
CA PHE D 107 -22.62 -8.65 15.76
C PHE D 107 -21.27 -9.35 16.01
N GLU D 108 -20.14 -8.66 15.78
CA GLU D 108 -18.82 -9.21 16.13
C GLU D 108 -18.76 -9.63 17.57
N LEU D 109 -19.20 -8.74 18.45
CA LEU D 109 -19.12 -8.93 19.87
C LEU D 109 -20.06 -10.05 20.36
N HIS D 110 -21.29 -10.06 19.84
CA HIS D 110 -22.35 -10.88 20.43
C HIS D 110 -22.58 -12.19 19.68
N VAL D 111 -22.09 -12.28 18.46
CA VAL D 111 -22.41 -13.44 17.62
C VAL D 111 -21.14 -14.11 17.09
N PHE D 112 -20.33 -13.38 16.32
CA PHE D 112 -19.20 -14.02 15.60
C PHE D 112 -18.09 -14.46 16.54
N GLY D 113 -17.76 -13.61 17.51
CA GLY D 113 -16.76 -13.95 18.52
C GLY D 113 -17.16 -15.17 19.35
N PRO D 114 -18.32 -15.12 20.02
CA PRO D 114 -18.80 -16.31 20.73
C PRO D 114 -18.88 -17.57 19.86
N ALA D 115 -19.34 -17.46 18.61
CA ALA D 115 -19.37 -18.64 17.74
C ALA D 115 -17.98 -19.24 17.52
N ARG D 116 -17.00 -18.36 17.32
CA ARG D 116 -15.64 -18.79 17.07
C ARG D 116 -15.05 -19.40 18.35
N LEU D 117 -15.31 -18.78 19.50
CA LEU D 117 -14.77 -19.29 20.76
C LEU D 117 -15.40 -20.65 21.07
N THR D 118 -16.72 -20.75 20.84
CA THR D 118 -17.43 -22.01 21.06
C THR D 118 -16.92 -23.15 20.16
N ARG D 119 -16.75 -22.85 18.87
CA ARG D 119 -16.26 -23.86 17.94
C ARG D 119 -14.85 -24.38 18.29
N ALA D 120 -14.00 -23.49 18.82
CA ALA D 120 -12.65 -23.85 19.23
C ALA D 120 -12.65 -24.85 20.40
N LEU D 121 -13.67 -24.75 21.25
CA LEU D 121 -13.68 -25.50 22.50
C LEU D 121 -14.57 -26.74 22.47
N LEU D 122 -15.48 -26.78 21.51
CA LEU D 122 -16.37 -27.95 21.30
C LEU D 122 -15.71 -29.34 21.18
N PRO D 123 -14.64 -29.50 20.36
CA PRO D 123 -14.12 -30.88 20.25
C PRO D 123 -13.64 -31.55 21.54
N GLN D 124 -12.92 -30.83 22.40
CA GLN D 124 -12.48 -31.44 23.65
C GLN D 124 -13.66 -31.79 24.57
N MSE D 125 -14.75 -31.05 24.45
CA MSE D 125 -16.00 -31.38 25.13
C MSE D 125 -16.61 -32.66 24.56
O MSE D 125 -16.95 -33.58 25.31
CB MSE D 125 -17.02 -30.21 25.03
CG MSE D 125 -16.60 -28.94 25.78
SE MSE D 125 -18.10 -27.66 25.90
CE MSE D 125 -17.20 -26.17 26.84
N ARG D 126 -16.69 -32.74 23.24
CA ARG D 126 -17.25 -33.90 22.56
C ARG D 126 -16.47 -35.17 22.82
N GLU D 127 -15.15 -35.05 22.83
CA GLU D 127 -14.29 -36.19 23.05
C GLU D 127 -14.37 -36.68 24.49
N ARG D 128 -14.41 -35.75 25.44
CA ARG D 128 -14.59 -36.06 26.85
C ARG D 128 -16.00 -36.62 27.13
N GLY D 129 -17.00 -36.03 26.49
CA GLY D 129 -18.37 -36.45 26.70
C GLY D 129 -19.02 -35.70 27.85
N SER D 130 -18.49 -34.52 28.17
CA SER D 130 -19.06 -33.62 29.18
C SER D 130 -18.64 -32.17 28.89
N GLY D 131 -19.43 -31.21 29.36
CA GLY D 131 -19.14 -29.80 29.14
C GLY D 131 -20.40 -28.96 29.09
N SER D 132 -20.26 -27.66 29.33
CA SER D 132 -21.38 -26.75 29.35
C SER D 132 -21.06 -25.49 28.55
N VAL D 133 -22.01 -25.02 27.75
CA VAL D 133 -21.84 -23.76 27.04
C VAL D 133 -22.96 -22.81 27.53
N VAL D 134 -22.56 -21.70 28.15
CA VAL D 134 -23.52 -20.81 28.82
C VAL D 134 -23.47 -19.49 28.05
N ASN D 135 -24.49 -19.23 27.25
CA ASN D 135 -24.52 -18.03 26.41
C ASN D 135 -25.39 -16.97 27.07
N ILE D 136 -24.78 -15.84 27.40
CA ILE D 136 -25.51 -14.78 28.09
C ILE D 136 -26.23 -13.90 27.07
N SER D 137 -27.56 -14.00 27.10
CA SER D 137 -28.45 -13.36 26.17
C SER D 137 -29.19 -12.30 26.98
N SER D 138 -30.50 -12.22 26.76
CA SER D 138 -31.38 -11.18 27.32
C SER D 138 -32.80 -11.63 27.02
N PHE D 139 -33.77 -11.05 27.73
CA PHE D 139 -35.15 -11.16 27.26
C PHE D 139 -35.25 -10.67 25.81
N GLY D 140 -34.36 -9.75 25.42
CA GLY D 140 -34.26 -9.26 24.02
C GLY D 140 -33.85 -10.32 23.02
N GLY D 141 -33.41 -11.47 23.50
CA GLY D 141 -33.08 -12.58 22.61
C GLY D 141 -34.29 -13.21 21.92
N GLN D 142 -35.50 -12.85 22.37
CA GLN D 142 -36.75 -13.39 21.80
C GLN D 142 -37.70 -12.31 21.31
N LEU D 143 -37.37 -11.05 21.56
CA LEU D 143 -38.34 -9.96 21.35
C LEU D 143 -37.61 -8.64 21.23
N SER D 144 -38.24 -7.68 20.56
CA SER D 144 -37.69 -6.34 20.50
C SER D 144 -38.80 -5.29 20.65
N PHE D 145 -38.37 -4.01 20.68
CA PHE D 145 -39.28 -2.89 20.71
C PHE D 145 -38.43 -1.68 20.38
N ALA D 146 -39.02 -0.48 20.45
CA ALA D 146 -38.31 0.67 19.93
C ALA D 146 -36.97 0.92 20.64
N GLY D 147 -35.95 1.19 19.83
CA GLY D 147 -34.60 1.51 20.30
C GLY D 147 -33.74 0.27 20.52
N PHE D 148 -34.34 -0.91 20.38
CA PHE D 148 -33.69 -2.13 20.80
C PHE D 148 -33.38 -3.08 19.65
N SER D 149 -33.54 -2.62 18.42
CA SER D 149 -33.51 -3.53 17.29
C SER D 149 -32.14 -4.20 17.10
N ALA D 150 -31.05 -3.43 17.17
CA ALA D 150 -29.69 -4.00 17.00
C ALA D 150 -29.41 -4.96 18.15
N TYR D 151 -29.62 -4.52 19.38
CA TYR D 151 -29.39 -5.40 20.52
C TYR D 151 -30.17 -6.73 20.38
N SER D 152 -31.51 -6.67 20.29
CA SER D 152 -32.32 -7.87 20.13
C SER D 152 -31.87 -8.75 18.96
N ALA D 153 -31.54 -8.14 17.82
CA ALA D 153 -31.09 -8.93 16.66
C ALA D 153 -29.83 -9.78 16.97
N THR D 154 -28.86 -9.21 17.68
CA THR D 154 -27.62 -9.95 17.97
C THR D 154 -27.91 -11.04 19.00
N LYS D 155 -28.76 -10.73 19.98
CA LYS D 155 -29.05 -11.71 21.03
C LYS D 155 -29.88 -12.85 20.47
N ALA D 156 -30.81 -12.55 19.57
CA ALA D 156 -31.63 -13.57 18.96
C ALA D 156 -30.77 -14.50 18.09
N ALA D 157 -29.75 -13.96 17.43
CA ALA D 157 -28.89 -14.78 16.59
C ALA D 157 -28.12 -15.79 17.50
N LEU D 158 -27.60 -15.28 18.61
CA LEU D 158 -26.89 -16.05 19.61
C LEU D 158 -27.78 -17.17 20.16
N GLU D 159 -29.03 -16.85 20.47
CA GLU D 159 -30.00 -17.86 20.94
C GLU D 159 -30.23 -18.97 19.91
N GLN D 160 -30.35 -18.61 18.65
CA GLN D 160 -30.68 -19.60 17.64
C GLN D 160 -29.46 -20.47 17.33
N LEU D 161 -28.28 -19.86 17.34
CA LEU D 161 -27.04 -20.63 17.26
C LEU D 161 -27.03 -21.68 18.38
N SER D 162 -27.43 -21.24 19.57
CA SER D 162 -27.48 -22.11 20.76
C SER D 162 -28.51 -23.21 20.66
N GLU D 163 -29.73 -22.89 20.20
CA GLU D 163 -30.78 -23.89 20.03
C GLU D 163 -30.33 -25.01 19.09
N GLY D 164 -29.76 -24.63 17.96
CA GLY D 164 -29.26 -25.60 16.98
C GLY D 164 -28.14 -26.45 17.56
N LEU D 165 -27.14 -25.79 18.13
CA LEU D 165 -26.04 -26.48 18.78
C LEU D 165 -26.52 -27.47 19.84
N ALA D 166 -27.40 -27.02 20.73
CA ALA D 166 -27.98 -27.85 21.79
C ALA D 166 -28.52 -29.19 21.31
N ASP D 167 -29.24 -29.18 20.20
CA ASP D 167 -29.84 -30.38 19.63
C ASP D 167 -28.72 -31.32 19.12
N GLU D 168 -27.67 -30.72 18.57
CA GLU D 168 -26.53 -31.45 18.00
C GLU D 168 -25.65 -32.14 19.03
N VAL D 169 -25.51 -31.52 20.20
CA VAL D 169 -24.54 -32.00 21.20
C VAL D 169 -25.17 -32.72 22.39
N ALA D 170 -26.50 -32.75 22.44
CA ALA D 170 -27.18 -33.51 23.49
C ALA D 170 -26.71 -34.96 23.56
N PRO D 171 -26.54 -35.65 22.40
CA PRO D 171 -26.04 -37.04 22.44
C PRO D 171 -24.66 -37.24 23.08
N PHE D 172 -23.86 -36.18 23.18
CA PHE D 172 -22.53 -36.28 23.83
C PHE D 172 -22.56 -35.83 25.28
N GLY D 173 -23.75 -35.53 25.79
CA GLY D 173 -23.92 -35.08 27.18
C GLY D 173 -23.47 -33.64 27.43
N ILE D 174 -23.36 -32.84 26.38
CA ILE D 174 -23.01 -31.41 26.54
C ILE D 174 -24.27 -30.58 26.80
N LYS D 175 -24.19 -29.69 27.78
CA LYS D 175 -25.28 -28.82 28.18
C LYS D 175 -25.09 -27.42 27.57
N VAL D 176 -26.18 -26.89 27.02
CA VAL D 176 -26.20 -25.53 26.43
C VAL D 176 -27.34 -24.79 27.07
N LEU D 177 -26.99 -23.66 27.68
CA LEU D 177 -27.91 -22.87 28.48
C LEU D 177 -27.89 -21.44 27.91
N ILE D 178 -29.05 -20.98 27.51
CA ILE D 178 -29.22 -19.60 27.11
C ILE D 178 -29.71 -18.84 28.35
N VAL D 179 -28.97 -17.85 28.80
CA VAL D 179 -29.40 -17.12 29.99
C VAL D 179 -30.04 -15.81 29.54
N GLU D 180 -31.21 -15.46 30.10
CA GLU D 180 -31.99 -14.28 29.66
C GLU D 180 -32.30 -13.30 30.80
N PRO D 181 -31.30 -12.48 31.17
CA PRO D 181 -31.53 -11.58 32.32
C PRO D 181 -32.17 -10.26 31.90
N GLY D 182 -32.70 -9.55 32.89
CA GLY D 182 -33.05 -8.14 32.76
C GLY D 182 -31.87 -7.33 33.28
N ALA D 183 -32.12 -6.11 33.74
CA ALA D 183 -31.04 -5.26 34.26
C ALA D 183 -30.62 -5.66 35.68
N PHE D 184 -29.37 -5.37 36.04
CA PHE D 184 -28.83 -5.74 37.36
C PHE D 184 -28.45 -4.53 38.20
N ARG D 185 -28.46 -4.69 39.53
CA ARG D 185 -27.83 -3.71 40.43
C ARG D 185 -26.31 -3.67 40.14
N THR D 186 -25.73 -2.46 40.16
CA THR D 186 -24.38 -2.26 39.61
C THR D 186 -23.41 -1.75 40.66
N ASN D 187 -23.88 -1.62 41.89
CA ASN D 187 -23.10 -0.95 42.92
C ASN D 187 -21.97 -1.81 43.50
N LEU D 188 -22.10 -3.13 43.43
CA LEU D 188 -21.04 -4.02 43.89
C LEU D 188 -20.15 -4.46 42.74
N PHE D 189 -20.78 -4.89 41.64
CA PHE D 189 -20.06 -5.56 40.55
C PHE D 189 -19.68 -4.65 39.37
N GLY D 190 -20.15 -3.42 39.40
CA GLY D 190 -19.99 -2.49 38.28
C GLY D 190 -20.87 -2.87 37.11
N LYS D 191 -20.72 -2.15 35.99
CA LYS D 191 -21.54 -2.36 34.81
C LYS D 191 -20.67 -2.58 33.59
N GLY D 192 -21.21 -3.24 32.57
CA GLY D 192 -20.57 -3.34 31.27
C GLY D 192 -20.76 -2.03 30.52
N ALA D 193 -20.12 -1.92 29.36
CA ALA D 193 -20.19 -0.70 28.56
C ALA D 193 -21.58 -0.54 27.92
N ALA D 194 -21.97 0.71 27.66
CA ALA D 194 -23.26 0.97 27.01
C ALA D 194 -23.16 2.15 26.06
N TYR D 195 -23.76 2.01 24.87
CA TYR D 195 -23.91 3.12 23.95
C TYR D 195 -25.36 3.46 23.68
N PHE D 196 -25.66 4.75 23.69
CA PHE D 196 -27.00 5.24 23.42
C PHE D 196 -26.89 6.22 22.27
N SER D 197 -27.44 5.86 21.12
CA SER D 197 -27.49 6.75 19.96
C SER D 197 -28.26 8.02 20.29
N GLU D 198 -28.01 9.09 19.54
CA GLU D 198 -28.86 10.28 19.65
C GLU D 198 -30.31 9.91 19.31
N GLU D 199 -31.24 10.48 20.05
CA GLU D 199 -32.66 10.27 19.84
C GLU D 199 -33.23 11.50 19.16
N ASN D 200 -33.63 11.39 17.90
CA ASN D 200 -34.28 12.52 17.28
C ASN D 200 -35.73 12.68 17.76
N PRO D 201 -36.27 13.92 17.68
CA PRO D 201 -37.63 14.16 18.17
C PRO D 201 -38.67 13.23 17.56
N ALA D 202 -38.43 12.76 16.34
CA ALA D 202 -39.40 11.89 15.69
C ALA D 202 -39.44 10.51 16.36
N TYR D 203 -38.39 10.13 17.09
CA TYR D 203 -38.32 8.81 17.73
C TYR D 203 -38.29 8.88 19.26
N ALA D 204 -38.17 10.09 19.80
CA ALA D 204 -37.98 10.31 21.24
C ALA D 204 -39.05 9.65 22.13
N GLU D 205 -40.32 9.77 21.74
CA GLU D 205 -41.42 9.21 22.53
C GLU D 205 -41.28 7.69 22.69
N LYS D 206 -40.87 7.00 21.64
CA LYS D 206 -40.70 5.56 21.64
C LYS D 206 -39.38 5.06 22.23
N VAL D 207 -38.29 5.75 21.92
CA VAL D 207 -36.98 5.25 22.29
C VAL D 207 -36.60 5.65 23.71
N GLY D 208 -37.07 6.82 24.13
CA GLY D 208 -36.82 7.36 25.47
C GLY D 208 -36.99 6.28 26.55
N PRO D 209 -38.21 5.71 26.69
CA PRO D 209 -38.47 4.66 27.70
C PRO D 209 -37.53 3.45 27.58
N THR D 210 -37.07 3.15 26.37
CA THR D 210 -36.12 2.05 26.22
C THR D 210 -34.76 2.39 26.85
N ARG D 211 -34.27 3.61 26.59
CA ARG D 211 -33.06 4.05 27.25
C ARG D 211 -33.21 3.92 28.76
N GLN D 212 -34.38 4.32 29.26
CA GLN D 212 -34.68 4.33 30.71
C GLN D 212 -34.58 2.92 31.31
N LEU D 213 -35.19 1.99 30.60
CA LEU D 213 -35.27 0.58 30.98
C LEU D 213 -33.88 -0.03 31.09
N VAL D 214 -33.07 0.22 30.06
CA VAL D 214 -31.76 -0.41 29.92
C VAL D 214 -30.79 0.18 30.95
N GLN D 215 -30.97 1.47 31.24
CA GLN D 215 -30.17 2.15 32.26
C GLN D 215 -30.54 1.75 33.67
N GLY D 216 -31.57 0.90 33.79
CA GLY D 216 -32.05 0.37 35.06
C GLY D 216 -33.04 1.30 35.76
N SER D 217 -33.40 2.41 35.14
CA SER D 217 -34.38 3.35 35.70
C SER D 217 -35.82 3.03 35.40
N SER D 220 -38.28 -0.49 35.16
CA SER D 220 -37.27 -1.48 35.50
C SER D 220 -37.14 -1.73 37.01
N GLN D 221 -36.89 -2.99 37.37
CA GLN D 221 -36.60 -3.42 38.74
C GLN D 221 -35.38 -4.37 38.72
N PRO D 222 -34.28 -3.98 39.41
CA PRO D 222 -32.96 -4.56 39.12
C PRO D 222 -32.67 -5.93 39.77
N GLY D 223 -31.97 -6.80 39.05
CA GLY D 223 -31.57 -8.08 39.58
C GLY D 223 -30.39 -8.06 40.54
N ASP D 224 -30.22 -9.18 41.22
CA ASP D 224 -29.08 -9.42 42.10
C ASP D 224 -28.15 -10.34 41.33
N PRO D 225 -27.00 -9.81 40.88
CA PRO D 225 -26.10 -10.62 40.04
C PRO D 225 -25.57 -11.89 40.72
N ALA D 226 -25.27 -11.82 42.03
CA ALA D 226 -24.85 -13.01 42.77
C ALA D 226 -25.94 -14.07 42.80
N LYS D 227 -27.19 -13.66 42.97
CA LYS D 227 -28.30 -14.60 42.91
C LYS D 227 -28.53 -15.19 41.51
N ALA D 228 -28.32 -14.35 40.49
CA ALA D 228 -28.43 -14.81 39.11
C ALA D 228 -27.33 -15.83 38.81
N ALA D 229 -26.12 -15.61 39.33
CA ALA D 229 -25.02 -16.55 39.09
C ALA D 229 -25.31 -17.91 39.74
N ALA D 230 -25.84 -17.89 40.96
CA ALA D 230 -26.27 -19.13 41.64
C ALA D 230 -27.34 -19.88 40.84
N ALA D 231 -28.27 -19.14 40.24
CA ALA D 231 -29.33 -19.74 39.39
C ALA D 231 -28.78 -20.47 38.18
N ILE D 232 -27.77 -19.91 37.53
CA ILE D 232 -27.08 -20.56 36.40
C ILE D 232 -26.52 -21.92 36.84
N ARG D 233 -25.79 -21.93 37.95
CA ARG D 233 -25.17 -23.13 38.49
C ARG D 233 -26.22 -24.18 38.81
N LEU D 234 -27.32 -23.76 39.44
CA LEU D 234 -28.42 -24.65 39.75
C LEU D 234 -28.94 -25.28 38.43
N ALA D 235 -29.20 -24.44 37.44
CA ALA D 235 -29.70 -24.90 36.14
C ALA D 235 -28.78 -25.93 35.51
N LEU D 236 -27.48 -25.64 35.51
CA LEU D 236 -26.48 -26.60 35.03
C LEU D 236 -26.39 -27.88 35.88
N ASP D 237 -26.71 -27.78 37.17
CA ASP D 237 -26.63 -28.94 38.04
C ASP D 237 -27.88 -29.83 38.02
N THR D 238 -28.94 -29.37 37.36
CA THR D 238 -30.15 -30.16 37.21
C THR D 238 -29.98 -31.17 36.07
N GLU D 239 -30.45 -32.41 36.27
CA GLU D 239 -30.37 -33.46 35.22
C GLU D 239 -30.94 -32.94 33.91
N LYS D 240 -32.13 -32.35 33.97
CA LYS D 240 -32.74 -31.75 32.80
C LYS D 240 -32.44 -30.26 32.82
N THR D 241 -31.29 -29.88 32.26
CA THR D 241 -30.92 -28.47 32.14
C THR D 241 -31.86 -27.80 31.13
N PRO D 242 -32.53 -26.71 31.54
CA PRO D 242 -33.43 -26.04 30.60
C PRO D 242 -32.62 -25.39 29.46
N LEU D 243 -33.21 -25.29 28.27
CA LEU D 243 -32.56 -24.57 27.18
C LEU D 243 -32.40 -23.09 27.50
N ARG D 244 -33.42 -22.50 28.12
CA ARG D 244 -33.39 -21.10 28.53
C ARG D 244 -33.64 -20.95 30.01
N LEU D 245 -32.98 -19.94 30.59
CA LEU D 245 -33.18 -19.57 31.98
C LEU D 245 -33.38 -18.06 31.99
N ALA D 246 -34.63 -17.63 32.19
CA ALA D 246 -34.95 -16.22 32.38
C ALA D 246 -34.51 -15.86 33.79
N LEU D 247 -34.03 -14.63 33.97
CA LEU D 247 -33.64 -14.17 35.30
C LEU D 247 -34.26 -12.83 35.55
N GLY D 248 -35.08 -12.78 36.59
CA GLY D 248 -35.69 -11.55 37.06
C GLY D 248 -37.14 -11.46 36.59
N GLY D 249 -37.94 -10.78 37.39
CA GLY D 249 -39.36 -10.58 37.17
C GLY D 249 -39.69 -9.81 35.89
N ASP D 250 -38.85 -8.82 35.57
CA ASP D 250 -39.01 -8.00 34.36
C ASP D 250 -38.84 -8.86 33.13
N ALA D 251 -37.81 -9.69 33.15
CA ALA D 251 -37.55 -10.62 32.04
C ALA D 251 -38.68 -11.62 31.84
N VAL D 252 -39.14 -12.23 32.94
CA VAL D 252 -40.26 -13.17 32.86
C VAL D 252 -41.52 -12.51 32.28
N ASP D 253 -41.82 -11.29 32.74
CA ASP D 253 -42.95 -10.50 32.23
C ASP D 253 -42.82 -10.22 30.74
N PHE D 254 -41.64 -9.75 30.30
CA PHE D 254 -41.43 -9.49 28.86
C PHE D 254 -41.62 -10.76 28.04
N LEU D 255 -40.98 -11.82 28.50
CA LEU D 255 -40.95 -13.09 27.76
C LEU D 255 -42.33 -13.77 27.65
N THR D 256 -43.05 -13.84 28.77
CA THR D 256 -44.42 -14.37 28.77
C THR D 256 -45.36 -13.46 27.97
N GLY D 257 -45.21 -12.14 28.09
CA GLY D 257 -46.02 -11.19 27.29
C GLY D 257 -45.85 -11.41 25.78
N HIS D 258 -44.62 -11.72 25.36
CA HIS D 258 -44.31 -11.91 23.97
C HIS D 258 -44.85 -13.23 23.41
N LEU D 259 -44.68 -14.32 24.18
CA LEU D 259 -45.22 -15.61 23.75
C LEU D 259 -46.72 -15.53 23.54
N ASP D 260 -47.38 -14.81 24.43
CA ASP D 260 -48.81 -14.55 24.37
C ASP D 260 -49.17 -13.83 23.07
N SER D 261 -48.55 -12.69 22.80
CA SER D 261 -48.89 -11.96 21.58
C SER D 261 -48.57 -12.71 20.29
N VAL D 262 -47.44 -13.44 20.30
CA VAL D 262 -47.03 -14.21 19.12
C VAL D 262 -48.03 -15.35 18.86
N ARG D 263 -48.34 -16.12 19.90
CA ARG D 263 -49.33 -17.16 19.74
C ARG D 263 -50.72 -16.61 19.33
N ALA D 264 -51.16 -15.53 19.97
CA ALA D 264 -52.45 -14.96 19.59
C ALA D 264 -52.52 -14.59 18.10
N GLU D 265 -51.48 -13.93 17.58
CA GLU D 265 -51.44 -13.55 16.17
C GLU D 265 -51.41 -14.77 15.24
N LEU D 266 -50.66 -15.79 15.65
CA LEU D 266 -50.62 -17.06 14.93
C LEU D 266 -52.04 -17.66 14.85
N THR D 267 -52.78 -17.67 15.95
CA THR D 267 -54.14 -18.24 15.97
C THR D 267 -55.04 -17.44 15.03
N GLU D 268 -55.00 -16.12 15.17
CA GLU D 268 -55.82 -15.23 14.38
C GLU D 268 -55.63 -15.46 12.87
N TRP D 269 -54.37 -15.62 12.43
CA TRP D 269 -54.07 -15.79 10.99
C TRP D 269 -53.91 -17.24 10.52
N GLU D 270 -54.25 -18.20 11.39
CA GLU D 270 -53.95 -19.60 11.10
C GLU D 270 -54.64 -20.18 9.85
N LYS D 271 -55.93 -19.86 9.66
CA LYS D 271 -56.64 -20.34 8.46
C LYS D 271 -55.93 -19.83 7.18
N VAL D 272 -55.57 -18.56 7.17
CA VAL D 272 -54.76 -18.01 6.08
C VAL D 272 -53.43 -18.76 5.94
N SER D 273 -52.71 -18.92 7.04
CA SER D 273 -51.42 -19.63 7.01
C SER D 273 -51.55 -21.03 6.40
N ARG D 274 -52.55 -21.80 6.84
CA ARG D 274 -52.71 -23.17 6.39
C ARG D 274 -53.27 -23.25 4.97
N GLY D 275 -53.97 -22.19 4.54
CA GLY D 275 -54.60 -22.14 3.22
C GLY D 275 -53.64 -22.06 2.03
N THR D 276 -52.34 -21.98 2.31
CA THR D 276 -51.35 -21.87 1.24
C THR D 276 -50.82 -23.21 0.73
N ASP D 277 -51.15 -24.28 1.44
CA ASP D 277 -50.78 -25.64 1.00
C ASP D 277 -51.91 -26.22 0.17
N SER E 4 -54.45 4.26 -7.63
CA SER E 4 -53.02 4.67 -7.73
C SER E 4 -52.14 3.46 -7.36
N ALA E 5 -51.35 3.01 -8.32
CA ALA E 5 -50.58 1.77 -8.21
C ALA E 5 -49.30 1.95 -7.41
N LYS E 6 -48.99 0.96 -6.58
CA LYS E 6 -47.86 1.07 -5.71
C LYS E 6 -46.57 0.58 -6.37
N VAL E 7 -45.45 1.16 -5.96
CA VAL E 7 -44.14 0.73 -6.41
C VAL E 7 -43.55 -0.37 -5.46
N TRP E 8 -43.34 -1.57 -6.00
CA TRP E 8 -42.78 -2.69 -5.24
C TRP E 8 -41.33 -2.90 -5.66
N LEU E 9 -40.42 -2.92 -4.68
CA LEU E 9 -39.05 -3.35 -4.91
C LEU E 9 -38.88 -4.71 -4.26
N VAL E 10 -38.53 -5.72 -5.07
CA VAL E 10 -38.43 -7.10 -4.60
C VAL E 10 -37.03 -7.67 -4.86
N THR E 11 -36.27 -7.96 -3.79
CA THR E 11 -34.95 -8.62 -3.92
C THR E 11 -35.13 -10.14 -4.05
N GLY E 12 -34.11 -10.79 -4.61
CA GLY E 12 -34.21 -12.22 -5.00
C GLY E 12 -35.48 -12.51 -5.79
N ALA E 13 -35.79 -11.63 -6.76
CA ALA E 13 -37.01 -11.73 -7.58
C ALA E 13 -36.87 -12.74 -8.72
N SER E 14 -35.69 -13.32 -8.79
CA SER E 14 -35.23 -14.20 -9.85
C SER E 14 -35.82 -15.62 -9.76
N SER E 15 -36.20 -16.04 -8.55
CA SER E 15 -36.77 -17.37 -8.37
C SER E 15 -37.69 -17.47 -7.17
N GLY E 16 -38.39 -18.60 -7.11
CA GLY E 16 -39.21 -18.98 -5.99
C GLY E 16 -40.17 -17.90 -5.54
N PHE E 17 -40.14 -17.65 -4.24
CA PHE E 17 -41.04 -16.75 -3.58
C PHE E 17 -40.97 -15.32 -4.11
N GLY E 18 -39.75 -14.81 -4.34
CA GLY E 18 -39.54 -13.45 -4.82
C GLY E 18 -40.18 -13.23 -6.18
N ARG E 19 -40.08 -14.23 -7.03
CA ARG E 19 -40.67 -14.18 -8.37
C ARG E 19 -42.19 -14.23 -8.29
N ALA E 20 -42.71 -15.15 -7.48
CA ALA E 20 -44.14 -15.19 -7.18
C ALA E 20 -44.67 -13.84 -6.73
N ILE E 21 -43.94 -13.21 -5.81
CA ILE E 21 -44.38 -11.92 -5.26
C ILE E 21 -44.36 -10.82 -6.34
N ALA E 22 -43.28 -10.78 -7.14
CA ALA E 22 -43.17 -9.79 -8.20
C ALA E 22 -44.28 -9.96 -9.24
N GLU E 23 -44.58 -11.20 -9.60
CA GLU E 23 -45.65 -11.49 -10.55
C GLU E 23 -47.03 -11.12 -10.03
N ALA E 24 -47.31 -11.42 -8.76
CA ALA E 24 -48.61 -11.12 -8.18
C ALA E 24 -48.81 -9.61 -8.13
N ALA E 25 -47.72 -8.88 -7.93
CA ALA E 25 -47.78 -7.42 -7.92
C ALA E 25 -48.10 -6.83 -9.30
N VAL E 26 -47.47 -7.34 -10.36
CA VAL E 26 -47.82 -6.87 -11.71
C VAL E 26 -49.26 -7.27 -12.09
N ALA E 27 -49.68 -8.48 -11.70
CA ALA E 27 -51.06 -8.93 -12.01
C ALA E 27 -52.11 -8.10 -11.25
N ALA E 28 -51.73 -7.55 -10.11
CA ALA E 28 -52.62 -6.69 -9.33
C ALA E 28 -52.62 -5.24 -9.85
N GLY E 29 -51.86 -4.99 -10.91
CA GLY E 29 -51.77 -3.67 -11.50
C GLY E 29 -50.66 -2.79 -10.95
N ASP E 30 -49.88 -3.32 -10.00
CA ASP E 30 -48.76 -2.56 -9.44
C ASP E 30 -47.56 -2.44 -10.37
N THR E 31 -46.61 -1.60 -9.96
CA THR E 31 -45.34 -1.44 -10.63
C THR E 31 -44.25 -2.13 -9.83
N VAL E 32 -43.42 -2.92 -10.52
CA VAL E 32 -42.44 -3.77 -9.84
C VAL E 32 -41.00 -3.57 -10.32
N ILE E 33 -40.08 -3.42 -9.39
CA ILE E 33 -38.68 -3.56 -9.70
C ILE E 33 -38.20 -4.82 -9.00
N GLY E 34 -37.83 -5.82 -9.80
CA GLY E 34 -37.27 -7.07 -9.28
C GLY E 34 -35.76 -6.98 -9.37
N THR E 35 -35.07 -7.37 -8.31
CA THR E 35 -33.61 -7.36 -8.31
C THR E 35 -33.11 -8.77 -8.08
N ALA E 36 -31.99 -9.10 -8.71
CA ALA E 36 -31.42 -10.42 -8.64
C ALA E 36 -29.94 -10.31 -9.05
N ARG E 37 -29.12 -11.28 -8.66
CA ARG E 37 -27.69 -11.20 -8.99
C ARG E 37 -27.64 -11.16 -10.51
N ARG E 38 -28.44 -12.02 -11.14
CA ARG E 38 -28.61 -12.00 -12.59
C ARG E 38 -30.07 -11.82 -12.95
N THR E 39 -30.31 -11.02 -13.98
CA THR E 39 -31.69 -10.62 -14.35
C THR E 39 -32.41 -11.56 -15.34
N GLU E 40 -31.68 -12.54 -15.87
CA GLU E 40 -32.15 -13.43 -16.92
C GLU E 40 -33.55 -13.99 -16.70
N ALA E 41 -33.84 -14.43 -15.48
CA ALA E 41 -35.08 -15.14 -15.25
C ALA E 41 -36.29 -14.21 -15.40
N LEU E 42 -36.02 -12.90 -15.30
CA LEU E 42 -37.07 -11.87 -15.29
C LEU E 42 -37.39 -11.32 -16.68
N ASP E 43 -36.70 -11.84 -17.70
CA ASP E 43 -36.84 -11.32 -19.04
C ASP E 43 -38.29 -11.37 -19.51
N ASP E 44 -38.96 -12.48 -19.21
CA ASP E 44 -40.33 -12.71 -19.68
C ASP E 44 -41.33 -11.75 -19.02
N LEU E 45 -41.14 -11.50 -17.73
CA LEU E 45 -41.95 -10.56 -16.96
C LEU E 45 -41.80 -9.14 -17.52
N VAL E 46 -40.54 -8.73 -17.72
CA VAL E 46 -40.21 -7.42 -18.28
C VAL E 46 -40.77 -7.24 -19.67
N ALA E 47 -40.59 -8.25 -20.53
CA ALA E 47 -41.13 -8.19 -21.89
C ALA E 47 -42.66 -8.26 -21.92
N ALA E 48 -43.26 -9.05 -21.03
CA ALA E 48 -44.72 -9.17 -20.97
C ALA E 48 -45.35 -7.90 -20.40
N TYR E 49 -44.65 -7.23 -19.51
CA TYR E 49 -45.14 -5.98 -18.93
C TYR E 49 -44.08 -4.87 -19.04
N PRO E 50 -43.82 -4.40 -20.28
CA PRO E 50 -42.63 -3.57 -20.48
C PRO E 50 -42.69 -2.26 -19.72
N ASP E 51 -43.90 -1.84 -19.34
CA ASP E 51 -44.10 -0.55 -18.68
C ASP E 51 -44.30 -0.63 -17.16
N ARG E 52 -44.54 -1.83 -16.63
CA ARG E 52 -44.80 -1.97 -15.18
C ARG E 52 -43.79 -2.90 -14.48
N ALA E 53 -42.91 -3.55 -15.25
CA ALA E 53 -41.87 -4.42 -14.68
C ALA E 53 -40.45 -4.08 -15.18
N GLU E 54 -39.52 -4.01 -14.25
CA GLU E 54 -38.12 -3.77 -14.57
C GLU E 54 -37.28 -4.70 -13.70
N ALA E 55 -36.20 -5.22 -14.28
CA ALA E 55 -35.27 -6.09 -13.57
C ALA E 55 -33.94 -5.36 -13.40
N ILE E 56 -33.43 -5.28 -12.17
CA ILE E 56 -32.13 -4.64 -11.92
C ILE E 56 -31.17 -5.65 -11.27
N SER E 57 -29.93 -5.69 -11.76
CA SER E 57 -28.91 -6.53 -11.17
C SER E 57 -28.44 -5.98 -9.81
N LEU E 58 -28.54 -6.81 -8.76
CA LEU E 58 -28.15 -6.39 -7.41
C LEU E 58 -27.73 -7.57 -6.57
N ASP E 59 -26.49 -7.54 -6.13
CA ASP E 59 -25.94 -8.49 -5.17
C ASP E 59 -26.08 -7.81 -3.80
N VAL E 60 -26.93 -8.35 -2.93
CA VAL E 60 -27.23 -7.66 -1.65
C VAL E 60 -26.06 -7.76 -0.65
N THR E 61 -25.04 -8.52 -1.04
CA THR E 61 -23.78 -8.61 -0.31
C THR E 61 -22.90 -7.39 -0.54
N ASP E 62 -23.24 -6.60 -1.56
CA ASP E 62 -22.41 -5.47 -1.97
C ASP E 62 -23.12 -4.17 -1.57
N GLY E 63 -22.64 -3.58 -0.48
CA GLY E 63 -23.28 -2.42 0.12
C GLY E 63 -23.29 -1.19 -0.78
N GLU E 64 -22.21 -0.98 -1.51
CA GLU E 64 -22.15 0.15 -2.44
C GLU E 64 -23.24 0.04 -3.48
N ARG E 65 -23.40 -1.15 -4.03
CA ARG E 65 -24.40 -1.43 -5.05
C ARG E 65 -25.82 -1.24 -4.51
N ILE E 66 -26.08 -1.69 -3.27
CA ILE E 66 -27.37 -1.43 -2.62
C ILE E 66 -27.67 0.07 -2.67
N ASP E 67 -26.71 0.89 -2.26
CA ASP E 67 -26.88 2.34 -2.26
C ASP E 67 -27.19 2.90 -3.66
N VAL E 68 -26.46 2.47 -4.67
CA VAL E 68 -26.65 3.00 -6.03
C VAL E 68 -28.06 2.64 -6.52
N VAL E 69 -28.45 1.39 -6.31
CA VAL E 69 -29.74 0.89 -6.76
C VAL E 69 -30.90 1.58 -6.01
N ALA E 70 -30.82 1.68 -4.69
CA ALA E 70 -31.85 2.41 -3.93
C ALA E 70 -32.03 3.83 -4.49
N ALA E 71 -30.92 4.54 -4.66
CA ALA E 71 -30.90 5.88 -5.23
C ALA E 71 -31.44 5.94 -6.67
N ASP E 72 -31.09 4.94 -7.48
CA ASP E 72 -31.54 4.91 -8.88
C ASP E 72 -33.05 4.76 -8.97
N VAL E 73 -33.61 3.85 -8.16
CA VAL E 73 -35.06 3.61 -8.13
C VAL E 73 -35.83 4.81 -7.59
N LEU E 74 -35.31 5.45 -6.55
CA LEU E 74 -35.96 6.62 -5.98
C LEU E 74 -35.97 7.80 -6.95
N ALA E 75 -34.90 7.96 -7.72
CA ALA E 75 -34.84 9.06 -8.68
C ALA E 75 -35.74 8.85 -9.90
N ARG E 76 -35.87 7.59 -10.36
CA ARG E 76 -36.62 7.32 -11.60
C ARG E 76 -38.12 7.07 -11.36
N TYR E 77 -38.44 6.39 -10.25
CA TYR E 77 -39.83 6.07 -9.88
C TYR E 77 -40.40 7.08 -8.88
N GLY E 78 -39.54 7.81 -8.19
CA GLY E 78 -39.99 8.84 -7.25
C GLY E 78 -40.20 8.34 -5.83
N ARG E 79 -40.38 7.03 -5.68
CA ARG E 79 -40.74 6.40 -4.42
C ARG E 79 -40.62 4.89 -4.47
N VAL E 80 -40.62 4.26 -3.29
CA VAL E 80 -40.88 2.82 -3.17
C VAL E 80 -41.96 2.65 -2.13
N ASP E 81 -43.08 2.05 -2.51
CA ASP E 81 -44.17 1.84 -1.53
C ASP E 81 -43.98 0.59 -0.70
N VAL E 82 -43.51 -0.49 -1.35
CA VAL E 82 -43.35 -1.77 -0.69
C VAL E 82 -41.96 -2.34 -0.98
N LEU E 83 -41.19 -2.54 0.08
CA LEU E 83 -39.90 -3.20 -0.04
C LEU E 83 -40.01 -4.63 0.42
N VAL E 84 -39.58 -5.56 -0.42
CA VAL E 84 -39.57 -6.97 -0.03
C VAL E 84 -38.14 -7.50 -0.02
N ASN E 85 -37.63 -7.80 1.18
CA ASN E 85 -36.31 -8.43 1.35
C ASN E 85 -36.44 -9.93 1.25
N ASN E 86 -36.11 -10.46 0.07
CA ASN E 86 -36.30 -11.86 -0.20
C ASN E 86 -35.02 -12.57 -0.63
N ALA E 87 -33.99 -11.82 -1.02
CA ALA E 87 -32.69 -12.43 -1.39
C ALA E 87 -32.15 -13.31 -0.27
N GLY E 88 -31.49 -14.41 -0.62
CA GLY E 88 -30.96 -15.33 0.38
C GLY E 88 -30.68 -16.70 -0.23
N ARG E 89 -30.32 -17.67 0.62
CA ARG E 89 -30.14 -19.05 0.20
C ARG E 89 -30.54 -19.96 1.36
N THR E 90 -30.79 -21.21 1.01
CA THR E 90 -30.95 -22.27 1.99
C THR E 90 -29.55 -22.60 2.54
N GLN E 91 -29.48 -22.99 3.82
CA GLN E 91 -28.19 -23.45 4.37
C GLN E 91 -28.32 -24.48 5.50
N VAL E 92 -27.52 -25.55 5.38
CA VAL E 92 -27.53 -26.63 6.35
C VAL E 92 -26.10 -27.02 6.74
N GLY E 93 -25.86 -27.17 8.04
CA GLY E 93 -24.58 -27.65 8.55
C GLY E 93 -24.64 -27.67 10.05
N ALA E 94 -23.90 -28.61 10.62
CA ALA E 94 -23.74 -28.66 12.08
C ALA E 94 -23.09 -27.35 12.52
N PHE E 95 -23.41 -26.86 13.71
CA PHE E 95 -22.74 -25.64 14.23
C PHE E 95 -21.21 -25.76 14.14
N GLU E 96 -20.72 -26.93 14.51
CA GLU E 96 -19.29 -27.18 14.53
C GLU E 96 -18.69 -27.30 13.13
N GLU E 97 -19.49 -27.74 12.16
CA GLU E 97 -19.03 -27.83 10.76
C GLU E 97 -19.12 -26.49 9.99
N THR E 98 -19.80 -25.50 10.57
CA THR E 98 -19.97 -24.17 9.95
C THR E 98 -18.70 -23.36 10.09
N THR E 99 -18.05 -23.05 8.97
CA THR E 99 -16.87 -22.20 9.02
C THR E 99 -17.29 -20.77 9.28
N GLU E 100 -16.37 -19.93 9.75
CA GLU E 100 -16.71 -18.52 9.96
C GLU E 100 -17.17 -17.85 8.65
N ARG E 101 -16.52 -18.18 7.55
CA ARG E 101 -16.87 -17.60 6.25
C ARG E 101 -18.31 -17.95 5.85
N GLU E 102 -18.69 -19.22 6.02
CA GLU E 102 -20.06 -19.70 5.78
C GLU E 102 -21.08 -18.94 6.63
N LEU E 103 -20.75 -18.73 7.89
CA LEU E 103 -21.64 -17.97 8.81
C LEU E 103 -21.74 -16.50 8.40
N ARG E 104 -20.59 -15.85 8.20
CA ARG E 104 -20.57 -14.45 7.71
C ARG E 104 -21.29 -14.24 6.37
N ASP E 105 -21.06 -15.13 5.40
CA ASP E 105 -21.72 -15.01 4.06
C ASP E 105 -23.25 -15.04 4.22
N LEU E 106 -23.75 -15.96 5.04
CA LEU E 106 -25.18 -16.06 5.27
C LEU E 106 -25.72 -14.80 5.99
N PHE E 107 -24.98 -14.27 6.96
CA PHE E 107 -25.38 -13.01 7.59
C PHE E 107 -25.39 -11.84 6.59
N GLU E 108 -24.47 -11.83 5.62
CA GLU E 108 -24.45 -10.75 4.63
C GLU E 108 -25.73 -10.76 3.82
N LEU E 109 -26.15 -11.97 3.41
CA LEU E 109 -27.33 -12.14 2.60
C LEU E 109 -28.62 -11.84 3.34
N HIS E 110 -28.75 -12.31 4.59
CA HIS E 110 -30.05 -12.33 5.26
C HIS E 110 -30.22 -11.19 6.26
N VAL E 111 -29.12 -10.57 6.64
CA VAL E 111 -29.18 -9.55 7.70
C VAL E 111 -28.62 -8.21 7.26
N PHE E 112 -27.33 -8.16 6.88
CA PHE E 112 -26.67 -6.83 6.64
C PHE E 112 -27.17 -6.13 5.39
N GLY E 113 -27.25 -6.88 4.29
CA GLY E 113 -27.83 -6.35 3.05
C GLY E 113 -29.27 -5.86 3.22
N PRO E 114 -30.18 -6.71 3.74
CA PRO E 114 -31.53 -6.23 3.98
C PRO E 114 -31.60 -5.01 4.92
N ALA E 115 -30.78 -4.99 5.99
CA ALA E 115 -30.75 -3.83 6.86
C ALA E 115 -30.34 -2.55 6.13
N ARG E 116 -29.31 -2.67 5.28
CA ARG E 116 -28.84 -1.54 4.50
C ARG E 116 -29.88 -1.02 3.49
N LEU E 117 -30.54 -1.94 2.78
CA LEU E 117 -31.56 -1.55 1.81
C LEU E 117 -32.75 -0.86 2.53
N THR E 118 -33.18 -1.44 3.65
CA THR E 118 -34.31 -0.89 4.42
C THR E 118 -33.99 0.54 4.88
N ARG E 119 -32.76 0.72 5.40
CA ARG E 119 -32.33 2.04 5.87
C ARG E 119 -32.37 3.09 4.77
N ALA E 120 -31.96 2.70 3.56
CA ALA E 120 -31.94 3.62 2.43
C ALA E 120 -33.33 4.03 1.98
N LEU E 121 -34.32 3.17 2.21
CA LEU E 121 -35.69 3.43 1.72
C LEU E 121 -36.63 3.95 2.78
N LEU E 122 -36.23 3.81 4.04
CA LEU E 122 -37.09 4.24 5.15
C LEU E 122 -37.42 5.74 5.17
N PRO E 123 -36.42 6.62 4.90
CA PRO E 123 -36.74 8.05 4.92
C PRO E 123 -37.89 8.47 3.99
N GLN E 124 -37.90 8.02 2.74
CA GLN E 124 -39.00 8.39 1.85
C GLN E 124 -40.38 7.84 2.30
N MSE E 125 -40.40 6.68 2.95
CA MSE E 125 -41.63 6.18 3.57
C MSE E 125 -42.09 7.08 4.72
O MSE E 125 -43.28 7.42 4.83
CB MSE E 125 -41.45 4.76 4.09
CG MSE E 125 -41.10 3.75 3.02
SE MSE E 125 -41.10 1.93 3.73
CE MSE E 125 -40.75 0.97 2.06
N ARG E 126 -41.15 7.45 5.59
CA ARG E 126 -41.40 8.24 6.79
C ARG E 126 -41.96 9.61 6.39
N GLU E 127 -41.29 10.26 5.41
CA GLU E 127 -41.71 11.57 4.95
C GLU E 127 -43.09 11.54 4.27
N ARG E 128 -43.39 10.44 3.56
CA ARG E 128 -44.70 10.26 2.91
C ARG E 128 -45.81 9.91 3.91
N GLY E 129 -45.48 9.15 4.93
CA GLY E 129 -46.47 8.67 5.90
C GLY E 129 -47.14 7.36 5.48
N SER E 130 -46.46 6.60 4.60
CA SER E 130 -46.95 5.27 4.22
C SER E 130 -45.83 4.39 3.63
N GLY E 131 -46.03 3.08 3.70
CA GLY E 131 -45.07 2.13 3.20
C GLY E 131 -45.16 0.82 3.93
N SER E 132 -44.67 -0.22 3.29
CA SER E 132 -44.53 -1.52 3.93
C SER E 132 -43.10 -2.05 3.73
N VAL E 133 -42.59 -2.72 4.75
CA VAL E 133 -41.33 -3.45 4.67
C VAL E 133 -41.71 -4.90 4.93
N VAL E 134 -41.45 -5.75 3.95
CA VAL E 134 -41.84 -7.15 4.03
C VAL E 134 -40.56 -7.97 4.10
N ASN E 135 -40.34 -8.63 5.23
CA ASN E 135 -39.12 -9.41 5.37
C ASN E 135 -39.43 -10.89 5.36
N ILE E 136 -38.85 -11.59 4.39
CA ILE E 136 -39.08 -13.01 4.22
C ILE E 136 -38.14 -13.76 5.15
N SER E 137 -38.70 -14.28 6.24
CA SER E 137 -37.97 -15.02 7.26
C SER E 137 -38.27 -16.50 7.02
N SER E 138 -38.67 -17.22 8.06
CA SER E 138 -38.85 -18.67 8.03
C SER E 138 -39.44 -18.99 9.38
N PHE E 139 -40.02 -20.18 9.54
CA PHE E 139 -40.28 -20.64 10.91
C PHE E 139 -38.97 -20.63 11.70
N GLY E 140 -37.86 -20.81 10.98
CA GLY E 140 -36.51 -20.75 11.53
C GLY E 140 -36.14 -19.43 12.17
N GLY E 141 -36.93 -18.38 11.92
CA GLY E 141 -36.71 -17.09 12.58
C GLY E 141 -37.06 -17.09 14.06
N GLN E 142 -37.68 -18.17 14.54
CA GLN E 142 -38.07 -18.28 15.96
C GLN E 142 -37.50 -19.49 16.68
N LEU E 143 -36.89 -20.41 15.93
CA LEU E 143 -36.52 -21.71 16.49
C LEU E 143 -35.47 -22.36 15.62
N SER E 144 -34.74 -23.31 16.21
CA SER E 144 -33.74 -24.05 15.48
C SER E 144 -33.68 -25.51 15.95
N PHE E 145 -32.87 -26.30 15.24
CA PHE E 145 -32.64 -27.72 15.52
C PHE E 145 -31.39 -28.13 14.73
N ALA E 146 -30.93 -29.36 14.94
CA ALA E 146 -29.73 -29.85 14.29
C ALA E 146 -29.63 -29.44 12.83
N GLY E 147 -28.50 -28.84 12.48
CA GLY E 147 -28.22 -28.53 11.10
C GLY E 147 -28.72 -27.18 10.61
N PHE E 148 -29.47 -26.47 11.46
CA PHE E 148 -30.20 -25.28 11.02
C PHE E 148 -29.73 -24.05 11.77
N SER E 149 -28.61 -24.13 12.51
CA SER E 149 -28.25 -23.04 13.43
C SER E 149 -27.88 -21.69 12.77
N ALA E 150 -27.10 -21.74 11.69
CA ALA E 150 -26.73 -20.53 10.92
C ALA E 150 -27.94 -19.89 10.26
N TYR E 151 -28.75 -20.71 9.59
CA TYR E 151 -29.96 -20.24 8.94
C TYR E 151 -30.89 -19.56 9.98
N SER E 152 -31.18 -20.28 11.05
CA SER E 152 -32.05 -19.75 12.12
C SER E 152 -31.47 -18.47 12.73
N ALA E 153 -30.16 -18.47 12.96
CA ALA E 153 -29.50 -17.32 13.58
C ALA E 153 -29.69 -16.08 12.70
N THR E 154 -29.54 -16.24 11.38
CA THR E 154 -29.69 -15.08 10.45
C THR E 154 -31.15 -14.61 10.35
N LYS E 155 -32.08 -15.57 10.30
CA LYS E 155 -33.50 -15.22 10.19
C LYS E 155 -34.03 -14.60 11.48
N ALA E 156 -33.58 -15.11 12.62
CA ALA E 156 -33.96 -14.57 13.93
C ALA E 156 -33.48 -13.14 14.09
N ALA E 157 -32.24 -12.86 13.68
CA ALA E 157 -31.70 -11.52 13.70
C ALA E 157 -32.55 -10.59 12.81
N LEU E 158 -32.89 -11.04 11.60
CA LEU E 158 -33.80 -10.29 10.73
C LEU E 158 -35.17 -10.04 11.41
N GLU E 159 -35.72 -11.06 12.08
CA GLU E 159 -36.99 -10.89 12.76
C GLU E 159 -36.93 -9.81 13.85
N GLN E 160 -35.87 -9.80 14.64
CA GLN E 160 -35.79 -8.87 15.77
C GLN E 160 -35.49 -7.44 15.30
N LEU E 161 -34.67 -7.30 14.27
CA LEU E 161 -34.55 -6.01 13.60
C LEU E 161 -35.95 -5.54 13.23
N SER E 162 -36.76 -6.46 12.68
CA SER E 162 -38.09 -6.13 12.23
C SER E 162 -39.02 -5.75 13.39
N GLU E 163 -38.97 -6.50 14.51
CA GLU E 163 -39.81 -6.20 15.69
C GLU E 163 -39.53 -4.80 16.23
N GLY E 164 -38.24 -4.47 16.37
CA GLY E 164 -37.81 -3.14 16.84
C GLY E 164 -38.25 -2.05 15.87
N LEU E 165 -37.98 -2.27 14.59
CA LEU E 165 -38.40 -1.33 13.54
C LEU E 165 -39.91 -1.08 13.53
N ALA E 166 -40.71 -2.13 13.69
CA ALA E 166 -42.17 -2.05 13.60
C ALA E 166 -42.72 -1.13 14.65
N ASP E 167 -42.15 -1.23 15.84
CA ASP E 167 -42.58 -0.45 17.00
C ASP E 167 -42.25 1.04 16.80
N GLU E 168 -41.10 1.31 16.20
CA GLU E 168 -40.60 2.66 15.89
C GLU E 168 -41.39 3.40 14.81
N VAL E 169 -41.77 2.68 13.75
CA VAL E 169 -42.40 3.30 12.58
C VAL E 169 -43.93 3.17 12.51
N ALA E 170 -44.51 2.45 13.46
CA ALA E 170 -45.97 2.43 13.58
C ALA E 170 -46.57 3.85 13.50
N PRO E 171 -46.06 4.82 14.31
CA PRO E 171 -46.68 6.17 14.38
C PRO E 171 -46.57 6.93 13.06
N PHE E 172 -45.68 6.47 12.17
CA PHE E 172 -45.51 7.04 10.83
C PHE E 172 -46.43 6.38 9.79
N GLY E 173 -47.15 5.34 10.18
CA GLY E 173 -48.08 4.67 9.26
C GLY E 173 -47.40 3.60 8.40
N ILE E 174 -46.14 3.29 8.72
CA ILE E 174 -45.39 2.27 7.98
C ILE E 174 -45.68 0.87 8.54
N LYS E 175 -45.96 -0.08 7.66
CA LYS E 175 -46.23 -1.46 8.08
C LYS E 175 -44.98 -2.33 7.96
N VAL E 176 -44.78 -3.23 8.92
CA VAL E 176 -43.67 -4.18 8.86
C VAL E 176 -44.26 -5.59 8.98
N LEU E 177 -43.91 -6.43 8.02
CA LEU E 177 -44.45 -7.77 7.96
C LEU E 177 -43.33 -8.80 7.87
N ILE E 178 -43.27 -9.70 8.86
CA ILE E 178 -42.33 -10.80 8.88
C ILE E 178 -43.04 -12.04 8.36
N VAL E 179 -42.59 -12.57 7.24
CA VAL E 179 -43.29 -13.69 6.65
C VAL E 179 -42.51 -14.94 7.09
N GLU E 180 -43.22 -15.96 7.58
CA GLU E 180 -42.51 -17.17 8.06
C GLU E 180 -42.94 -18.42 7.28
N PRO E 181 -42.40 -18.60 6.04
CA PRO E 181 -42.82 -19.75 5.21
C PRO E 181 -42.20 -21.07 5.65
N GLY E 182 -42.92 -22.15 5.31
CA GLY E 182 -42.37 -23.47 5.38
C GLY E 182 -41.87 -23.80 4.00
N ALA E 183 -41.92 -25.07 3.65
CA ALA E 183 -41.37 -25.53 2.37
C ALA E 183 -42.36 -25.29 1.21
N PHE E 184 -41.89 -24.67 0.13
CA PHE E 184 -42.77 -24.42 -1.03
C PHE E 184 -42.30 -25.10 -2.33
N ARG E 185 -43.25 -25.38 -3.22
CA ARG E 185 -42.98 -26.03 -4.49
C ARG E 185 -42.09 -25.14 -5.36
N THR E 186 -41.20 -25.78 -6.12
CA THR E 186 -40.23 -25.06 -6.95
C THR E 186 -40.33 -25.35 -8.45
N ASN E 187 -41.24 -26.26 -8.85
CA ASN E 187 -41.39 -26.66 -10.25
C ASN E 187 -41.88 -25.53 -11.17
N LEU E 188 -42.63 -24.57 -10.62
CA LEU E 188 -43.14 -23.45 -11.42
C LEU E 188 -42.23 -22.23 -11.36
N PHE E 189 -41.85 -21.80 -10.16
CA PHE E 189 -41.13 -20.52 -10.01
C PHE E 189 -39.59 -20.67 -9.96
N GLY E 190 -39.11 -21.90 -9.80
CA GLY E 190 -37.68 -22.19 -9.82
C GLY E 190 -37.15 -22.29 -8.41
N LYS E 191 -35.88 -22.65 -8.29
CA LYS E 191 -35.35 -23.05 -6.99
C LYS E 191 -34.19 -22.14 -6.60
N GLY E 192 -34.19 -21.68 -5.35
CA GLY E 192 -33.11 -20.80 -4.86
C GLY E 192 -31.81 -21.55 -4.61
N ALA E 193 -30.73 -20.78 -4.42
CA ALA E 193 -29.41 -21.34 -4.10
C ALA E 193 -29.43 -22.13 -2.79
N ALA E 194 -28.56 -23.14 -2.66
CA ALA E 194 -28.50 -23.91 -1.42
C ALA E 194 -27.08 -24.31 -1.07
N TYR E 195 -26.71 -24.04 0.19
CA TYR E 195 -25.36 -24.32 0.64
C TYR E 195 -25.30 -25.38 1.75
N PHE E 196 -24.41 -26.35 1.57
CA PHE E 196 -24.21 -27.40 2.56
C PHE E 196 -22.78 -27.48 3.07
N SER E 197 -22.61 -27.24 4.36
CA SER E 197 -21.32 -27.37 5.03
C SER E 197 -20.76 -28.81 4.91
N GLU E 198 -19.45 -28.92 5.07
CA GLU E 198 -18.81 -30.23 5.16
C GLU E 198 -19.59 -31.14 6.14
N GLU E 199 -19.78 -32.41 5.76
CA GLU E 199 -20.47 -33.39 6.61
C GLU E 199 -19.46 -34.12 7.51
N ASN E 200 -19.75 -34.09 8.80
CA ASN E 200 -18.96 -34.75 9.81
C ASN E 200 -19.80 -35.94 10.35
N PRO E 201 -19.27 -37.17 10.22
CA PRO E 201 -19.97 -38.38 10.70
C PRO E 201 -20.46 -38.32 12.16
N ALA E 202 -19.75 -37.62 13.04
CA ALA E 202 -20.21 -37.44 14.42
C ALA E 202 -21.59 -36.75 14.51
N TYR E 203 -21.97 -36.03 13.47
CA TYR E 203 -23.26 -35.34 13.45
C TYR E 203 -24.27 -35.92 12.46
N ALA E 204 -23.91 -37.00 11.78
CA ALA E 204 -24.73 -37.45 10.67
C ALA E 204 -26.17 -37.80 11.09
N GLU E 205 -26.35 -38.40 12.28
CA GLU E 205 -27.68 -38.87 12.67
C GLU E 205 -28.63 -37.71 12.98
N LYS E 206 -28.07 -36.62 13.50
CA LYS E 206 -28.82 -35.42 13.81
C LYS E 206 -29.01 -34.50 12.59
N VAL E 207 -27.93 -34.29 11.85
CA VAL E 207 -27.98 -33.35 10.72
C VAL E 207 -28.58 -33.97 9.45
N GLY E 208 -28.32 -35.26 9.22
CA GLY E 208 -28.90 -35.97 8.06
C GLY E 208 -30.37 -35.64 7.82
N PRO E 209 -31.24 -35.81 8.84
CA PRO E 209 -32.65 -35.55 8.61
C PRO E 209 -32.97 -34.11 8.15
N THR E 210 -32.17 -33.14 8.58
CA THR E 210 -32.37 -31.74 8.23
C THR E 210 -31.95 -31.44 6.80
N ARG E 211 -30.83 -32.04 6.41
CA ARG E 211 -30.41 -32.04 5.01
C ARG E 211 -31.55 -32.56 4.10
N GLN E 212 -32.16 -33.67 4.48
CA GLN E 212 -33.27 -34.26 3.72
C GLN E 212 -34.48 -33.34 3.72
N LEU E 213 -34.73 -32.66 4.83
CA LEU E 213 -35.82 -31.70 4.92
C LEU E 213 -35.68 -30.66 3.81
N VAL E 214 -34.49 -30.11 3.61
CA VAL E 214 -34.35 -29.01 2.66
C VAL E 214 -34.12 -29.48 1.24
N GLN E 215 -33.70 -30.73 1.10
CA GLN E 215 -33.51 -31.34 -0.23
C GLN E 215 -34.80 -32.02 -0.73
N SER E 220 -43.42 -34.45 -2.43
CA SER E 220 -42.92 -33.13 -2.79
C SER E 220 -43.19 -32.12 -1.66
N GLN E 221 -42.95 -30.84 -1.95
CA GLN E 221 -43.21 -29.76 -0.99
C GLN E 221 -44.67 -29.36 -1.02
N PRO E 222 -45.26 -29.07 0.14
CA PRO E 222 -46.68 -28.74 0.22
C PRO E 222 -47.07 -27.33 -0.32
N GLY E 223 -46.16 -26.37 -0.21
CA GLY E 223 -46.54 -24.95 -0.35
C GLY E 223 -46.71 -24.44 -1.77
N ASP E 224 -47.74 -23.63 -1.97
CA ASP E 224 -48.00 -22.93 -3.24
C ASP E 224 -47.51 -21.48 -3.14
N PRO E 225 -46.40 -21.15 -3.81
CA PRO E 225 -45.85 -19.79 -3.73
C PRO E 225 -46.81 -18.70 -4.25
N ALA E 226 -47.70 -19.05 -5.18
CA ALA E 226 -48.68 -18.09 -5.68
C ALA E 226 -49.69 -17.79 -4.59
N LYS E 227 -50.11 -18.82 -3.87
CA LYS E 227 -51.01 -18.61 -2.74
C LYS E 227 -50.30 -17.87 -1.60
N ALA E 228 -49.01 -18.13 -1.43
CA ALA E 228 -48.20 -17.44 -0.44
C ALA E 228 -48.17 -15.93 -0.75
N ALA E 229 -47.94 -15.57 -2.01
CA ALA E 229 -47.98 -14.18 -2.47
C ALA E 229 -49.34 -13.51 -2.22
N ALA E 230 -50.42 -14.21 -2.54
CA ALA E 230 -51.77 -13.69 -2.26
C ALA E 230 -51.98 -13.39 -0.76
N ALA E 231 -51.44 -14.24 0.12
CA ALA E 231 -51.66 -14.08 1.55
C ALA E 231 -50.89 -12.86 2.07
N ILE E 232 -49.68 -12.68 1.55
CA ILE E 232 -48.89 -11.48 1.86
C ILE E 232 -49.66 -10.23 1.48
N ARG E 233 -50.26 -10.24 0.29
CA ARG E 233 -51.02 -9.08 -0.19
C ARG E 233 -52.22 -8.79 0.72
N LEU E 234 -52.93 -9.85 1.11
CA LEU E 234 -54.07 -9.73 2.03
C LEU E 234 -53.63 -9.14 3.38
N ALA E 235 -52.51 -9.66 3.91
CA ALA E 235 -51.96 -9.16 5.18
C ALA E 235 -51.68 -7.65 5.11
N LEU E 236 -51.03 -7.21 4.03
CA LEU E 236 -50.80 -5.79 3.79
C LEU E 236 -52.08 -4.95 3.56
N ASP E 237 -53.09 -5.56 2.92
CA ASP E 237 -54.38 -4.89 2.65
C ASP E 237 -55.24 -4.76 3.90
N THR E 238 -54.89 -5.53 4.94
CA THR E 238 -55.63 -5.49 6.21
C THR E 238 -55.15 -4.29 7.03
N GLU E 239 -56.06 -3.51 7.62
CA GLU E 239 -55.68 -2.31 8.36
C GLU E 239 -54.67 -2.59 9.49
N LYS E 240 -54.98 -3.53 10.38
CA LYS E 240 -54.01 -4.07 11.33
C LYS E 240 -53.21 -5.23 10.67
N THR E 241 -52.14 -4.88 9.98
CA THR E 241 -51.29 -5.89 9.35
C THR E 241 -50.58 -6.71 10.45
N PRO E 242 -50.66 -8.06 10.40
CA PRO E 242 -49.99 -8.77 11.51
C PRO E 242 -48.48 -8.52 11.45
N LEU E 243 -47.82 -8.57 12.59
CA LEU E 243 -46.37 -8.46 12.63
C LEU E 243 -45.73 -9.67 11.95
N ARG E 244 -46.34 -10.84 12.14
CA ARG E 244 -45.83 -12.10 11.63
C ARG E 244 -46.89 -12.81 10.84
N LEU E 245 -46.50 -13.38 9.70
CA LEU E 245 -47.41 -14.23 8.91
C LEU E 245 -46.74 -15.56 8.53
N ALA E 246 -47.09 -16.61 9.28
CA ALA E 246 -46.62 -17.95 8.98
C ALA E 246 -47.30 -18.42 7.70
N LEU E 247 -46.62 -19.18 6.87
CA LEU E 247 -47.26 -19.74 5.71
C LEU E 247 -46.98 -21.23 5.60
N GLY E 248 -48.07 -22.01 5.47
CA GLY E 248 -48.02 -23.45 5.38
C GLY E 248 -48.19 -24.09 6.75
N GLY E 249 -48.91 -25.23 6.76
CA GLY E 249 -49.12 -26.02 7.96
C GLY E 249 -47.82 -26.46 8.63
N ASP E 250 -46.80 -26.79 7.83
CA ASP E 250 -45.52 -27.17 8.44
C ASP E 250 -44.93 -26.04 9.30
N ALA E 251 -44.96 -24.81 8.79
CA ALA E 251 -44.48 -23.66 9.56
C ALA E 251 -45.30 -23.47 10.82
N VAL E 252 -46.63 -23.48 10.68
CA VAL E 252 -47.50 -23.32 11.86
C VAL E 252 -47.18 -24.37 12.93
N ASP E 253 -46.99 -25.63 12.52
CA ASP E 253 -46.68 -26.73 13.45
C ASP E 253 -45.31 -26.59 14.15
N PHE E 254 -44.26 -26.18 13.42
CA PHE E 254 -42.93 -25.99 14.03
C PHE E 254 -43.06 -24.86 15.08
N LEU E 255 -43.77 -23.81 14.71
CA LEU E 255 -43.84 -22.64 15.55
C LEU E 255 -44.61 -22.87 16.83
N THR E 256 -45.75 -23.56 16.74
CA THR E 256 -46.50 -23.85 17.95
C THR E 256 -45.79 -24.86 18.81
N GLY E 257 -45.05 -25.81 18.19
CA GLY E 257 -44.15 -26.70 18.94
C GLY E 257 -43.15 -25.92 19.81
N HIS E 258 -42.48 -24.94 19.20
CA HIS E 258 -41.55 -24.06 19.91
C HIS E 258 -42.22 -23.17 20.97
N LEU E 259 -43.34 -22.55 20.65
CA LEU E 259 -44.03 -21.76 21.68
C LEU E 259 -44.45 -22.68 22.84
N ASP E 260 -44.91 -23.91 22.57
CA ASP E 260 -45.29 -24.81 23.67
C ASP E 260 -44.12 -25.07 24.61
N SER E 261 -42.96 -25.41 24.05
CA SER E 261 -41.81 -25.75 24.87
C SER E 261 -41.25 -24.55 25.64
N VAL E 262 -41.15 -23.38 24.99
CA VAL E 262 -40.69 -22.18 25.69
C VAL E 262 -41.65 -21.79 26.84
N ARG E 263 -42.95 -21.87 26.59
CA ARG E 263 -43.95 -21.60 27.63
C ARG E 263 -43.82 -22.54 28.84
N ALA E 264 -43.67 -23.83 28.56
CA ALA E 264 -43.53 -24.84 29.63
C ALA E 264 -42.29 -24.65 30.48
N GLU E 265 -41.20 -24.24 29.86
CA GLU E 265 -39.91 -24.11 30.53
C GLU E 265 -39.91 -22.87 31.39
N LEU E 266 -40.48 -21.80 30.85
CA LEU E 266 -40.68 -20.55 31.60
C LEU E 266 -41.46 -20.82 32.89
N THR E 267 -42.56 -21.55 32.76
CA THR E 267 -43.42 -21.88 33.89
C THR E 267 -42.67 -22.68 34.92
N GLU E 268 -41.98 -23.72 34.46
CA GLU E 268 -41.21 -24.61 35.35
C GLU E 268 -40.17 -23.88 36.23
N TRP E 269 -39.55 -22.84 35.66
CA TRP E 269 -38.40 -22.17 36.29
C TRP E 269 -38.75 -20.77 36.77
N GLU E 270 -40.02 -20.40 36.69
CA GLU E 270 -40.47 -19.06 37.08
C GLU E 270 -40.02 -18.64 38.49
N LYS E 271 -40.17 -19.54 39.46
CA LYS E 271 -39.81 -19.26 40.85
C LYS E 271 -38.32 -18.95 41.01
N VAL E 272 -37.48 -19.81 40.44
CA VAL E 272 -36.06 -19.55 40.37
C VAL E 272 -35.76 -18.19 39.71
N SER E 273 -36.32 -17.99 38.52
CA SER E 273 -36.19 -16.77 37.75
C SER E 273 -36.53 -15.56 38.62
N ARG E 274 -37.70 -15.58 39.25
CA ARG E 274 -38.14 -14.41 40.05
C ARG E 274 -37.35 -14.29 41.36
N GLY E 275 -36.71 -15.38 41.76
CA GLY E 275 -35.96 -15.42 43.02
C GLY E 275 -34.66 -14.63 42.93
N THR E 276 -34.29 -14.21 41.70
CA THR E 276 -33.02 -13.50 41.53
C THR E 276 -33.13 -11.96 41.67
N ASP E 277 -34.34 -11.45 41.91
CA ASP E 277 -34.57 -10.02 42.14
C ASP E 277 -33.84 -9.59 43.44
N PHE E 278 -33.32 -8.35 43.47
CA PHE E 278 -32.78 -7.76 44.73
C PHE E 278 -33.90 -7.35 45.69
N ALA F 5 7.12 17.65 -47.92
CA ALA F 5 7.40 18.05 -46.50
C ALA F 5 7.25 16.89 -45.50
N LYS F 6 8.37 16.47 -44.93
CA LYS F 6 8.41 15.36 -43.97
C LYS F 6 8.23 15.87 -42.54
N VAL F 7 7.59 15.07 -41.70
CA VAL F 7 7.48 15.34 -40.27
C VAL F 7 8.58 14.59 -39.53
N TRP F 8 9.46 15.37 -38.88
CA TRP F 8 10.58 14.85 -38.08
C TRP F 8 10.27 14.96 -36.59
N LEU F 9 10.44 13.85 -35.87
CA LEU F 9 10.46 13.83 -34.40
C LEU F 9 11.86 13.46 -33.93
N VAL F 10 12.49 14.39 -33.20
CA VAL F 10 13.88 14.26 -32.78
C VAL F 10 13.93 14.33 -31.26
N THR F 11 14.35 13.24 -30.63
CA THR F 11 14.56 13.27 -29.18
C THR F 11 15.93 13.84 -28.86
N GLY F 12 16.07 14.43 -27.69
CA GLY F 12 17.31 15.12 -27.32
C GLY F 12 17.65 16.19 -28.34
N ALA F 13 16.64 17.00 -28.70
CA ALA F 13 16.79 17.98 -29.77
C ALA F 13 17.38 19.30 -29.30
N SER F 14 17.63 19.43 -28.00
CA SER F 14 18.09 20.70 -27.47
C SER F 14 19.63 20.89 -27.49
N SER F 15 20.36 19.84 -27.86
CA SER F 15 21.83 19.89 -27.85
C SER F 15 22.45 18.88 -28.82
N GLY F 16 23.73 19.11 -29.18
CA GLY F 16 24.52 18.18 -29.97
C GLY F 16 23.90 17.86 -31.31
N PHE F 17 23.96 16.58 -31.70
CA PHE F 17 23.41 16.11 -32.97
C PHE F 17 21.92 16.37 -33.14
N GLY F 18 21.14 16.11 -32.08
CA GLY F 18 19.69 16.38 -32.09
C GLY F 18 19.35 17.80 -32.55
N ARG F 19 19.98 18.81 -31.93
CA ARG F 19 19.78 20.20 -32.29
C ARG F 19 20.19 20.49 -33.75
N ALA F 20 21.33 19.96 -34.17
CA ALA F 20 21.84 20.17 -35.52
C ALA F 20 20.94 19.49 -36.58
N ILE F 21 20.46 18.29 -36.25
CA ILE F 21 19.51 17.55 -37.10
C ILE F 21 18.17 18.30 -37.17
N ALA F 22 17.70 18.83 -36.04
CA ALA F 22 16.44 19.56 -35.96
C ALA F 22 16.50 20.85 -36.76
N GLU F 23 17.60 21.59 -36.62
CA GLU F 23 17.83 22.82 -37.38
C GLU F 23 17.94 22.54 -38.88
N ALA F 24 18.61 21.45 -39.26
CA ALA F 24 18.74 21.15 -40.70
C ALA F 24 17.42 20.71 -41.35
N ALA F 25 16.53 20.09 -40.59
CA ALA F 25 15.24 19.71 -41.16
C ALA F 25 14.35 20.93 -41.42
N VAL F 26 14.26 21.84 -40.42
CA VAL F 26 13.46 23.06 -40.61
C VAL F 26 14.02 23.95 -41.73
N ALA F 27 15.35 24.06 -41.80
CA ALA F 27 16.03 24.76 -42.89
C ALA F 27 15.70 24.17 -44.28
N ALA F 28 15.45 22.87 -44.35
CA ALA F 28 15.10 22.23 -45.63
C ALA F 28 13.59 22.29 -45.94
N GLY F 29 12.83 22.86 -45.01
CA GLY F 29 11.40 23.10 -45.22
C GLY F 29 10.52 22.08 -44.54
N ASP F 30 11.15 21.20 -43.76
CA ASP F 30 10.42 20.16 -43.05
C ASP F 30 9.82 20.68 -41.76
N THR F 31 8.93 19.87 -41.19
CA THR F 31 8.23 20.13 -39.96
C THR F 31 8.91 19.31 -38.88
N VAL F 32 9.29 19.97 -37.78
CA VAL F 32 10.06 19.32 -36.73
C VAL F 32 9.38 19.37 -35.38
N ILE F 33 9.29 18.21 -34.73
CA ILE F 33 9.01 18.19 -33.31
C ILE F 33 10.28 17.79 -32.57
N GLY F 34 10.75 18.69 -31.73
CA GLY F 34 11.95 18.42 -30.96
C GLY F 34 11.51 18.16 -29.53
N THR F 35 12.06 17.10 -28.93
CA THR F 35 11.80 16.83 -27.53
C THR F 35 13.06 17.06 -26.70
N ALA F 36 12.85 17.53 -25.48
CA ALA F 36 13.90 17.74 -24.52
C ALA F 36 13.24 17.60 -23.17
N ARG F 37 14.09 17.51 -22.14
CA ARG F 37 13.64 17.47 -20.77
C ARG F 37 12.88 18.76 -20.44
N ARG F 38 13.43 19.92 -20.81
CA ARG F 38 12.75 21.20 -20.61
C ARG F 38 12.37 21.79 -21.98
N THR F 39 11.08 22.07 -22.16
CA THR F 39 10.56 22.61 -23.44
C THR F 39 11.33 23.87 -23.82
N GLU F 40 11.58 24.70 -22.81
CA GLU F 40 12.23 26.00 -22.99
C GLU F 40 13.68 25.95 -23.50
N ALA F 41 14.28 24.76 -23.49
CA ALA F 41 15.62 24.59 -24.07
C ALA F 41 15.63 24.78 -25.59
N LEU F 42 14.45 24.64 -26.19
CA LEU F 42 14.25 24.82 -27.64
C LEU F 42 13.52 26.12 -28.00
N ASP F 43 13.60 27.12 -27.12
CA ASP F 43 12.88 28.38 -27.32
C ASP F 43 13.35 29.16 -28.56
N ASP F 44 14.63 29.04 -28.91
CA ASP F 44 15.17 29.75 -30.08
C ASP F 44 14.78 29.14 -31.42
N LEU F 45 14.74 27.81 -31.51
CA LEU F 45 14.27 27.12 -32.73
C LEU F 45 12.80 27.43 -33.03
N VAL F 46 11.98 27.45 -31.98
CA VAL F 46 10.54 27.64 -32.10
C VAL F 46 10.19 29.10 -32.46
N ALA F 47 10.88 30.06 -31.84
CA ALA F 47 10.63 31.48 -32.10
C ALA F 47 11.07 31.93 -33.49
N ALA F 48 11.96 31.15 -34.11
CA ALA F 48 12.46 31.46 -35.45
C ALA F 48 11.65 30.74 -36.52
N TYR F 49 11.02 29.64 -36.15
CA TYR F 49 10.15 28.90 -37.07
C TYR F 49 8.83 28.58 -36.35
N PRO F 50 8.03 29.62 -36.05
CA PRO F 50 6.84 29.40 -35.22
C PRO F 50 5.85 28.43 -35.86
N ASP F 51 5.98 28.24 -37.16
CA ASP F 51 5.01 27.50 -37.94
C ASP F 51 5.40 26.06 -38.18
N ARG F 52 6.70 25.76 -38.11
CA ARG F 52 7.21 24.44 -38.51
C ARG F 52 8.08 23.76 -37.45
N ALA F 53 8.24 24.38 -36.29
CA ALA F 53 8.95 23.73 -35.20
C ALA F 53 8.10 23.76 -33.95
N GLU F 54 8.16 22.66 -33.20
CA GLU F 54 7.49 22.54 -31.92
C GLU F 54 8.42 21.85 -30.95
N ALA F 55 8.39 22.32 -29.70
CA ALA F 55 9.12 21.70 -28.61
C ALA F 55 8.12 20.99 -27.71
N ILE F 56 8.46 19.77 -27.28
CA ILE F 56 7.65 19.02 -26.33
C ILE F 56 8.55 18.47 -25.22
N SER F 57 8.03 18.51 -23.99
CA SER F 57 8.69 17.94 -22.81
C SER F 57 8.66 16.42 -22.85
N LEU F 58 9.84 15.81 -22.90
CA LEU F 58 9.93 14.34 -22.87
C LEU F 58 11.17 13.79 -22.19
N ASP F 59 10.91 12.97 -21.19
CA ASP F 59 11.94 12.18 -20.51
C ASP F 59 11.85 10.77 -21.10
N VAL F 60 12.85 10.43 -21.90
CA VAL F 60 12.92 9.15 -22.61
C VAL F 60 13.00 7.98 -21.60
N THR F 61 13.29 8.33 -20.35
CA THR F 61 13.35 7.39 -19.25
C THR F 61 11.94 6.98 -18.75
N ASP F 62 10.93 7.76 -19.15
CA ASP F 62 9.58 7.61 -18.64
C ASP F 62 8.71 6.98 -19.75
N GLY F 63 8.48 5.67 -19.63
CA GLY F 63 7.70 4.91 -20.60
C GLY F 63 6.31 5.49 -20.77
N GLU F 64 5.70 5.91 -19.66
CA GLU F 64 4.33 6.44 -19.67
C GLU F 64 4.25 7.71 -20.51
N ARG F 65 5.19 8.62 -20.28
CA ARG F 65 5.33 9.85 -21.05
C ARG F 65 5.63 9.59 -22.54
N ILE F 66 6.39 8.54 -22.84
CA ILE F 66 6.67 8.21 -24.24
C ILE F 66 5.36 7.95 -25.01
N ASP F 67 4.50 7.12 -24.42
CA ASP F 67 3.24 6.77 -25.03
C ASP F 67 2.34 7.99 -25.21
N VAL F 68 2.32 8.88 -24.21
CA VAL F 68 1.53 10.12 -24.30
C VAL F 68 2.03 11.00 -25.45
N VAL F 69 3.35 11.20 -25.53
CA VAL F 69 3.93 12.09 -26.53
C VAL F 69 3.76 11.54 -27.94
N ALA F 70 4.06 10.25 -28.11
CA ALA F 70 3.91 9.61 -29.40
C ALA F 70 2.46 9.79 -29.87
N ALA F 71 1.51 9.59 -28.97
CA ALA F 71 0.11 9.64 -29.35
C ALA F 71 -0.33 11.07 -29.69
N ASP F 72 0.21 12.05 -28.97
CA ASP F 72 -0.16 13.45 -29.16
C ASP F 72 0.40 14.01 -30.48
N VAL F 73 1.63 13.61 -30.82
CA VAL F 73 2.27 14.01 -32.05
C VAL F 73 1.57 13.37 -33.25
N LEU F 74 1.23 12.09 -33.13
CA LEU F 74 0.43 11.43 -34.14
C LEU F 74 -0.94 12.06 -34.31
N ALA F 75 -1.56 12.44 -33.19
CA ALA F 75 -2.91 13.03 -33.23
C ALA F 75 -2.91 14.40 -33.92
N ARG F 76 -1.96 15.25 -33.55
CA ARG F 76 -1.94 16.63 -34.05
C ARG F 76 -1.27 16.79 -35.43
N TYR F 77 -0.30 15.93 -35.74
CA TYR F 77 0.40 15.95 -37.04
C TYR F 77 -0.09 14.89 -38.04
N GLY F 78 -0.79 13.87 -37.54
CA GLY F 78 -1.27 12.79 -38.41
C GLY F 78 -0.20 11.75 -38.77
N ARG F 79 1.06 12.04 -38.50
CA ARG F 79 2.12 11.12 -38.91
C ARG F 79 3.50 11.52 -38.39
N VAL F 80 4.40 10.55 -38.33
CA VAL F 80 5.84 10.82 -38.23
C VAL F 80 6.55 10.12 -39.40
N ASP F 81 7.27 10.91 -40.19
CA ASP F 81 8.03 10.41 -41.33
C ASP F 81 9.42 9.96 -40.90
N VAL F 82 10.08 10.79 -40.09
CA VAL F 82 11.42 10.47 -39.58
C VAL F 82 11.49 10.53 -38.04
N LEU F 83 11.89 9.42 -37.45
CA LEU F 83 12.14 9.37 -36.02
C LEU F 83 13.65 9.41 -35.84
N VAL F 84 14.13 10.35 -35.04
CA VAL F 84 15.54 10.37 -34.69
C VAL F 84 15.69 10.21 -33.15
N ASN F 85 16.32 9.11 -32.75
CA ASN F 85 16.58 8.83 -31.35
C ASN F 85 17.96 9.35 -30.98
N ASN F 86 17.98 10.55 -30.41
CA ASN F 86 19.23 11.20 -30.00
C ASN F 86 19.38 11.47 -28.51
N ALA F 87 18.30 11.39 -27.74
CA ALA F 87 18.38 11.52 -26.30
C ALA F 87 19.46 10.59 -25.77
N GLY F 88 20.23 11.07 -24.81
CA GLY F 88 21.29 10.25 -24.25
C GLY F 88 22.29 11.07 -23.47
N ARG F 89 23.31 10.37 -23.00
CA ARG F 89 24.36 10.98 -22.21
C ARG F 89 25.67 10.21 -22.33
N THR F 90 26.74 10.87 -21.92
CA THR F 90 28.09 10.29 -21.90
C THR F 90 28.37 9.68 -20.52
N GLN F 91 29.03 8.53 -20.51
CA GLN F 91 29.39 7.86 -19.27
C GLN F 91 30.72 7.14 -19.41
N VAL F 92 31.64 7.47 -18.51
CA VAL F 92 32.96 6.84 -18.49
C VAL F 92 33.28 6.38 -17.09
N GLY F 93 33.63 5.10 -16.99
CA GLY F 93 34.04 4.49 -15.73
C GLY F 93 34.40 3.02 -15.88
N ALA F 94 35.29 2.57 -15.01
CA ALA F 94 35.72 1.17 -14.96
C ALA F 94 34.50 0.27 -14.78
N PHE F 95 34.50 -0.90 -15.43
CA PHE F 95 33.42 -1.89 -15.27
C PHE F 95 33.05 -2.09 -13.80
N GLU F 96 34.05 -2.37 -12.98
CA GLU F 96 33.86 -2.59 -11.56
C GLU F 96 33.34 -1.34 -10.82
N GLU F 97 33.62 -0.15 -11.36
CA GLU F 97 33.21 1.08 -10.69
C GLU F 97 31.77 1.49 -11.02
N THR F 98 31.21 0.90 -12.07
CA THR F 98 29.87 1.23 -12.54
C THR F 98 28.82 0.56 -11.66
N THR F 99 27.93 1.35 -11.09
CA THR F 99 26.93 0.79 -10.18
C THR F 99 25.81 0.23 -11.01
N GLU F 100 25.02 -0.66 -10.42
CA GLU F 100 23.87 -1.18 -11.13
C GLU F 100 22.89 -0.06 -11.50
N ARG F 101 22.68 0.89 -10.59
CA ARG F 101 21.80 2.03 -10.91
C ARG F 101 22.33 2.82 -12.12
N GLU F 102 23.64 3.05 -12.19
CA GLU F 102 24.19 3.83 -13.32
C GLU F 102 24.03 3.06 -14.61
N LEU F 103 24.25 1.75 -14.54
CA LEU F 103 24.08 0.86 -15.68
C LEU F 103 22.63 0.84 -16.15
N ARG F 104 21.69 0.61 -15.23
CA ARG F 104 20.29 0.57 -15.63
C ARG F 104 19.81 1.90 -16.21
N ASP F 105 20.24 3.02 -15.61
CA ASP F 105 19.91 4.34 -16.16
C ASP F 105 20.33 4.52 -17.59
N LEU F 106 21.59 4.16 -17.90
CA LEU F 106 22.10 4.34 -19.25
C LEU F 106 21.33 3.49 -20.25
N PHE F 107 20.93 2.28 -19.84
CA PHE F 107 20.10 1.42 -20.68
C PHE F 107 18.69 1.99 -20.90
N GLU F 108 18.11 2.60 -19.86
CA GLU F 108 16.82 3.30 -20.03
C GLU F 108 16.90 4.33 -21.15
N LEU F 109 17.92 5.20 -21.08
CA LEU F 109 18.10 6.29 -22.03
C LEU F 109 18.44 5.83 -23.44
N HIS F 110 19.33 4.83 -23.57
CA HIS F 110 19.89 4.49 -24.89
C HIS F 110 19.21 3.31 -25.58
N VAL F 111 18.42 2.56 -24.83
CA VAL F 111 17.87 1.32 -25.32
C VAL F 111 16.36 1.23 -25.12
N PHE F 112 15.90 1.11 -23.88
CA PHE F 112 14.48 0.83 -23.64
C PHE F 112 13.56 1.96 -24.13
N GLY F 113 13.94 3.21 -23.81
CA GLY F 113 13.20 4.41 -24.27
C GLY F 113 13.09 4.47 -25.80
N PRO F 114 14.24 4.51 -26.50
CA PRO F 114 14.23 4.47 -27.98
C PRO F 114 13.47 3.30 -28.59
N ALA F 115 13.59 2.10 -28.02
CA ALA F 115 12.83 0.96 -28.51
C ALA F 115 11.30 1.15 -28.33
N ARG F 116 10.87 1.66 -27.18
CA ARG F 116 9.44 1.89 -26.93
C ARG F 116 8.88 2.94 -27.89
N LEU F 117 9.63 4.01 -28.09
CA LEU F 117 9.20 5.11 -28.95
C LEU F 117 9.15 4.63 -30.39
N THR F 118 10.16 3.86 -30.79
CA THR F 118 10.23 3.28 -32.12
C THR F 118 9.05 2.35 -32.37
N ARG F 119 8.71 1.53 -31.37
CA ARG F 119 7.60 0.59 -31.48
C ARG F 119 6.25 1.28 -31.64
N ALA F 120 6.10 2.40 -30.92
CA ALA F 120 4.90 3.24 -31.01
C ALA F 120 4.67 3.87 -32.39
N LEU F 121 5.75 4.18 -33.11
CA LEU F 121 5.66 4.91 -34.37
C LEU F 121 5.80 4.01 -35.58
N LEU F 122 6.27 2.78 -35.37
CA LEU F 122 6.50 1.83 -36.47
C LEU F 122 5.20 1.50 -37.26
N PRO F 123 4.08 1.20 -36.57
CA PRO F 123 2.90 0.78 -37.35
C PRO F 123 2.46 1.79 -38.43
N GLN F 124 2.32 3.07 -38.09
CA GLN F 124 1.95 4.09 -39.12
C GLN F 124 2.98 4.22 -40.27
N MSE F 125 4.26 3.93 -40.00
CA MSE F 125 5.25 3.83 -41.07
C MSE F 125 4.99 2.59 -41.94
O MSE F 125 4.97 2.70 -43.16
CB MSE F 125 6.69 3.78 -40.52
CG MSE F 125 7.14 5.04 -39.80
SE MSE F 125 9.05 4.86 -39.29
CE MSE F 125 9.16 6.50 -38.21
N ARG F 126 4.81 1.45 -41.30
CA ARG F 126 4.53 0.21 -42.02
C ARG F 126 3.29 0.35 -42.89
N GLU F 127 2.24 0.94 -42.34
CA GLU F 127 0.95 1.07 -43.03
C GLU F 127 1.08 2.03 -44.22
N ARG F 128 1.91 3.06 -44.06
CA ARG F 128 2.12 4.04 -45.13
C ARG F 128 2.97 3.46 -46.25
N GLY F 129 3.92 2.60 -45.89
CA GLY F 129 4.93 2.16 -46.84
C GLY F 129 6.10 3.12 -46.99
N SER F 130 6.30 4.00 -46.00
CA SER F 130 7.49 4.87 -46.01
C SER F 130 7.84 5.38 -44.62
N GLY F 131 9.11 5.71 -44.42
CA GLY F 131 9.57 6.24 -43.13
C GLY F 131 11.04 5.93 -42.85
N SER F 132 11.62 6.70 -41.91
CA SER F 132 13.02 6.51 -41.52
C SER F 132 13.13 6.47 -40.02
N VAL F 133 13.93 5.54 -39.52
CA VAL F 133 14.35 5.51 -38.12
C VAL F 133 15.86 5.71 -38.09
N VAL F 134 16.26 6.77 -37.41
CA VAL F 134 17.65 7.17 -37.36
C VAL F 134 18.07 7.08 -35.91
N ASN F 135 18.97 6.14 -35.64
CA ASN F 135 19.44 5.91 -34.30
C ASN F 135 20.89 6.41 -34.10
N ILE F 136 21.05 7.36 -33.18
CA ILE F 136 22.37 7.97 -32.94
C ILE F 136 23.15 7.04 -32.02
N SER F 137 24.07 6.26 -32.62
CA SER F 137 24.95 5.36 -31.88
C SER F 137 26.33 6.02 -31.67
N SER F 138 27.39 5.28 -31.92
CA SER F 138 28.75 5.74 -31.69
C SER F 138 29.60 4.71 -32.39
N PHE F 139 30.90 4.96 -32.56
CA PHE F 139 31.84 3.90 -32.92
C PHE F 139 31.77 2.86 -31.80
N GLY F 140 31.41 3.33 -30.59
CA GLY F 140 31.19 2.46 -29.41
C GLY F 140 30.09 1.42 -29.58
N GLY F 141 29.21 1.58 -30.57
CA GLY F 141 28.20 0.54 -30.87
C GLY F 141 28.72 -0.77 -31.47
N GLN F 142 30.01 -0.79 -31.83
CA GLN F 142 30.64 -2.01 -32.36
C GLN F 142 31.87 -2.51 -31.56
N LEU F 143 32.32 -1.73 -30.58
CA LEU F 143 33.61 -1.97 -29.93
C LEU F 143 33.66 -1.27 -28.57
N SER F 144 34.53 -1.76 -27.69
CA SER F 144 34.75 -1.07 -26.43
C SER F 144 36.20 -1.15 -26.01
N PHE F 145 36.50 -0.48 -24.90
CA PHE F 145 37.84 -0.43 -24.34
C PHE F 145 37.67 0.15 -22.94
N ALA F 146 38.78 0.26 -22.21
CA ALA F 146 38.74 0.64 -20.80
C ALA F 146 37.92 1.89 -20.58
N GLY F 147 36.99 1.82 -19.63
CA GLY F 147 36.17 2.97 -19.22
C GLY F 147 34.89 3.18 -20.03
N PHE F 148 34.75 2.42 -21.11
CA PHE F 148 33.65 2.64 -22.06
C PHE F 148 32.66 1.49 -22.07
N SER F 149 32.77 0.57 -21.09
CA SER F 149 31.97 -0.68 -21.15
C SER F 149 30.45 -0.46 -21.10
N ALA F 150 29.96 0.34 -20.15
CA ALA F 150 28.53 0.61 -20.02
C ALA F 150 28.04 1.30 -21.29
N TYR F 151 28.74 2.34 -21.69
CA TYR F 151 28.36 3.08 -22.88
C TYR F 151 28.29 2.19 -24.13
N SER F 152 29.37 1.48 -24.44
CA SER F 152 29.40 0.60 -25.62
C SER F 152 28.30 -0.46 -25.54
N ALA F 153 28.08 -1.02 -24.36
CA ALA F 153 27.03 -2.01 -24.15
C ALA F 153 25.67 -1.47 -24.53
N THR F 154 25.38 -0.23 -24.15
CA THR F 154 24.09 0.36 -24.51
C THR F 154 24.00 0.64 -26.01
N LYS F 155 25.07 1.13 -26.62
CA LYS F 155 25.00 1.52 -28.03
C LYS F 155 24.96 0.25 -28.92
N ALA F 156 25.63 -0.82 -28.51
CA ALA F 156 25.65 -2.06 -29.27
C ALA F 156 24.27 -2.72 -29.23
N ALA F 157 23.63 -2.71 -28.05
CA ALA F 157 22.23 -3.16 -27.93
C ALA F 157 21.32 -2.34 -28.88
N LEU F 158 21.47 -1.02 -28.92
CA LEU F 158 20.71 -0.20 -29.86
C LEU F 158 20.98 -0.63 -31.32
N GLU F 159 22.25 -0.83 -31.63
CA GLU F 159 22.66 -1.22 -32.97
C GLU F 159 22.04 -2.54 -33.39
N GLN F 160 22.00 -3.51 -32.49
CA GLN F 160 21.44 -4.83 -32.87
C GLN F 160 19.92 -4.85 -32.95
N LEU F 161 19.26 -4.08 -32.10
CA LEU F 161 17.85 -3.82 -32.31
C LEU F 161 17.61 -3.22 -33.70
N SER F 162 18.46 -2.25 -34.10
CA SER F 162 18.36 -1.67 -35.43
C SER F 162 18.60 -2.66 -36.56
N GLU F 163 19.66 -3.47 -36.48
CA GLU F 163 19.94 -4.44 -37.52
C GLU F 163 18.75 -5.35 -37.76
N GLY F 164 18.22 -5.91 -36.67
CA GLY F 164 17.05 -6.81 -36.70
C GLY F 164 15.81 -6.18 -37.29
N LEU F 165 15.45 -5.02 -36.77
CA LEU F 165 14.37 -4.20 -37.31
C LEU F 165 14.55 -3.91 -38.80
N ALA F 166 15.75 -3.47 -39.19
CA ALA F 166 16.00 -3.09 -40.58
C ALA F 166 15.65 -4.23 -41.53
N ASP F 167 16.03 -5.46 -41.17
CA ASP F 167 15.78 -6.65 -42.00
C ASP F 167 14.27 -6.87 -42.13
N GLU F 168 13.56 -6.58 -41.05
CA GLU F 168 12.12 -6.82 -40.98
C GLU F 168 11.30 -5.81 -41.76
N VAL F 169 11.76 -4.56 -41.80
CA VAL F 169 10.94 -3.46 -42.34
C VAL F 169 11.37 -2.94 -43.71
N ALA F 170 12.49 -3.45 -44.22
CA ALA F 170 12.88 -3.28 -45.63
C ALA F 170 11.73 -3.53 -46.65
N PRO F 171 10.95 -4.64 -46.47
CA PRO F 171 9.80 -4.92 -47.35
C PRO F 171 8.76 -3.80 -47.41
N PHE F 172 8.68 -2.99 -46.34
CA PHE F 172 7.72 -1.90 -46.27
C PHE F 172 8.34 -0.59 -46.74
N GLY F 173 9.58 -0.64 -47.22
CA GLY F 173 10.27 0.56 -47.70
C GLY F 173 10.76 1.47 -46.58
N ILE F 174 10.84 0.95 -45.36
CA ILE F 174 11.27 1.75 -44.21
C ILE F 174 12.79 1.75 -44.10
N LYS F 175 13.38 2.93 -43.95
CA LYS F 175 14.84 3.08 -43.83
C LYS F 175 15.26 3.07 -42.36
N VAL F 176 16.26 2.25 -42.03
CA VAL F 176 16.86 2.24 -40.70
C VAL F 176 18.33 2.62 -40.83
N LEU F 177 18.69 3.72 -40.17
CA LEU F 177 20.03 4.27 -40.26
C LEU F 177 20.67 4.36 -38.88
N ILE F 178 21.78 3.64 -38.73
CA ILE F 178 22.61 3.64 -37.53
C ILE F 178 23.78 4.59 -37.74
N VAL F 179 23.77 5.68 -37.01
CA VAL F 179 24.74 6.76 -37.17
C VAL F 179 25.81 6.57 -36.09
N GLU F 180 27.08 6.60 -36.51
CA GLU F 180 28.18 6.27 -35.61
C GLU F 180 29.22 7.38 -35.54
N PRO F 181 28.89 8.48 -34.82
CA PRO F 181 29.80 9.59 -34.76
C PRO F 181 31.01 9.29 -33.89
N GLY F 182 32.10 9.99 -34.18
CA GLY F 182 33.21 10.19 -33.26
C GLY F 182 33.02 11.50 -32.48
N ALA F 183 34.10 12.25 -32.28
CA ALA F 183 34.00 13.45 -31.46
C ALA F 183 33.60 14.70 -32.25
N PHE F 184 32.63 15.45 -31.74
CA PHE F 184 32.16 16.67 -32.41
C PHE F 184 32.29 17.89 -31.47
N ARG F 185 32.38 19.09 -32.05
CA ARG F 185 32.49 20.35 -31.28
C ARG F 185 31.20 20.62 -30.50
N THR F 186 31.29 21.34 -29.39
CA THR F 186 30.12 21.56 -28.53
C THR F 186 29.82 23.04 -28.29
N ASN F 187 30.72 23.92 -28.74
CA ASN F 187 30.53 25.35 -28.49
C ASN F 187 29.30 25.95 -29.19
N LEU F 188 28.98 25.44 -30.38
CA LEU F 188 27.86 25.97 -31.15
C LEU F 188 26.53 25.26 -30.87
N PHE F 189 26.58 23.97 -30.61
CA PHE F 189 25.38 23.15 -30.48
C PHE F 189 25.17 22.54 -29.09
N GLY F 190 26.13 22.76 -28.19
CA GLY F 190 26.09 22.19 -26.84
C GLY F 190 26.31 20.68 -26.86
N LYS F 191 25.98 20.02 -25.75
CA LYS F 191 26.09 18.55 -25.66
C LYS F 191 25.19 18.07 -24.54
N GLY F 192 24.94 16.76 -24.50
CA GLY F 192 24.16 16.12 -23.45
C GLY F 192 24.99 16.04 -22.18
N ALA F 193 24.36 15.62 -21.10
CA ALA F 193 25.01 15.42 -19.81
C ALA F 193 26.14 14.39 -19.92
N ALA F 194 27.06 14.45 -18.97
CA ALA F 194 28.19 13.53 -18.93
C ALA F 194 28.53 13.20 -17.48
N TYR F 195 28.72 11.90 -17.18
CA TYR F 195 29.17 11.47 -15.82
C TYR F 195 30.47 10.69 -15.92
N PHE F 196 31.40 11.01 -15.02
CA PHE F 196 32.69 10.34 -14.98
C PHE F 196 32.91 9.74 -13.60
N SER F 197 32.93 8.41 -13.53
CA SER F 197 33.17 7.70 -12.26
C SER F 197 34.51 8.09 -11.61
N GLU F 198 34.55 7.98 -10.27
CA GLU F 198 35.80 8.06 -9.55
C GLU F 198 36.80 7.10 -10.22
N GLU F 199 38.01 7.58 -10.45
CA GLU F 199 39.08 6.72 -10.91
C GLU F 199 39.90 6.25 -9.70
N ASN F 200 39.93 4.93 -9.50
CA ASN F 200 40.78 4.33 -8.47
C ASN F 200 42.09 3.84 -9.10
N PRO F 201 43.23 4.05 -8.41
CA PRO F 201 44.60 3.69 -8.82
C PRO F 201 44.75 2.43 -9.69
N ALA F 202 44.01 1.36 -9.36
CA ALA F 202 44.02 0.12 -10.14
C ALA F 202 43.64 0.32 -11.62
N TYR F 203 42.79 1.31 -11.88
CA TYR F 203 42.22 1.50 -13.22
C TYR F 203 42.67 2.77 -13.95
N ALA F 204 43.21 3.73 -13.20
CA ALA F 204 43.55 5.07 -13.71
C ALA F 204 44.32 5.10 -15.04
N GLU F 205 45.35 4.26 -15.16
CA GLU F 205 46.19 4.21 -16.37
C GLU F 205 45.39 3.80 -17.61
N LYS F 206 44.45 2.86 -17.43
CA LYS F 206 43.61 2.41 -18.53
C LYS F 206 42.42 3.33 -18.81
N VAL F 207 41.74 3.76 -17.76
CA VAL F 207 40.50 4.50 -17.90
C VAL F 207 40.76 5.98 -18.18
N GLY F 208 41.79 6.54 -17.54
CA GLY F 208 42.21 7.94 -17.72
C GLY F 208 42.14 8.49 -19.14
N PRO F 209 42.76 7.80 -20.12
CA PRO F 209 42.71 8.25 -21.52
C PRO F 209 41.29 8.31 -22.12
N THR F 210 40.41 7.40 -21.74
CA THR F 210 39.02 7.43 -22.19
C THR F 210 38.32 8.69 -21.72
N ARG F 211 38.61 9.14 -20.50
CA ARG F 211 38.12 10.40 -19.97
C ARG F 211 38.52 11.57 -20.88
N GLN F 212 39.79 11.59 -21.30
CA GLN F 212 40.27 12.59 -22.27
C GLN F 212 39.56 12.51 -23.61
N LEU F 213 39.55 11.31 -24.19
CA LEU F 213 38.86 11.03 -25.44
C LEU F 213 37.49 11.68 -25.46
N VAL F 214 36.66 11.37 -24.46
CA VAL F 214 35.29 11.84 -24.39
C VAL F 214 35.19 13.33 -24.02
N GLN F 215 36.11 13.81 -23.18
CA GLN F 215 36.17 15.23 -22.83
C GLN F 215 36.96 15.99 -23.89
N GLN F 221 35.83 17.70 -30.99
CA GLN F 221 36.84 18.68 -31.40
C GLN F 221 36.98 18.76 -32.93
N PRO F 222 37.25 17.62 -33.60
CA PRO F 222 37.40 17.73 -35.06
C PRO F 222 36.07 17.89 -35.82
N GLY F 223 35.00 17.29 -35.29
CA GLY F 223 33.74 17.15 -36.02
C GLY F 223 32.79 18.34 -35.99
N ASP F 224 32.17 18.60 -37.15
CA ASP F 224 31.18 19.64 -37.33
C ASP F 224 29.77 19.02 -37.28
N PRO F 225 28.98 19.35 -36.24
CA PRO F 225 27.61 18.83 -36.10
C PRO F 225 26.71 19.17 -37.30
N ALA F 226 26.89 20.36 -37.91
CA ALA F 226 26.11 20.73 -39.10
C ALA F 226 26.46 19.86 -40.30
N LYS F 227 27.74 19.57 -40.49
CA LYS F 227 28.17 18.70 -41.57
C LYS F 227 27.70 17.28 -41.34
N ALA F 228 27.70 16.87 -40.07
CA ALA F 228 27.14 15.58 -39.68
C ALA F 228 25.67 15.49 -40.10
N ALA F 229 24.88 16.50 -39.74
CA ALA F 229 23.44 16.44 -40.04
C ALA F 229 23.18 16.40 -41.55
N ALA F 230 24.02 17.08 -42.33
CA ALA F 230 23.90 17.07 -43.80
C ALA F 230 24.19 15.68 -44.37
N ALA F 231 25.21 15.01 -43.84
CA ALA F 231 25.56 13.65 -44.24
C ALA F 231 24.44 12.63 -43.93
N ILE F 232 23.75 12.82 -42.79
CA ILE F 232 22.58 12.03 -42.45
C ILE F 232 21.46 12.21 -43.48
N ARG F 233 21.23 13.45 -43.90
CA ARG F 233 20.17 13.73 -44.87
C ARG F 233 20.53 13.17 -46.23
N LEU F 234 21.81 13.24 -46.58
CA LEU F 234 22.33 12.68 -47.82
C LEU F 234 22.12 11.16 -47.84
N ALA F 235 22.47 10.49 -46.74
CA ALA F 235 22.31 9.03 -46.65
C ALA F 235 20.85 8.59 -46.76
N LEU F 236 19.94 9.32 -46.10
CA LEU F 236 18.50 9.05 -46.21
C LEU F 236 17.95 9.26 -47.63
N ASP F 237 18.54 10.22 -48.35
CA ASP F 237 18.05 10.57 -49.68
C ASP F 237 18.73 9.82 -50.83
N THR F 238 19.63 8.88 -50.50
CA THR F 238 20.28 8.02 -51.49
C THR F 238 19.38 6.83 -51.77
N GLU F 239 19.41 6.32 -53.00
CA GLU F 239 18.59 5.17 -53.39
C GLU F 239 18.75 4.00 -52.40
N LYS F 240 19.99 3.55 -52.20
CA LYS F 240 20.28 2.53 -51.20
C LYS F 240 20.89 3.21 -49.96
N THR F 241 20.06 3.37 -48.92
CA THR F 241 20.50 3.98 -47.66
C THR F 241 21.35 2.98 -46.88
N PRO F 242 22.52 3.40 -46.39
CA PRO F 242 23.36 2.42 -45.67
C PRO F 242 22.71 2.09 -44.34
N LEU F 243 23.01 0.91 -43.80
CA LEU F 243 22.51 0.56 -42.47
C LEU F 243 23.27 1.37 -41.42
N ARG F 244 24.57 1.55 -41.65
CA ARG F 244 25.44 2.36 -40.79
C ARG F 244 26.09 3.49 -41.54
N LEU F 245 26.20 4.64 -40.88
CA LEU F 245 27.00 5.73 -41.42
C LEU F 245 27.92 6.21 -40.29
N ALA F 246 29.20 5.85 -40.37
CA ALA F 246 30.21 6.42 -39.45
C ALA F 246 30.38 7.89 -39.76
N LEU F 247 30.63 8.71 -38.74
CA LEU F 247 30.91 10.12 -38.98
C LEU F 247 32.20 10.55 -38.26
N GLY F 248 33.15 11.01 -39.04
CA GLY F 248 34.45 11.47 -38.52
C GLY F 248 35.53 10.46 -38.81
N GLY F 249 36.69 10.95 -39.26
CA GLY F 249 37.90 10.13 -39.42
C GLY F 249 38.26 9.26 -38.22
N ASP F 250 38.06 9.80 -37.01
CA ASP F 250 38.30 9.05 -35.80
C ASP F 250 37.39 7.81 -35.65
N ALA F 251 36.08 8.01 -35.87
CA ALA F 251 35.13 6.89 -35.81
C ALA F 251 35.54 5.82 -36.82
N VAL F 252 35.84 6.24 -38.03
CA VAL F 252 36.27 5.32 -39.10
C VAL F 252 37.49 4.50 -38.66
N ASP F 253 38.49 5.16 -38.07
CA ASP F 253 39.73 4.50 -37.62
C ASP F 253 39.46 3.43 -36.55
N PHE F 254 38.69 3.77 -35.51
CA PHE F 254 38.30 2.79 -34.48
C PHE F 254 37.59 1.58 -35.10
N LEU F 255 36.67 1.85 -36.02
CA LEU F 255 35.84 0.82 -36.63
C LEU F 255 36.62 -0.16 -37.51
N THR F 256 37.54 0.36 -38.32
CA THR F 256 38.35 -0.47 -39.20
C THR F 256 39.35 -1.31 -38.41
N GLY F 257 39.96 -0.69 -37.39
CA GLY F 257 40.89 -1.40 -36.50
C GLY F 257 40.21 -2.55 -35.79
N HIS F 258 38.97 -2.33 -35.36
CA HIS F 258 38.20 -3.39 -34.70
C HIS F 258 37.75 -4.47 -35.69
N LEU F 259 37.23 -4.08 -36.84
CA LEU F 259 36.95 -5.09 -37.89
C LEU F 259 38.19 -5.93 -38.21
N ASP F 260 39.35 -5.26 -38.31
CA ASP F 260 40.61 -5.96 -38.59
C ASP F 260 40.98 -7.02 -37.55
N SER F 261 40.90 -6.68 -36.27
CA SER F 261 41.34 -7.61 -35.21
C SER F 261 40.36 -8.76 -35.00
N VAL F 262 39.07 -8.47 -35.17
CA VAL F 262 38.03 -9.49 -35.05
C VAL F 262 38.20 -10.54 -36.16
N ARG F 263 38.39 -10.09 -37.41
CA ARG F 263 38.61 -11.00 -38.52
C ARG F 263 39.89 -11.83 -38.34
N ALA F 264 40.95 -11.17 -37.87
CA ALA F 264 42.23 -11.84 -37.63
C ALA F 264 42.06 -12.97 -36.62
N GLU F 265 41.38 -12.70 -35.52
CA GLU F 265 41.17 -13.69 -34.46
C GLU F 265 40.29 -14.86 -34.92
N LEU F 266 39.27 -14.54 -35.71
CA LEU F 266 38.36 -15.54 -36.25
C LEU F 266 39.11 -16.53 -37.15
N THR F 267 39.96 -16.01 -38.04
CA THR F 267 40.75 -16.84 -38.96
C THR F 267 41.73 -17.72 -38.20
N GLU F 268 42.36 -17.14 -37.17
CA GLU F 268 43.37 -17.81 -36.38
C GLU F 268 42.76 -19.04 -35.72
N TRP F 269 41.56 -18.86 -35.19
CA TRP F 269 40.88 -19.90 -34.43
C TRP F 269 39.85 -20.67 -35.26
N GLU F 270 39.92 -20.50 -36.59
CA GLU F 270 38.87 -21.02 -37.46
C GLU F 270 38.79 -22.53 -37.47
N LYS F 271 39.96 -23.19 -37.50
CA LYS F 271 40.01 -24.65 -37.52
C LYS F 271 39.42 -25.21 -36.21
N VAL F 272 39.81 -24.64 -35.07
CA VAL F 272 39.19 -25.00 -33.79
C VAL F 272 37.66 -24.81 -33.83
N SER F 273 37.23 -23.61 -34.21
CA SER F 273 35.81 -23.29 -34.33
C SER F 273 35.04 -24.32 -35.19
N ARG F 274 35.58 -24.61 -36.37
CA ARG F 274 34.91 -25.52 -37.30
C ARG F 274 34.94 -26.99 -36.85
N GLY F 275 35.90 -27.31 -35.97
CA GLY F 275 36.11 -28.68 -35.51
C GLY F 275 35.11 -29.15 -34.48
N THR F 276 34.29 -28.25 -33.96
CA THR F 276 33.25 -28.62 -33.02
C THR F 276 31.98 -29.12 -33.72
N ASP F 277 32.03 -29.21 -35.06
CA ASP F 277 30.90 -29.71 -35.86
C ASP F 277 30.66 -31.21 -35.67
N MSE G 1 -3.27 47.25 -17.85
CA MSE G 1 -2.04 47.70 -17.12
C MSE G 1 -1.43 48.98 -17.73
O MSE G 1 -1.35 49.10 -18.97
CB MSE G 1 -0.98 46.58 -17.08
CG MSE G 1 -1.17 45.63 -15.92
SE MSE G 1 0.37 44.42 -15.73
CE MSE G 1 1.67 45.61 -14.91
N SER G 2 -0.99 49.90 -16.88
CA SER G 2 -0.26 51.07 -17.36
C SER G 2 1.02 50.58 -18.05
N GLU G 3 1.50 51.36 -19.02
CA GLU G 3 2.61 50.95 -19.89
C GLU G 3 3.93 50.70 -19.15
N SER G 4 4.16 51.42 -18.06
CA SER G 4 5.43 51.34 -17.33
C SER G 4 5.35 50.40 -16.11
N ALA G 5 4.17 49.83 -15.89
CA ALA G 5 3.93 48.98 -14.72
C ALA G 5 4.62 47.61 -14.82
N LYS G 6 4.98 47.05 -13.67
CA LYS G 6 5.67 45.77 -13.63
C LYS G 6 4.88 44.71 -12.90
N VAL G 7 5.03 43.47 -13.36
CA VAL G 7 4.43 42.35 -12.64
C VAL G 7 5.43 41.77 -11.64
N TRP G 8 5.06 41.85 -10.36
CA TRP G 8 5.85 41.36 -9.25
C TRP G 8 5.17 40.12 -8.68
N LEU G 9 5.96 39.06 -8.45
CA LEU G 9 5.49 37.86 -7.76
C LEU G 9 6.29 37.74 -6.46
N VAL G 10 5.60 37.88 -5.35
CA VAL G 10 6.23 37.88 -4.04
C VAL G 10 5.74 36.68 -3.20
N THR G 11 6.64 35.73 -2.92
CA THR G 11 6.29 34.61 -2.02
C THR G 11 6.36 35.03 -0.55
N GLY G 12 5.43 34.50 0.25
CA GLY G 12 5.39 34.80 1.69
C GLY G 12 4.98 36.24 1.91
N ALA G 13 4.00 36.69 1.13
CA ALA G 13 3.66 38.11 1.06
C ALA G 13 2.69 38.60 2.15
N SER G 14 2.21 37.72 3.02
CA SER G 14 1.12 38.11 3.92
C SER G 14 1.56 38.81 5.20
N SER G 15 2.84 38.70 5.54
CA SER G 15 3.36 39.32 6.75
C SER G 15 4.82 39.73 6.61
N GLY G 16 5.28 40.57 7.53
CA GLY G 16 6.70 40.95 7.63
C GLY G 16 7.25 41.61 6.38
N PHE G 17 8.52 41.38 6.10
CA PHE G 17 9.21 42.01 4.98
C PHE G 17 8.51 41.78 3.62
N GLY G 18 8.07 40.55 3.37
CA GLY G 18 7.34 40.24 2.11
C GLY G 18 6.07 41.06 1.93
N ARG G 19 5.41 41.36 3.04
CA ARG G 19 4.20 42.20 2.99
C ARG G 19 4.57 43.62 2.64
N ALA G 20 5.66 44.09 3.24
CA ALA G 20 6.13 45.44 2.97
C ALA G 20 6.54 45.61 1.51
N ILE G 21 7.17 44.57 0.94
CA ILE G 21 7.61 44.60 -0.45
C ILE G 21 6.39 44.61 -1.38
N ALA G 22 5.43 43.74 -1.08
CA ALA G 22 4.20 43.65 -1.83
C ALA G 22 3.50 45.01 -1.81
N GLU G 23 3.38 45.60 -0.62
CA GLU G 23 2.73 46.89 -0.47
C GLU G 23 3.47 48.03 -1.21
N ALA G 24 4.80 48.03 -1.13
CA ALA G 24 5.57 49.06 -1.86
C ALA G 24 5.38 48.93 -3.38
N ALA G 25 5.26 47.69 -3.87
CA ALA G 25 5.00 47.49 -5.29
C ALA G 25 3.63 48.08 -5.74
N VAL G 26 2.55 47.82 -4.99
CA VAL G 26 1.23 48.38 -5.38
C VAL G 26 1.23 49.92 -5.35
N ALA G 27 1.84 50.50 -4.32
CA ALA G 27 1.96 51.96 -4.17
C ALA G 27 2.73 52.60 -5.33
N ALA G 28 3.68 51.86 -5.92
CA ALA G 28 4.48 52.37 -7.03
C ALA G 28 3.81 52.18 -8.38
N GLY G 29 2.57 51.69 -8.35
CA GLY G 29 1.74 51.49 -9.56
C GLY G 29 1.95 50.14 -10.22
N ASP G 30 2.72 49.27 -9.58
CA ASP G 30 2.96 47.93 -10.07
C ASP G 30 1.78 47.01 -9.78
N THR G 31 1.81 45.85 -10.45
CA THR G 31 0.83 44.78 -10.26
C THR G 31 1.48 43.63 -9.49
N VAL G 32 0.79 43.16 -8.46
CA VAL G 32 1.36 42.20 -7.51
C VAL G 32 0.58 40.90 -7.39
N ILE G 33 1.31 39.79 -7.51
CA ILE G 33 0.79 38.50 -7.08
C ILE G 33 1.58 38.11 -5.85
N GLY G 34 0.88 38.05 -4.72
CA GLY G 34 1.46 37.65 -3.44
C GLY G 34 1.01 36.24 -3.09
N THR G 35 1.93 35.44 -2.60
CA THR G 35 1.58 34.08 -2.20
C THR G 35 1.69 33.90 -0.70
N ALA G 36 0.87 32.99 -0.16
CA ALA G 36 0.95 32.59 1.25
C ALA G 36 0.28 31.23 1.40
N ARG G 37 0.44 30.62 2.57
CA ARG G 37 -0.22 29.36 2.91
C ARG G 37 -1.75 29.54 2.98
N ARG G 38 -2.19 30.57 3.71
CA ARG G 38 -3.60 30.96 3.76
C ARG G 38 -3.80 32.27 3.00
N THR G 39 -4.40 32.19 1.81
CA THR G 39 -4.62 33.41 1.00
C THR G 39 -5.42 34.48 1.75
N GLU G 40 -6.37 34.04 2.57
CA GLU G 40 -7.22 34.96 3.34
C GLU G 40 -6.45 35.99 4.17
N ALA G 41 -5.18 35.67 4.47
CA ALA G 41 -4.30 36.61 5.16
C ALA G 41 -4.07 37.90 4.38
N LEU G 42 -4.14 37.79 3.05
CA LEU G 42 -3.94 38.93 2.14
C LEU G 42 -5.24 39.55 1.64
N ASP G 43 -6.37 39.20 2.28
CA ASP G 43 -7.68 39.73 1.89
C ASP G 43 -7.71 41.27 1.88
N ASP G 44 -7.20 41.86 2.95
CA ASP G 44 -7.25 43.32 3.12
C ASP G 44 -6.47 44.13 2.06
N LEU G 45 -5.44 43.52 1.49
CA LEU G 45 -4.67 44.17 0.43
C LEU G 45 -5.34 44.03 -0.93
N VAL G 46 -5.94 42.87 -1.17
CA VAL G 46 -6.64 42.59 -2.42
C VAL G 46 -7.88 43.48 -2.56
N ALA G 47 -8.58 43.69 -1.43
CA ALA G 47 -9.77 44.52 -1.40
C ALA G 47 -9.44 45.99 -1.63
N ALA G 48 -8.26 46.40 -1.19
CA ALA G 48 -7.80 47.78 -1.38
C ALA G 48 -7.29 48.08 -2.80
N TYR G 49 -6.94 47.03 -3.52
CA TYR G 49 -6.43 47.16 -4.88
C TYR G 49 -6.95 46.05 -5.77
N PRO G 50 -8.26 46.09 -6.12
CA PRO G 50 -8.92 44.97 -6.81
C PRO G 50 -8.25 44.53 -8.12
N ASP G 51 -7.83 45.49 -8.95
CA ASP G 51 -7.24 45.14 -10.26
C ASP G 51 -5.70 45.04 -10.29
N ARG G 52 -5.03 45.38 -9.19
CA ARG G 52 -3.56 45.33 -9.19
C ARG G 52 -2.92 44.40 -8.13
N ALA G 53 -3.75 43.64 -7.41
CA ALA G 53 -3.25 42.74 -6.36
C ALA G 53 -4.02 41.41 -6.30
N GLU G 54 -3.28 40.29 -6.33
CA GLU G 54 -3.90 38.97 -6.20
C GLU G 54 -3.18 38.09 -5.15
N ALA G 55 -3.98 37.34 -4.38
CA ALA G 55 -3.46 36.34 -3.43
C ALA G 55 -3.56 34.95 -4.02
N ILE G 56 -2.46 34.21 -4.04
CA ILE G 56 -2.46 32.81 -4.47
C ILE G 56 -1.88 31.89 -3.39
N SER G 57 -2.56 30.79 -3.14
CA SER G 57 -2.18 29.84 -2.10
C SER G 57 -0.93 29.10 -2.58
N LEU G 58 0.12 29.10 -1.76
CA LEU G 58 1.35 28.38 -2.13
C LEU G 58 2.21 28.04 -0.94
N ASP G 59 2.51 26.75 -0.82
CA ASP G 59 3.55 26.24 0.05
C ASP G 59 4.75 25.99 -0.85
N VAL G 60 5.81 26.78 -0.64
CA VAL G 60 7.05 26.71 -1.44
C VAL G 60 7.77 25.36 -1.25
N THR G 61 7.44 24.72 -0.15
CA THR G 61 7.81 23.34 0.13
C THR G 61 7.24 22.35 -0.91
N ASP G 62 6.15 22.73 -1.57
CA ASP G 62 5.43 21.85 -2.49
C ASP G 62 5.77 22.15 -3.96
N GLY G 63 6.66 21.34 -4.53
CA GLY G 63 7.23 21.61 -5.86
C GLY G 63 6.26 21.48 -7.03
N GLU G 64 5.34 20.52 -6.92
CA GLU G 64 4.27 20.39 -7.90
C GLU G 64 3.39 21.65 -7.94
N ARG G 65 3.00 22.12 -6.75
CA ARG G 65 2.22 23.34 -6.61
C ARG G 65 3.00 24.59 -7.11
N ILE G 66 4.32 24.62 -6.93
CA ILE G 66 5.16 25.65 -7.54
C ILE G 66 4.95 25.72 -9.06
N ASP G 67 5.12 24.58 -9.74
CA ASP G 67 5.00 24.53 -11.20
C ASP G 67 3.63 24.98 -11.69
N VAL G 68 2.57 24.54 -11.00
CA VAL G 68 1.20 24.93 -11.32
C VAL G 68 0.98 26.43 -11.16
N VAL G 69 1.42 26.98 -10.04
CA VAL G 69 1.23 28.39 -9.71
C VAL G 69 1.99 29.31 -10.67
N ALA G 70 3.23 28.93 -11.00
CA ALA G 70 4.04 29.66 -11.98
C ALA G 70 3.44 29.67 -13.39
N ALA G 71 2.94 28.51 -13.84
CA ALA G 71 2.27 28.39 -15.15
C ALA G 71 0.99 29.23 -15.20
N ASP G 72 0.30 29.26 -14.07
CA ASP G 72 -0.97 29.98 -13.93
C ASP G 72 -0.71 31.47 -14.08
N VAL G 73 0.28 31.97 -13.35
CA VAL G 73 0.62 33.40 -13.38
C VAL G 73 1.04 33.83 -14.79
N LEU G 74 1.86 33.02 -15.46
CA LEU G 74 2.33 33.32 -16.81
C LEU G 74 1.21 33.26 -17.85
N ALA G 75 0.35 32.25 -17.74
CA ALA G 75 -0.84 32.19 -18.59
C ALA G 75 -1.68 33.48 -18.45
N ARG G 76 -2.05 33.81 -17.21
CA ARG G 76 -3.03 34.87 -16.95
C ARG G 76 -2.48 36.30 -17.00
N TYR G 77 -1.22 36.48 -16.64
CA TYR G 77 -0.60 37.82 -16.63
C TYR G 77 0.30 38.05 -17.84
N GLY G 78 0.67 36.97 -18.52
CA GLY G 78 1.58 37.06 -19.68
C GLY G 78 3.06 37.08 -19.33
N ARG G 79 3.38 37.51 -18.11
CA ARG G 79 4.78 37.67 -17.68
C ARG G 79 4.93 37.77 -16.16
N VAL G 80 6.17 37.60 -15.69
CA VAL G 80 6.58 38.09 -14.37
C VAL G 80 7.82 38.93 -14.59
N ASP G 81 7.80 40.20 -14.19
CA ASP G 81 8.99 41.04 -14.34
C ASP G 81 9.95 40.85 -13.17
N VAL G 82 9.42 40.81 -11.96
CA VAL G 82 10.23 40.68 -10.76
C VAL G 82 9.72 39.53 -9.90
N LEU G 83 10.60 38.60 -9.60
CA LEU G 83 10.29 37.51 -8.66
C LEU G 83 10.99 37.80 -7.32
N VAL G 84 10.25 37.75 -6.23
CA VAL G 84 10.87 37.89 -4.92
C VAL G 84 10.69 36.56 -4.20
N ASN G 85 11.79 35.84 -3.98
CA ASN G 85 11.78 34.61 -3.17
C ASN G 85 11.94 34.98 -1.71
N ASN G 86 10.79 35.27 -1.08
CA ASN G 86 10.80 35.76 0.28
C ASN G 86 10.34 34.74 1.32
N ALA G 87 9.54 33.75 0.90
CA ALA G 87 8.93 32.82 1.87
C ALA G 87 10.01 32.18 2.71
N GLY G 88 9.77 32.07 4.00
CA GLY G 88 10.79 31.54 4.89
C GLY G 88 10.39 31.53 6.34
N ARG G 89 11.27 30.94 7.16
CA ARG G 89 11.05 30.80 8.59
C ARG G 89 12.34 31.10 9.31
N THR G 90 12.23 31.79 10.44
CA THR G 90 13.33 31.93 11.39
C THR G 90 13.49 30.61 12.17
N GLN G 91 14.72 30.13 12.28
CA GLN G 91 14.97 28.91 13.02
C GLN G 91 16.26 29.02 13.82
N VAL G 92 16.20 28.63 15.09
CA VAL G 92 17.35 28.65 16.00
C VAL G 92 17.46 27.33 16.73
N GLY G 93 18.70 26.88 16.91
CA GLY G 93 18.98 25.67 17.69
C GLY G 93 20.38 25.15 17.41
N ALA G 94 20.92 24.44 18.39
CA ALA G 94 22.25 23.84 18.29
C ALA G 94 22.27 22.87 17.14
N PHE G 95 23.42 22.81 16.46
CA PHE G 95 23.66 21.84 15.40
C PHE G 95 23.21 20.45 15.89
N GLU G 96 23.69 20.06 17.06
CA GLU G 96 23.44 18.75 17.64
C GLU G 96 21.96 18.53 17.95
N GLU G 97 21.24 19.62 18.26
CA GLU G 97 19.80 19.55 18.54
C GLU G 97 18.90 19.46 17.30
N THR G 98 19.37 19.98 16.16
CA THR G 98 18.59 20.02 14.92
C THR G 98 18.41 18.62 14.31
N THR G 99 17.17 18.22 14.07
CA THR G 99 16.88 16.89 13.48
C THR G 99 17.14 16.94 11.99
N GLU G 100 17.42 15.79 11.39
CA GLU G 100 17.58 15.74 9.95
C GLU G 100 16.30 16.21 9.24
N ARG G 101 15.16 15.98 9.84
CA ARG G 101 13.91 16.43 9.28
C ARG G 101 13.82 17.95 9.25
N GLU G 102 14.08 18.57 10.37
CA GLU G 102 14.04 20.04 10.48
C GLU G 102 15.02 20.70 9.50
N LEU G 103 16.20 20.11 9.34
CA LEU G 103 17.19 20.60 8.39
C LEU G 103 16.71 20.49 6.94
N ARG G 104 16.18 19.32 6.57
CA ARG G 104 15.69 19.10 5.20
C ARG G 104 14.51 20.03 4.88
N ASP G 105 13.62 20.21 5.85
CA ASP G 105 12.48 21.11 5.74
C ASP G 105 12.94 22.54 5.45
N LEU G 106 13.96 23.00 6.17
CA LEU G 106 14.46 24.36 5.96
C LEU G 106 15.15 24.50 4.60
N PHE G 107 15.93 23.50 4.21
CA PHE G 107 16.38 23.45 2.81
C PHE G 107 15.27 23.49 1.73
N GLU G 108 14.13 22.84 1.97
CA GLU G 108 13.00 22.91 1.03
C GLU G 108 12.47 24.33 0.85
N LEU G 109 12.28 25.03 1.96
CA LEU G 109 11.77 26.39 1.95
C LEU G 109 12.76 27.38 1.32
N HIS G 110 13.98 27.38 1.84
CA HIS G 110 14.94 28.42 1.57
C HIS G 110 15.74 28.22 0.31
N VAL G 111 15.77 26.98 -0.20
CA VAL G 111 16.71 26.62 -1.25
C VAL G 111 16.02 25.96 -2.43
N PHE G 112 15.49 24.74 -2.23
CA PHE G 112 14.90 23.96 -3.34
C PHE G 112 13.65 24.61 -3.95
N GLY G 113 12.78 25.14 -3.09
CA GLY G 113 11.62 25.91 -3.50
C GLY G 113 11.99 27.07 -4.42
N PRO G 114 12.79 28.02 -3.92
CA PRO G 114 13.19 29.17 -4.75
C PRO G 114 13.90 28.77 -6.03
N ALA G 115 14.72 27.73 -5.96
CA ALA G 115 15.45 27.24 -7.12
C ALA G 115 14.47 26.81 -8.21
N ARG G 116 13.45 26.04 -7.81
CA ARG G 116 12.45 25.58 -8.77
C ARG G 116 11.63 26.73 -9.34
N LEU G 117 11.16 27.63 -8.47
CA LEU G 117 10.38 28.80 -8.91
C LEU G 117 11.20 29.69 -9.85
N THR G 118 12.41 30.05 -9.45
CA THR G 118 13.33 30.77 -10.34
C THR G 118 13.46 30.08 -11.71
N ARG G 119 13.75 28.77 -11.72
CA ARG G 119 13.95 28.00 -12.96
C ARG G 119 12.75 28.07 -13.88
N ALA G 120 11.57 28.06 -13.26
CA ALA G 120 10.31 28.12 -13.98
C ALA G 120 10.06 29.48 -14.62
N LEU G 121 10.57 30.57 -14.03
CA LEU G 121 10.29 31.91 -14.58
C LEU G 121 11.41 32.50 -15.43
N LEU G 122 12.59 31.91 -15.35
CA LEU G 122 13.77 32.41 -16.05
C LEU G 122 13.64 32.46 -17.58
N PRO G 123 13.02 31.44 -18.22
CA PRO G 123 12.94 31.47 -19.68
C PRO G 123 12.12 32.64 -20.28
N GLN G 124 10.99 33.00 -19.68
CA GLN G 124 10.23 34.19 -20.14
C GLN G 124 11.03 35.48 -19.91
N MSE G 125 11.86 35.50 -18.86
CA MSE G 125 12.77 36.63 -18.62
C MSE G 125 13.85 36.74 -19.72
O MSE G 125 14.19 37.83 -20.15
CB MSE G 125 13.43 36.56 -17.24
CG MSE G 125 12.50 36.84 -16.09
SE MSE G 125 13.44 36.85 -14.36
CE MSE G 125 11.89 37.21 -13.22
N ARG G 126 14.36 35.58 -20.14
CA ARG G 126 15.43 35.51 -21.13
C ARG G 126 14.93 35.93 -22.53
N GLU G 127 13.78 35.39 -22.91
CA GLU G 127 13.14 35.71 -24.19
C GLU G 127 12.80 37.20 -24.31
N ARG G 128 12.26 37.76 -23.22
CA ARG G 128 11.98 39.19 -23.14
C ARG G 128 13.27 40.00 -22.99
N GLY G 129 14.28 39.42 -22.34
CA GLY G 129 15.57 40.08 -22.18
C GLY G 129 15.59 41.14 -21.10
N SER G 130 14.72 40.97 -20.09
CA SER G 130 14.66 41.84 -18.91
C SER G 130 13.95 41.13 -17.75
N GLY G 131 14.35 41.46 -16.53
CA GLY G 131 13.73 40.86 -15.36
C GLY G 131 14.62 40.91 -14.14
N SER G 132 14.04 40.66 -12.98
CA SER G 132 14.81 40.67 -11.75
C SER G 132 14.42 39.48 -10.91
N VAL G 133 15.43 38.83 -10.36
CA VAL G 133 15.25 37.81 -9.34
C VAL G 133 15.81 38.39 -8.06
N VAL G 134 14.95 38.53 -7.08
CA VAL G 134 15.29 39.07 -5.78
C VAL G 134 15.17 37.99 -4.71
N ASN G 135 16.31 37.61 -4.15
CA ASN G 135 16.34 36.53 -3.19
C ASN G 135 16.55 37.09 -1.80
N ILE G 136 15.55 36.89 -0.94
CA ILE G 136 15.66 37.36 0.44
C ILE G 136 16.46 36.39 1.31
N SER G 137 17.70 36.80 1.53
CA SER G 137 18.67 36.08 2.32
C SER G 137 18.71 36.75 3.71
N SER G 138 19.91 36.95 4.25
CA SER G 138 20.13 37.44 5.61
C SER G 138 21.60 37.76 5.66
N PHE G 139 22.03 38.46 6.70
CA PHE G 139 23.47 38.56 6.95
C PHE G 139 24.00 37.14 7.19
N GLY G 140 23.09 36.25 7.59
CA GLY G 140 23.38 34.85 7.83
C GLY G 140 23.77 34.11 6.56
N GLY G 141 23.48 34.71 5.41
CA GLY G 141 23.92 34.13 4.12
C GLY G 141 25.42 34.09 3.93
N GLN G 142 26.14 34.86 4.74
CA GLN G 142 27.62 34.88 4.67
C GLN G 142 28.33 34.46 5.95
N LEU G 143 27.59 34.19 7.01
CA LEU G 143 28.22 33.97 8.32
C LEU G 143 27.25 33.28 9.28
N SER G 144 27.82 32.62 10.27
CA SER G 144 27.01 31.94 11.27
C SER G 144 27.69 32.01 12.64
N PHE G 145 26.98 31.54 13.66
CA PHE G 145 27.41 31.49 15.04
C PHE G 145 26.43 30.57 15.79
N ALA G 146 26.69 30.35 17.07
CA ALA G 146 25.93 29.38 17.85
C ALA G 146 24.44 29.49 17.65
N GLY G 147 23.77 28.36 17.44
CA GLY G 147 22.32 28.31 17.32
C GLY G 147 21.78 28.66 15.93
N PHE G 148 22.67 29.08 15.02
CA PHE G 148 22.22 29.63 13.76
C PHE G 148 22.68 28.81 12.55
N SER G 149 23.19 27.60 12.80
CA SER G 149 23.91 26.87 11.73
C SER G 149 22.99 26.43 10.58
N ALA G 150 21.79 25.95 10.93
CA ALA G 150 20.86 25.49 9.92
C ALA G 150 20.36 26.66 9.07
N TYR G 151 20.03 27.76 9.73
CA TYR G 151 19.50 28.91 9.02
C TYR G 151 20.56 29.49 8.07
N SER G 152 21.78 29.71 8.58
CA SER G 152 22.90 30.19 7.76
C SER G 152 23.22 29.26 6.61
N ALA G 153 23.23 27.95 6.86
CA ALA G 153 23.52 26.98 5.80
C ALA G 153 22.55 27.18 4.62
N THR G 154 21.26 27.34 4.91
CA THR G 154 20.25 27.51 3.86
C THR G 154 20.36 28.85 3.15
N LYS G 155 20.63 29.92 3.89
CA LYS G 155 20.77 31.25 3.22
C LYS G 155 22.03 31.32 2.39
N ALA G 156 23.13 30.77 2.90
CA ALA G 156 24.36 30.72 2.12
C ALA G 156 24.16 29.94 0.82
N ALA G 157 23.39 28.85 0.88
CA ALA G 157 23.10 28.05 -0.32
C ALA G 157 22.35 28.87 -1.38
N LEU G 158 21.31 29.58 -0.91
CA LEU G 158 20.53 30.49 -1.74
C LEU G 158 21.41 31.59 -2.36
N GLU G 159 22.36 32.10 -1.59
CA GLU G 159 23.25 33.17 -2.05
C GLU G 159 24.16 32.72 -3.17
N GLN G 160 24.70 31.52 -3.03
CA GLN G 160 25.64 31.00 -4.02
C GLN G 160 24.95 30.54 -5.30
N LEU G 161 23.74 30.00 -5.16
CA LEU G 161 22.84 29.79 -6.30
C LEU G 161 22.70 31.12 -7.05
N SER G 162 22.44 32.18 -6.30
CA SER G 162 22.27 33.52 -6.87
C SER G 162 23.53 34.06 -7.53
N GLU G 163 24.68 33.89 -6.87
CA GLU G 163 25.96 34.33 -7.44
C GLU G 163 26.23 33.69 -8.79
N GLY G 164 26.06 32.37 -8.84
CA GLY G 164 26.28 31.61 -10.06
C GLY G 164 25.33 32.02 -11.17
N LEU G 165 24.04 31.99 -10.85
CA LEU G 165 23.02 32.43 -11.79
C LEU G 165 23.26 33.85 -12.32
N ALA G 166 23.62 34.77 -11.41
CA ALA G 166 23.85 36.17 -11.77
C ALA G 166 24.86 36.31 -12.89
N ASP G 167 25.95 35.56 -12.80
CA ASP G 167 27.01 35.55 -13.81
C ASP G 167 26.50 35.00 -15.15
N GLU G 168 25.62 34.00 -15.08
CA GLU G 168 25.11 33.35 -16.29
C GLU G 168 24.11 34.21 -17.08
N VAL G 169 23.37 35.03 -16.35
CA VAL G 169 22.16 35.65 -16.89
C VAL G 169 22.30 37.16 -17.12
N ALA G 170 23.44 37.71 -16.68
CA ALA G 170 23.80 39.11 -16.94
C ALA G 170 23.77 39.45 -18.43
N PRO G 171 24.25 38.54 -19.30
CA PRO G 171 24.21 38.80 -20.74
C PRO G 171 22.81 39.04 -21.26
N PHE G 172 21.81 38.55 -20.54
CA PHE G 172 20.44 38.67 -20.99
C PHE G 172 19.74 39.90 -20.39
N GLY G 173 20.49 40.72 -19.65
CA GLY G 173 19.92 41.92 -19.01
C GLY G 173 19.13 41.65 -17.75
N ILE G 174 19.17 40.39 -17.29
CA ILE G 174 18.47 39.97 -16.06
C ILE G 174 19.29 40.31 -14.81
N LYS G 175 18.63 40.91 -13.83
CA LYS G 175 19.23 41.36 -12.58
C LYS G 175 18.96 40.32 -11.47
N VAL G 176 19.99 40.03 -10.69
CA VAL G 176 19.89 39.09 -9.59
C VAL G 176 20.42 39.83 -8.36
N LEU G 177 19.54 39.98 -7.37
CA LEU G 177 19.82 40.72 -6.16
C LEU G 177 19.63 39.84 -4.93
N ILE G 178 20.65 39.81 -4.09
CA ILE G 178 20.59 39.05 -2.83
C ILE G 178 20.37 40.11 -1.75
N VAL G 179 19.23 40.07 -1.07
CA VAL G 179 18.93 41.04 0.00
C VAL G 179 19.32 40.44 1.38
N GLU G 180 20.07 41.20 2.19
CA GLU G 180 20.59 40.72 3.48
C GLU G 180 20.19 41.63 4.65
N PRO G 181 18.92 41.50 5.10
CA PRO G 181 18.44 42.31 6.21
C PRO G 181 18.82 41.75 7.58
N GLY G 182 18.68 42.57 8.61
CA GLY G 182 18.63 42.10 9.98
C GLY G 182 17.17 41.93 10.37
N ALA G 183 16.87 42.01 11.67
CA ALA G 183 15.49 41.90 12.13
C ALA G 183 14.75 43.21 11.91
N PHE G 184 13.45 43.11 11.70
CA PHE G 184 12.59 44.24 11.36
C PHE G 184 11.63 44.51 12.50
N ARG G 185 11.18 45.76 12.62
CA ARG G 185 10.02 46.08 13.47
C ARG G 185 8.81 45.27 12.96
N THR G 186 7.99 44.80 13.88
CA THR G 186 6.90 43.87 13.56
C THR G 186 5.53 44.47 13.86
N ASN G 187 5.53 45.62 14.55
CA ASN G 187 4.31 46.32 14.95
C ASN G 187 3.31 46.59 13.82
N LEU G 188 3.81 47.01 12.65
CA LEU G 188 2.91 47.34 11.53
C LEU G 188 2.66 46.16 10.60
N PHE G 189 3.70 45.38 10.30
CA PHE G 189 3.66 44.33 9.28
C PHE G 189 3.52 42.87 9.78
N GLY G 190 3.63 42.65 11.09
CA GLY G 190 3.69 41.29 11.64
C GLY G 190 5.01 40.59 11.36
N LYS G 191 5.07 39.27 11.51
CA LYS G 191 6.31 38.51 11.28
C LYS G 191 5.99 37.12 10.72
N GLY G 192 7.01 36.43 10.20
CA GLY G 192 6.84 35.04 9.77
C GLY G 192 6.89 34.08 10.95
N ALA G 193 6.56 32.82 10.69
CA ALA G 193 6.70 31.74 11.68
C ALA G 193 8.15 31.57 12.13
N ALA G 194 8.33 30.95 13.30
CA ALA G 194 9.60 30.88 13.98
C ALA G 194 9.64 29.67 14.88
N TYR G 195 10.74 28.95 14.84
CA TYR G 195 10.91 27.80 15.71
C TYR G 195 12.25 27.87 16.45
N PHE G 196 12.19 27.64 17.75
CA PHE G 196 13.38 27.69 18.59
C PHE G 196 13.53 26.38 19.31
N SER G 197 14.60 25.68 18.96
CA SER G 197 14.91 24.37 19.52
C SER G 197 15.09 24.42 21.04
N GLU G 198 14.77 23.30 21.68
CA GLU G 198 15.19 23.04 23.04
C GLU G 198 16.65 23.46 23.24
N GLU G 199 16.90 24.21 24.31
CA GLU G 199 18.28 24.59 24.69
C GLU G 199 18.73 23.83 25.94
N ASN G 200 19.54 22.78 25.74
CA ASN G 200 20.10 21.98 26.83
C ASN G 200 21.24 22.74 27.54
N PRO G 201 21.49 22.42 28.84
CA PRO G 201 22.52 23.10 29.63
C PRO G 201 23.86 23.32 28.92
N ALA G 202 24.33 22.29 28.20
CA ALA G 202 25.61 22.35 27.51
C ALA G 202 25.69 23.45 26.43
N TYR G 203 24.54 23.91 25.95
CA TYR G 203 24.51 24.90 24.86
C TYR G 203 23.86 26.24 25.25
N ALA G 204 23.16 26.25 26.38
CA ALA G 204 22.41 27.43 26.82
C ALA G 204 23.21 28.75 26.76
N GLU G 205 24.48 28.73 27.16
CA GLU G 205 25.26 29.97 27.22
C GLU G 205 25.56 30.55 25.85
N LYS G 206 25.80 29.66 24.87
CA LYS G 206 26.12 30.05 23.50
C LYS G 206 24.90 30.38 22.68
N VAL G 207 23.86 29.57 22.81
CA VAL G 207 22.68 29.67 21.94
C VAL G 207 21.68 30.71 22.45
N GLY G 208 21.56 30.84 23.76
CA GLY G 208 20.65 31.83 24.38
C GLY G 208 20.67 33.20 23.70
N PRO G 209 21.86 33.86 23.65
CA PRO G 209 22.00 35.18 23.00
C PRO G 209 21.53 35.24 21.54
N THR G 210 21.74 34.17 20.79
CA THR G 210 21.26 34.07 19.40
C THR G 210 19.72 34.13 19.33
N ARG G 211 19.05 33.39 20.20
CA ARG G 211 17.59 33.45 20.30
C ARG G 211 17.11 34.88 20.55
N GLN G 212 17.74 35.58 21.50
CA GLN G 212 17.40 36.97 21.80
C GLN G 212 17.57 37.88 20.59
N LEU G 213 18.70 37.73 19.90
CA LEU G 213 19.04 38.53 18.72
C LEU G 213 18.03 38.33 17.58
N VAL G 214 17.72 37.07 17.31
CA VAL G 214 16.85 36.72 16.21
C VAL G 214 15.41 37.18 16.46
N GLN G 215 15.00 37.12 17.72
CA GLN G 215 13.66 37.54 18.12
C GLN G 215 13.58 39.07 18.22
N GLN G 221 18.46 46.04 17.31
CA GLN G 221 18.22 47.32 16.63
C GLN G 221 17.36 47.14 15.35
N PRO G 222 16.01 47.19 15.49
CA PRO G 222 15.06 46.79 14.44
C PRO G 222 15.02 47.66 13.17
N GLY G 223 14.93 46.98 12.02
CA GLY G 223 14.77 47.64 10.72
C GLY G 223 13.35 48.11 10.45
N ASP G 224 13.22 49.06 9.52
CA ASP G 224 11.93 49.55 9.06
C ASP G 224 11.65 48.89 7.72
N PRO G 225 10.69 47.95 7.66
CA PRO G 225 10.46 47.13 6.46
C PRO G 225 10.03 47.96 5.25
N ALA G 226 9.34 49.08 5.49
CA ALA G 226 8.92 49.96 4.40
C ALA G 226 10.12 50.63 3.74
N LYS G 227 11.03 51.20 4.53
CA LYS G 227 12.27 51.74 3.94
C LYS G 227 13.13 50.65 3.30
N ALA G 228 13.16 49.48 3.94
CA ALA G 228 13.91 48.36 3.39
C ALA G 228 13.38 48.00 1.98
N ALA G 229 12.06 47.98 1.80
CA ALA G 229 11.46 47.71 0.46
C ALA G 229 11.77 48.79 -0.60
N ALA G 230 11.77 50.07 -0.18
CA ALA G 230 12.19 51.18 -1.06
C ALA G 230 13.66 51.04 -1.50
N ALA G 231 14.50 50.48 -0.63
CA ALA G 231 15.92 50.28 -0.92
C ALA G 231 16.10 49.18 -1.98
N ILE G 232 15.29 48.13 -1.89
CA ILE G 232 15.32 47.07 -2.89
C ILE G 232 15.05 47.65 -4.28
N ARG G 233 14.04 48.51 -4.34
CA ARG G 233 13.61 49.13 -5.59
C ARG G 233 14.68 50.09 -6.13
N LEU G 234 15.40 50.79 -5.24
CA LEU G 234 16.51 51.68 -5.64
C LEU G 234 17.62 50.83 -6.26
N ALA G 235 17.96 49.73 -5.57
CA ALA G 235 19.06 48.88 -6.01
C ALA G 235 18.75 48.35 -7.41
N LEU G 236 17.52 47.89 -7.61
CA LEU G 236 17.09 47.38 -8.92
C LEU G 236 17.04 48.45 -10.01
N ASP G 237 16.78 49.70 -9.62
CA ASP G 237 16.71 50.75 -10.61
C ASP G 237 18.06 51.41 -10.95
N THR G 238 19.10 51.07 -10.20
CA THR G 238 20.43 51.57 -10.46
C THR G 238 21.01 50.79 -11.64
N GLU G 239 21.74 51.48 -12.51
CA GLU G 239 22.35 50.87 -13.71
C GLU G 239 23.20 49.66 -13.31
N LYS G 240 24.18 49.89 -12.43
CA LYS G 240 24.92 48.81 -11.80
C LYS G 240 24.15 48.35 -10.57
N THR G 241 23.33 47.31 -10.72
CA THR G 241 22.68 46.72 -9.54
C THR G 241 23.73 45.92 -8.77
N PRO G 242 23.86 46.19 -7.47
CA PRO G 242 24.77 45.42 -6.62
C PRO G 242 24.31 43.97 -6.53
N LEU G 243 25.24 43.02 -6.44
CA LEU G 243 24.88 41.63 -6.22
C LEU G 243 24.22 41.44 -4.86
N ARG G 244 24.72 42.17 -3.87
CA ARG G 244 24.16 42.10 -2.52
C ARG G 244 23.72 43.47 -2.03
N LEU G 245 22.59 43.48 -1.34
CA LEU G 245 22.13 44.67 -0.63
C LEU G 245 21.91 44.33 0.85
N ALA G 246 22.86 44.74 1.70
CA ALA G 246 22.70 44.64 3.15
C ALA G 246 21.63 45.63 3.60
N LEU G 247 20.83 45.28 4.61
CA LEU G 247 19.79 46.21 5.10
C LEU G 247 19.82 46.31 6.63
N GLY G 248 20.06 47.53 7.12
CA GLY G 248 20.20 47.78 8.57
C GLY G 248 21.64 47.80 9.06
N GLY G 249 21.87 48.61 10.08
CA GLY G 249 23.17 48.72 10.74
C GLY G 249 23.69 47.42 11.29
N ASP G 250 22.80 46.61 11.84
CA ASP G 250 23.19 45.28 12.34
C ASP G 250 23.76 44.39 11.27
N ALA G 251 23.07 44.31 10.12
CA ALA G 251 23.55 43.51 9.01
C ALA G 251 24.89 44.01 8.51
N VAL G 252 24.99 45.33 8.35
CA VAL G 252 26.24 45.93 7.91
C VAL G 252 27.38 45.62 8.90
N ASP G 253 27.16 45.81 10.19
CA ASP G 253 28.15 45.45 11.21
C ASP G 253 28.54 43.99 11.13
N PHE G 254 27.54 43.10 11.06
CA PHE G 254 27.83 41.68 11.03
C PHE G 254 28.64 41.31 9.80
N LEU G 255 28.21 41.81 8.63
CA LEU G 255 28.85 41.44 7.37
C LEU G 255 30.26 42.03 7.24
N THR G 256 30.44 43.28 7.65
CA THR G 256 31.78 43.88 7.54
C THR G 256 32.73 43.27 8.58
N GLY G 257 32.20 42.92 9.75
CA GLY G 257 33.02 42.30 10.81
C GLY G 257 33.52 40.91 10.40
N HIS G 258 32.66 40.17 9.70
CA HIS G 258 33.00 38.84 9.22
C HIS G 258 33.98 38.89 8.04
N LEU G 259 33.79 39.84 7.13
CA LEU G 259 34.71 39.95 5.97
C LEU G 259 36.11 40.22 6.53
N ASP G 260 36.17 41.15 7.48
CA ASP G 260 37.40 41.52 8.17
C ASP G 260 38.11 40.28 8.73
N SER G 261 37.37 39.46 9.49
CA SER G 261 37.97 38.29 10.12
C SER G 261 38.41 37.23 9.09
N VAL G 262 37.56 36.97 8.09
CA VAL G 262 37.93 36.01 7.05
C VAL G 262 39.21 36.45 6.34
N ARG G 263 39.29 37.74 5.99
CA ARG G 263 40.47 38.29 5.32
C ARG G 263 41.75 38.22 6.17
N ALA G 264 41.65 38.68 7.42
CA ALA G 264 42.76 38.60 8.39
C ALA G 264 43.30 37.17 8.54
N GLU G 265 42.39 36.20 8.64
CA GLU G 265 42.79 34.81 8.78
C GLU G 265 43.48 34.30 7.52
N LEU G 266 42.95 34.69 6.35
CA LEU G 266 43.54 34.31 5.06
C LEU G 266 44.95 34.87 4.96
N THR G 267 45.11 36.12 5.40
CA THR G 267 46.43 36.77 5.43
C THR G 267 47.39 36.00 6.35
N GLU G 268 46.93 35.64 7.54
CA GLU G 268 47.82 35.03 8.54
C GLU G 268 48.33 33.70 8.03
N TRP G 269 47.45 32.93 7.41
CA TRP G 269 47.76 31.58 6.96
C TRP G 269 48.24 31.48 5.50
N GLU G 270 48.52 32.62 4.88
CA GLU G 270 48.75 32.70 3.43
C GLU G 270 49.99 31.94 2.93
N LYS G 271 51.10 32.06 3.66
CA LYS G 271 52.34 31.34 3.34
C LYS G 271 52.11 29.83 3.33
N VAL G 272 51.39 29.33 4.34
CA VAL G 272 51.01 27.90 4.41
C VAL G 272 50.12 27.53 3.22
N SER G 273 49.08 28.35 2.99
CA SER G 273 48.16 28.13 1.87
C SER G 273 48.89 28.05 0.53
N ARG G 274 49.77 29.02 0.27
CA ARG G 274 50.48 29.07 -1.01
C ARG G 274 51.54 28.00 -1.14
N GLY G 275 52.07 27.52 -0.02
CA GLY G 275 53.14 26.53 -0.03
C GLY G 275 52.80 25.13 -0.53
N THR G 276 51.56 24.91 -0.96
CA THR G 276 51.10 23.57 -1.33
C THR G 276 51.20 23.22 -2.83
N ASP G 277 52.15 23.85 -3.52
CA ASP G 277 52.49 23.48 -4.91
C ASP G 277 53.52 22.36 -4.98
N ALA H 5 -32.36 40.04 9.30
CA ALA H 5 -32.22 38.58 9.60
C ALA H 5 -30.76 38.14 9.70
N LYS H 6 -30.44 37.45 10.79
CA LYS H 6 -29.12 36.90 11.03
C LYS H 6 -29.06 35.43 10.59
N VAL H 7 -27.96 35.01 9.97
CA VAL H 7 -27.75 33.62 9.58
C VAL H 7 -27.12 32.83 10.74
N TRP H 8 -27.82 31.78 11.17
CA TRP H 8 -27.34 30.89 12.24
C TRP H 8 -26.90 29.55 11.64
N LEU H 9 -25.67 29.15 11.93
CA LEU H 9 -25.21 27.79 11.62
C LEU H 9 -25.01 27.02 12.92
N VAL H 10 -25.82 25.98 13.11
CA VAL H 10 -25.82 25.19 14.34
C VAL H 10 -25.44 23.74 14.00
N THR H 11 -24.31 23.27 14.55
CA THR H 11 -23.95 21.85 14.38
C THR H 11 -24.69 20.96 15.38
N GLY H 12 -25.00 19.74 14.94
CA GLY H 12 -25.76 18.77 15.75
C GLY H 12 -27.11 19.33 16.17
N ALA H 13 -27.80 19.95 15.22
CA ALA H 13 -29.03 20.69 15.47
C ALA H 13 -30.23 19.76 15.50
N SER H 14 -29.95 18.47 15.31
CA SER H 14 -30.95 17.43 15.16
C SER H 14 -31.84 17.17 16.37
N SER H 15 -31.23 17.21 17.55
CA SER H 15 -31.90 16.82 18.79
C SER H 15 -31.36 17.67 19.94
N GLY H 16 -31.98 17.53 21.10
CA GLY H 16 -31.50 18.15 22.33
C GLY H 16 -31.26 19.65 22.22
N PHE H 17 -30.27 20.12 22.98
CA PHE H 17 -30.05 21.55 23.12
C PHE H 17 -29.87 22.27 21.77
N GLY H 18 -29.12 21.64 20.87
CA GLY H 18 -28.94 22.15 19.51
C GLY H 18 -30.23 22.37 18.74
N ARG H 19 -31.21 21.51 18.94
CA ARG H 19 -32.47 21.64 18.23
C ARG H 19 -33.26 22.79 18.80
N ALA H 20 -33.21 22.94 20.13
CA ALA H 20 -33.87 24.06 20.82
C ALA H 20 -33.29 25.41 20.40
N ILE H 21 -31.97 25.49 20.23
CA ILE H 21 -31.30 26.71 19.75
C ILE H 21 -31.76 27.03 18.31
N ALA H 22 -31.71 26.03 17.43
CA ALA H 22 -32.17 26.20 16.05
C ALA H 22 -33.64 26.64 15.96
N GLU H 23 -34.49 26.06 16.81
CA GLU H 23 -35.91 26.40 16.85
C GLU H 23 -36.10 27.85 17.32
N ALA H 24 -35.36 28.22 18.37
CA ALA H 24 -35.40 29.57 18.93
C ALA H 24 -35.03 30.60 17.86
N ALA H 25 -34.07 30.25 17.02
CA ALA H 25 -33.59 31.14 15.96
C ALA H 25 -34.60 31.31 14.82
N VAL H 26 -35.14 30.20 14.29
CA VAL H 26 -36.17 30.34 13.24
C VAL H 26 -37.45 31.03 13.75
N ALA H 27 -37.80 30.79 15.02
CA ALA H 27 -38.96 31.42 15.69
C ALA H 27 -38.78 32.92 15.89
N ALA H 28 -37.54 33.35 16.09
CA ALA H 28 -37.19 34.77 16.19
C ALA H 28 -37.07 35.45 14.83
N GLY H 29 -37.19 34.68 13.74
CA GLY H 29 -37.18 35.23 12.38
C GLY H 29 -35.90 34.97 11.59
N ASP H 30 -34.88 34.44 12.27
CA ASP H 30 -33.55 34.21 11.68
C ASP H 30 -33.53 33.08 10.67
N THR H 31 -32.45 33.02 9.90
CA THR H 31 -32.25 31.98 8.90
C THR H 31 -31.30 30.95 9.51
N VAL H 32 -31.66 29.67 9.39
CA VAL H 32 -30.90 28.61 10.07
C VAL H 32 -30.40 27.52 9.12
N ILE H 33 -29.12 27.21 9.24
CA ILE H 33 -28.53 26.03 8.63
C ILE H 33 -28.20 25.13 9.81
N GLY H 34 -28.85 23.97 9.84
CA GLY H 34 -28.62 22.99 10.88
C GLY H 34 -27.92 21.82 10.26
N THR H 35 -26.91 21.30 10.97
CA THR H 35 -26.17 20.15 10.49
C THR H 35 -26.40 18.97 11.42
N ALA H 36 -26.36 17.77 10.84
CA ALA H 36 -26.37 16.52 11.59
C ALA H 36 -25.78 15.45 10.69
N ARG H 37 -25.48 14.29 11.26
CA ARG H 37 -24.82 13.21 10.54
C ARG H 37 -25.62 12.79 9.28
N ARG H 38 -26.94 12.74 9.41
CA ARG H 38 -27.83 12.47 8.28
C ARG H 38 -28.82 13.63 8.17
N THR H 39 -29.00 14.15 6.95
CA THR H 39 -29.87 15.32 6.74
C THR H 39 -31.30 15.06 7.20
N GLU H 40 -31.78 13.85 6.93
CA GLU H 40 -33.18 13.46 7.17
C GLU H 40 -33.57 13.58 8.64
N ALA H 41 -32.58 13.50 9.52
CA ALA H 41 -32.80 13.67 10.95
C ALA H 41 -33.45 15.02 11.27
N LEU H 42 -33.20 16.01 10.42
CA LEU H 42 -33.77 17.36 10.56
C LEU H 42 -35.08 17.66 9.77
N ASP H 43 -35.71 16.63 9.22
CA ASP H 43 -36.94 16.80 8.39
C ASP H 43 -38.08 17.56 9.07
N ASP H 44 -38.26 17.34 10.37
CA ASP H 44 -39.29 18.02 11.16
C ASP H 44 -39.06 19.54 11.21
N LEU H 45 -37.79 19.95 11.22
CA LEU H 45 -37.43 21.38 11.23
C LEU H 45 -37.72 22.05 9.89
N VAL H 46 -37.23 21.43 8.80
CA VAL H 46 -37.43 21.98 7.46
C VAL H 46 -38.91 22.05 7.06
N ALA H 47 -39.68 21.00 7.36
CA ALA H 47 -41.10 20.98 7.04
C ALA H 47 -41.87 22.14 7.68
N ALA H 48 -41.52 22.44 8.94
CA ALA H 48 -42.16 23.54 9.69
C ALA H 48 -41.77 24.95 9.22
N TYR H 49 -40.52 25.11 8.77
CA TYR H 49 -40.03 26.39 8.25
C TYR H 49 -39.24 26.19 6.96
N PRO H 50 -39.94 25.97 5.82
CA PRO H 50 -39.24 25.63 4.57
C PRO H 50 -38.43 26.76 3.93
N ASP H 51 -38.73 28.01 4.30
CA ASP H 51 -38.05 29.18 3.73
C ASP H 51 -36.80 29.61 4.49
N ARG H 52 -36.70 29.24 5.76
CA ARG H 52 -35.63 29.74 6.62
C ARG H 52 -34.66 28.66 7.12
N ALA H 53 -35.13 27.42 7.26
CA ALA H 53 -34.27 26.31 7.70
C ALA H 53 -33.76 25.46 6.55
N GLU H 54 -32.51 25.03 6.67
CA GLU H 54 -31.91 24.07 5.73
C GLU H 54 -31.10 23.03 6.49
N ALA H 55 -31.19 21.79 6.03
CA ALA H 55 -30.48 20.67 6.63
C ALA H 55 -29.27 20.36 5.78
N ILE H 56 -28.11 20.23 6.44
CA ILE H 56 -26.89 19.86 5.75
C ILE H 56 -26.23 18.68 6.47
N SER H 57 -25.69 17.76 5.68
CA SER H 57 -24.99 16.59 6.23
C SER H 57 -23.57 16.95 6.65
N LEU H 58 -23.31 16.81 7.95
CA LEU H 58 -21.97 17.07 8.47
C LEU H 58 -21.61 16.14 9.61
N ASP H 59 -20.49 15.47 9.44
CA ASP H 59 -19.85 14.80 10.54
C ASP H 59 -18.63 15.66 10.86
N VAL H 60 -18.66 16.23 12.05
CA VAL H 60 -17.67 17.22 12.50
C VAL H 60 -16.28 16.59 12.71
N THR H 61 -16.23 15.25 12.68
CA THR H 61 -14.99 14.48 12.76
CA THR H 61 -14.96 14.52 12.76
C THR H 61 -14.23 14.51 11.42
N ASP H 62 -14.97 14.78 10.34
CA ASP H 62 -14.44 14.78 8.99
C ASP H 62 -13.97 16.17 8.56
N GLY H 63 -12.65 16.37 8.62
CA GLY H 63 -12.03 17.65 8.29
C GLY H 63 -12.41 18.23 6.93
N GLU H 64 -12.30 17.42 5.88
CA GLU H 64 -12.57 17.86 4.52
C GLU H 64 -14.06 18.19 4.31
N ARG H 65 -14.93 17.48 4.99
CA ARG H 65 -16.35 17.74 4.91
C ARG H 65 -16.68 19.09 5.58
N ILE H 66 -16.00 19.39 6.69
CA ILE H 66 -16.14 20.70 7.33
C ILE H 66 -15.81 21.82 6.37
N ASP H 67 -14.70 21.68 5.64
CA ASP H 67 -14.29 22.67 4.62
C ASP H 67 -15.33 22.86 3.51
N VAL H 68 -15.88 21.77 3.00
CA VAL H 68 -16.86 21.82 1.90
C VAL H 68 -18.16 22.50 2.36
N VAL H 69 -18.69 22.09 3.52
CA VAL H 69 -19.93 22.65 4.05
C VAL H 69 -19.78 24.16 4.34
N ALA H 70 -18.66 24.55 4.95
CA ALA H 70 -18.41 25.95 5.27
C ALA H 70 -18.40 26.82 4.02
N ALA H 71 -17.75 26.32 2.96
CA ALA H 71 -17.66 27.07 1.71
C ALA H 71 -19.02 27.13 1.03
N ASP H 72 -19.78 26.04 1.13
CA ASP H 72 -21.11 25.95 0.51
C ASP H 72 -22.12 26.89 1.18
N VAL H 73 -22.03 27.02 2.50
CA VAL H 73 -22.90 27.95 3.25
C VAL H 73 -22.53 29.40 2.92
N LEU H 74 -21.23 29.69 2.89
CA LEU H 74 -20.76 31.03 2.49
C LEU H 74 -21.11 31.39 1.05
N ALA H 75 -20.88 30.48 0.11
CA ALA H 75 -21.28 30.68 -1.29
C ALA H 75 -22.77 31.02 -1.42
N ARG H 76 -23.64 30.13 -0.95
CA ARG H 76 -25.09 30.30 -1.18
C ARG H 76 -25.79 31.32 -0.27
N TYR H 77 -25.28 31.52 0.94
CA TYR H 77 -25.87 32.49 1.87
C TYR H 77 -25.08 33.79 2.00
N GLY H 78 -23.82 33.78 1.57
CA GLY H 78 -22.99 35.00 1.61
C GLY H 78 -22.32 35.28 2.95
N ARG H 79 -22.80 34.66 4.03
CA ARG H 79 -22.33 34.99 5.38
C ARG H 79 -22.81 34.00 6.46
N VAL H 80 -22.16 34.07 7.62
CA VAL H 80 -22.68 33.41 8.83
C VAL H 80 -22.51 34.37 9.99
N ASP H 81 -23.64 34.82 10.53
CA ASP H 81 -23.64 35.76 11.64
C ASP H 81 -23.35 35.10 12.98
N VAL H 82 -23.95 33.92 13.21
CA VAL H 82 -23.76 33.20 14.47
C VAL H 82 -23.41 31.73 14.23
N LEU H 83 -22.26 31.30 14.75
CA LEU H 83 -21.88 29.90 14.70
C LEU H 83 -22.14 29.30 16.07
N VAL H 84 -22.85 28.18 16.09
CA VAL H 84 -23.03 27.38 17.29
C VAL H 84 -22.33 26.04 17.11
N ASN H 85 -21.22 25.86 17.85
CA ASN H 85 -20.55 24.56 17.91
C ASN H 85 -21.20 23.73 19.00
N ASN H 86 -22.17 22.93 18.58
CA ASN H 86 -22.97 22.17 19.53
C ASN H 86 -22.79 20.66 19.42
N ALA H 87 -22.52 20.16 18.22
CA ALA H 87 -22.33 18.72 18.02
C ALA H 87 -21.41 18.13 19.10
N GLY H 88 -21.81 16.96 19.59
CA GLY H 88 -20.99 16.23 20.54
C GLY H 88 -21.73 15.04 21.12
N ARG H 89 -21.19 14.52 22.22
CA ARG H 89 -21.83 13.43 22.94
C ARG H 89 -21.40 13.46 24.39
N THR H 90 -22.21 12.85 25.22
CA THR H 90 -21.88 12.61 26.60
C THR H 90 -20.95 11.42 26.67
N GLN H 91 -20.00 11.46 27.59
CA GLN H 91 -19.08 10.35 27.77
C GLN H 91 -18.68 10.16 29.23
N VAL H 92 -18.88 8.94 29.74
CA VAL H 92 -18.49 8.59 31.08
C VAL H 92 -17.58 7.37 31.09
N GLY H 93 -16.56 7.43 31.93
CA GLY H 93 -15.64 6.32 32.09
C GLY H 93 -14.44 6.66 32.94
N ALA H 94 -13.89 5.65 33.61
CA ALA H 94 -12.71 5.86 34.43
C ALA H 94 -11.49 6.09 33.53
N PHE H 95 -10.58 6.94 34.02
CA PHE H 95 -9.42 7.34 33.25
C PHE H 95 -8.72 6.06 32.75
N GLU H 96 -8.52 5.11 33.66
CA GLU H 96 -7.86 3.85 33.33
C GLU H 96 -8.60 3.06 32.25
N GLU H 97 -9.93 3.24 32.18
CA GLU H 97 -10.76 2.44 31.27
C GLU H 97 -10.91 3.04 29.88
N THR H 98 -10.62 4.34 29.76
CA THR H 98 -10.77 5.05 28.49
C THR H 98 -9.66 4.65 27.52
N THR H 99 -10.05 4.10 26.37
CA THR H 99 -9.09 3.78 25.33
C THR H 99 -8.62 5.08 24.66
N GLU H 100 -7.40 5.04 24.11
CA GLU H 100 -6.89 6.14 23.30
C GLU H 100 -7.84 6.52 22.15
N ARG H 101 -8.42 5.52 21.48
CA ARG H 101 -9.36 5.78 20.38
C ARG H 101 -10.57 6.58 20.90
N GLU H 102 -11.15 6.16 22.01
CA GLU H 102 -12.25 6.89 22.66
C GLU H 102 -11.87 8.33 22.98
N LEU H 103 -10.68 8.49 23.56
CA LEU H 103 -10.22 9.82 23.94
C LEU H 103 -10.06 10.70 22.70
N ARG H 104 -9.42 10.16 21.67
CA ARG H 104 -9.15 10.91 20.46
C ARG H 104 -10.43 11.22 19.70
N ASP H 105 -11.38 10.28 19.74
CA ASP H 105 -12.69 10.47 19.11
C ASP H 105 -13.49 11.60 19.72
N LEU H 106 -13.43 11.73 21.04
CA LEU H 106 -14.14 12.82 21.72
C LEU H 106 -13.46 14.19 21.48
N PHE H 107 -12.12 14.20 21.43
CA PHE H 107 -11.39 15.40 21.03
C PHE H 107 -11.69 15.85 19.60
N GLU H 108 -11.94 14.89 18.69
CA GLU H 108 -12.31 15.26 17.34
C GLU H 108 -13.63 16.01 17.32
N LEU H 109 -14.63 15.47 18.04
CA LEU H 109 -15.98 16.05 18.11
C LEU H 109 -16.03 17.39 18.81
N HIS H 110 -15.33 17.51 19.94
CA HIS H 110 -15.52 18.64 20.85
C HIS H 110 -14.51 19.75 20.70
N VAL H 111 -13.41 19.50 20.02
CA VAL H 111 -12.30 20.44 19.98
C VAL H 111 -11.82 20.64 18.55
N PHE H 112 -11.27 19.59 17.92
CA PHE H 112 -10.71 19.71 16.58
C PHE H 112 -11.74 20.09 15.51
N GLY H 113 -12.91 19.46 15.54
CA GLY H 113 -13.99 19.81 14.58
C GLY H 113 -14.45 21.27 14.70
N PRO H 114 -14.85 21.69 15.92
CA PRO H 114 -15.15 23.09 16.22
C PRO H 114 -14.03 24.07 15.86
N ALA H 115 -12.78 23.71 16.14
CA ALA H 115 -11.66 24.61 15.83
C ALA H 115 -11.60 24.89 14.35
N ARG H 116 -11.73 23.83 13.54
CA ARG H 116 -11.62 23.91 12.09
C ARG H 116 -12.78 24.66 11.46
N LEU H 117 -13.98 24.49 12.01
CA LEU H 117 -15.18 25.16 11.52
C LEU H 117 -15.15 26.64 11.88
N THR H 118 -14.76 26.97 13.11
CA THR H 118 -14.58 28.35 13.52
C THR H 118 -13.54 29.06 12.63
N ARG H 119 -12.38 28.43 12.41
CA ARG H 119 -11.34 29.02 11.54
CA ARG H 119 -11.34 29.03 11.56
C ARG H 119 -11.88 29.29 10.16
N ALA H 120 -12.76 28.42 9.68
CA ALA H 120 -13.32 28.54 8.34
C ALA H 120 -14.28 29.74 8.21
N LEU H 121 -14.86 30.14 9.33
CA LEU H 121 -15.91 31.15 9.30
C LEU H 121 -15.49 32.51 9.85
N LEU H 122 -14.35 32.53 10.54
CA LEU H 122 -13.80 33.75 11.11
C LEU H 122 -13.45 34.84 10.08
N PRO H 123 -12.84 34.47 8.93
CA PRO H 123 -12.47 35.56 7.98
C PRO H 123 -13.62 36.44 7.51
N GLN H 124 -14.78 35.86 7.19
CA GLN H 124 -15.93 36.66 6.77
C GLN H 124 -16.57 37.49 7.89
N MSE H 125 -16.50 37.01 9.13
CA MSE H 125 -16.94 37.78 10.30
C MSE H 125 -16.06 39.03 10.51
O MSE H 125 -16.52 40.08 10.99
CB MSE H 125 -16.93 36.92 11.57
CG MSE H 125 -18.00 35.85 11.69
SE MSE H 125 -17.94 35.01 13.46
CE MSE H 125 -19.27 33.60 13.20
N ARG H 126 -14.78 38.90 10.17
CA ARG H 126 -13.79 39.96 10.30
C ARG H 126 -13.95 41.03 9.21
N GLU H 127 -14.13 40.59 7.96
CA GLU H 127 -14.33 41.49 6.81
C GLU H 127 -15.63 42.29 6.92
N ARG H 128 -16.60 41.77 7.69
CA ARG H 128 -17.86 42.46 7.97
C ARG H 128 -17.80 43.27 9.27
N GLY H 129 -17.07 42.76 10.27
CA GLY H 129 -16.96 43.44 11.57
C GLY H 129 -18.05 43.08 12.58
N SER H 130 -18.76 41.97 12.34
CA SER H 130 -19.76 41.49 13.30
C SER H 130 -19.89 39.96 13.23
N GLY H 131 -20.41 39.37 14.30
CA GLY H 131 -20.54 37.93 14.37
C GLY H 131 -20.42 37.40 15.78
N SER H 132 -20.98 36.20 15.96
CA SER H 132 -20.96 35.49 17.23
C SER H 132 -20.49 34.06 17.03
N VAL H 133 -19.62 33.61 17.92
CA VAL H 133 -19.20 32.22 17.99
C VAL H 133 -19.71 31.71 19.33
N VAL H 134 -20.63 30.75 19.28
CA VAL H 134 -21.27 30.20 20.48
C VAL H 134 -20.79 28.75 20.64
N ASN H 135 -20.03 28.51 21.71
CA ASN H 135 -19.47 27.18 21.95
C ASN H 135 -20.14 26.49 23.15
N ILE H 136 -20.86 25.40 22.88
CA ILE H 136 -21.57 24.67 23.92
C ILE H 136 -20.62 23.82 24.73
N SER H 137 -20.37 24.26 25.96
CA SER H 137 -19.44 23.56 26.82
C SER H 137 -20.29 22.86 27.88
N SER H 138 -19.95 23.05 29.15
CA SER H 138 -20.57 22.34 30.25
C SER H 138 -19.93 22.91 31.52
N PHE H 139 -20.52 22.64 32.68
CA PHE H 139 -19.82 22.95 33.92
C PHE H 139 -18.50 22.15 33.96
N GLY H 140 -18.47 21.06 33.20
CA GLY H 140 -17.28 20.21 33.08
C GLY H 140 -16.10 20.89 32.40
N GLY H 141 -16.35 21.98 31.68
CA GLY H 141 -15.29 22.79 31.09
C GLY H 141 -14.37 23.49 32.08
N GLN H 142 -14.75 23.53 33.36
CA GLN H 142 -13.91 24.08 34.42
C GLN H 142 -13.49 23.08 35.53
N LEU H 143 -14.06 21.90 35.51
CA LEU H 143 -13.90 20.95 36.61
C LEU H 143 -14.18 19.53 36.13
N SER H 144 -13.71 18.55 36.91
CA SER H 144 -13.93 17.15 36.61
C SER H 144 -14.03 16.39 37.91
N PHE H 145 -14.43 15.13 37.80
CA PHE H 145 -14.53 14.23 38.94
C PHE H 145 -14.55 12.82 38.38
N ALA H 146 -14.69 11.83 39.26
CA ALA H 146 -14.55 10.45 38.85
C ALA H 146 -15.46 10.18 37.64
N GLY H 147 -14.91 9.49 36.64
CA GLY H 147 -15.67 9.06 35.46
C GLY H 147 -15.83 10.13 34.38
N PHE H 148 -15.43 11.36 34.70
CA PHE H 148 -15.69 12.52 33.84
C PHE H 148 -14.44 13.12 33.17
N SER H 149 -13.29 12.46 33.28
CA SER H 149 -12.02 13.08 32.86
C SER H 149 -11.94 13.38 31.36
N ALA H 150 -12.30 12.42 30.51
CA ALA H 150 -12.25 12.62 29.05
C ALA H 150 -13.12 13.80 28.63
N TYR H 151 -14.33 13.81 29.14
CA TYR H 151 -15.33 14.82 28.79
C TYR H 151 -14.92 16.23 29.23
N SER H 152 -14.58 16.37 30.53
CA SER H 152 -14.08 17.63 31.08
C SER H 152 -12.82 18.09 30.32
N ALA H 153 -11.93 17.15 29.96
CA ALA H 153 -10.70 17.52 29.23
C ALA H 153 -11.01 18.17 27.86
N THR H 154 -11.98 17.61 27.14
CA THR H 154 -12.37 18.13 25.82
C THR H 154 -13.09 19.45 25.94
N LYS H 155 -13.95 19.57 26.94
CA LYS H 155 -14.69 20.80 27.11
C LYS H 155 -13.81 21.95 27.60
N ALA H 156 -12.87 21.65 28.49
CA ALA H 156 -11.92 22.65 29.02
C ALA H 156 -10.99 23.17 27.91
N ALA H 157 -10.54 22.25 27.05
CA ALA H 157 -9.80 22.63 25.84
C ALA H 157 -10.64 23.56 24.95
N LEU H 158 -11.93 23.25 24.77
CA LEU H 158 -12.82 24.12 24.00
C LEU H 158 -13.00 25.47 24.68
N GLU H 159 -13.05 25.48 26.01
CA GLU H 159 -13.21 26.73 26.76
C GLU H 159 -11.98 27.64 26.63
N GLN H 160 -10.79 27.05 26.65
CA GLN H 160 -9.56 27.84 26.63
C GLN H 160 -9.24 28.34 25.24
N LEU H 161 -9.55 27.51 24.25
CA LEU H 161 -9.62 27.95 22.86
C LEU H 161 -10.49 29.20 22.74
N SER H 162 -11.68 29.14 23.34
CA SER H 162 -12.62 30.26 23.36
C SER H 162 -12.11 31.50 24.09
N GLU H 163 -11.53 31.33 25.28
CA GLU H 163 -10.94 32.47 26.03
C GLU H 163 -9.91 33.23 25.19
N GLY H 164 -8.95 32.49 24.64
CA GLY H 164 -7.91 33.07 23.79
C GLY H 164 -8.51 33.77 22.59
N LEU H 165 -9.40 33.07 21.88
CA LEU H 165 -10.13 33.62 20.74
C LEU H 165 -10.89 34.91 21.05
N ALA H 166 -11.62 34.94 22.18
CA ALA H 166 -12.44 36.12 22.56
C ALA H 166 -11.62 37.40 22.78
N ASP H 167 -10.41 37.24 23.31
CA ASP H 167 -9.49 38.34 23.57
C ASP H 167 -8.95 38.92 22.23
N GLU H 168 -8.73 38.03 21.25
CA GLU H 168 -8.17 38.40 19.95
C GLU H 168 -9.15 39.11 19.02
N VAL H 169 -10.43 38.83 19.21
CA VAL H 169 -11.39 39.03 18.14
C VAL H 169 -12.39 40.12 18.55
N ALA H 170 -12.33 40.51 19.82
CA ALA H 170 -13.16 41.58 20.34
C ALA H 170 -12.98 42.93 19.60
N PRO H 171 -11.73 43.30 19.23
CA PRO H 171 -11.54 44.51 18.41
C PRO H 171 -12.26 44.51 17.06
N PHE H 172 -12.62 43.31 16.56
CA PHE H 172 -13.32 43.20 15.28
C PHE H 172 -14.84 43.28 15.47
N GLY H 173 -15.27 43.46 16.72
CA GLY H 173 -16.70 43.48 17.06
C GLY H 173 -17.33 42.08 17.11
N ILE H 174 -16.49 41.05 17.23
CA ILE H 174 -16.96 39.66 17.25
C ILE H 174 -17.13 39.19 18.70
N LYS H 175 -18.29 38.56 18.96
CA LYS H 175 -18.63 38.00 20.27
C LYS H 175 -18.29 36.52 20.37
N VAL H 176 -17.80 36.12 21.54
CA VAL H 176 -17.51 34.72 21.84
C VAL H 176 -18.19 34.39 23.17
N LEU H 177 -19.05 33.38 23.13
CA LEU H 177 -19.81 32.96 24.29
C LEU H 177 -19.56 31.46 24.56
N ILE H 178 -19.06 31.17 25.76
CA ILE H 178 -18.92 29.80 26.25
C ILE H 178 -20.18 29.48 27.07
N VAL H 179 -20.98 28.54 26.59
CA VAL H 179 -22.22 28.17 27.29
C VAL H 179 -21.93 26.92 28.14
N GLU H 180 -22.27 26.97 29.44
CA GLU H 180 -21.97 25.88 30.38
C GLU H 180 -23.24 25.27 31.00
N PRO H 181 -23.96 24.43 30.22
CA PRO H 181 -25.19 23.86 30.75
C PRO H 181 -24.95 22.65 31.66
N GLY H 182 -25.95 22.35 32.49
CA GLY H 182 -26.09 21.04 33.11
C GLY H 182 -26.99 20.17 32.26
N ALA H 183 -27.77 19.29 32.89
CA ALA H 183 -28.64 18.38 32.14
C ALA H 183 -30.01 18.99 31.77
N PHE H 184 -30.45 18.75 30.55
CA PHE H 184 -31.76 19.23 30.08
C PHE H 184 -32.79 18.13 29.94
N ARG H 185 -34.06 18.50 30.10
CA ARG H 185 -35.16 17.58 29.79
C ARG H 185 -35.14 17.27 28.29
N THR H 186 -35.61 16.07 27.93
CA THR H 186 -35.45 15.57 26.56
C THR H 186 -36.78 15.13 25.92
N ASN H 187 -37.88 15.25 26.66
CA ASN H 187 -39.19 14.79 26.20
C ASN H 187 -39.64 15.31 24.82
N LEU H 188 -39.25 16.55 24.50
CA LEU H 188 -39.62 17.19 23.24
C LEU H 188 -38.54 17.08 22.18
N PHE H 189 -37.35 17.61 22.49
CA PHE H 189 -36.27 17.78 21.51
C PHE H 189 -35.40 16.53 21.34
N GLY H 190 -35.61 15.52 22.18
CA GLY H 190 -34.75 14.34 22.18
C GLY H 190 -33.44 14.60 22.91
N LYS H 191 -32.41 13.86 22.50
CA LYS H 191 -31.19 13.75 23.30
C LYS H 191 -30.03 13.38 22.39
N GLY H 192 -28.82 13.78 22.80
CA GLY H 192 -27.62 13.44 22.06
C GLY H 192 -27.10 12.06 22.44
N ALA H 193 -26.14 11.59 21.67
CA ALA H 193 -25.49 10.32 21.90
C ALA H 193 -24.78 10.30 23.26
N ALA H 194 -24.67 9.11 23.85
CA ALA H 194 -23.97 8.98 25.13
C ALA H 194 -23.23 7.65 25.16
N TYR H 195 -21.94 7.67 25.51
CA TYR H 195 -21.16 6.45 25.68
C TYR H 195 -20.70 6.26 27.12
N PHE H 196 -20.89 5.06 27.64
CA PHE H 196 -20.44 4.74 28.99
C PHE H 196 -19.50 3.54 28.92
N SER H 197 -18.26 3.74 29.37
CA SER H 197 -17.30 2.66 29.52
C SER H 197 -17.71 1.62 30.57
N GLU H 198 -17.15 0.42 30.43
CA GLU H 198 -17.14 -0.58 31.49
C GLU H 198 -16.74 0.04 32.83
N GLU H 199 -17.48 -0.34 33.86
CA GLU H 199 -17.30 0.18 35.21
C GLU H 199 -16.83 -0.97 36.10
N ASN H 200 -15.53 -1.06 36.31
CA ASN H 200 -14.88 -2.08 37.13
C ASN H 200 -15.31 -2.02 38.60
N PRO H 201 -15.40 -3.20 39.29
CA PRO H 201 -15.71 -3.17 40.73
C PRO H 201 -14.91 -2.11 41.49
N ALA H 202 -13.61 -2.02 41.18
CA ALA H 202 -12.65 -1.11 41.80
C ALA H 202 -12.91 0.40 41.60
N TYR H 203 -13.73 0.74 40.59
CA TYR H 203 -14.10 2.13 40.28
C TYR H 203 -15.61 2.39 40.43
N ALA H 204 -16.38 1.35 40.78
CA ALA H 204 -17.84 1.41 40.75
C ALA H 204 -18.41 2.49 41.67
N GLU H 205 -17.91 2.54 42.90
CA GLU H 205 -18.39 3.50 43.90
C GLU H 205 -18.12 4.95 43.50
N LYS H 206 -17.01 5.20 42.82
CA LYS H 206 -16.67 6.58 42.41
C LYS H 206 -17.37 6.97 41.10
N VAL H 207 -17.38 6.05 40.13
CA VAL H 207 -17.89 6.34 38.81
C VAL H 207 -19.42 6.19 38.71
N GLY H 208 -19.99 5.24 39.46
CA GLY H 208 -21.44 5.03 39.44
C GLY H 208 -22.26 6.31 39.55
N PRO H 209 -21.98 7.16 40.56
CA PRO H 209 -22.81 8.36 40.70
C PRO H 209 -22.68 9.33 39.52
N THR H 210 -21.55 9.29 38.82
CA THR H 210 -21.35 10.12 37.64
C THR H 210 -22.22 9.64 36.49
N ARG H 211 -22.18 8.33 36.23
CA ARG H 211 -23.12 7.73 35.28
C ARG H 211 -24.55 8.18 35.58
N GLN H 212 -24.95 8.08 36.85
CA GLN H 212 -26.31 8.41 37.22
C GLN H 212 -26.59 9.90 36.98
N LEU H 213 -25.62 10.74 37.32
CA LEU H 213 -25.72 12.19 37.12
C LEU H 213 -26.01 12.55 35.65
N VAL H 214 -25.24 11.97 34.71
CA VAL H 214 -25.48 12.28 33.29
C VAL H 214 -26.68 11.54 32.67
N GLN H 215 -27.13 10.47 33.32
CA GLN H 215 -28.34 9.77 32.88
C GLN H 215 -29.59 10.54 33.27
N GLY H 216 -29.50 11.34 34.34
CA GLY H 216 -30.61 12.20 34.79
C GLY H 216 -31.57 11.53 35.75
N PRO H 222 -35.24 18.40 34.70
CA PRO H 222 -34.73 19.43 35.64
C PRO H 222 -34.39 20.77 34.98
N GLY H 223 -33.97 20.73 33.71
CA GLY H 223 -33.66 21.96 32.96
C GLY H 223 -34.46 22.07 31.67
N ASP H 224 -34.93 23.30 31.36
CA ASP H 224 -35.74 23.56 30.17
C ASP H 224 -34.88 24.07 29.00
N PRO H 225 -34.72 23.25 27.94
CA PRO H 225 -33.86 23.61 26.81
C PRO H 225 -34.35 24.85 26.05
N ALA H 226 -35.64 25.13 26.09
CA ALA H 226 -36.21 26.33 25.46
C ALA H 226 -35.80 27.61 26.19
N LYS H 227 -35.85 27.59 27.53
CA LYS H 227 -35.41 28.72 28.34
C LYS H 227 -33.91 28.97 28.26
N ALA H 228 -33.13 27.88 28.17
CA ALA H 228 -31.69 27.98 27.93
C ALA H 228 -31.36 28.59 26.57
N ALA H 229 -32.11 28.18 25.54
CA ALA H 229 -31.97 28.77 24.21
C ALA H 229 -32.23 30.28 24.25
N ALA H 230 -33.27 30.70 24.96
CA ALA H 230 -33.55 32.15 25.14
C ALA H 230 -32.51 32.87 26.00
N ALA H 231 -31.86 32.15 26.91
CA ALA H 231 -30.78 32.76 27.71
C ALA H 231 -29.51 33.03 26.88
N ILE H 232 -29.14 32.09 25.99
CA ILE H 232 -28.12 32.35 24.97
C ILE H 232 -28.42 33.67 24.23
N ARG H 233 -29.63 33.77 23.65
CA ARG H 233 -30.05 34.96 22.87
C ARG H 233 -30.06 36.28 23.66
N LEU H 234 -30.43 36.19 24.94
CA LEU H 234 -30.36 37.35 25.83
C LEU H 234 -28.90 37.78 26.01
N ALA H 235 -28.02 36.81 26.31
CA ALA H 235 -26.59 37.09 26.45
C ALA H 235 -25.95 37.70 25.19
N LEU H 236 -26.37 37.24 24.01
CA LEU H 236 -25.84 37.75 22.73
C LEU H 236 -26.41 39.12 22.34
N ASP H 237 -27.50 39.51 23.00
CA ASP H 237 -28.15 40.79 22.71
C ASP H 237 -27.66 41.90 23.65
N THR H 238 -27.10 41.54 24.80
CA THR H 238 -26.56 42.52 25.75
C THR H 238 -25.33 43.25 25.17
N GLU H 239 -25.24 44.56 25.45
CA GLU H 239 -24.06 45.36 25.09
C GLU H 239 -22.78 44.70 25.62
N LYS H 240 -22.78 44.33 26.89
CA LYS H 240 -21.69 43.53 27.46
C LYS H 240 -22.05 42.03 27.46
N THR H 241 -21.65 41.34 26.39
CA THR H 241 -21.81 39.90 26.25
C THR H 241 -20.79 39.18 27.16
N PRO H 242 -21.29 38.40 28.15
CA PRO H 242 -20.38 37.76 29.11
C PRO H 242 -19.56 36.67 28.39
N LEU H 243 -18.39 36.32 28.92
CA LEU H 243 -17.62 35.25 28.29
C LEU H 243 -18.25 33.88 28.50
N ARG H 244 -18.70 33.59 29.72
CA ARG H 244 -19.35 32.32 30.05
C ARG H 244 -20.80 32.55 30.48
N LEU H 245 -21.68 31.62 30.10
CA LEU H 245 -23.07 31.64 30.52
C LEU H 245 -23.38 30.26 31.09
N ALA H 246 -23.30 30.12 32.41
CA ALA H 246 -23.72 28.89 33.07
C ALA H 246 -25.24 28.80 32.98
N LEU H 247 -25.76 27.58 32.84
CA LEU H 247 -27.23 27.35 32.73
C LEU H 247 -27.69 26.25 33.68
N GLY H 248 -28.62 26.61 34.56
CA GLY H 248 -29.17 25.67 35.54
C GLY H 248 -28.49 25.83 36.89
N GLY H 249 -29.25 25.59 37.95
CA GLY H 249 -28.73 25.65 39.32
C GLY H 249 -27.58 24.71 39.59
N ASP H 250 -27.70 23.47 39.12
CA ASP H 250 -26.67 22.44 39.25
C ASP H 250 -25.29 22.86 38.69
N ALA H 251 -25.29 23.49 37.51
CA ALA H 251 -24.05 24.02 36.90
C ALA H 251 -23.46 25.12 37.80
N VAL H 252 -24.33 26.04 38.23
CA VAL H 252 -23.94 27.12 39.14
C VAL H 252 -23.31 26.52 40.41
N ASP H 253 -23.98 25.56 41.03
CA ASP H 253 -23.45 24.89 42.21
C ASP H 253 -22.09 24.21 41.96
N PHE H 254 -21.96 23.49 40.84
CA PHE H 254 -20.68 22.83 40.54
C PHE H 254 -19.58 23.90 40.37
N LEU H 255 -19.84 24.91 39.55
CA LEU H 255 -18.84 25.95 39.23
C LEU H 255 -18.31 26.69 40.47
N THR H 256 -19.21 27.00 41.41
CA THR H 256 -18.80 27.77 42.57
C THR H 256 -18.03 26.90 43.58
N GLY H 257 -18.43 25.64 43.73
CA GLY H 257 -17.75 24.71 44.63
C GLY H 257 -16.31 24.51 44.18
N HIS H 258 -16.13 24.47 42.86
CA HIS H 258 -14.81 24.38 42.26
C HIS H 258 -14.01 25.68 42.47
N LEU H 259 -14.61 26.84 42.21
CA LEU H 259 -13.96 28.13 42.51
C LEU H 259 -13.49 28.17 43.95
N ASP H 260 -14.35 27.72 44.85
CA ASP H 260 -14.05 27.73 46.28
C ASP H 260 -12.86 26.85 46.63
N SER H 261 -12.79 25.64 46.05
CA SER H 261 -11.70 24.74 46.39
C SER H 261 -10.37 25.18 45.75
N VAL H 262 -10.41 25.66 44.50
CA VAL H 262 -9.17 26.13 43.86
C VAL H 262 -8.57 27.34 44.61
N ARG H 263 -9.45 28.23 45.08
CA ARG H 263 -9.09 29.40 45.85
C ARG H 263 -8.39 29.01 47.16
N ALA H 264 -9.03 28.13 47.94
CA ALA H 264 -8.50 27.71 49.23
C ALA H 264 -7.15 27.01 49.09
N GLU H 265 -7.01 26.15 48.09
CA GLU H 265 -5.76 25.43 47.82
C GLU H 265 -4.65 26.42 47.42
N LEU H 266 -5.02 27.39 46.58
CA LEU H 266 -4.15 28.49 46.17
C LEU H 266 -3.61 29.27 47.40
N THR H 267 -4.54 29.69 48.26
CA THR H 267 -4.24 30.48 49.44
C THR H 267 -3.35 29.66 50.40
N GLU H 268 -3.75 28.42 50.67
CA GLU H 268 -2.98 27.55 51.56
C GLU H 268 -1.50 27.39 51.11
N TRP H 269 -1.28 27.22 49.81
CA TRP H 269 0.06 26.97 49.29
C TRP H 269 0.80 28.21 48.75
N GLU H 270 0.16 29.37 48.93
CA GLU H 270 0.63 30.61 48.34
C GLU H 270 2.02 31.03 48.80
N LYS H 271 2.28 30.92 50.11
CA LYS H 271 3.61 31.28 50.62
C LYS H 271 4.66 30.40 49.93
N VAL H 272 4.36 29.12 49.79
CA VAL H 272 5.24 28.19 49.06
C VAL H 272 5.34 28.59 47.58
N SER H 273 4.20 28.95 46.98
CA SER H 273 4.14 29.40 45.59
C SER H 273 4.99 30.66 45.31
N ARG H 274 4.78 31.70 46.11
CA ARG H 274 5.49 32.97 45.93
C ARG H 274 6.98 32.88 46.31
N GLY H 275 7.34 31.81 47.02
CA GLY H 275 8.70 31.60 47.49
C GLY H 275 9.70 31.18 46.43
N THR H 276 9.21 30.76 45.27
CA THR H 276 10.08 30.30 44.18
C THR H 276 10.80 31.42 43.41
N ASP H 277 10.36 32.67 43.59
CA ASP H 277 10.80 33.82 42.77
C ASP H 277 12.30 34.17 42.90
N ALA I 5 48.30 8.81 19.72
CA ALA I 5 47.43 7.77 19.09
C ALA I 5 46.03 8.33 18.84
N LYS I 6 45.78 8.83 17.63
CA LYS I 6 44.47 9.37 17.33
C LYS I 6 43.71 8.54 16.30
N VAL I 7 42.38 8.45 16.47
CA VAL I 7 41.53 7.72 15.54
C VAL I 7 40.90 8.69 14.51
N TRP I 8 41.30 8.54 13.25
CA TRP I 8 40.79 9.34 12.15
C TRP I 8 39.76 8.52 11.39
N LEU I 9 38.61 9.15 11.11
CA LEU I 9 37.62 8.65 10.16
C LEU I 9 37.51 9.61 8.97
N VAL I 10 37.93 9.13 7.80
CA VAL I 10 37.99 9.94 6.57
C VAL I 10 37.07 9.38 5.49
N THR I 11 36.01 10.11 5.16
CA THR I 11 35.10 9.73 4.06
C THR I 11 35.66 10.09 2.69
N GLY I 12 35.28 9.33 1.66
CA GLY I 12 35.84 9.51 0.31
C GLY I 12 37.36 9.29 0.24
N ALA I 13 37.86 8.40 1.11
CA ALA I 13 39.30 8.16 1.26
C ALA I 13 39.86 7.39 0.07
N SER I 14 38.95 6.91 -0.77
CA SER I 14 39.24 6.10 -1.95
C SER I 14 40.18 6.79 -2.95
N SER I 15 40.03 8.10 -3.14
CA SER I 15 40.88 8.81 -4.10
C SER I 15 41.10 10.27 -3.77
N GLY I 16 42.04 10.88 -4.49
CA GLY I 16 42.33 12.29 -4.41
C GLY I 16 42.79 12.73 -3.04
N PHE I 17 42.11 13.76 -2.53
CA PHE I 17 42.45 14.42 -1.29
C PHE I 17 42.24 13.51 -0.07
N GLY I 18 41.15 12.75 -0.07
CA GLY I 18 40.87 11.77 0.98
C GLY I 18 41.93 10.70 1.19
N ARG I 19 42.44 10.14 0.09
CA ARG I 19 43.53 9.17 0.13
C ARG I 19 44.77 9.79 0.77
N ALA I 20 45.10 11.02 0.36
CA ALA I 20 46.25 11.77 0.89
C ALA I 20 46.16 12.07 2.39
N ILE I 21 44.96 12.42 2.85
CA ILE I 21 44.73 12.70 4.27
C ILE I 21 44.91 11.41 5.11
N ALA I 22 44.30 10.32 4.66
CA ALA I 22 44.38 9.03 5.35
C ALA I 22 45.82 8.49 5.38
N GLU I 23 46.49 8.61 4.25
CA GLU I 23 47.91 8.30 4.08
C GLU I 23 48.80 9.13 5.02
N ALA I 24 48.44 10.39 5.23
CA ALA I 24 49.25 11.24 6.13
C ALA I 24 49.05 10.85 7.59
N ALA I 25 47.82 10.51 7.96
CA ALA I 25 47.51 10.04 9.30
C ALA I 25 48.30 8.79 9.70
N VAL I 26 48.25 7.74 8.86
CA VAL I 26 49.00 6.51 9.16
C VAL I 26 50.52 6.76 9.20
N ALA I 27 51.04 7.56 8.28
CA ALA I 27 52.47 7.94 8.28
C ALA I 27 52.86 8.72 9.54
N ALA I 28 51.88 9.36 10.17
CA ALA I 28 52.09 10.09 11.42
C ALA I 28 51.93 9.22 12.70
N GLY I 29 51.45 7.99 12.53
CA GLY I 29 51.28 7.10 13.69
C GLY I 29 49.84 6.95 14.18
N ASP I 30 48.89 7.55 13.45
CA ASP I 30 47.50 7.53 13.87
C ASP I 30 46.81 6.28 13.34
N THR I 31 45.59 6.04 13.82
CA THR I 31 44.74 4.96 13.32
C THR I 31 43.70 5.55 12.40
N VAL I 32 43.55 4.95 11.23
CA VAL I 32 42.64 5.46 10.18
C VAL I 32 41.58 4.45 9.80
N ILE I 33 40.35 4.94 9.72
CA ILE I 33 39.26 4.25 9.04
C ILE I 33 38.89 5.07 7.80
N GLY I 34 39.22 4.55 6.62
CA GLY I 34 38.83 5.20 5.38
C GLY I 34 37.52 4.62 4.87
N THR I 35 36.60 5.49 4.47
CA THR I 35 35.34 5.01 3.87
C THR I 35 35.27 5.39 2.38
N ALA I 36 34.61 4.51 1.62
CA ALA I 36 34.32 4.72 0.20
C ALA I 36 33.09 3.91 -0.18
N ARG I 37 32.50 4.23 -1.33
CA ARG I 37 31.42 3.42 -1.88
C ARG I 37 31.89 1.96 -1.98
N ARG I 38 33.12 1.77 -2.46
CA ARG I 38 33.72 0.46 -2.54
C ARG I 38 35.09 0.38 -1.85
N THR I 39 35.22 -0.59 -0.96
CA THR I 39 36.40 -0.81 -0.12
C THR I 39 37.64 -1.19 -0.92
N GLU I 40 37.42 -1.89 -2.03
CA GLU I 40 38.47 -2.41 -2.90
C GLU I 40 39.52 -1.38 -3.37
N ALA I 41 39.21 -0.09 -3.24
CA ALA I 41 40.11 0.97 -3.69
C ALA I 41 41.21 1.30 -2.68
N LEU I 42 40.97 0.96 -1.42
CA LEU I 42 41.85 1.29 -0.30
C LEU I 42 42.75 0.11 0.10
N ASP I 43 42.70 -0.96 -0.70
CA ASP I 43 43.32 -2.23 -0.33
C ASP I 43 44.82 -2.17 -0.03
N ASP I 44 45.57 -1.46 -0.87
CA ASP I 44 47.02 -1.31 -0.69
C ASP I 44 47.41 -0.60 0.62
N LEU I 45 46.63 0.41 0.99
CA LEU I 45 46.82 1.13 2.26
C LEU I 45 46.64 0.18 3.46
N VAL I 46 45.55 -0.58 3.43
CA VAL I 46 45.28 -1.60 4.43
C VAL I 46 46.38 -2.67 4.43
N ALA I 47 46.91 -2.98 3.24
CA ALA I 47 48.04 -3.91 3.10
C ALA I 47 49.33 -3.36 3.73
N ALA I 48 49.61 -2.08 3.49
CA ALA I 48 50.83 -1.44 4.02
C ALA I 48 50.80 -1.26 5.53
N TYR I 49 49.63 -0.87 6.06
CA TYR I 49 49.43 -0.70 7.50
C TYR I 49 48.27 -1.56 8.01
N PRO I 50 48.51 -2.88 8.18
CA PRO I 50 47.40 -3.81 8.46
C PRO I 50 46.76 -3.65 9.84
N ASP I 51 47.53 -3.11 10.79
CA ASP I 51 47.08 -2.97 12.16
C ASP I 51 46.45 -1.61 12.44
N ARG I 52 46.57 -0.68 11.49
CA ARG I 52 46.19 0.70 11.75
C ARG I 52 45.34 1.37 10.66
N ALA I 53 45.11 0.68 9.56
CA ALA I 53 44.21 1.14 8.51
C ALA I 53 43.09 0.13 8.29
N GLU I 54 41.86 0.63 8.21
CA GLU I 54 40.71 -0.18 7.83
C GLU I 54 39.90 0.56 6.75
N ALA I 55 39.31 -0.20 5.83
CA ALA I 55 38.44 0.34 4.79
C ALA I 55 37.00 -0.06 5.06
N ILE I 56 36.10 0.92 5.13
CA ILE I 56 34.68 0.58 5.27
C ILE I 56 33.84 1.08 4.09
N SER I 57 32.82 0.29 3.76
CA SER I 57 31.91 0.56 2.68
C SER I 57 30.83 1.55 3.14
N LEU I 58 30.81 2.74 2.54
CA LEU I 58 29.85 3.77 2.90
C LEU I 58 29.52 4.72 1.77
N ASP I 59 28.24 4.71 1.40
CA ASP I 59 27.66 5.70 0.52
C ASP I 59 27.01 6.75 1.41
N VAL I 60 27.58 7.96 1.43
CA VAL I 60 27.11 9.02 2.34
C VAL I 60 25.75 9.61 1.95
N THR I 61 25.22 9.15 0.82
CA THR I 61 23.85 9.43 0.40
C THR I 61 22.81 8.62 1.21
N ASP I 62 23.28 7.58 1.88
CA ASP I 62 22.42 6.60 2.57
C ASP I 62 22.45 6.85 4.09
N GLY I 63 21.44 7.54 4.60
CA GLY I 63 21.36 7.90 6.02
C GLY I 63 21.46 6.69 6.94
N GLU I 64 20.77 5.61 6.59
CA GLU I 64 20.79 4.41 7.41
C GLU I 64 22.19 3.80 7.53
N ARG I 65 22.91 3.74 6.41
CA ARG I 65 24.26 3.20 6.38
C ARG I 65 25.28 4.09 7.13
N ILE I 66 25.08 5.40 7.11
CA ILE I 66 25.87 6.32 7.96
C ILE I 66 25.71 5.96 9.45
N ASP I 67 24.46 5.85 9.90
CA ASP I 67 24.15 5.44 11.27
C ASP I 67 24.81 4.13 11.68
N VAL I 68 24.78 3.14 10.78
CA VAL I 68 25.36 1.80 11.06
C VAL I 68 26.89 1.89 11.14
N VAL I 69 27.50 2.49 10.12
CA VAL I 69 28.96 2.72 10.10
C VAL I 69 29.48 3.48 11.35
N ALA I 70 28.83 4.58 11.68
CA ALA I 70 29.21 5.38 12.85
C ALA I 70 29.20 4.55 14.15
N ALA I 71 28.13 3.80 14.34
CA ALA I 71 27.94 2.97 15.54
C ALA I 71 28.97 1.85 15.60
N ASP I 72 29.25 1.25 14.44
CA ASP I 72 30.21 0.15 14.33
C ASP I 72 31.62 0.61 14.66
N VAL I 73 31.99 1.79 14.16
CA VAL I 73 33.29 2.38 14.46
C VAL I 73 33.47 2.68 15.95
N LEU I 74 32.46 3.28 16.58
CA LEU I 74 32.50 3.67 17.99
C LEU I 74 32.52 2.45 18.95
N ALA I 75 31.88 1.37 18.51
CA ALA I 75 31.88 0.10 19.24
C ALA I 75 33.25 -0.58 19.16
N ARG I 76 33.84 -0.64 17.97
CA ARG I 76 35.10 -1.38 17.77
C ARG I 76 36.38 -0.59 18.09
N TYR I 77 36.31 0.73 17.89
CA TYR I 77 37.43 1.63 18.17
C TYR I 77 37.31 2.37 19.49
N GLY I 78 36.09 2.57 19.98
CA GLY I 78 35.86 3.24 21.26
C GLY I 78 35.65 4.75 21.14
N ARG I 79 36.04 5.31 20.00
CA ARG I 79 36.01 6.77 19.78
C ARG I 79 36.41 7.10 18.35
N VAL I 80 36.10 8.34 17.95
CA VAL I 80 36.67 8.97 16.76
C VAL I 80 37.19 10.36 17.19
N ASP I 81 38.50 10.56 17.03
CA ASP I 81 39.15 11.83 17.39
C ASP I 81 39.08 12.85 16.26
N VAL I 82 39.30 12.42 15.03
CA VAL I 82 39.23 13.32 13.90
C VAL I 82 38.28 12.79 12.83
N LEU I 83 37.21 13.55 12.58
CA LEU I 83 36.29 13.27 11.48
C LEU I 83 36.61 14.13 10.25
N VAL I 84 36.86 13.49 9.10
CA VAL I 84 37.07 14.22 7.85
C VAL I 84 35.92 13.94 6.86
N ASN I 85 35.09 14.96 6.61
CA ASN I 85 34.04 14.90 5.58
C ASN I 85 34.64 15.33 4.26
N ASN I 86 34.97 14.34 3.44
CA ASN I 86 35.65 14.58 2.16
C ASN I 86 34.90 13.98 0.95
N ALA I 87 34.03 12.99 1.21
CA ALA I 87 33.25 12.37 0.13
C ALA I 87 32.53 13.45 -0.67
N GLY I 88 32.48 13.28 -1.97
CA GLY I 88 31.79 14.25 -2.85
C GLY I 88 32.21 14.13 -4.29
N ARG I 89 31.76 15.07 -5.12
CA ARG I 89 32.11 15.07 -6.53
C ARG I 89 32.21 16.51 -7.04
N THR I 90 32.88 16.68 -8.18
CA THR I 90 32.87 17.97 -8.85
C THR I 90 31.61 17.99 -9.71
N GLN I 91 31.02 19.17 -9.87
CA GLN I 91 29.83 19.32 -10.70
C GLN I 91 29.85 20.67 -11.41
N VAL I 92 29.38 20.66 -12.66
CA VAL I 92 29.40 21.83 -13.52
C VAL I 92 28.08 21.87 -14.30
N GLY I 93 27.40 23.01 -14.22
CA GLY I 93 26.17 23.20 -14.94
C GLY I 93 25.64 24.61 -14.77
N ALA I 94 25.06 25.14 -15.84
CA ALA I 94 24.35 26.39 -15.78
C ALA I 94 23.19 26.20 -14.80
N PHE I 95 22.84 27.26 -14.08
CA PHE I 95 21.73 27.19 -13.13
C PHE I 95 20.49 26.57 -13.75
N GLU I 96 20.09 27.09 -14.91
CA GLU I 96 18.86 26.67 -15.57
C GLU I 96 18.96 25.23 -16.07
N GLU I 97 20.17 24.83 -16.41
CA GLU I 97 20.45 23.48 -16.91
C GLU I 97 20.56 22.42 -15.80
N THR I 98 20.51 22.83 -14.54
CA THR I 98 20.56 21.86 -13.44
C THR I 98 19.17 21.35 -13.11
N THR I 99 18.97 20.06 -13.28
CA THR I 99 17.73 19.42 -12.89
C THR I 99 17.65 19.39 -11.39
N GLU I 100 16.44 19.30 -10.87
CA GLU I 100 16.23 19.24 -9.44
C GLU I 100 16.93 18.02 -8.84
N ARG I 101 16.97 16.92 -9.61
CA ARG I 101 17.64 15.70 -9.17
C ARG I 101 19.15 15.89 -9.05
N GLU I 102 19.75 16.56 -10.04
CA GLU I 102 21.19 16.84 -10.04
C GLU I 102 21.55 17.74 -8.85
N LEU I 103 20.68 18.70 -8.56
CA LEU I 103 20.83 19.60 -7.40
C LEU I 103 20.75 18.83 -6.06
N ARG I 104 19.63 18.15 -5.83
CA ARG I 104 19.43 17.34 -4.62
C ARG I 104 20.51 16.27 -4.40
N ASP I 105 20.92 15.57 -5.46
CA ASP I 105 22.00 14.58 -5.34
C ASP I 105 23.30 15.20 -4.81
N LEU I 106 23.66 16.37 -5.32
CA LEU I 106 24.85 17.05 -4.85
C LEU I 106 24.68 17.45 -3.39
N PHE I 107 23.46 17.87 -3.01
CA PHE I 107 23.21 18.24 -1.60
C PHE I 107 23.30 17.04 -0.66
N GLU I 108 22.96 15.84 -1.19
CA GLU I 108 23.12 14.60 -0.41
C GLU I 108 24.59 14.34 -0.06
N LEU I 109 25.46 14.44 -1.07
CA LEU I 109 26.87 14.11 -0.90
C LEU I 109 27.59 15.16 -0.04
N HIS I 110 27.33 16.44 -0.30
CA HIS I 110 28.12 17.50 0.31
C HIS I 110 27.54 18.12 1.60
N VAL I 111 26.24 17.93 1.85
CA VAL I 111 25.59 18.61 2.99
C VAL I 111 24.90 17.63 3.95
N PHE I 112 23.85 16.95 3.49
CA PHE I 112 23.04 16.10 4.39
C PHE I 112 23.81 14.92 4.95
N GLY I 113 24.57 14.25 4.08
CA GLY I 113 25.46 13.17 4.48
C GLY I 113 26.45 13.58 5.57
N PRO I 114 27.28 14.60 5.27
CA PRO I 114 28.22 15.08 6.30
C PRO I 114 27.54 15.56 7.59
N ALA I 115 26.40 16.24 7.47
CA ALA I 115 25.69 16.71 8.66
C ALA I 115 25.29 15.53 9.54
N ARG I 116 24.80 14.46 8.92
CA ARG I 116 24.35 13.32 9.69
C ARG I 116 25.51 12.57 10.37
N LEU I 117 26.63 12.41 9.65
CA LEU I 117 27.79 11.72 10.20
C LEU I 117 28.28 12.52 11.39
N THR I 118 28.32 13.84 11.24
CA THR I 118 28.88 14.73 12.26
C THR I 118 28.06 14.68 13.53
N ARG I 119 26.73 14.76 13.40
CA ARG I 119 25.83 14.64 14.56
C ARG I 119 26.02 13.32 15.31
N ALA I 120 26.20 12.23 14.58
CA ALA I 120 26.36 10.91 15.19
C ALA I 120 27.66 10.79 16.00
N LEU I 121 28.72 11.45 15.53
CA LEU I 121 30.04 11.32 16.15
C LEU I 121 30.36 12.43 17.13
N LEU I 122 29.48 13.42 17.19
CA LEU I 122 29.69 14.58 18.04
C LEU I 122 29.59 14.29 19.54
N PRO I 123 28.59 13.49 19.99
CA PRO I 123 28.44 13.20 21.41
C PRO I 123 29.70 12.69 22.11
N GLN I 124 30.39 11.72 21.48
CA GLN I 124 31.59 11.15 22.08
C GLN I 124 32.75 12.16 22.16
N MSE I 125 32.85 13.04 21.18
CA MSE I 125 33.86 14.10 21.22
C MSE I 125 33.56 15.05 22.39
O MSE I 125 34.46 15.43 23.16
CB MSE I 125 33.87 14.88 19.91
CG MSE I 125 34.41 14.14 18.70
SE MSE I 125 34.42 15.38 17.13
CE MSE I 125 34.96 14.12 15.72
N ARG I 126 32.30 15.41 22.50
CA ARG I 126 31.82 16.31 23.54
C ARG I 126 32.03 15.74 24.95
N GLU I 127 31.83 14.42 25.10
CA GLU I 127 31.98 13.76 26.40
C GLU I 127 33.46 13.67 26.79
N ARG I 128 34.32 13.43 25.79
CA ARG I 128 35.76 13.32 26.00
C ARG I 128 36.41 14.69 26.23
N GLY I 129 35.82 15.73 25.63
CA GLY I 129 36.38 17.07 25.72
C GLY I 129 37.47 17.33 24.70
N SER I 130 37.50 16.53 23.63
CA SER I 130 38.41 16.73 22.50
C SER I 130 37.88 16.12 21.21
N GLY I 131 38.37 16.64 20.10
CA GLY I 131 38.00 16.13 18.79
C GLY I 131 38.13 17.19 17.73
N SER I 132 38.25 16.75 16.48
CA SER I 132 38.31 17.68 15.36
C SER I 132 37.35 17.23 14.29
N VAL I 133 36.64 18.22 13.71
CA VAL I 133 35.81 18.02 12.53
C VAL I 133 36.44 18.82 11.39
N VAL I 134 36.85 18.11 10.34
CA VAL I 134 37.54 18.72 9.24
C VAL I 134 36.61 18.56 8.05
N ASN I 135 36.04 19.67 7.59
CA ASN I 135 35.12 19.69 6.45
C ASN I 135 35.77 20.18 5.17
N ILE I 136 35.90 19.29 4.21
CA ILE I 136 36.54 19.63 2.94
C ILE I 136 35.56 20.41 2.06
N SER I 137 35.84 21.71 1.92
CA SER I 137 35.00 22.63 1.16
C SER I 137 35.73 22.94 -0.16
N SER I 138 35.76 24.22 -0.52
CA SER I 138 36.45 24.70 -1.75
C SER I 138 36.49 26.22 -1.65
N PHE I 139 37.30 26.89 -2.47
CA PHE I 139 37.09 28.35 -2.65
C PHE I 139 35.60 28.61 -2.96
N GLY I 140 34.97 27.63 -3.62
CA GLY I 140 33.53 27.67 -3.99
C GLY I 140 32.60 27.75 -2.80
N GLY I 141 33.12 27.47 -1.60
CA GLY I 141 32.33 27.63 -0.39
C GLY I 141 31.96 29.08 -0.05
N GLN I 142 32.56 30.04 -0.74
CA GLN I 142 32.35 31.47 -0.44
C GLN I 142 31.91 32.28 -1.65
N LEU I 143 31.99 31.67 -2.82
CA LEU I 143 31.86 32.38 -4.10
C LEU I 143 31.41 31.41 -5.16
N SER I 144 30.82 31.97 -6.22
CA SER I 144 30.42 31.20 -7.38
C SER I 144 30.51 32.04 -8.65
N PHE I 145 30.29 31.38 -9.78
CA PHE I 145 30.36 31.96 -11.12
C PHE I 145 29.70 30.96 -12.07
N ALA I 146 29.52 31.35 -13.32
CA ALA I 146 28.81 30.53 -14.30
C ALA I 146 29.27 29.07 -14.24
N GLY I 147 28.31 28.15 -14.21
CA GLY I 147 28.57 26.71 -14.19
C GLY I 147 28.82 26.11 -12.82
N PHE I 148 28.93 26.96 -11.81
CA PHE I 148 29.41 26.51 -10.51
C PHE I 148 28.35 26.66 -9.43
N SER I 149 27.12 27.01 -9.80
CA SER I 149 26.11 27.39 -8.81
C SER I 149 25.76 26.23 -7.85
N ALA I 150 25.47 25.04 -8.38
CA ALA I 150 25.11 23.92 -7.51
C ALA I 150 26.27 23.56 -6.56
N TYR I 151 27.46 23.36 -7.13
CA TYR I 151 28.66 23.08 -6.34
C TYR I 151 28.88 24.13 -5.24
N SER I 152 28.82 25.41 -5.58
CA SER I 152 29.10 26.47 -4.61
C SER I 152 28.04 26.50 -3.51
N ALA I 153 26.78 26.34 -3.90
CA ALA I 153 25.67 26.28 -2.95
C ALA I 153 25.86 25.19 -1.91
N THR I 154 26.24 23.98 -2.34
CA THR I 154 26.44 22.88 -1.39
C THR I 154 27.60 23.16 -0.44
N LYS I 155 28.69 23.67 -0.98
CA LYS I 155 29.88 23.92 -0.17
C LYS I 155 29.67 25.09 0.77
N ALA I 156 28.93 26.11 0.33
CA ALA I 156 28.62 27.23 1.20
C ALA I 156 27.71 26.80 2.35
N ALA I 157 26.76 25.92 2.07
CA ALA I 157 25.92 25.32 3.13
C ALA I 157 26.81 24.60 4.16
N LEU I 158 27.72 23.78 3.67
CA LEU I 158 28.66 23.05 4.50
C LEU I 158 29.53 23.98 5.33
N GLU I 159 29.99 25.08 4.73
CA GLU I 159 30.78 26.08 5.48
C GLU I 159 29.99 26.73 6.60
N GLN I 160 28.73 27.06 6.35
CA GLN I 160 27.93 27.76 7.38
C GLN I 160 27.46 26.83 8.50
N LEU I 161 27.18 25.57 8.18
CA LEU I 161 26.98 24.54 9.21
C LEU I 161 28.21 24.51 10.12
N SER I 162 29.38 24.48 9.49
CA SER I 162 30.68 24.50 10.17
C SER I 162 30.89 25.74 11.03
N GLU I 163 30.59 26.93 10.50
CA GLU I 163 30.71 28.18 11.29
C GLU I 163 29.88 28.13 12.55
N GLY I 164 28.61 27.75 12.45
CA GLY I 164 27.72 27.73 13.62
C GLY I 164 28.15 26.69 14.66
N LEU I 165 28.50 25.51 14.18
CA LEU I 165 29.02 24.42 15.01
C LEU I 165 30.30 24.85 15.72
N ALA I 166 31.23 25.46 14.99
CA ALA I 166 32.53 25.91 15.56
C ALA I 166 32.34 26.74 16.81
N ASP I 167 31.45 27.73 16.72
CA ASP I 167 31.13 28.62 17.83
C ASP I 167 30.48 27.79 19.00
N GLU I 168 29.61 26.86 18.66
CA GLU I 168 28.93 26.01 19.66
C GLU I 168 29.86 25.08 20.45
N VAL I 169 30.84 24.47 19.79
CA VAL I 169 31.62 23.42 20.43
C VAL I 169 33.01 23.85 20.91
N ALA I 170 33.41 25.07 20.59
CA ALA I 170 34.64 25.67 21.13
C ALA I 170 34.77 25.45 22.64
N PRO I 171 33.69 25.69 23.41
CA PRO I 171 33.82 25.45 24.86
C PRO I 171 34.06 23.97 25.24
N PHE I 172 33.81 23.05 24.32
CA PHE I 172 34.06 21.62 24.57
C PHE I 172 35.48 21.22 24.19
N GLY I 173 36.26 22.17 23.67
CA GLY I 173 37.63 21.90 23.22
C GLY I 173 37.68 21.24 21.85
N ILE I 174 36.54 21.24 21.16
CA ILE I 174 36.40 20.59 19.85
C ILE I 174 36.80 21.57 18.73
N LYS I 175 37.66 21.09 17.84
CA LYS I 175 38.18 21.88 16.69
C LYS I 175 37.30 21.69 15.46
N VAL I 176 36.96 22.79 14.79
CA VAL I 176 36.25 22.73 13.49
C VAL I 176 37.07 23.49 12.43
N LEU I 177 37.43 22.78 11.35
CA LEU I 177 38.24 23.38 10.32
C LEU I 177 37.60 23.22 8.93
N ILE I 178 37.37 24.35 8.26
CA ILE I 178 36.85 24.35 6.90
C ILE I 178 38.06 24.46 6.01
N VAL I 179 38.23 23.49 5.11
CA VAL I 179 39.38 23.47 4.22
C VAL I 179 38.90 23.89 2.82
N GLU I 180 39.64 24.79 2.16
CA GLU I 180 39.21 25.42 0.91
C GLU I 180 40.27 25.25 -0.18
N PRO I 181 40.36 24.03 -0.75
CA PRO I 181 41.38 23.79 -1.78
C PRO I 181 41.01 24.32 -3.15
N GLY I 182 42.03 24.63 -3.93
CA GLY I 182 41.90 24.74 -5.37
C GLY I 182 42.07 23.34 -5.95
N ALA I 183 42.62 23.25 -7.15
CA ALA I 183 42.76 21.95 -7.81
C ALA I 183 44.12 21.31 -7.52
N PHE I 184 44.09 19.98 -7.33
CA PHE I 184 45.27 19.18 -7.02
C PHE I 184 45.66 18.26 -8.17
N ARG I 185 46.93 17.89 -8.20
CA ARG I 185 47.40 16.86 -9.12
C ARG I 185 46.74 15.51 -8.77
N THR I 186 46.36 14.73 -9.78
CA THR I 186 45.74 13.43 -9.53
C THR I 186 46.38 12.26 -10.28
N ASN I 187 47.60 12.47 -10.78
CA ASN I 187 48.37 11.38 -11.36
C ASN I 187 48.89 10.41 -10.29
N LEU I 188 49.03 10.91 -9.05
CA LEU I 188 49.48 10.09 -7.93
C LEU I 188 48.33 9.50 -7.10
N PHE I 189 47.37 10.34 -6.71
CA PHE I 189 46.27 9.90 -5.83
C PHE I 189 44.96 9.53 -6.53
N GLY I 190 44.89 9.69 -7.85
CA GLY I 190 43.69 9.33 -8.62
C GLY I 190 42.63 10.42 -8.63
N LYS I 191 41.89 10.51 -9.74
CA LYS I 191 40.88 11.57 -9.95
C LYS I 191 39.52 11.19 -9.36
N GLY I 192 38.86 12.15 -8.71
CA GLY I 192 37.53 11.94 -8.14
C GLY I 192 36.43 11.91 -9.19
N ALA I 193 35.21 11.64 -8.76
CA ALA I 193 34.04 11.60 -9.66
C ALA I 193 33.63 13.00 -10.12
N ALA I 194 33.10 13.09 -11.35
CA ALA I 194 32.65 14.39 -11.91
C ALA I 194 31.37 14.30 -12.73
N TYR I 195 30.43 15.19 -12.40
CA TYR I 195 29.16 15.27 -13.11
C TYR I 195 29.03 16.60 -13.88
N PHE I 196 28.62 16.51 -15.15
CA PHE I 196 28.42 17.69 -15.99
C PHE I 196 27.03 17.68 -16.59
N SER I 197 26.25 18.71 -16.25
CA SER I 197 24.93 18.90 -16.83
C SER I 197 24.99 19.06 -18.35
N GLU I 198 23.85 18.85 -19.01
CA GLU I 198 23.68 19.16 -20.43
C GLU I 198 24.15 20.59 -20.72
N GLU I 199 24.87 20.80 -21.82
CA GLU I 199 25.34 22.14 -22.16
C GLU I 199 24.38 22.76 -23.17
N ASN I 200 23.99 24.02 -22.92
CA ASN I 200 23.14 24.78 -23.80
C ASN I 200 23.98 25.86 -24.50
N PRO I 201 23.87 25.96 -25.84
CA PRO I 201 24.52 27.03 -26.60
C PRO I 201 24.45 28.41 -25.96
N ALA I 202 23.26 28.82 -25.53
CA ALA I 202 23.03 30.14 -24.91
C ALA I 202 23.92 30.40 -23.70
N TYR I 203 24.41 29.33 -23.08
CA TYR I 203 25.24 29.43 -21.87
C TYR I 203 26.70 29.08 -22.10
N ALA I 204 27.02 28.52 -23.28
CA ALA I 204 28.35 27.94 -23.51
C ALA I 204 29.50 28.92 -23.30
N GLU I 205 29.34 30.16 -23.76
CA GLU I 205 30.38 31.16 -23.60
C GLU I 205 30.80 31.29 -22.14
N LYS I 206 29.84 31.12 -21.24
CA LYS I 206 30.01 31.38 -19.81
C LYS I 206 30.42 30.14 -19.00
N VAL I 207 29.76 29.03 -19.30
CA VAL I 207 30.02 27.77 -18.60
C VAL I 207 31.25 27.09 -19.20
N GLY I 208 31.47 27.25 -20.50
CA GLY I 208 32.67 26.73 -21.18
C GLY I 208 33.93 26.73 -20.32
N PRO I 209 34.46 27.93 -19.99
CA PRO I 209 35.69 28.08 -19.18
C PRO I 209 35.69 27.35 -17.83
N THR I 210 34.51 27.18 -17.23
CA THR I 210 34.38 26.50 -15.94
C THR I 210 34.55 25.00 -16.10
N ARG I 211 33.94 24.44 -17.14
CA ARG I 211 34.15 23.05 -17.50
C ARG I 211 35.65 22.78 -17.63
N GLN I 212 36.33 23.67 -18.36
CA GLN I 212 37.77 23.58 -18.61
C GLN I 212 38.63 23.72 -17.35
N LEU I 213 38.18 24.58 -16.43
CA LEU I 213 38.80 24.75 -15.12
C LEU I 213 38.84 23.40 -14.40
N VAL I 214 37.66 22.79 -14.31
CA VAL I 214 37.45 21.54 -13.59
C VAL I 214 38.11 20.32 -14.24
N GLN I 215 38.02 20.23 -15.55
CA GLN I 215 38.62 19.15 -16.30
C GLN I 215 40.11 19.36 -16.41
N GLN I 221 45.94 20.35 -10.99
CA GLN I 221 47.19 20.47 -11.74
C GLN I 221 48.35 21.00 -10.88
N PRO I 222 48.20 22.19 -10.27
CA PRO I 222 49.36 22.70 -9.51
C PRO I 222 49.44 22.22 -8.06
N GLY I 223 48.30 21.93 -7.44
CA GLY I 223 48.28 21.53 -6.03
C GLY I 223 48.88 20.16 -5.76
N ASP I 224 49.64 20.05 -4.67
CA ASP I 224 50.17 18.77 -4.19
C ASP I 224 49.35 18.34 -2.99
N PRO I 225 48.55 17.26 -3.15
CA PRO I 225 47.64 16.77 -2.10
C PRO I 225 48.35 16.33 -0.82
N ALA I 226 49.58 15.85 -0.95
CA ALA I 226 50.35 15.45 0.23
C ALA I 226 50.76 16.67 1.04
N LYS I 227 51.12 17.74 0.34
CA LYS I 227 51.41 19.01 1.01
C LYS I 227 50.16 19.59 1.67
N ALA I 228 49.01 19.43 1.01
CA ALA I 228 47.73 19.86 1.56
C ALA I 228 47.34 19.12 2.86
N ALA I 229 47.51 17.80 2.86
CA ALA I 229 47.28 16.97 4.06
C ALA I 229 48.15 17.46 5.23
N ALA I 230 49.43 17.72 4.95
CA ALA I 230 50.37 18.22 5.97
C ALA I 230 49.94 19.58 6.52
N ALA I 231 49.37 20.42 5.64
CA ALA I 231 48.87 21.73 6.05
C ALA I 231 47.69 21.58 6.99
N ILE I 232 46.76 20.68 6.67
CA ILE I 232 45.63 20.38 7.55
C ILE I 232 46.10 20.06 8.99
N ARG I 233 47.07 19.16 9.12
CA ARG I 233 47.54 18.72 10.45
C ARG I 233 48.23 19.85 11.22
N LEU I 234 48.93 20.71 10.49
CA LEU I 234 49.57 21.90 11.05
C LEU I 234 48.50 22.82 11.68
N ALA I 235 47.48 23.15 10.90
CA ALA I 235 46.33 23.93 11.36
C ALA I 235 45.65 23.31 12.59
N LEU I 236 45.50 21.99 12.60
CA LEU I 236 44.91 21.28 13.74
C LEU I 236 45.80 21.36 15.00
N ASP I 237 47.12 21.36 14.80
CA ASP I 237 48.06 21.32 15.91
C ASP I 237 48.23 22.69 16.60
N THR I 238 47.64 23.73 16.02
CA THR I 238 47.66 25.09 16.57
C THR I 238 46.56 25.24 17.61
N GLU I 239 46.88 25.88 18.71
CA GLU I 239 45.93 26.04 19.82
C GLU I 239 44.64 26.78 19.42
N LYS I 240 44.78 27.89 18.69
CA LYS I 240 43.64 28.55 18.05
C LYS I 240 43.60 28.11 16.58
N THR I 241 42.86 27.03 16.32
CA THR I 241 42.74 26.52 14.95
C THR I 241 42.01 27.55 14.08
N PRO I 242 42.55 27.86 12.87
CA PRO I 242 41.81 28.80 12.03
C PRO I 242 40.46 28.17 11.66
N LEU I 243 39.45 29.00 11.50
CA LEU I 243 38.16 28.52 11.03
C LEU I 243 38.27 28.02 9.58
N ARG I 244 39.09 28.73 8.78
CA ARG I 244 39.29 28.34 7.39
C ARG I 244 40.76 28.16 7.00
N LEU I 245 40.99 27.24 6.08
CA LEU I 245 42.33 26.98 5.58
C LEU I 245 42.25 26.81 4.08
N ALA I 246 42.57 27.89 3.37
CA ALA I 246 42.62 27.86 1.91
C ALA I 246 43.88 27.12 1.51
N LEU I 247 43.81 26.42 0.39
CA LEU I 247 44.93 25.60 -0.06
C LEU I 247 45.19 25.85 -1.53
N GLY I 248 46.38 26.36 -1.83
CA GLY I 248 46.78 26.67 -3.21
C GLY I 248 46.60 28.14 -3.53
N GLY I 249 47.56 28.70 -4.27
CA GLY I 249 47.49 30.08 -4.79
C GLY I 249 46.22 30.41 -5.57
N ASP I 250 45.73 29.46 -6.37
CA ASP I 250 44.49 29.64 -7.12
C ASP I 250 43.26 29.91 -6.23
N ALA I 251 43.11 29.12 -5.16
CA ALA I 251 42.08 29.32 -4.15
C ALA I 251 42.20 30.67 -3.42
N VAL I 252 43.41 31.01 -2.98
CA VAL I 252 43.63 32.29 -2.31
C VAL I 252 43.23 33.47 -3.23
N ASP I 253 43.62 33.39 -4.50
CA ASP I 253 43.29 34.42 -5.47
C ASP I 253 41.77 34.57 -5.67
N PHE I 254 41.07 33.44 -5.83
CA PHE I 254 39.60 33.46 -5.97
C PHE I 254 38.94 34.07 -4.75
N LEU I 255 39.42 33.72 -3.56
CA LEU I 255 38.84 34.20 -2.31
C LEU I 255 39.10 35.69 -2.08
N THR I 256 40.34 36.14 -2.27
CA THR I 256 40.65 37.58 -2.13
C THR I 256 39.89 38.42 -3.18
N GLY I 257 39.75 37.89 -4.39
CA GLY I 257 38.95 38.54 -5.43
C GLY I 257 37.50 38.75 -5.01
N HIS I 258 36.89 37.70 -4.47
CA HIS I 258 35.50 37.76 -3.98
C HIS I 258 35.36 38.67 -2.74
N LEU I 259 36.31 38.58 -1.81
CA LEU I 259 36.30 39.48 -0.64
C LEU I 259 36.43 40.97 -1.05
N ASP I 260 37.28 41.26 -2.03
CA ASP I 260 37.43 42.62 -2.54
C ASP I 260 36.08 43.16 -3.05
N SER I 261 35.41 42.40 -3.91
CA SER I 261 34.17 42.86 -4.52
C SER I 261 33.04 42.99 -3.52
N VAL I 262 32.95 42.06 -2.55
CA VAL I 262 31.92 42.17 -1.50
C VAL I 262 32.17 43.42 -0.65
N ARG I 263 33.40 43.62 -0.24
CA ARG I 263 33.79 44.81 0.50
C ARG I 263 33.47 46.13 -0.21
N ALA I 264 33.80 46.24 -1.48
CA ALA I 264 33.58 47.47 -2.24
C ALA I 264 32.07 47.77 -2.33
N GLU I 265 31.29 46.73 -2.60
CA GLU I 265 29.81 46.82 -2.65
C GLU I 265 29.20 47.30 -1.34
N LEU I 266 29.61 46.68 -0.24
CA LEU I 266 29.17 47.05 1.10
C LEU I 266 29.44 48.55 1.35
N THR I 267 30.64 49.00 1.04
CA THR I 267 31.01 50.43 1.17
C THR I 267 30.10 51.33 0.33
N GLU I 268 29.96 51.00 -0.96
CA GLU I 268 29.17 51.81 -1.90
C GLU I 268 27.72 52.00 -1.40
N TRP I 269 27.13 50.92 -0.90
CA TRP I 269 25.72 50.95 -0.51
C TRP I 269 25.45 51.18 0.99
N GLU I 270 26.51 51.40 1.77
CA GLU I 270 26.37 51.56 3.21
C GLU I 270 25.38 52.62 3.70
N LYS I 271 25.39 53.81 3.10
CA LYS I 271 24.44 54.86 3.47
C LYS I 271 22.99 54.40 3.30
N VAL I 272 22.70 53.77 2.16
CA VAL I 272 21.37 53.24 1.89
C VAL I 272 21.03 52.11 2.89
N SER I 273 21.96 51.18 3.07
CA SER I 273 21.82 50.11 4.06
C SER I 273 21.46 50.62 5.46
N ARG I 274 22.25 51.55 5.98
CA ARG I 274 22.05 52.02 7.36
C ARG I 274 20.80 52.91 7.45
N GLY I 275 20.37 53.46 6.30
CA GLY I 275 19.22 54.34 6.25
C GLY I 275 17.88 53.66 6.47
N THR I 276 17.85 52.33 6.39
CA THR I 276 16.59 51.59 6.52
C THR I 276 16.18 51.29 7.96
N ASP I 277 17.04 51.66 8.92
CA ASP I 277 16.67 51.54 10.32
C ASP I 277 15.79 52.69 10.80
N PHE I 278 15.05 52.46 11.88
CA PHE I 278 14.14 53.46 12.46
C PHE I 278 14.86 54.64 13.09
N ALA J 5 14.26 4.71 48.76
CA ALA J 5 14.65 4.95 47.34
C ALA J 5 13.43 4.81 46.42
N LYS J 6 12.94 5.95 45.96
CA LYS J 6 11.80 6.01 45.03
C LYS J 6 12.28 6.11 43.57
N VAL J 7 11.56 5.43 42.69
CA VAL J 7 11.87 5.46 41.27
C VAL J 7 11.05 6.57 40.62
N TRP J 8 11.75 7.56 40.06
CA TRP J 8 11.13 8.67 39.31
C TRP J 8 11.35 8.50 37.81
N LEU J 9 10.29 8.70 37.03
CA LEU J 9 10.37 8.76 35.58
C LEU J 9 9.95 10.15 35.16
N VAL J 10 10.89 10.89 34.56
CA VAL J 10 10.68 12.29 34.13
C VAL J 10 10.83 12.41 32.61
N THR J 11 9.73 12.76 31.94
CA THR J 11 9.76 13.01 30.49
C THR J 11 10.26 14.41 30.26
N GLY J 12 10.98 14.62 29.15
CA GLY J 12 11.58 15.93 28.85
C GLY J 12 12.49 16.36 29.98
N ALA J 13 13.35 15.45 30.40
CA ALA J 13 14.23 15.66 31.56
C ALA J 13 15.53 16.39 31.20
N SER J 14 15.70 16.70 29.92
CA SER J 14 17.00 17.17 29.43
C SER J 14 17.28 18.65 29.65
N SER J 15 16.21 19.45 29.67
CA SER J 15 16.37 20.87 29.89
C SER J 15 15.24 21.43 30.75
N GLY J 16 15.37 22.71 31.09
CA GLY J 16 14.34 23.48 31.77
C GLY J 16 13.85 22.84 33.05
N PHE J 17 12.54 22.95 33.26
CA PHE J 17 11.91 22.47 34.47
C PHE J 17 12.09 20.97 34.74
N GLY J 18 11.99 20.15 33.70
CA GLY J 18 12.21 18.70 33.83
C GLY J 18 13.60 18.34 34.34
N ARG J 19 14.62 18.97 33.78
CA ARG J 19 16.02 18.80 34.21
C ARG J 19 16.21 19.16 35.68
N ALA J 20 15.58 20.25 36.12
CA ALA J 20 15.58 20.65 37.52
C ALA J 20 14.96 19.58 38.46
N ILE J 21 13.82 19.04 38.05
CA ILE J 21 13.12 18.00 38.82
C ILE J 21 13.98 16.73 38.92
N ALA J 22 14.53 16.32 37.79
CA ALA J 22 15.43 15.17 37.72
C ALA J 22 16.67 15.33 38.60
N GLU J 23 17.26 16.53 38.60
CA GLU J 23 18.44 16.83 39.45
C GLU J 23 18.10 16.71 40.94
N ALA J 24 16.93 17.22 41.32
CA ALA J 24 16.48 17.17 42.71
C ALA J 24 16.34 15.71 43.20
N ALA J 25 15.75 14.87 42.35
CA ALA J 25 15.54 13.46 42.66
C ALA J 25 16.82 12.68 42.93
N VAL J 26 17.83 12.82 42.07
CA VAL J 26 19.10 12.11 42.27
C VAL J 26 19.83 12.62 43.51
N ALA J 27 19.84 13.94 43.68
CA ALA J 27 20.47 14.57 44.84
C ALA J 27 19.87 14.06 46.15
N ALA J 28 18.56 13.80 46.14
CA ALA J 28 17.88 13.27 47.32
C ALA J 28 18.06 11.76 47.49
N GLY J 29 18.74 11.12 46.53
CA GLY J 29 19.01 9.66 46.59
C GLY J 29 18.00 8.75 45.89
N ASP J 30 17.03 9.35 45.20
CA ASP J 30 16.03 8.60 44.42
C ASP J 30 16.65 8.11 43.12
N THR J 31 16.08 7.06 42.55
CA THR J 31 16.47 6.55 41.24
C THR J 31 15.70 7.33 40.17
N VAL J 32 16.41 7.91 39.21
CA VAL J 32 15.76 8.62 38.09
C VAL J 32 15.96 7.92 36.75
N ILE J 33 14.88 7.82 36.00
CA ILE J 33 14.93 7.53 34.56
C ILE J 33 14.47 8.77 33.85
N GLY J 34 15.39 9.43 33.14
CA GLY J 34 15.05 10.64 32.40
C GLY J 34 14.90 10.31 30.93
N THR J 35 13.85 10.85 30.30
CA THR J 35 13.66 10.67 28.85
C THR J 35 13.82 11.96 28.08
N ALA J 36 14.25 11.83 26.83
CA ALA J 36 14.36 12.96 25.92
C ALA J 36 14.38 12.37 24.53
N ARG J 37 14.22 13.23 23.51
CA ARG J 37 14.23 12.76 22.14
C ARG J 37 15.53 12.01 21.84
N ARG J 38 16.65 12.55 22.33
CA ARG J 38 17.94 11.87 22.23
C ARG J 38 18.50 11.67 23.62
N THR J 39 18.99 10.46 23.90
CA THR J 39 19.58 10.17 25.21
C THR J 39 20.79 11.05 25.50
N GLU J 40 21.56 11.35 24.45
CA GLU J 40 22.79 12.14 24.56
C GLU J 40 22.54 13.48 25.24
N ALA J 41 21.34 14.03 25.06
CA ALA J 41 20.90 15.25 25.72
C ALA J 41 21.01 15.17 27.25
N LEU J 42 21.13 13.94 27.77
CA LEU J 42 21.20 13.70 29.20
C LEU J 42 22.55 13.12 29.66
N ASP J 43 23.58 13.32 28.85
CA ASP J 43 24.94 12.85 29.16
C ASP J 43 25.45 13.36 30.50
N ASP J 44 25.22 14.64 30.79
CA ASP J 44 25.78 15.28 31.98
C ASP J 44 25.09 14.88 33.30
N LEU J 45 23.94 14.21 33.19
CA LEU J 45 23.25 13.72 34.39
C LEU J 45 23.70 12.30 34.74
N VAL J 46 23.75 11.43 33.74
CA VAL J 46 24.19 10.04 33.90
C VAL J 46 25.68 9.95 34.30
N ALA J 47 26.48 10.89 33.81
CA ALA J 47 27.91 10.96 34.12
C ALA J 47 28.14 11.35 35.59
N ALA J 48 27.29 12.24 36.09
CA ALA J 48 27.42 12.76 37.45
C ALA J 48 26.67 11.88 38.47
N TYR J 49 25.88 10.94 37.98
CA TYR J 49 25.16 9.99 38.83
C TYR J 49 25.00 8.62 38.15
N PRO J 50 26.12 7.89 37.95
CA PRO J 50 26.11 6.71 37.06
C PRO J 50 25.21 5.56 37.53
N ASP J 51 25.07 5.40 38.85
CA ASP J 51 24.27 4.31 39.43
C ASP J 51 22.91 4.79 39.96
N ARG J 52 22.54 6.02 39.63
CA ARG J 52 21.30 6.61 40.12
C ARG J 52 20.38 7.06 38.98
N ALA J 53 20.98 7.49 37.87
CA ALA J 53 20.25 8.05 36.73
C ALA J 53 20.40 7.21 35.47
N GLU J 54 19.36 7.22 34.64
CA GLU J 54 19.38 6.59 33.33
C GLU J 54 18.70 7.49 32.30
N ALA J 55 19.23 7.43 31.07
CA ALA J 55 18.70 8.19 29.94
C ALA J 55 18.03 7.23 28.98
N ILE J 56 16.77 7.53 28.64
CA ILE J 56 16.04 6.73 27.67
C ILE J 56 15.43 7.60 26.56
N SER J 57 15.60 7.17 25.32
CA SER J 57 15.04 7.85 24.16
C SER J 57 13.51 7.72 24.12
N LEU J 58 12.81 8.84 24.22
CA LEU J 58 11.36 8.85 24.08
C LEU J 58 10.81 10.10 23.43
N ASP J 59 10.11 9.89 22.31
CA ASP J 59 9.30 10.92 21.69
C ASP J 59 7.85 10.67 22.14
N VAL J 60 7.35 11.59 22.95
CA VAL J 60 6.03 11.51 23.58
C VAL J 60 4.87 11.50 22.54
N THR J 61 5.15 11.94 21.32
CA THR J 61 4.16 11.87 20.24
C THR J 61 4.11 10.46 19.63
N ASP J 62 5.04 9.58 20.02
CA ASP J 62 5.06 8.18 19.53
C ASP J 62 4.43 7.20 20.53
N GLY J 63 3.15 6.90 20.34
CA GLY J 63 2.41 5.95 21.18
C GLY J 63 3.06 4.59 21.37
N GLU J 64 3.51 3.96 20.28
CA GLU J 64 4.20 2.66 20.33
C GLU J 64 5.45 2.72 21.18
N ARG J 65 6.23 3.76 21.00
CA ARG J 65 7.44 3.99 21.78
C ARG J 65 7.13 4.25 23.26
N ILE J 66 6.01 4.91 23.55
CA ILE J 66 5.58 5.09 24.95
C ILE J 66 5.39 3.71 25.63
N ASP J 67 4.71 2.80 24.93
CA ASP J 67 4.47 1.44 25.44
C ASP J 67 5.78 0.66 25.68
N VAL J 68 6.71 0.73 24.73
CA VAL J 68 8.00 0.05 24.86
C VAL J 68 8.82 0.56 26.04
N VAL J 69 8.84 1.87 26.22
CA VAL J 69 9.61 2.50 27.28
C VAL J 69 9.03 2.14 28.64
N ALA J 70 7.71 2.22 28.74
CA ALA J 70 7.00 1.91 29.99
C ALA J 70 7.22 0.45 30.42
N ALA J 71 6.91 -0.50 29.54
CA ALA J 71 7.10 -1.93 29.82
C ALA J 71 8.58 -2.33 30.04
N ASP J 72 9.50 -1.63 29.38
CA ASP J 72 10.94 -1.80 29.57
C ASP J 72 11.38 -1.35 30.97
N VAL J 73 10.96 -0.15 31.35
CA VAL J 73 11.28 0.39 32.67
C VAL J 73 10.67 -0.51 33.73
N LEU J 74 9.40 -0.87 33.57
CA LEU J 74 8.73 -1.79 34.50
C LEU J 74 9.46 -3.13 34.65
N ALA J 75 9.89 -3.71 33.53
CA ALA J 75 10.65 -4.97 33.54
C ALA J 75 11.93 -4.88 34.37
N ARG J 76 12.72 -3.83 34.14
CA ARG J 76 14.06 -3.74 34.75
C ARG J 76 14.06 -3.12 36.15
N TYR J 77 13.18 -2.16 36.39
CA TYR J 77 13.17 -1.44 37.66
C TYR J 77 12.19 -2.04 38.66
N GLY J 78 11.25 -2.82 38.15
CA GLY J 78 10.21 -3.46 38.97
C GLY J 78 9.02 -2.55 39.20
N ARG J 79 9.25 -1.24 39.13
CA ARG J 79 8.24 -0.23 39.47
C ARG J 79 8.57 1.18 39.00
N VAL J 80 7.54 2.04 39.03
CA VAL J 80 7.68 3.49 38.99
C VAL J 80 6.87 4.11 40.13
N ASP J 81 7.54 4.83 41.01
CA ASP J 81 6.88 5.49 42.13
C ASP J 81 6.31 6.86 41.77
N VAL J 82 7.09 7.64 41.01
CA VAL J 82 6.68 8.99 40.62
C VAL J 82 6.82 9.17 39.11
N LEU J 83 5.72 9.52 38.45
CA LEU J 83 5.74 9.88 37.02
C LEU J 83 5.63 11.39 36.88
N VAL J 84 6.57 11.99 36.16
CA VAL J 84 6.52 13.42 35.86
C VAL J 84 6.34 13.66 34.35
N ASN J 85 5.15 14.13 33.96
CA ASN J 85 4.85 14.50 32.59
C ASN J 85 5.29 15.95 32.37
N ASN J 86 6.48 16.10 31.79
CA ASN J 86 7.07 17.43 31.53
C ASN J 86 7.33 17.71 30.06
N ALA J 87 7.45 16.66 29.24
CA ALA J 87 7.74 16.85 27.82
C ALA J 87 6.75 17.84 27.22
N GLY J 88 7.24 18.75 26.38
CA GLY J 88 6.39 19.80 25.84
C GLY J 88 7.14 20.93 25.15
N ARG J 89 6.37 21.87 24.64
CA ARG J 89 6.91 23.08 24.09
C ARG J 89 5.96 24.22 24.44
N THR J 90 6.49 25.44 24.35
CA THR J 90 5.66 26.62 24.44
CA THR J 90 5.65 26.64 24.43
C THR J 90 5.21 26.98 23.03
N GLN J 91 4.05 27.61 22.91
CA GLN J 91 3.52 27.97 21.63
C GLN J 91 2.69 29.21 21.73
N VAL J 92 2.94 30.13 20.78
CA VAL J 92 2.20 31.37 20.66
C VAL J 92 1.70 31.53 19.22
N GLY J 93 0.48 32.01 19.08
CA GLY J 93 -0.08 32.27 17.74
C GLY J 93 -1.56 32.55 17.87
N ALA J 94 -2.07 33.41 17.01
CA ALA J 94 -3.49 33.70 16.99
C ALA J 94 -4.29 32.45 16.65
N PHE J 95 -5.48 32.33 17.21
CA PHE J 95 -6.36 31.19 16.92
C PHE J 95 -6.45 30.92 15.41
N GLU J 96 -6.77 31.96 14.64
CA GLU J 96 -6.94 31.89 13.19
C GLU J 96 -5.65 31.53 12.44
N GLU J 97 -4.50 31.79 13.08
CA GLU J 97 -3.20 31.60 12.42
C GLU J 97 -2.64 30.22 12.77
N THR J 98 -3.17 29.65 13.84
CA THR J 98 -2.83 28.28 14.21
C THR J 98 -3.38 27.31 13.18
N THR J 99 -2.50 26.57 12.51
CA THR J 99 -2.91 25.56 11.54
C THR J 99 -3.33 24.28 12.28
N GLU J 100 -4.06 23.39 11.59
CA GLU J 100 -4.52 22.15 12.22
C GLU J 100 -3.36 21.25 12.68
N ARG J 101 -2.32 21.14 11.84
CA ARG J 101 -1.11 20.39 12.19
C ARG J 101 -0.47 20.93 13.46
N GLU J 102 -0.36 22.26 13.57
CA GLU J 102 0.19 22.94 14.75
C GLU J 102 -0.64 22.67 16.02
N LEU J 103 -1.97 22.65 15.87
CA LEU J 103 -2.89 22.34 16.97
C LEU J 103 -2.79 20.89 17.43
N ARG J 104 -2.90 19.96 16.48
CA ARG J 104 -2.78 18.53 16.73
C ARG J 104 -1.42 18.15 17.29
N ASP J 105 -0.36 18.83 16.86
CA ASP J 105 0.98 18.58 17.36
C ASP J 105 1.06 18.89 18.86
N LEU J 106 0.54 20.04 19.27
CA LEU J 106 0.55 20.45 20.67
C LEU J 106 -0.25 19.50 21.56
N PHE J 107 -1.42 19.09 21.09
CA PHE J 107 -2.20 18.08 21.77
C PHE J 107 -1.47 16.76 21.96
N GLU J 108 -0.77 16.27 20.93
CA GLU J 108 0.03 15.03 21.10
C GLU J 108 1.00 15.15 22.27
N LEU J 109 1.75 16.24 22.31
CA LEU J 109 2.75 16.50 23.36
C LEU J 109 2.16 16.67 24.75
N HIS J 110 1.13 17.52 24.86
CA HIS J 110 0.62 17.92 26.19
C HIS J 110 -0.54 17.03 26.72
N VAL J 111 -1.23 16.30 25.83
CA VAL J 111 -2.43 15.56 26.25
C VAL J 111 -2.38 14.07 25.96
N PHE J 112 -2.28 13.71 24.69
CA PHE J 112 -2.37 12.30 24.33
C PHE J 112 -1.15 11.52 24.83
N GLY J 113 0.04 12.04 24.60
CA GLY J 113 1.27 11.38 25.08
C GLY J 113 1.20 11.11 26.58
N PRO J 114 0.98 12.15 27.39
CA PRO J 114 0.94 11.96 28.83
C PRO J 114 -0.19 10.99 29.26
N ALA J 115 -1.37 11.13 28.66
CA ALA J 115 -2.49 10.23 28.94
C ALA J 115 -2.09 8.76 28.75
N ARG J 116 -1.46 8.44 27.62
CA ARG J 116 -1.04 7.08 27.33
C ARG J 116 0.04 6.58 28.29
N LEU J 117 1.01 7.43 28.60
CA LEU J 117 2.09 7.06 29.50
C LEU J 117 1.54 6.80 30.90
N THR J 118 0.68 7.71 31.37
CA THR J 118 0.05 7.56 32.68
C THR J 118 -0.77 6.27 32.80
N ARG J 119 -1.57 5.98 31.77
CA ARG J 119 -2.40 4.79 31.74
C ARG J 119 -1.54 3.54 31.81
N ALA J 120 -0.34 3.61 31.22
CA ALA J 120 0.60 2.48 31.22
C ALA J 120 1.18 2.17 32.61
N LEU J 121 1.35 3.22 33.42
CA LEU J 121 2.05 3.15 34.71
C LEU J 121 1.11 3.11 35.92
N LEU J 122 -0.13 3.51 35.70
CA LEU J 122 -1.13 3.53 36.77
C LEU J 122 -1.46 2.16 37.46
N PRO J 123 -1.65 1.07 36.67
CA PRO J 123 -1.99 -0.22 37.29
C PRO J 123 -0.98 -0.74 38.35
N GLN J 124 0.32 -0.52 38.14
CA GLN J 124 1.33 -0.93 39.12
C GLN J 124 1.31 -0.05 40.38
N MSE J 125 0.88 1.20 40.22
CA MSE J 125 0.58 2.06 41.35
C MSE J 125 -0.63 1.56 42.14
O MSE J 125 -0.62 1.57 43.37
CB MSE J 125 0.32 3.49 40.91
CG MSE J 125 1.58 4.32 40.80
SE MSE J 125 1.37 5.97 39.78
CE MSE J 125 0.35 7.13 40.94
N ARG J 126 -1.67 1.13 41.41
CA ARG J 126 -2.90 0.64 42.03
C ARG J 126 -2.59 -0.60 42.88
N GLU J 127 -1.93 -1.58 42.27
CA GLU J 127 -1.59 -2.84 42.92
C GLU J 127 -0.63 -2.68 44.10
N ARG J 128 0.27 -1.71 44.02
CA ARG J 128 1.15 -1.40 45.15
C ARG J 128 0.40 -0.63 46.23
N GLY J 129 -0.60 0.15 45.82
CA GLY J 129 -1.31 1.01 46.73
C GLY J 129 -0.56 2.28 47.07
N SER J 130 0.34 2.72 46.18
CA SER J 130 1.06 4.01 46.32
C SER J 130 1.68 4.54 45.02
N GLY J 131 1.86 5.84 44.97
CA GLY J 131 2.57 6.50 43.87
C GLY J 131 2.11 7.92 43.64
N SER J 132 2.81 8.61 42.73
CA SER J 132 2.54 10.00 42.41
C SER J 132 2.52 10.21 40.89
N VAL J 133 1.53 10.97 40.42
CA VAL J 133 1.47 11.40 39.02
C VAL J 133 1.58 12.92 39.02
N VAL J 134 2.68 13.43 38.47
CA VAL J 134 2.95 14.86 38.49
C VAL J 134 2.93 15.47 37.08
N ASN J 135 1.90 16.27 36.82
CA ASN J 135 1.68 16.81 35.48
C ASN J 135 2.04 18.28 35.42
N ILE J 136 3.06 18.59 34.61
CA ILE J 136 3.52 19.96 34.50
C ILE J 136 2.58 20.74 33.58
N SER J 137 1.77 21.59 34.19
CA SER J 137 0.82 22.42 33.48
C SER J 137 1.39 23.83 33.40
N SER J 138 0.53 24.81 33.68
CA SER J 138 0.86 26.22 33.58
C SER J 138 -0.27 26.97 34.27
N PHE J 139 -0.09 28.28 34.52
CA PHE J 139 -1.24 29.11 34.89
C PHE J 139 -2.24 29.11 33.73
N GLY J 140 -1.75 28.83 32.52
CA GLY J 140 -2.58 28.78 31.33
C GLY J 140 -3.49 27.55 31.27
N GLY J 141 -3.29 26.63 32.20
CA GLY J 141 -4.16 25.47 32.34
C GLY J 141 -5.50 25.88 32.91
N GLN J 142 -5.61 27.10 33.41
CA GLN J 142 -6.90 27.59 33.89
C GLN J 142 -7.45 28.80 33.11
N LEU J 143 -6.70 29.31 32.14
CA LEU J 143 -7.01 30.60 31.52
C LEU J 143 -6.24 30.88 30.24
N SER J 144 -6.73 31.85 29.49
CA SER J 144 -6.10 32.17 28.24
C SER J 144 -6.28 33.62 27.87
N PHE J 145 -5.57 34.05 26.83
CA PHE J 145 -5.60 35.42 26.32
C PHE J 145 -5.01 35.37 24.93
N ALA J 146 -4.96 36.54 24.28
CA ALA J 146 -4.49 36.67 22.88
C ALA J 146 -3.19 35.89 22.65
N GLY J 147 -3.14 35.14 21.55
CA GLY J 147 -1.96 34.37 21.17
C GLY J 147 -1.65 33.11 21.97
N PHE J 148 -2.44 32.83 23.00
CA PHE J 148 -2.18 31.74 23.92
C PHE J 148 -3.24 30.63 23.84
N SER J 149 -4.10 30.64 22.81
CA SER J 149 -5.26 29.72 22.83
C SER J 149 -4.90 28.24 22.77
N ALA J 150 -4.04 27.86 21.82
CA ALA J 150 -3.63 26.46 21.67
C ALA J 150 -2.94 25.92 22.93
N TYR J 151 -1.95 26.67 23.42
CA TYR J 151 -1.22 26.30 24.63
C TYR J 151 -2.16 26.02 25.79
N SER J 152 -3.03 26.99 26.07
CA SER J 152 -4.01 26.90 27.17
C SER J 152 -4.94 25.72 27.02
N ALA J 153 -5.42 25.51 25.79
CA ALA J 153 -6.34 24.44 25.50
C ALA J 153 -5.72 23.10 25.90
N THR J 154 -4.48 22.89 25.50
CA THR J 154 -3.77 21.64 25.78
C THR J 154 -3.52 21.48 27.27
N LYS J 155 -3.11 22.56 27.95
CA LYS J 155 -2.89 22.54 29.41
C LYS J 155 -4.17 22.35 30.23
N ALA J 156 -5.27 23.00 29.83
CA ALA J 156 -6.56 22.76 30.49
C ALA J 156 -7.01 21.31 30.29
N ALA J 157 -6.83 20.75 29.09
CA ALA J 157 -7.17 19.35 28.86
C ALA J 157 -6.36 18.44 29.79
N LEU J 158 -5.06 18.69 29.91
CA LEU J 158 -4.21 17.98 30.88
C LEU J 158 -4.74 18.07 32.32
N GLU J 159 -5.09 19.29 32.73
CA GLU J 159 -5.55 19.54 34.09
C GLU J 159 -6.86 18.81 34.42
N GLN J 160 -7.77 18.77 33.47
CA GLN J 160 -9.05 18.10 33.69
C GLN J 160 -8.95 16.59 33.65
N LEU J 161 -8.11 16.05 32.77
CA LEU J 161 -7.76 14.63 32.89
C LEU J 161 -7.26 14.36 34.32
N SER J 162 -6.39 15.26 34.81
CA SER J 162 -5.73 15.12 36.12
C SER J 162 -6.74 15.18 37.26
N GLU J 163 -7.67 16.13 37.14
CA GLU J 163 -8.69 16.33 38.13
C GLU J 163 -9.63 15.12 38.23
N GLY J 164 -10.06 14.57 37.08
CA GLY J 164 -10.92 13.40 37.04
C GLY J 164 -10.20 12.20 37.64
N LEU J 165 -8.97 12.00 37.18
CA LEU J 165 -8.12 10.91 37.66
C LEU J 165 -7.89 10.99 39.18
N ALA J 166 -7.49 12.17 39.66
CA ALA J 166 -7.23 12.39 41.08
C ALA J 166 -8.37 11.87 41.96
N ASP J 167 -9.60 12.14 41.54
CA ASP J 167 -10.81 11.71 42.28
C ASP J 167 -10.96 10.19 42.27
N GLU J 168 -10.69 9.56 41.13
CA GLU J 168 -10.74 8.10 40.99
C GLU J 168 -9.68 7.33 41.78
N VAL J 169 -8.47 7.85 41.85
CA VAL J 169 -7.34 7.08 42.41
C VAL J 169 -6.95 7.42 43.85
N ALA J 170 -7.56 8.45 44.43
CA ALA J 170 -7.33 8.78 45.85
C ALA J 170 -7.59 7.60 46.81
N PRO J 171 -8.66 6.79 46.56
CA PRO J 171 -8.85 5.58 47.38
C PRO J 171 -7.72 4.55 47.25
N PHE J 172 -6.91 4.63 46.21
CA PHE J 172 -5.80 3.69 46.06
C PHE J 172 -4.51 4.21 46.74
N GLY J 173 -4.58 5.39 47.36
CA GLY J 173 -3.42 6.02 48.01
C GLY J 173 -2.48 6.67 47.00
N ILE J 174 -3.03 6.92 45.81
CA ILE J 174 -2.26 7.50 44.72
C ILE J 174 -2.45 9.01 44.67
N LYS J 175 -1.34 9.75 44.67
CA LYS J 175 -1.34 11.22 44.62
C LYS J 175 -1.27 11.76 43.18
N VAL J 176 -2.06 12.78 42.90
CA VAL J 176 -2.02 13.49 41.62
C VAL J 176 -1.75 14.97 41.84
N LEU J 177 -0.67 15.48 41.23
CA LEU J 177 -0.31 16.90 41.39
C LEU J 177 -0.18 17.65 40.06
N ILE J 178 -1.02 18.68 39.90
CA ILE J 178 -0.98 19.61 38.79
C ILE J 178 -0.09 20.81 39.19
N VAL J 179 1.05 20.95 38.53
CA VAL J 179 1.98 22.05 38.78
C VAL J 179 1.73 23.19 37.79
N GLU J 180 1.59 24.41 38.30
CA GLU J 180 1.28 25.55 37.44
C GLU J 180 2.34 26.66 37.54
N PRO J 181 3.50 26.46 36.89
CA PRO J 181 4.55 27.47 36.94
C PRO J 181 4.24 28.68 36.09
N GLY J 182 4.78 29.82 36.53
CA GLY J 182 4.94 31.02 35.70
C GLY J 182 6.31 30.98 35.04
N ALA J 183 6.90 32.15 34.79
CA ALA J 183 8.15 32.24 34.03
C ALA J 183 9.38 31.89 34.87
N PHE J 184 10.27 31.08 34.31
CA PHE J 184 11.49 30.68 35.00
C PHE J 184 12.77 31.06 34.25
N ARG J 185 13.81 31.42 35.00
CA ARG J 185 15.18 31.54 34.50
C ARG J 185 15.53 30.31 33.67
N THR J 186 16.15 30.53 32.51
CA THR J 186 16.55 29.41 31.64
C THR J 186 18.07 29.30 31.48
N ASN J 187 18.81 30.16 32.17
CA ASN J 187 20.26 30.26 31.96
C ASN J 187 21.08 29.12 32.56
N LEU J 188 20.55 28.50 33.62
CA LEU J 188 21.26 27.40 34.28
C LEU J 188 20.75 26.02 33.84
N PHE J 189 19.44 25.87 33.72
CA PHE J 189 18.85 24.58 33.34
C PHE J 189 18.42 24.50 31.87
N GLY J 190 18.42 25.64 31.17
CA GLY J 190 18.06 25.68 29.76
C GLY J 190 16.58 25.92 29.52
N LYS J 191 16.17 25.85 28.26
CA LYS J 191 14.78 26.07 27.86
C LYS J 191 14.27 24.95 26.97
N GLY J 192 12.99 24.61 27.10
CA GLY J 192 12.31 23.73 26.15
C GLY J 192 12.06 24.46 24.83
N ALA J 193 11.68 23.70 23.80
CA ALA J 193 11.34 24.26 22.49
C ALA J 193 10.21 25.29 22.51
N ALA J 194 10.20 26.20 21.53
CA ALA J 194 9.18 27.24 21.45
C ALA J 194 8.82 27.47 20.00
N TYR J 195 7.52 27.35 19.71
CA TYR J 195 7.04 27.60 18.35
C TYR J 195 6.17 28.84 18.29
N PHE J 196 6.45 29.67 17.30
CA PHE J 196 5.71 30.91 17.08
C PHE J 196 5.08 30.88 15.70
N SER J 197 3.74 30.87 15.66
CA SER J 197 2.98 30.93 14.42
C SER J 197 3.23 32.25 13.73
N GLU J 198 3.03 32.28 12.40
CA GLU J 198 3.00 33.53 11.65
C GLU J 198 2.09 34.53 12.37
N GLU J 199 2.49 35.79 12.39
CA GLU J 199 1.72 36.84 13.04
C GLU J 199 1.43 37.89 11.98
N ASN J 200 0.19 37.94 11.50
CA ASN J 200 -0.15 38.86 10.43
C ASN J 200 -0.56 40.25 10.96
N PRO J 201 -0.61 41.28 10.08
CA PRO J 201 -0.81 42.64 10.61
C PRO J 201 -2.04 42.80 11.52
N ALA J 202 -3.13 42.12 11.19
CA ALA J 202 -4.41 42.27 11.91
C ALA J 202 -4.37 41.70 13.33
N TYR J 203 -3.42 40.81 13.59
CA TYR J 203 -3.27 40.23 14.91
C TYR J 203 -2.02 40.68 15.64
N ALA J 204 -1.15 41.41 14.95
CA ALA J 204 0.13 41.80 15.52
C ALA J 204 0.01 42.55 16.86
N GLU J 205 -0.99 43.42 16.95
CA GLU J 205 -1.20 44.24 18.14
C GLU J 205 -1.54 43.40 19.37
N LYS J 206 -2.48 42.47 19.23
CA LYS J 206 -2.95 41.62 20.35
C LYS J 206 -1.98 40.48 20.73
N VAL J 207 -1.40 39.83 19.73
CA VAL J 207 -0.52 38.69 19.92
C VAL J 207 0.90 39.13 20.34
N GLY J 208 1.39 40.23 19.74
CA GLY J 208 2.68 40.83 20.09
C GLY J 208 3.09 40.71 21.56
N PRO J 209 2.30 41.30 22.49
CA PRO J 209 2.59 41.26 23.93
C PRO J 209 2.69 39.85 24.51
N THR J 210 2.00 38.88 23.90
CA THR J 210 2.07 37.50 24.36
C THR J 210 3.37 36.88 23.86
N ARG J 211 3.77 37.22 22.64
CA ARG J 211 5.07 36.83 22.12
C ARG J 211 6.17 37.38 23.04
N GLN J 212 6.02 38.64 23.45
CA GLN J 212 6.96 39.25 24.40
C GLN J 212 6.95 38.51 25.73
N LEU J 213 5.77 38.32 26.32
CA LEU J 213 5.59 37.60 27.59
C LEU J 213 6.32 36.26 27.61
N VAL J 214 6.11 35.45 26.57
CA VAL J 214 6.67 34.10 26.48
C VAL J 214 8.20 34.10 26.25
N GLN J 215 8.66 35.13 25.58
CA GLN J 215 10.07 35.30 25.27
C GLN J 215 10.84 35.79 26.48
N PRO J 222 12.52 34.90 35.90
CA PRO J 222 12.30 35.56 37.17
C PRO J 222 12.06 34.60 38.34
N GLY J 223 11.89 33.31 38.04
CA GLY J 223 11.72 32.27 39.06
C GLY J 223 12.82 31.23 39.03
N ASP J 224 13.04 30.54 40.16
CA ASP J 224 14.14 29.56 40.29
C ASP J 224 13.65 28.11 40.12
N PRO J 225 14.10 27.42 39.04
CA PRO J 225 13.66 26.02 38.79
C PRO J 225 14.09 24.99 39.86
N ALA J 226 15.21 25.23 40.54
CA ALA J 226 15.66 24.37 41.64
C ALA J 226 14.71 24.50 42.84
N LYS J 227 14.28 25.73 43.11
CA LYS J 227 13.33 26.03 44.17
C LYS J 227 11.96 25.43 43.80
N ALA J 228 11.61 25.52 42.52
CA ALA J 228 10.41 24.87 42.02
C ALA J 228 10.46 23.34 42.25
N ALA J 229 11.54 22.70 41.82
CA ALA J 229 11.74 21.27 42.05
C ALA J 229 11.54 20.87 43.53
N ALA J 230 12.09 21.70 44.43
CA ALA J 230 11.99 21.46 45.88
C ALA J 230 10.57 21.68 46.42
N ALA J 231 9.85 22.64 45.85
CA ALA J 231 8.47 22.90 46.24
C ALA J 231 7.59 21.69 45.87
N ILE J 232 7.86 21.09 44.70
CA ILE J 232 7.19 19.88 44.23
C ILE J 232 7.47 18.70 45.15
N ARG J 233 8.75 18.49 45.50
CA ARG J 233 9.12 17.47 46.47
C ARG J 233 8.35 17.63 47.76
N LEU J 234 8.18 18.89 48.20
CA LEU J 234 7.44 19.22 49.41
C LEU J 234 5.97 18.80 49.32
N ALA J 235 5.28 19.23 48.27
CA ALA J 235 3.86 18.91 48.10
C ALA J 235 3.66 17.40 48.14
N LEU J 236 4.53 16.69 47.43
CA LEU J 236 4.56 15.23 47.43
C LEU J 236 4.88 14.62 48.82
N ASP J 237 5.85 15.20 49.53
CA ASP J 237 6.22 14.75 50.88
C ASP J 237 5.14 15.05 51.94
N THR J 238 4.30 16.04 51.66
CA THR J 238 3.25 16.49 52.60
C THR J 238 2.13 15.45 52.72
N GLU J 239 1.64 15.25 53.94
CA GLU J 239 0.62 14.24 54.22
C GLU J 239 -0.60 14.37 53.28
N LYS J 240 -1.19 15.56 53.27
CA LYS J 240 -2.17 15.91 52.24
C LYS J 240 -1.47 16.67 51.09
N THR J 241 -1.32 15.99 49.95
CA THR J 241 -0.75 16.61 48.77
C THR J 241 -1.84 17.40 48.06
N PRO J 242 -1.60 18.71 47.79
CA PRO J 242 -2.66 19.45 47.09
C PRO J 242 -2.81 18.96 45.63
N LEU J 243 -3.96 19.29 45.03
CA LEU J 243 -4.25 18.99 43.63
C LEU J 243 -3.46 19.93 42.68
N ARG J 244 -3.37 21.20 43.06
CA ARG J 244 -2.63 22.19 42.30
C ARG J 244 -1.53 22.83 43.15
N LEU J 245 -0.39 23.06 42.52
CA LEU J 245 0.72 23.78 43.13
C LEU J 245 1.13 24.85 42.14
N ALA J 246 0.56 26.05 42.27
CA ALA J 246 1.04 27.23 41.51
C ALA J 246 2.49 27.51 41.92
N LEU J 247 3.29 28.06 41.00
CA LEU J 247 4.68 28.41 41.32
C LEU J 247 5.08 29.76 40.71
N GLY J 248 5.55 30.65 41.58
CA GLY J 248 5.93 32.01 41.20
C GLY J 248 4.76 32.95 41.44
N GLY J 249 5.08 34.16 41.89
CA GLY J 249 4.07 35.21 42.09
C GLY J 249 3.28 35.57 40.83
N ASP J 250 3.94 35.47 39.67
CA ASP J 250 3.24 35.72 38.41
C ASP J 250 2.08 34.74 38.21
N ALA J 251 2.37 33.44 38.35
CA ALA J 251 1.34 32.38 38.30
C ALA J 251 0.18 32.66 39.26
N VAL J 252 0.51 32.94 40.53
CA VAL J 252 -0.50 33.25 41.54
C VAL J 252 -1.39 34.40 41.06
N ASP J 253 -0.77 35.51 40.64
CA ASP J 253 -1.50 36.69 40.18
C ASP J 253 -2.46 36.40 39.03
N PHE J 254 -1.97 35.69 38.01
CA PHE J 254 -2.82 35.29 36.88
C PHE J 254 -4.02 34.43 37.33
N LEU J 255 -3.78 33.49 38.23
CA LEU J 255 -4.82 32.55 38.64
C LEU J 255 -5.91 33.23 39.48
N THR J 256 -5.49 34.05 40.45
CA THR J 256 -6.49 34.73 41.29
C THR J 256 -7.29 35.74 40.46
N GLY J 257 -6.62 36.52 39.60
CA GLY J 257 -7.30 37.42 38.67
C GLY J 257 -8.40 36.72 37.89
N HIS J 258 -8.10 35.52 37.41
CA HIS J 258 -9.05 34.71 36.65
C HIS J 258 -10.18 34.19 37.54
N LEU J 259 -9.85 33.57 38.68
CA LEU J 259 -10.87 33.18 39.65
C LEU J 259 -11.82 34.33 39.94
N ASP J 260 -11.24 35.52 40.15
CA ASP J 260 -12.00 36.73 40.48
C ASP J 260 -12.99 37.11 39.35
N SER J 261 -12.52 37.07 38.10
CA SER J 261 -13.37 37.48 36.97
C SER J 261 -14.45 36.43 36.68
N VAL J 262 -14.10 35.16 36.83
CA VAL J 262 -15.10 34.09 36.68
C VAL J 262 -16.20 34.15 37.76
N ARG J 263 -15.82 34.33 39.02
CA ARG J 263 -16.79 34.44 40.14
C ARG J 263 -17.75 35.62 40.00
N ALA J 264 -17.21 36.78 39.58
CA ALA J 264 -18.01 37.98 39.34
C ALA J 264 -19.06 37.81 38.24
N GLU J 265 -18.66 37.25 37.10
CA GLU J 265 -19.56 37.08 35.96
C GLU J 265 -20.68 36.10 36.27
N LEU J 266 -20.30 34.97 36.90
CA LEU J 266 -21.24 33.94 37.32
C LEU J 266 -22.29 34.48 38.28
N THR J 267 -21.84 35.31 39.22
CA THR J 267 -22.73 36.01 40.15
C THR J 267 -23.60 37.04 39.42
N GLU J 268 -23.01 37.82 38.53
CA GLU J 268 -23.75 38.78 37.71
C GLU J 268 -24.93 38.14 37.00
N TRP J 269 -24.68 36.98 36.38
CA TRP J 269 -25.70 36.31 35.59
C TRP J 269 -26.44 35.19 36.33
N GLU J 270 -26.24 35.08 37.64
CA GLU J 270 -26.79 33.92 38.39
C GLU J 270 -28.31 33.80 38.31
N LYS J 271 -29.00 34.93 38.24
CA LYS J 271 -30.47 34.94 38.20
C LYS J 271 -31.00 34.36 36.87
N VAL J 272 -30.38 34.75 35.77
CA VAL J 272 -30.71 34.17 34.46
C VAL J 272 -30.35 32.67 34.42
N SER J 273 -29.20 32.32 35.02
CA SER J 273 -28.73 30.93 35.00
C SER J 273 -29.71 29.98 35.69
N ARG J 274 -30.20 30.38 36.86
CA ARG J 274 -31.14 29.57 37.65
C ARG J 274 -32.56 29.56 37.09
N GLY J 275 -32.89 30.56 36.28
CA GLY J 275 -34.23 30.70 35.70
C GLY J 275 -34.56 29.74 34.57
N THR J 276 -33.56 28.98 34.10
CA THR J 276 -33.76 27.97 33.04
C THR J 276 -34.34 26.68 33.63
N ASP J 277 -34.22 26.53 34.95
CA ASP J 277 -34.84 25.45 35.69
C ASP J 277 -36.30 25.80 35.98
NA NA K . 13.32 -24.83 -29.47
NA NA L . -8.34 -26.90 1.43
NA NA M . -30.40 -18.25 42.78
NA NA N . -31.11 -28.27 -2.39
C ACT O . -36.12 -26.37 40.00
O ACT O . -35.02 -26.29 40.59
OXT ACT O . -36.43 -25.38 39.28
CH3 ACT O . -37.03 -27.57 40.15
C ACT P . 23.46 54.61 -4.50
O ACT P . 22.74 55.52 -4.01
OXT ACT P . 23.17 54.23 -5.67
CH3 ACT P . 24.60 54.01 -3.74
#